data_6ET5
#
_entry.id   6ET5
#
_cell.length_a   1.00
_cell.length_b   1.00
_cell.length_c   1.00
_cell.angle_alpha   90.00
_cell.angle_beta   90.00
_cell.angle_gamma   90.00
#
_symmetry.space_group_name_H-M   'P 1'
#
loop_
_entity.id
_entity.type
_entity.pdbx_description
1 polymer 'Photosynthetic reaction center cytochrome c subunit'
2 polymer 'Reaction center protein L chain'
3 polymer 'Reaction center protein M chain'
4 polymer 'Reaction center protein H chain'
5 polymer 'Light-harvesting protein B-1015 alpha chain'
6 polymer 'Light-harvesting protein B-1015 beta chain'
7 polymer 'Light-harvesting protein B-1015 gamma chain'
8 non-polymer 'HEME C'
9 non-polymer 'BACTERIOCHLOROPHYLL B'
10 non-polymer 'BACTERIOPHEOPHYTIN B'
11 non-polymer Ubiquinone-9
12 non-polymer 'FE (III) ION'
13 non-polymer 'SULFATE ION'
14 non-polymer 'LAURYL DIMETHYLAMINE-N-OXIDE'
15 non-polymer MENAQUINONE-9
16 non-polymer 15-cis-1,2-dihydroneurosporene
17 non-polymer all-trans-1,2-dihydroneurosporene
#
loop_
_entity_poly.entity_id
_entity_poly.type
_entity_poly.pdbx_seq_one_letter_code
_entity_poly.pdbx_strand_id
1 'polypeptide(L)'
;CFEPPPATTTQTGFRGLSMGEVLHPATVKAKKERDAQYPPALAAVKAEGPPVSQVYKNVKVLGNLTEAEFLRTMTAITEW
VSPQEGCTYCHDENNLASEAKYPYVVARRMLEMTRAINTNWTQHVAQTGVTCYTCHRGTPLPPYVRYLEPTLPLNNRETP
THVERVETRSGYVVRLAKYTAYSALNYDPFTMFLANDKRQVRVVPQTALPLVGVSRGKERRPLSDAYATFALMMSISDSL
GTNCTFCHNAQTFESWGKKSTPQRAIAWWGIRMVRDLNMNYLAPLNASLPASRLGRQGEAPQADCRTCHQGVTKPLFGAS
RLKDYPELGPIKA
;
C
2 'polypeptide(L)'
;MALLSFERKYRVRGGTLIGGDLFDFWVGPYFVGFFGVSAIFFIFLGVSLIGYAASQGPTWDPFAISINPPDLKYGLGAAP
LLEGGFWQAITVCALGAFISWMLREVEISRKLGIGWHVPLAFCVPIFMFCVLQVFRPLLLGSWGHAFPYGILSHLDWVNN
FGYQYLNWHYNPGHMSSVSFLFVNAMALGLHGGLILSVANPGDGDKVKTAEHENQYFRDVVGYSIGALSIHRLGLFLASN
IFLTGAFGTIASGPFWTRGWPEWWGWWLDIPFWS
;
L
3 'polypeptide(L)'
;ADYQTIYTQIQARGPHITVSGEWGDNDRVGKPFYSYWLGKIGDAQIGPIYLGASGIAAFAFGSTAILIILFNMAAEVHFD
PLQFFRQFFWLGLYPPKAQYGMGIPPLHDGGWWLMAGLFMTLSLGSWWIRVYSRARALGLGTHIAWNFAAAIFFVLCIGC
IHPTLVGSWSEGVPFGIWPHIDWLTAFSIRYGNFYYCPWHGFSIGFAYGCGLLFAAHGATILAVARFGGDREIEQITDRG
TAVERAALFWRWTIGFNATIESVHRWGWFFSLMVMVSASVGILLTGTFVDNWYLWCVKHGAAPDYPAYLPATPDPASLPG
APK
;
M
4 'polypeptide(L)'
;(FME)YHGALAQHLDIAQLVWYAQWLVIWTVVLLYLRREDRREGYPLVEPLGLVKLAPEDGQVYELPYPKTFVLPHGGTV
TVPRRRPETRELKLAQTDGFEGAPLQPTGNPLVDAVGPASYAERAEVVDATVDGKAKIVPLRVATDFSIAEGDVDPRGLP
VVAADGVEAGTVTDLWVDRSEHYFRYLELSVAGSARTALIPLGFCDVKKDKIVVTSILSEQFANVPRLQSRDQITLREED
KVSAYYAGGLLYATPERAESLL
;
H
5 'polypeptide(L)' MATEYRTASWKLWLILDPRRVLTALFVYLTVIALLIHFGLLSTDRLNWWEFQRGLPKAA z,F,K,P,S,V,Y,b,e,h,k,n,q,t,w,3,6
6 'polypeptide(L)' MADLKPSLTGLTEEEAKEFHGIFVTSTVLYLATAVIVHYLVWTARPWIAPIPKGWV 1,G,N,Q,T,W,Z,c,f,i,l,o,r,u,x,4,7
7 'polypeptide(L)' SDWNLWVPLGILGIPTIWIALTYR 2,I,O,R,U,X,a,d,g,j,m,p,s,v,y,5
#
loop_
_chem_comp.id
_chem_comp.type
_chem_comp.name
_chem_comp.formula
BCB non-polymer 'BACTERIOCHLOROPHYLL B' 'C55 H72 Mg N4 O6 2'
BPB non-polymer 'BACTERIOPHEOPHYTIN B' 'C55 H74 N4 O6'
FE non-polymer 'FE (III) ION' 'Fe 3'
HEC non-polymer 'HEME C' 'C34 H34 Fe N4 O4'
LDA non-polymer 'LAURYL DIMETHYLAMINE-N-OXIDE' 'C14 H31 N O'
MQ9 non-polymer MENAQUINONE-9 'C56 H80 O2'
NS0 non-polymer all-trans-1,2-dihydroneurosporene 'C40 H60'
NS5 non-polymer 15-cis-1,2-dihydroneurosporene 'C40 H60'
SO4 non-polymer 'SULFATE ION' 'O4 S -2'
UQ9 non-polymer Ubiquinone-9 'C54 H82 O4'
#
# COMPACT_ATOMS: atom_id res chain seq x y z
N CYS A 1 -18.19 -5.28 18.47
CA CYS A 1 -17.61 -5.41 17.09
C CYS A 1 -16.34 -4.58 17.01
N PHE A 2 -16.43 -3.35 17.51
CA PHE A 2 -15.25 -2.56 17.72
C PHE A 2 -15.28 -2.44 19.25
N GLU A 3 -14.88 -3.59 19.86
CA GLU A 3 -14.36 -3.79 21.28
C GLU A 3 -13.63 -2.62 21.94
N PRO A 4 -14.26 -1.96 22.92
CA PRO A 4 -13.84 -0.65 23.44
C PRO A 4 -12.68 -0.71 24.42
N PRO A 5 -11.91 0.38 24.56
CA PRO A 5 -10.68 0.31 25.38
C PRO A 5 -10.99 0.26 26.85
N PRO A 6 -9.96 0.08 27.68
CA PRO A 6 -8.57 -0.23 27.38
C PRO A 6 -8.30 -1.73 27.12
N ALA A 7 -7.03 -2.07 27.12
CA ALA A 7 -6.56 -3.42 26.97
C ALA A 7 -5.57 -3.76 28.07
N THR A 8 -5.69 -4.96 28.61
CA THR A 8 -4.63 -5.52 29.44
C THR A 8 -3.57 -5.93 28.47
N THR A 9 -2.34 -5.55 28.76
CA THR A 9 -1.14 -5.95 28.00
C THR A 9 -0.04 -6.44 28.96
N THR A 10 0.71 -7.45 28.53
CA THR A 10 1.93 -7.90 29.23
C THR A 10 3.13 -7.85 28.30
N GLN A 11 4.31 -8.17 28.83
CA GLN A 11 5.51 -8.21 28.04
C GLN A 11 6.06 -9.60 28.16
N THR A 12 6.35 -10.23 27.03
CA THR A 12 6.87 -11.59 27.07
C THR A 12 8.21 -11.73 26.39
N GLY A 13 8.63 -10.71 25.69
CA GLY A 13 9.98 -10.75 25.17
C GLY A 13 10.65 -9.44 25.42
N PHE A 14 11.91 -9.34 25.00
CA PHE A 14 12.70 -8.12 25.13
C PHE A 14 11.99 -6.85 24.71
N ARG A 15 12.33 -5.76 25.37
CA ARG A 15 11.64 -4.50 25.09
C ARG A 15 11.74 -4.07 23.63
N GLY A 16 10.72 -3.37 23.15
CA GLY A 16 10.67 -2.91 21.75
C GLY A 16 10.46 -3.96 20.65
N LEU A 17 10.07 -5.16 21.03
CA LEU A 17 9.93 -6.19 20.04
C LEU A 17 8.50 -6.52 19.70
N SER A 18 7.59 -5.97 20.51
CA SER A 18 6.15 -6.21 20.42
C SER A 18 5.79 -7.67 20.64
N MET A 19 6.29 -8.24 21.71
CA MET A 19 5.85 -9.53 22.10
C MET A 19 5.11 -9.43 23.43
N GLY A 20 3.97 -10.09 23.54
CA GLY A 20 3.19 -10.15 24.78
C GLY A 20 1.71 -10.27 24.54
N GLU A 21 0.94 -10.68 25.56
CA GLU A 21 -0.49 -10.86 25.38
C GLU A 21 -1.32 -9.60 25.52
N VAL A 22 -2.51 -9.62 24.92
CA VAL A 22 -3.38 -8.45 24.75
C VAL A 22 -4.80 -8.90 25.03
N LEU A 23 -5.36 -8.44 26.14
CA LEU A 23 -6.67 -8.94 26.56
C LEU A 23 -7.72 -7.89 26.65
N HIS A 24 -8.95 -8.30 26.38
CA HIS A 24 -10.10 -7.46 26.63
C HIS A 24 -10.52 -7.75 28.04
N PRO A 25 -10.44 -6.74 28.91
CA PRO A 25 -10.61 -6.87 30.34
C PRO A 25 -11.97 -7.46 30.66
N ALA A 26 -12.98 -7.00 29.92
CA ALA A 26 -14.35 -7.54 29.96
C ALA A 26 -14.47 -9.06 29.82
N THR A 27 -13.89 -9.56 28.75
CA THR A 27 -13.90 -10.97 28.38
C THR A 27 -13.27 -11.82 29.48
N VAL A 28 -12.18 -11.30 30.06
CA VAL A 28 -11.46 -12.00 31.10
C VAL A 28 -12.34 -12.14 32.31
N LYS A 29 -13.07 -11.06 32.61
CA LYS A 29 -13.96 -11.03 33.75
C LYS A 29 -14.95 -12.17 33.59
N ALA A 30 -15.58 -12.22 32.42
CA ALA A 30 -16.60 -13.21 32.11
C ALA A 30 -16.13 -14.65 32.28
N LYS A 31 -14.91 -14.91 31.82
CA LYS A 31 -14.27 -16.20 31.91
C LYS A 31 -13.96 -16.51 33.33
N LYS A 32 -13.61 -15.48 34.08
CA LYS A 32 -13.20 -15.67 35.46
C LYS A 32 -14.39 -16.02 36.33
N GLU A 33 -15.54 -15.41 36.01
CA GLU A 33 -16.83 -15.75 36.61
C GLU A 33 -17.21 -17.18 36.36
N ARG A 34 -17.03 -17.61 35.11
CA ARG A 34 -17.31 -18.98 34.67
C ARG A 34 -16.41 -19.99 35.38
N ASP A 35 -15.15 -19.66 35.55
CA ASP A 35 -14.20 -20.61 36.12
C ASP A 35 -14.20 -20.52 37.65
N ALA A 36 -15.34 -20.19 38.21
CA ALA A 36 -15.43 -19.98 39.62
C ALA A 36 -16.49 -20.88 40.20
N GLN A 37 -17.27 -21.49 39.33
CA GLN A 37 -18.23 -22.48 39.76
C GLN A 37 -17.57 -23.78 40.23
N TYR A 38 -16.24 -23.87 40.09
CA TYR A 38 -15.47 -25.00 40.55
C TYR A 38 -15.83 -25.20 42.01
N PRO A 39 -16.54 -26.29 42.32
CA PRO A 39 -16.99 -26.48 43.68
C PRO A 39 -15.80 -26.60 44.62
N PRO A 40 -15.94 -26.02 45.83
CA PRO A 40 -14.83 -25.96 46.78
C PRO A 40 -14.54 -27.32 47.33
N ALA A 41 -13.28 -27.53 47.69
CA ALA A 41 -12.80 -28.75 48.31
C ALA A 41 -13.74 -29.26 49.39
N LEU A 42 -13.89 -30.58 49.48
CA LEU A 42 -14.67 -31.15 50.54
C LEU A 42 -13.89 -31.17 51.84
N ALA A 43 -14.61 -31.13 52.96
CA ALA A 43 -14.01 -31.13 54.29
C ALA A 43 -13.21 -32.40 54.54
N ALA A 44 -11.94 -32.21 54.92
CA ALA A 44 -10.96 -33.30 55.08
C ALA A 44 -11.36 -34.25 56.20
N VAL A 45 -11.10 -35.53 55.98
CA VAL A 45 -11.48 -36.55 56.97
C VAL A 45 -10.30 -37.29 57.59
N LYS A 46 -10.50 -37.73 58.83
CA LYS A 46 -9.50 -38.44 59.60
C LYS A 46 -9.33 -39.86 59.07
N ALA A 47 -8.11 -40.19 58.66
CA ALA A 47 -7.75 -41.51 58.12
C ALA A 47 -7.80 -42.59 59.20
N GLU A 48 -8.94 -43.25 59.28
CA GLU A 48 -9.26 -44.13 60.40
C GLU A 48 -9.91 -45.44 59.94
N GLY A 49 -9.30 -46.55 60.35
CA GLY A 49 -9.79 -47.89 60.03
C GLY A 49 -8.88 -48.65 59.07
N PRO A 50 -9.46 -49.61 58.32
CA PRO A 50 -8.70 -50.43 57.36
C PRO A 50 -8.77 -49.90 55.90
N PRO A 51 -7.95 -50.47 54.99
CA PRO A 51 -8.06 -50.10 53.57
C PRO A 51 -9.29 -50.68 52.89
N VAL A 52 -9.87 -49.88 52.00
CA VAL A 52 -11.15 -50.14 51.30
C VAL A 52 -11.20 -51.50 50.63
N SER A 53 -10.06 -51.93 50.10
CA SER A 53 -9.87 -53.26 49.52
C SER A 53 -10.37 -54.42 50.40
N GLN A 54 -10.31 -54.24 51.72
CA GLN A 54 -10.86 -55.21 52.68
C GLN A 54 -12.31 -54.93 53.09
N VAL A 55 -12.73 -53.67 52.98
CA VAL A 55 -14.09 -53.25 53.33
C VAL A 55 -15.08 -53.69 52.26
N TYR A 56 -14.90 -53.19 51.05
CA TYR A 56 -15.79 -53.44 49.94
C TYR A 56 -15.33 -54.64 49.12
N LYS A 57 -15.80 -54.76 47.87
CA LYS A 57 -15.43 -55.93 47.07
C LYS A 57 -14.99 -55.67 45.64
N ASN A 58 -15.35 -54.52 45.11
CA ASN A 58 -15.13 -54.30 43.69
C ASN A 58 -14.32 -53.05 43.42
N VAL A 59 -13.46 -52.73 44.38
CA VAL A 59 -12.53 -51.63 44.21
C VAL A 59 -11.27 -52.23 43.56
N LYS A 60 -10.82 -51.56 42.50
CA LYS A 60 -9.69 -52.01 41.68
C LYS A 60 -8.71 -50.89 41.41
N VAL A 61 -9.01 -49.70 41.91
CA VAL A 61 -8.14 -48.54 41.74
C VAL A 61 -7.83 -47.94 43.09
N LEU A 62 -8.87 -47.64 43.85
CA LEU A 62 -8.71 -46.92 45.10
C LEU A 62 -8.68 -47.86 46.30
N GLY A 63 -7.90 -48.95 46.20
CA GLY A 63 -7.79 -49.96 47.25
C GLY A 63 -7.19 -49.45 48.54
N ASN A 64 -6.35 -48.43 48.43
CA ASN A 64 -5.49 -47.93 49.51
C ASN A 64 -6.21 -47.22 50.62
N LEU A 65 -7.25 -46.49 50.26
CA LEU A 65 -7.88 -45.51 51.16
C LEU A 65 -8.59 -46.13 52.34
N THR A 66 -9.03 -45.29 53.28
CA THR A 66 -9.86 -45.75 54.36
C THR A 66 -11.29 -45.52 53.97
N GLU A 67 -12.15 -46.36 54.54
CA GLU A 67 -13.58 -46.37 54.28
C GLU A 67 -14.16 -44.96 54.12
N ALA A 68 -13.78 -44.08 55.05
CA ALA A 68 -14.31 -42.73 55.13
C ALA A 68 -13.82 -41.85 54.00
N GLU A 69 -12.52 -41.98 53.68
CA GLU A 69 -11.86 -41.22 52.62
C GLU A 69 -12.51 -41.53 51.30
N PHE A 70 -12.72 -42.82 51.11
CA PHE A 70 -13.23 -43.36 49.88
C PHE A 70 -14.54 -42.69 49.49
N LEU A 71 -15.45 -42.62 50.44
CA LEU A 71 -16.75 -42.04 50.19
C LEU A 71 -16.66 -40.56 49.89
N ARG A 72 -15.68 -39.90 50.49
CA ARG A 72 -15.42 -38.50 50.20
C ARG A 72 -15.17 -38.37 48.71
N THR A 73 -14.32 -39.25 48.19
CA THR A 73 -13.95 -39.22 46.79
C THR A 73 -15.18 -39.34 45.93
N MET A 74 -15.99 -40.35 46.25
CA MET A 74 -17.21 -40.62 45.52
C MET A 74 -18.11 -39.38 45.50
N THR A 75 -18.11 -38.66 46.63
CA THR A 75 -18.97 -37.50 46.76
C THR A 75 -18.48 -36.40 45.86
N ALA A 76 -17.17 -36.24 45.80
CA ALA A 76 -16.52 -35.22 44.99
C ALA A 76 -16.74 -35.48 43.51
N ILE A 77 -16.42 -36.70 43.13
CA ILE A 77 -16.65 -37.23 41.81
C ILE A 77 -18.06 -36.85 41.33
N THR A 78 -19.04 -37.11 42.18
CA THR A 78 -20.42 -36.90 41.84
C THR A 78 -20.61 -35.46 41.42
N GLU A 79 -20.09 -34.55 42.26
CA GLU A 79 -20.28 -33.13 42.09
C GLU A 79 -19.63 -32.60 40.85
N TRP A 80 -18.48 -33.17 40.50
CA TRP A 80 -17.77 -32.73 39.34
C TRP A 80 -18.39 -33.26 38.04
N VAL A 81 -18.91 -34.49 38.05
CA VAL A 81 -19.31 -35.15 36.79
C VAL A 81 -20.79 -35.22 36.57
N SER A 82 -21.49 -35.90 37.47
CA SER A 82 -22.94 -36.08 37.30
C SER A 82 -23.66 -35.59 38.53
N PRO A 83 -23.74 -34.27 38.70
CA PRO A 83 -24.41 -33.77 39.87
C PRO A 83 -25.92 -33.93 39.75
N GLN A 84 -26.44 -33.92 38.53
CA GLN A 84 -27.86 -33.84 38.31
C GLN A 84 -28.55 -35.18 38.47
N GLU A 85 -27.93 -36.24 37.95
CA GLU A 85 -28.49 -37.59 38.09
C GLU A 85 -28.05 -38.15 39.42
N GLY A 86 -27.01 -37.56 39.99
CA GLY A 86 -26.47 -37.96 41.27
C GLY A 86 -25.85 -39.35 41.21
N CYS A 87 -25.44 -39.84 42.37
CA CYS A 87 -24.97 -41.20 42.57
C CYS A 87 -25.56 -42.25 41.61
N THR A 88 -26.89 -42.22 41.48
CA THR A 88 -27.67 -43.12 40.62
C THR A 88 -27.06 -43.33 39.26
N TYR A 89 -26.59 -42.23 38.66
CA TYR A 89 -26.04 -42.20 37.31
C TYR A 89 -25.21 -43.39 36.87
N CYS A 90 -24.37 -43.90 37.77
CA CYS A 90 -23.57 -45.06 37.44
C CYS A 90 -23.40 -46.08 38.54
N HIS A 91 -24.46 -46.28 39.30
CA HIS A 91 -24.48 -47.32 40.31
C HIS A 91 -25.89 -47.84 40.36
N ASP A 92 -26.02 -49.16 40.50
CA ASP A 92 -27.30 -49.73 40.92
C ASP A 92 -27.46 -49.37 42.39
N GLU A 93 -28.65 -48.87 42.72
CA GLU A 93 -28.89 -48.25 44.03
C GLU A 93 -28.68 -49.15 45.25
N ASN A 94 -28.71 -50.45 45.02
CA ASN A 94 -28.78 -51.44 46.09
C ASN A 94 -27.54 -52.29 46.14
N ASN A 95 -27.17 -52.88 45.01
CA ASN A 95 -25.87 -53.50 44.87
C ASN A 95 -24.93 -52.48 44.24
N LEU A 96 -24.14 -51.82 45.08
CA LEU A 96 -23.24 -50.78 44.61
C LEU A 96 -22.11 -51.35 43.77
N ALA A 97 -21.64 -52.52 44.19
CA ALA A 97 -20.56 -53.24 43.53
C ALA A 97 -20.89 -53.84 42.14
N SER A 98 -22.06 -53.49 41.59
CA SER A 98 -22.44 -53.96 40.25
C SER A 98 -21.92 -53.02 39.19
N GLU A 99 -21.36 -53.63 38.15
CA GLU A 99 -20.77 -52.89 37.04
C GLU A 99 -21.76 -52.78 35.89
N ALA A 100 -23.04 -52.83 36.21
CA ALA A 100 -24.11 -53.00 35.22
C ALA A 100 -24.24 -51.83 34.24
N LYS A 101 -24.38 -50.63 34.79
CA LYS A 101 -24.55 -49.40 34.01
C LYS A 101 -23.27 -49.08 33.27
N TYR A 102 -23.40 -48.57 32.04
CA TYR A 102 -22.21 -48.36 31.24
C TYR A 102 -21.21 -47.34 31.80
N PRO A 103 -21.70 -46.23 32.41
CA PRO A 103 -20.70 -45.23 32.75
C PRO A 103 -19.71 -45.77 33.77
N TYR A 104 -20.18 -46.65 34.64
CA TYR A 104 -19.35 -47.24 35.67
C TYR A 104 -18.02 -47.68 35.12
N VAL A 105 -18.05 -48.45 34.04
CA VAL A 105 -16.81 -49.01 33.54
C VAL A 105 -15.97 -48.00 32.79
N VAL A 106 -16.61 -46.99 32.22
CA VAL A 106 -15.86 -45.85 31.73
C VAL A 106 -15.19 -45.14 32.89
N ALA A 107 -15.96 -44.87 33.93
CA ALA A 107 -15.47 -44.12 35.06
C ALA A 107 -14.25 -44.77 35.74
N ARG A 108 -14.22 -46.09 35.78
CA ARG A 108 -13.07 -46.74 36.36
C ARG A 108 -11.85 -46.35 35.57
N ARG A 109 -11.98 -46.40 34.25
CA ARG A 109 -10.90 -46.05 33.35
C ARG A 109 -10.54 -44.58 33.42
N MET A 110 -11.53 -43.72 33.58
CA MET A 110 -11.25 -42.31 33.72
C MET A 110 -10.38 -42.06 34.96
N LEU A 111 -10.71 -42.72 36.05
CA LEU A 111 -9.89 -42.67 37.25
C LEU A 111 -8.43 -43.00 36.97
N GLU A 112 -8.19 -44.11 36.29
CA GLU A 112 -6.84 -44.51 35.89
C GLU A 112 -6.16 -43.40 35.08
N MET A 113 -6.92 -42.81 34.15
CA MET A 113 -6.39 -41.80 33.27
C MET A 113 -5.90 -40.60 34.06
N THR A 114 -6.79 -40.05 34.88
CA THR A 114 -6.53 -38.85 35.65
C THR A 114 -5.31 -39.06 36.51
N ARG A 115 -5.30 -40.18 37.24
CA ARG A 115 -4.13 -40.53 38.02
C ARG A 115 -2.87 -40.41 37.19
N ALA A 116 -2.90 -40.99 36.01
CA ALA A 116 -1.73 -41.03 35.17
C ALA A 116 -1.28 -39.66 34.74
N ILE A 117 -2.22 -38.80 34.39
CA ILE A 117 -1.88 -37.43 34.03
C ILE A 117 -1.08 -36.82 35.17
N ASN A 118 -1.65 -36.86 36.39
CA ASN A 118 -1.07 -36.21 37.57
C ASN A 118 0.19 -36.87 38.08
N THR A 119 0.53 -38.02 37.51
CA THR A 119 1.77 -38.70 37.84
C THR A 119 2.84 -38.57 36.73
N ASN A 120 2.46 -38.74 35.48
CA ASN A 120 3.43 -38.90 34.41
C ASN A 120 3.60 -37.70 33.54
N TRP A 121 2.70 -36.74 33.66
CA TRP A 121 2.79 -35.55 32.82
C TRP A 121 2.98 -34.31 33.64
N THR A 122 3.56 -34.52 34.81
CA THR A 122 3.86 -33.44 35.73
C THR A 122 4.48 -32.28 34.99
N GLN A 123 5.27 -32.58 33.97
CA GLN A 123 5.87 -31.53 33.16
C GLN A 123 4.91 -30.77 32.26
N HIS A 124 3.66 -31.20 32.15
CA HIS A 124 2.70 -30.27 31.59
C HIS A 124 1.89 -29.68 32.72
N VAL A 125 1.40 -30.48 33.63
CA VAL A 125 0.40 -29.93 34.51
C VAL A 125 0.93 -29.46 35.84
N ALA A 126 2.20 -29.78 36.11
CA ALA A 126 2.91 -29.31 37.30
C ALA A 126 2.20 -29.65 38.62
N GLN A 127 2.25 -28.71 39.54
CA GLN A 127 1.69 -28.89 40.87
C GLN A 127 0.24 -28.44 40.89
N THR A 128 -0.27 -28.05 39.73
CA THR A 128 -1.65 -27.65 39.60
C THR A 128 -2.50 -28.91 39.44
N GLY A 129 -2.19 -29.74 38.44
CA GLY A 129 -2.90 -31.01 38.23
C GLY A 129 -4.31 -30.87 37.64
N VAL A 130 -4.98 -32.00 37.47
CA VAL A 130 -6.35 -31.97 36.97
C VAL A 130 -7.26 -32.79 37.84
N THR A 131 -8.55 -32.52 37.77
CA THR A 131 -9.59 -33.39 38.34
C THR A 131 -10.61 -33.57 37.27
N CYS A 132 -11.52 -34.52 37.46
CA CYS A 132 -12.60 -34.66 36.50
C CYS A 132 -13.20 -33.29 36.17
N TYR A 133 -13.34 -32.42 37.16
CA TYR A 133 -14.01 -31.16 36.90
C TYR A 133 -13.35 -30.42 35.75
N THR A 134 -12.02 -30.46 35.71
CA THR A 134 -11.22 -29.74 34.74
C THR A 134 -11.78 -29.83 33.33
N CYS A 135 -12.20 -31.05 33.00
CA CYS A 135 -12.77 -31.43 31.70
C CYS A 135 -14.30 -31.45 31.63
N HIS A 136 -14.92 -32.09 32.61
CA HIS A 136 -16.35 -32.29 32.59
C HIS A 136 -17.15 -31.05 32.98
N ARG A 137 -16.63 -30.20 33.85
CA ARG A 137 -17.35 -28.98 34.30
C ARG A 137 -18.81 -29.25 34.64
N GLY A 138 -19.00 -30.35 35.37
CA GLY A 138 -20.27 -30.72 35.96
C GLY A 138 -21.35 -31.24 35.06
N THR A 139 -20.96 -31.98 34.03
CA THR A 139 -21.88 -32.70 33.14
C THR A 139 -21.23 -34.01 32.75
N PRO A 140 -22.00 -34.98 32.29
CA PRO A 140 -21.28 -36.18 31.98
C PRO A 140 -20.72 -36.12 30.58
N LEU A 141 -21.13 -35.11 29.82
CA LEU A 141 -20.43 -34.91 28.57
C LEU A 141 -19.67 -33.60 28.50
N PRO A 142 -18.33 -33.71 28.54
CA PRO A 142 -17.41 -32.59 28.62
C PRO A 142 -17.69 -31.71 27.45
N PRO A 143 -17.82 -30.41 27.71
CA PRO A 143 -18.42 -29.46 26.78
C PRO A 143 -17.56 -29.08 25.58
N TYR A 144 -16.30 -29.50 25.56
CA TYR A 144 -15.52 -29.36 24.35
C TYR A 144 -14.82 -30.66 24.09
N VAL A 145 -15.30 -31.44 23.12
CA VAL A 145 -14.61 -32.69 22.76
C VAL A 145 -14.40 -32.64 21.29
N ARG A 146 -13.73 -33.67 20.74
CA ARG A 146 -13.54 -33.77 19.29
C ARG A 146 -13.71 -35.14 18.63
N TYR A 147 -14.41 -35.10 17.48
CA TYR A 147 -14.60 -36.25 16.61
C TYR A 147 -13.61 -36.24 15.42
N LEU A 148 -13.72 -37.20 14.52
CA LEU A 148 -12.80 -37.20 13.39
C LEU A 148 -13.18 -36.35 12.19
N GLU A 149 -14.35 -35.70 12.24
CA GLU A 149 -14.69 -34.64 11.30
C GLU A 149 -14.75 -33.43 12.17
N PRO A 150 -14.50 -32.25 11.59
CA PRO A 150 -14.84 -31.02 12.33
C PRO A 150 -16.35 -30.92 12.53
N THR A 151 -16.75 -30.62 13.76
CA THR A 151 -18.15 -30.37 14.13
C THR A 151 -18.32 -28.96 14.68
N LEU A 152 -19.57 -28.56 14.85
CA LEU A 152 -19.94 -27.15 15.34
C LEU A 152 -21.35 -27.28 15.94
N PRO A 153 -21.63 -26.48 16.96
CA PRO A 153 -20.66 -25.52 17.48
C PRO A 153 -19.60 -26.17 18.35
N LEU A 154 -18.60 -25.39 18.76
CA LEU A 154 -17.52 -25.90 19.58
C LEU A 154 -17.95 -26.37 20.91
N ASN A 155 -18.84 -25.58 21.52
CA ASN A 155 -19.42 -25.96 22.79
C ASN A 155 -20.68 -26.80 22.62
N ASN A 156 -20.62 -28.07 22.99
CA ASN A 156 -21.73 -28.97 22.69
C ASN A 156 -22.87 -28.81 23.64
N ARG A 157 -22.90 -27.71 24.38
CA ARG A 157 -24.07 -27.45 25.18
C ARG A 157 -25.03 -26.58 24.43
N GLU A 158 -24.50 -25.73 23.55
CA GLU A 158 -25.36 -25.02 22.60
C GLU A 158 -26.04 -26.03 21.64
N THR A 159 -27.10 -25.59 20.97
CA THR A 159 -27.76 -26.39 19.95
C THR A 159 -27.33 -25.94 18.55
N PRO A 160 -27.05 -26.91 17.66
CA PRO A 160 -26.69 -26.62 16.27
C PRO A 160 -27.82 -26.03 15.44
N THR A 161 -27.43 -25.25 14.44
CA THR A 161 -28.34 -24.85 13.37
C THR A 161 -28.32 -25.91 12.25
N HIS A 162 -29.05 -25.64 11.18
CA HIS A 162 -29.16 -26.57 10.07
C HIS A 162 -27.85 -26.75 9.31
N VAL A 163 -27.12 -25.66 9.11
CA VAL A 163 -25.89 -25.66 8.35
C VAL A 163 -24.73 -26.20 9.19
N GLU A 164 -24.84 -26.05 10.49
CA GLU A 164 -23.82 -26.53 11.40
C GLU A 164 -23.83 -28.04 11.52
N ARG A 165 -24.96 -28.69 11.24
CA ARG A 165 -25.07 -30.15 11.45
C ARG A 165 -24.12 -30.81 10.53
N VAL A 166 -23.50 -31.88 11.03
CA VAL A 166 -22.49 -32.62 10.28
C VAL A 166 -23.02 -33.15 8.95
N GLU A 167 -24.29 -33.47 8.92
CA GLU A 167 -24.92 -34.16 7.79
C GLU A 167 -25.11 -33.21 6.61
N THR A 168 -25.20 -31.93 6.92
CA THR A 168 -25.25 -30.85 5.92
C THR A 168 -23.89 -30.63 5.25
N ARG A 169 -23.82 -31.15 4.04
CA ARG A 169 -22.56 -31.29 3.37
C ARG A 169 -21.99 -29.92 2.94
N SER A 170 -22.85 -28.94 2.71
CA SER A 170 -22.41 -27.64 2.23
C SER A 170 -21.64 -26.86 3.26
N GLY A 171 -21.82 -27.23 4.52
CA GLY A 171 -21.27 -26.45 5.62
C GLY A 171 -19.88 -26.80 6.10
N TYR A 172 -19.21 -27.66 5.35
CA TYR A 172 -17.94 -28.21 5.76
C TYR A 172 -16.92 -27.13 5.99
N VAL A 173 -16.76 -26.26 5.00
CA VAL A 173 -15.70 -25.29 5.06
C VAL A 173 -15.76 -24.47 6.32
N VAL A 174 -16.96 -24.04 6.65
CA VAL A 174 -17.16 -23.28 7.86
C VAL A 174 -16.90 -24.11 9.14
N ARG A 175 -17.44 -25.34 9.18
CA ARG A 175 -17.11 -26.24 10.28
C ARG A 175 -15.61 -26.28 10.55
N LEU A 176 -14.83 -26.18 9.48
CA LEU A 176 -13.39 -26.23 9.57
C LEU A 176 -12.77 -24.93 10.02
N ALA A 177 -13.19 -23.84 9.39
CA ALA A 177 -12.69 -22.49 9.69
C ALA A 177 -12.83 -22.12 11.15
N LYS A 178 -13.97 -22.42 11.73
CA LYS A 178 -14.23 -22.02 13.09
C LYS A 178 -13.32 -22.78 14.04
N TYR A 179 -12.86 -23.92 13.60
CA TYR A 179 -11.98 -24.65 14.40
C TYR A 179 -10.57 -24.02 14.44
N THR A 180 -10.20 -23.35 13.36
CA THR A 180 -8.88 -22.73 13.24
C THR A 180 -8.96 -21.21 13.19
N ALA A 181 -9.72 -20.66 14.14
CA ALA A 181 -9.77 -19.23 14.28
C ALA A 181 -10.26 -18.45 13.03
N TYR A 182 -11.19 -19.02 12.28
CA TYR A 182 -11.79 -18.35 11.13
C TYR A 182 -10.84 -18.13 9.96
N SER A 183 -9.65 -18.74 9.96
CA SER A 183 -8.79 -18.63 8.77
C SER A 183 -9.23 -19.62 7.73
N ALA A 184 -8.82 -19.41 6.49
CA ALA A 184 -9.26 -20.31 5.43
C ALA A 184 -8.38 -21.55 5.22
N LEU A 185 -7.41 -21.76 6.11
CA LEU A 185 -6.56 -22.94 6.04
C LEU A 185 -7.39 -24.19 5.92
N ASN A 186 -6.96 -25.08 5.03
CA ASN A 186 -7.78 -26.21 4.60
C ASN A 186 -7.42 -27.57 5.20
N TYR A 187 -6.91 -27.58 6.43
CA TYR A 187 -6.50 -28.85 7.08
C TYR A 187 -7.18 -28.98 8.43
N ASP A 188 -7.55 -30.19 8.83
CA ASP A 188 -8.08 -30.35 10.16
C ASP A 188 -6.93 -30.73 11.06
N PRO A 189 -6.48 -29.78 11.87
CA PRO A 189 -5.28 -30.07 12.58
C PRO A 189 -5.45 -31.06 13.72
N PHE A 190 -6.66 -31.29 14.24
CA PHE A 190 -6.80 -32.36 15.24
C PHE A 190 -6.33 -33.71 14.74
N THR A 191 -6.88 -34.11 13.60
CA THR A 191 -6.67 -35.45 13.10
C THR A 191 -5.28 -35.65 12.56
N MET A 192 -4.67 -34.56 12.12
CA MET A 192 -3.29 -34.58 11.68
C MET A 192 -2.28 -34.70 12.83
N PHE A 193 -2.44 -33.93 13.88
CA PHE A 193 -1.39 -33.84 14.87
C PHE A 193 -1.68 -34.43 16.21
N LEU A 194 -2.96 -34.47 16.59
CA LEU A 194 -3.31 -34.70 17.97
C LEU A 194 -3.81 -36.06 18.24
N ALA A 195 -4.55 -36.62 17.28
CA ALA A 195 -5.14 -37.94 17.47
C ALA A 195 -4.12 -39.09 17.65
N ASN A 196 -2.92 -38.92 17.06
CA ASN A 196 -1.82 -39.90 17.09
C ASN A 196 -0.49 -39.24 16.75
N ASP A 197 0.58 -40.00 16.99
CA ASP A 197 1.94 -39.50 16.90
C ASP A 197 2.54 -39.64 15.51
N LYS A 198 1.71 -39.56 14.48
CA LYS A 198 2.13 -39.96 13.15
C LYS A 198 2.73 -38.88 12.27
N ARG A 199 2.51 -37.60 12.61
CA ARG A 199 3.15 -36.49 11.87
C ARG A 199 4.17 -35.68 12.67
N GLN A 200 5.08 -35.04 11.93
CA GLN A 200 6.02 -34.08 12.51
C GLN A 200 5.48 -32.65 12.37
N VAL A 201 5.52 -31.91 13.46
CA VAL A 201 5.01 -30.55 13.42
C VAL A 201 6.04 -29.57 12.84
N ARG A 202 7.32 -29.89 13.01
CA ARG A 202 8.42 -29.01 12.59
C ARG A 202 8.59 -28.97 11.06
N VAL A 203 8.44 -27.80 10.48
CA VAL A 203 8.54 -27.72 9.02
C VAL A 203 9.70 -26.91 8.45
N VAL A 204 10.29 -26.07 9.27
CA VAL A 204 11.34 -25.17 8.83
C VAL A 204 12.71 -25.82 8.89
N PRO A 205 13.56 -25.57 7.86
CA PRO A 205 14.90 -26.16 7.77
C PRO A 205 15.87 -25.55 8.76
N GLN A 206 16.74 -26.39 9.31
CA GLN A 206 17.63 -25.92 10.34
C GLN A 206 19.01 -25.48 9.86
N THR A 207 19.12 -25.07 8.60
CA THR A 207 20.39 -24.65 7.98
C THR A 207 20.18 -23.53 6.98
N ALA A 208 21.24 -22.76 6.74
CA ALA A 208 21.08 -21.64 5.82
C ALA A 208 20.91 -22.07 4.34
N LEU A 209 21.72 -23.02 3.91
CA LEU A 209 21.64 -23.42 2.53
C LEU A 209 20.90 -24.72 2.38
N PRO A 210 20.25 -24.94 1.22
CA PRO A 210 19.58 -26.23 0.99
C PRO A 210 20.54 -27.39 1.03
N LEU A 211 20.16 -28.35 1.84
CA LEU A 211 21.01 -29.48 2.09
C LEU A 211 20.84 -30.50 0.99
N VAL A 212 21.94 -30.86 0.35
CA VAL A 212 21.89 -31.74 -0.82
C VAL A 212 21.46 -33.15 -0.45
N GLY A 213 20.34 -33.56 -1.04
CA GLY A 213 19.77 -34.88 -0.82
C GLY A 213 18.43 -34.94 -0.13
N VAL A 214 17.84 -33.77 0.15
CA VAL A 214 16.54 -33.68 0.80
C VAL A 214 15.79 -32.44 0.32
N SER A 215 16.28 -31.85 -0.76
CA SER A 215 15.94 -30.47 -1.04
C SER A 215 15.33 -30.31 -2.40
N ARG A 216 15.25 -31.41 -3.14
CA ARG A 216 14.68 -31.36 -4.49
C ARG A 216 13.72 -32.49 -4.82
N GLY A 217 12.66 -32.16 -5.55
CA GLY A 217 11.66 -33.12 -6.04
C GLY A 217 11.01 -34.01 -5.00
N LYS A 218 10.89 -35.29 -5.31
CA LYS A 218 10.22 -36.18 -4.39
C LYS A 218 10.99 -36.48 -3.06
N GLU A 219 12.22 -35.96 -2.94
CA GLU A 219 12.92 -35.99 -1.66
C GLU A 219 12.19 -35.05 -0.74
N ARG A 220 11.65 -33.95 -1.28
CA ARG A 220 11.12 -32.88 -0.40
C ARG A 220 9.74 -33.12 0.11
N ARG A 221 9.44 -32.51 1.26
CA ARG A 221 8.08 -32.45 1.77
C ARG A 221 7.25 -31.46 0.94
N PRO A 222 5.92 -31.65 0.94
CA PRO A 222 4.95 -30.74 0.29
C PRO A 222 4.70 -29.48 1.13
N LEU A 223 4.51 -28.34 0.47
CA LEU A 223 4.21 -27.09 1.15
C LEU A 223 2.90 -27.15 1.97
N SER A 224 2.12 -28.19 1.74
CA SER A 224 0.98 -28.57 2.57
C SER A 224 1.38 -28.54 4.03
N ASP A 225 2.45 -29.26 4.33
CA ASP A 225 2.87 -29.44 5.67
C ASP A 225 3.12 -28.15 6.44
N ALA A 226 3.57 -27.13 5.72
CA ALA A 226 3.63 -25.79 6.29
C ALA A 226 2.26 -25.31 6.64
N TYR A 227 1.33 -25.28 5.68
CA TYR A 227 -0.03 -24.85 6.00
C TYR A 227 -0.63 -25.64 7.18
N ALA A 228 -0.32 -26.92 7.25
CA ALA A 228 -0.92 -27.75 8.26
C ALA A 228 -0.42 -27.40 9.63
N THR A 229 0.86 -27.06 9.70
CA THR A 229 1.42 -26.62 10.93
C THR A 229 0.78 -25.28 11.26
N PHE A 230 0.81 -24.34 10.33
CA PHE A 230 0.15 -23.06 10.54
C PHE A 230 -1.30 -23.20 11.03
N ALA A 231 -1.99 -24.26 10.64
CA ALA A 231 -3.33 -24.55 11.16
C ALA A 231 -3.34 -24.97 12.62
N LEU A 232 -2.52 -25.96 12.95
CA LEU A 232 -2.39 -26.42 14.32
C LEU A 232 -2.08 -25.24 15.24
N MET A 233 -1.18 -24.37 14.82
CA MET A 233 -0.87 -23.20 15.64
C MET A 233 -2.07 -22.27 15.81
N MET A 234 -2.72 -21.89 14.71
CA MET A 234 -3.94 -21.08 14.82
C MET A 234 -4.89 -21.66 15.85
N SER A 235 -5.11 -22.97 15.81
CA SER A 235 -6.08 -23.51 16.71
C SER A 235 -5.60 -23.47 18.16
N ILE A 236 -4.35 -23.84 18.38
CA ILE A 236 -3.78 -23.78 19.71
C ILE A 236 -3.96 -22.36 20.28
N SER A 237 -3.79 -21.36 19.45
CA SER A 237 -3.87 -20.02 19.94
C SER A 237 -5.24 -19.74 20.45
N ASP A 238 -6.23 -20.05 19.64
CA ASP A 238 -7.61 -19.84 20.04
C ASP A 238 -8.02 -20.70 21.25
N SER A 239 -7.43 -21.87 21.39
CA SER A 239 -7.78 -22.72 22.49
C SER A 239 -7.25 -22.16 23.80
N LEU A 240 -6.22 -21.32 23.74
CA LEU A 240 -5.69 -20.80 25.00
C LEU A 240 -6.10 -19.36 25.16
N GLY A 241 -6.66 -18.80 24.11
CA GLY A 241 -7.03 -17.39 24.08
C GLY A 241 -5.81 -16.50 24.14
N THR A 242 -4.91 -16.63 23.18
CA THR A 242 -3.63 -15.93 23.22
C THR A 242 -3.08 -15.84 21.81
N ASN A 243 -1.89 -15.28 21.65
CA ASN A 243 -1.31 -15.16 20.33
C ASN A 243 0.10 -15.67 20.31
N CYS A 244 0.55 -16.02 19.10
CA CYS A 244 1.88 -16.49 18.87
C CYS A 244 2.92 -15.95 19.90
N THR A 245 2.95 -14.64 20.09
CA THR A 245 4.04 -14.07 20.87
C THR A 245 4.04 -14.49 22.32
N PHE A 246 3.00 -15.18 22.76
CA PHE A 246 3.00 -15.78 24.06
C PHE A 246 4.02 -16.90 24.11
N CYS A 247 4.43 -17.42 22.95
CA CYS A 247 5.44 -18.52 22.88
C CYS A 247 6.61 -18.27 21.97
N HIS A 248 6.38 -17.71 20.78
CA HIS A 248 7.50 -17.53 19.85
C HIS A 248 7.81 -16.09 19.79
N ASN A 249 9.06 -15.82 19.45
CA ASN A 249 9.46 -14.55 18.87
C ASN A 249 9.42 -14.71 17.36
N ALA A 250 8.44 -14.11 16.72
CA ALA A 250 8.24 -14.31 15.28
C ALA A 250 9.50 -14.25 14.49
N GLN A 251 10.46 -13.39 14.91
CA GLN A 251 11.75 -13.30 14.26
C GLN A 251 12.22 -14.67 13.75
N THR A 252 12.07 -15.73 14.55
CA THR A 252 12.26 -17.11 14.10
C THR A 252 11.38 -18.17 14.75
N PHE A 253 10.26 -18.51 14.13
CA PHE A 253 9.45 -19.55 14.76
C PHE A 253 10.24 -20.79 15.14
N GLU A 254 11.17 -21.22 14.30
CA GLU A 254 11.85 -22.50 14.47
C GLU A 254 12.85 -22.60 15.63
N SER A 255 13.40 -21.47 16.03
CA SER A 255 14.49 -21.40 17.01
C SER A 255 14.04 -21.57 18.47
N TRP A 256 14.91 -22.13 19.32
CA TRP A 256 14.61 -22.11 20.75
C TRP A 256 15.43 -21.05 21.47
N GLY A 257 15.98 -21.39 22.64
CA GLY A 257 16.88 -20.50 23.41
C GLY A 257 16.26 -19.18 23.79
N LYS A 258 16.96 -18.12 23.45
CA LYS A 258 16.47 -16.79 23.72
C LYS A 258 15.30 -16.39 22.81
N LYS A 259 14.86 -17.29 21.94
CA LYS A 259 13.82 -16.90 20.98
C LYS A 259 12.47 -17.53 21.32
N SER A 260 12.46 -18.31 22.40
CA SER A 260 11.26 -18.97 22.87
C SER A 260 11.05 -18.65 24.34
N THR A 261 9.79 -18.56 24.77
CA THR A 261 9.49 -18.41 26.20
C THR A 261 9.39 -19.75 26.87
N PRO A 262 9.31 -19.76 28.19
CA PRO A 262 9.25 -21.04 28.88
C PRO A 262 7.98 -21.74 28.60
N GLN A 263 6.96 -20.97 28.30
CA GLN A 263 5.70 -21.57 27.96
C GLN A 263 5.85 -22.56 26.80
N ARG A 264 6.48 -22.11 25.73
CA ARG A 264 6.70 -22.97 24.60
C ARG A 264 7.19 -24.35 25.02
N ALA A 265 8.14 -24.43 25.92
CA ALA A 265 8.48 -25.74 26.43
C ALA A 265 7.25 -26.49 26.94
N ILE A 266 6.46 -25.86 27.79
CA ILE A 266 5.34 -26.54 28.40
C ILE A 266 4.37 -27.06 27.34
N ALA A 267 4.10 -26.20 26.37
CA ALA A 267 3.27 -26.57 25.24
C ALA A 267 3.81 -27.81 24.53
N TRP A 268 5.11 -27.89 24.36
CA TRP A 268 5.67 -29.03 23.70
C TRP A 268 5.24 -30.24 24.48
N TRP A 269 5.36 -30.20 25.80
CA TRP A 269 4.95 -31.36 26.55
C TRP A 269 3.49 -31.59 26.41
N GLY A 270 2.74 -30.49 26.42
CA GLY A 270 1.30 -30.52 26.15
C GLY A 270 0.92 -31.44 25.01
N ILE A 271 1.41 -31.12 23.81
CA ILE A 271 1.20 -31.96 22.68
C ILE A 271 1.44 -33.44 22.98
N ARG A 272 2.63 -33.79 23.44
CA ARG A 272 2.91 -35.19 23.76
C ARG A 272 1.96 -35.81 24.78
N MET A 273 1.35 -34.98 25.63
CA MET A 273 0.44 -35.50 26.62
C MET A 273 -0.93 -35.75 26.04
N VAL A 274 -1.45 -34.86 25.19
CA VAL A 274 -2.79 -35.17 24.65
C VAL A 274 -2.77 -36.42 23.81
N ARG A 275 -1.72 -36.56 23.02
CA ARG A 275 -1.55 -37.71 22.18
C ARG A 275 -1.64 -38.97 22.99
N ASP A 276 -0.95 -39.01 24.13
CA ASP A 276 -1.02 -40.18 24.95
C ASP A 276 -2.44 -40.44 25.38
N LEU A 277 -3.14 -39.40 25.83
CA LEU A 277 -4.50 -39.53 26.31
C LEU A 277 -5.38 -40.16 25.27
N ASN A 278 -5.29 -39.61 24.06
CA ASN A 278 -6.13 -40.03 22.98
C ASN A 278 -5.84 -41.42 22.56
N MET A 279 -4.56 -41.72 22.32
CA MET A 279 -4.21 -43.04 21.84
C MET A 279 -4.42 -44.12 22.87
N ASN A 280 -4.40 -43.77 24.15
CA ASN A 280 -4.38 -44.82 25.16
C ASN A 280 -5.48 -44.92 26.16
N TYR A 281 -6.17 -43.81 26.41
CA TYR A 281 -7.29 -43.84 27.34
C TYR A 281 -8.57 -43.56 26.63
N LEU A 282 -8.56 -42.55 25.78
CA LEU A 282 -9.78 -42.08 25.20
C LEU A 282 -10.31 -42.90 24.06
N ALA A 283 -9.47 -43.11 23.04
CA ALA A 283 -9.89 -43.70 21.78
C ALA A 283 -10.45 -45.11 21.92
N PRO A 284 -9.80 -45.96 22.73
CA PRO A 284 -10.37 -47.30 22.88
C PRO A 284 -11.58 -47.42 23.85
N LEU A 285 -12.41 -46.39 23.87
CA LEU A 285 -13.62 -46.44 24.66
C LEU A 285 -14.82 -46.75 23.81
N ASN A 286 -14.65 -46.67 22.50
CA ASN A 286 -15.73 -46.93 21.57
C ASN A 286 -16.18 -48.39 21.65
N ALA A 287 -15.45 -49.16 22.45
CA ALA A 287 -15.85 -50.49 22.83
C ALA A 287 -16.86 -50.48 23.99
N SER A 288 -16.83 -49.42 24.79
CA SER A 288 -17.52 -49.39 26.07
C SER A 288 -18.71 -48.44 26.09
N LEU A 289 -18.64 -47.39 25.27
CA LEU A 289 -19.71 -46.41 25.16
C LEU A 289 -20.91 -47.01 24.43
N PRO A 290 -22.08 -46.35 24.53
CA PRO A 290 -23.18 -46.68 23.63
C PRO A 290 -23.02 -45.94 22.30
N ALA A 291 -23.72 -46.43 21.28
CA ALA A 291 -23.61 -45.90 19.92
C ALA A 291 -24.03 -44.42 19.81
N SER A 292 -24.95 -44.03 20.69
CA SER A 292 -25.40 -42.64 20.85
C SER A 292 -24.27 -41.63 21.04
N ARG A 293 -23.24 -42.05 21.77
CA ARG A 293 -22.04 -41.25 22.01
C ARG A 293 -21.09 -41.15 20.83
N LEU A 294 -21.08 -42.21 20.01
CA LEU A 294 -20.03 -42.37 19.01
C LEU A 294 -20.27 -41.55 17.79
N GLY A 295 -19.16 -41.14 17.17
CA GLY A 295 -19.20 -40.32 15.96
C GLY A 295 -19.55 -41.11 14.72
N ARG A 296 -19.53 -40.40 13.60
CA ARG A 296 -19.99 -40.92 12.31
C ARG A 296 -19.14 -42.06 11.78
N GLN A 297 -17.83 -41.99 11.99
CA GLN A 297 -16.92 -43.09 11.65
C GLN A 297 -16.78 -44.11 12.78
N GLY A 298 -17.73 -44.10 13.72
CA GLY A 298 -17.78 -45.05 14.84
C GLY A 298 -16.59 -44.94 15.78
N GLU A 299 -16.23 -43.71 16.07
CA GLU A 299 -15.14 -43.41 16.98
C GLU A 299 -15.70 -42.77 18.26
N ALA A 300 -15.00 -42.97 19.36
CA ALA A 300 -15.28 -42.22 20.58
C ALA A 300 -14.87 -40.74 20.45
N PRO A 301 -15.37 -39.86 21.34
CA PRO A 301 -14.87 -38.46 21.29
C PRO A 301 -13.50 -38.32 21.97
N GLN A 302 -12.71 -37.36 21.53
CA GLN A 302 -11.35 -37.21 22.07
C GLN A 302 -11.04 -35.80 22.47
N ALA A 303 -9.90 -35.63 23.12
CA ALA A 303 -9.54 -34.36 23.73
C ALA A 303 -8.52 -33.62 22.89
N ASP A 304 -8.55 -32.30 22.95
CA ASP A 304 -7.43 -31.49 22.48
C ASP A 304 -7.23 -30.43 23.52
N CYS A 305 -6.30 -29.50 23.30
CA CYS A 305 -6.14 -28.34 24.20
C CYS A 305 -7.43 -27.74 24.77
N ARG A 306 -8.37 -27.38 23.92
CA ARG A 306 -9.54 -26.67 24.42
C ARG A 306 -10.21 -27.42 25.55
N THR A 307 -10.36 -28.73 25.38
CA THR A 307 -10.96 -29.65 26.34
C THR A 307 -10.66 -29.28 27.79
N CYS A 308 -9.42 -28.85 28.06
CA CYS A 308 -9.02 -28.35 29.38
C CYS A 308 -8.96 -26.86 29.47
N HIS A 309 -8.21 -26.21 28.59
CA HIS A 309 -7.98 -24.80 28.78
C HIS A 309 -9.23 -23.94 28.61
N GLN A 310 -10.06 -24.34 27.66
CA GLN A 310 -11.33 -23.67 27.42
C GLN A 310 -11.21 -22.17 27.27
N GLY A 311 -10.10 -21.72 26.70
CA GLY A 311 -9.95 -20.35 26.26
C GLY A 311 -9.19 -19.52 27.27
N VAL A 312 -8.49 -20.20 28.16
CA VAL A 312 -7.63 -19.51 29.11
C VAL A 312 -6.22 -20.15 29.09
N THR A 313 -5.20 -19.33 29.30
CA THR A 313 -3.83 -19.86 29.24
C THR A 313 -3.53 -20.79 30.37
N LYS A 314 -4.33 -20.74 31.41
CA LYS A 314 -4.23 -21.74 32.44
C LYS A 314 -5.61 -22.25 32.74
N PRO A 315 -5.77 -23.57 32.76
CA PRO A 315 -7.13 -24.09 32.94
C PRO A 315 -7.71 -23.72 34.31
N LEU A 316 -8.89 -23.08 34.28
CA LEU A 316 -9.56 -22.67 35.52
C LEU A 316 -8.80 -21.57 36.26
N PHE A 317 -8.04 -20.81 35.46
CA PHE A 317 -7.08 -19.80 35.93
C PHE A 317 -6.09 -20.37 36.93
N GLY A 318 -5.81 -21.66 36.81
CA GLY A 318 -4.81 -22.30 37.66
C GLY A 318 -5.28 -22.60 39.07
N ALA A 319 -6.59 -22.57 39.27
CA ALA A 319 -7.17 -23.02 40.51
C ALA A 319 -6.99 -24.54 40.58
N SER A 320 -6.55 -25.04 41.74
CA SER A 320 -6.29 -26.48 41.87
C SER A 320 -6.93 -27.14 43.10
N ARG A 321 -6.99 -28.48 43.06
CA ARG A 321 -7.41 -29.25 44.23
C ARG A 321 -6.43 -30.38 44.53
N LEU A 322 -5.16 -30.17 44.14
CA LEU A 322 -4.16 -31.23 44.15
C LEU A 322 -3.81 -31.79 45.52
N LYS A 323 -3.80 -30.93 46.53
CA LYS A 323 -3.51 -31.37 47.88
C LYS A 323 -4.73 -32.00 48.54
N ASP A 324 -5.91 -31.61 48.08
CA ASP A 324 -7.15 -31.97 48.75
C ASP A 324 -7.61 -33.35 48.38
N TYR A 325 -7.28 -33.77 47.17
CA TYR A 325 -7.64 -35.08 46.69
C TYR A 325 -6.43 -35.86 46.16
N PRO A 326 -5.61 -36.38 47.08
CA PRO A 326 -4.39 -37.08 46.69
C PRO A 326 -4.60 -38.51 46.18
N GLU A 327 -5.87 -38.93 46.06
CA GLU A 327 -6.25 -40.17 45.42
C GLU A 327 -6.03 -39.99 43.94
N LEU A 328 -6.18 -38.76 43.49
CA LEU A 328 -6.15 -38.47 42.09
C LEU A 328 -4.75 -38.22 41.58
N GLY A 329 -3.76 -38.29 42.45
CA GLY A 329 -2.37 -38.20 42.03
C GLY A 329 -1.62 -37.02 42.59
N PRO A 330 -0.28 -37.03 42.43
CA PRO A 330 0.55 -38.11 41.92
C PRO A 330 0.69 -39.28 42.88
N ILE A 331 1.22 -40.37 42.36
CA ILE A 331 1.29 -41.65 43.04
C ILE A 331 2.77 -42.04 43.33
N LYS A 332 3.00 -43.09 44.12
CA LYS A 332 4.36 -43.55 44.45
C LYS A 332 4.77 -44.92 43.87
N ALA A 333 5.66 -44.89 42.89
N ALA B 2 26.53 27.40 -10.09
CA ALA B 2 25.71 26.97 -8.91
C ALA B 2 24.24 27.15 -9.24
N LEU B 3 24.01 27.89 -10.32
CA LEU B 3 22.67 28.20 -10.76
C LEU B 3 22.30 27.53 -12.06
N LEU B 4 21.09 27.00 -12.13
CA LEU B 4 20.47 26.63 -13.42
C LEU B 4 20.32 27.85 -14.31
N SER B 5 20.40 27.65 -15.62
CA SER B 5 20.50 28.74 -16.57
C SER B 5 19.35 29.73 -16.38
N PHE B 6 18.21 29.20 -15.97
CA PHE B 6 17.01 30.00 -15.76
C PHE B 6 16.73 30.38 -14.30
N GLU B 7 17.60 29.96 -13.38
CA GLU B 7 17.35 30.06 -11.93
C GLU B 7 17.23 31.49 -11.37
N ARG B 8 18.06 32.41 -11.84
CA ARG B 8 18.19 33.72 -11.18
C ARG B 8 16.92 34.54 -10.99
N LYS B 9 16.13 34.69 -12.06
CA LYS B 9 14.89 35.49 -12.00
C LYS B 9 13.91 35.08 -10.91
N TYR B 10 14.11 33.91 -10.32
CA TYR B 10 13.21 33.41 -9.33
C TYR B 10 13.75 33.57 -7.90
N ARG B 11 15.00 33.99 -7.75
CA ARG B 11 15.64 33.97 -6.44
C ARG B 11 15.45 35.26 -5.66
N VAL B 12 14.23 35.50 -5.25
CA VAL B 12 13.90 36.78 -4.65
C VAL B 12 13.65 36.65 -3.17
N ARG B 13 13.71 37.78 -2.47
CA ARG B 13 13.51 37.74 -1.04
C ARG B 13 12.03 37.56 -0.67
N GLY B 14 11.82 37.01 0.52
CA GLY B 14 10.52 36.98 1.18
C GLY B 14 9.76 35.68 1.06
N GLY B 15 8.71 35.57 1.85
CA GLY B 15 7.86 34.38 1.86
C GLY B 15 8.39 33.34 2.82
N THR B 16 9.12 33.79 3.84
CA THR B 16 9.47 32.97 4.98
C THR B 16 8.32 33.00 5.98
N LEU B 17 8.04 31.88 6.63
CA LEU B 17 6.96 31.80 7.62
C LEU B 17 7.34 32.48 8.90
N ILE B 18 8.60 32.30 9.30
CA ILE B 18 9.08 32.80 10.58
C ILE B 18 10.43 33.41 10.41
N GLY B 19 10.63 34.46 11.20
CA GLY B 19 11.88 35.17 11.29
C GLY B 19 12.44 35.56 9.94
N GLY B 20 11.70 36.33 9.15
CA GLY B 20 12.21 37.11 8.01
C GLY B 20 13.55 36.90 7.31
N ASP B 21 14.36 37.96 7.27
CA ASP B 21 15.53 38.07 6.39
C ASP B 21 16.85 37.43 6.83
N LEU B 22 17.03 37.25 8.13
CA LEU B 22 18.27 36.72 8.71
C LEU B 22 18.61 35.29 8.26
N PHE B 23 17.59 34.52 7.96
CA PHE B 23 17.81 33.15 7.49
C PHE B 23 17.52 32.88 6.02
N ASP B 24 16.83 33.83 5.40
CA ASP B 24 16.54 33.89 3.98
C ASP B 24 17.82 33.96 3.12
N PHE B 25 18.45 32.81 2.91
CA PHE B 25 19.55 32.65 1.95
C PHE B 25 19.71 31.20 1.49
N TRP B 26 20.40 31.02 0.37
CA TRP B 26 20.74 29.70 -0.13
C TRP B 26 22.19 29.39 0.19
N VAL B 27 22.42 28.19 0.72
CA VAL B 27 23.76 27.60 0.70
C VAL B 27 23.88 26.66 -0.49
N GLY B 28 24.50 27.18 -1.53
CA GLY B 28 24.62 26.45 -2.78
C GLY B 28 23.31 26.32 -3.50
N PRO B 29 22.78 25.10 -3.61
CA PRO B 29 21.48 24.92 -4.22
C PRO B 29 20.39 24.85 -3.16
N TYR B 30 20.78 24.63 -1.90
CA TYR B 30 19.81 24.50 -0.85
C TYR B 30 19.35 25.83 -0.36
N PHE B 31 18.06 25.95 -0.16
CA PHE B 31 17.53 27.11 0.51
C PHE B 31 17.47 26.74 1.97
N VAL B 32 17.94 27.68 2.79
CA VAL B 32 18.05 27.43 4.22
C VAL B 32 16.77 27.84 4.92
N GLY B 33 16.67 29.12 5.28
CA GLY B 33 15.53 29.62 6.03
C GLY B 33 15.60 29.14 7.46
N PHE B 34 14.66 29.59 8.26
CA PHE B 34 14.73 29.34 9.68
C PHE B 34 14.67 27.86 9.96
N PHE B 35 13.79 27.20 9.22
CA PHE B 35 13.57 25.79 9.38
C PHE B 35 14.65 24.92 8.82
N GLY B 36 15.37 25.47 7.84
CA GLY B 36 16.60 24.84 7.36
C GLY B 36 17.49 24.62 8.55
N VAL B 37 17.71 25.71 9.27
CA VAL B 37 18.66 25.71 10.33
C VAL B 37 18.23 24.66 11.33
N SER B 38 16.99 24.80 11.76
CA SER B 38 16.40 23.85 12.67
C SER B 38 16.48 22.38 12.25
N ALA B 39 16.30 22.12 10.96
CA ALA B 39 16.29 20.76 10.48
C ALA B 39 17.67 20.22 10.80
N ILE B 40 18.66 20.91 10.27
CA ILE B 40 20.03 20.54 10.36
C ILE B 40 20.44 20.16 11.76
N PHE B 41 20.11 21.06 12.67
CA PHE B 41 20.33 20.83 14.05
C PHE B 41 19.80 19.49 14.53
N PHE B 42 18.58 19.13 14.16
CA PHE B 42 18.07 17.82 14.57
C PHE B 42 18.75 16.69 13.91
N ILE B 43 18.99 16.85 12.61
CA ILE B 43 19.58 15.81 11.84
C ILE B 43 20.92 15.50 12.49
N PHE B 44 21.75 16.52 12.63
CA PHE B 44 23.07 16.39 13.21
C PHE B 44 23.01 15.75 14.60
N LEU B 45 22.22 16.34 15.49
CA LEU B 45 22.15 15.85 16.83
C LEU B 45 21.59 14.45 16.88
N GLY B 46 20.55 14.22 16.09
CA GLY B 46 19.84 12.95 16.16
C GLY B 46 20.67 11.80 15.66
N VAL B 47 21.37 12.06 14.58
CA VAL B 47 22.25 11.08 14.00
C VAL B 47 23.42 10.74 14.94
N SER B 48 24.12 11.78 15.40
CA SER B 48 25.19 11.66 16.40
C SER B 48 24.73 10.83 17.57
N LEU B 49 23.53 11.14 18.06
CA LEU B 49 22.96 10.39 19.15
C LEU B 49 22.80 8.95 18.86
N ILE B 50 22.36 8.62 17.63
CA ILE B 50 22.28 7.21 17.19
C ILE B 50 23.66 6.53 17.29
N GLY B 51 24.65 7.18 16.72
CA GLY B 51 26.00 6.70 16.74
C GLY B 51 26.51 6.43 18.12
N TYR B 52 26.48 7.44 18.97
CA TYR B 52 26.89 7.21 20.31
C TYR B 52 26.14 6.03 20.89
N ALA B 53 24.82 6.02 20.74
CA ALA B 53 24.03 4.94 21.30
C ALA B 53 24.42 3.54 20.79
N ALA B 54 24.71 3.49 19.49
CA ALA B 54 25.05 2.26 18.80
C ALA B 54 26.44 1.80 19.19
N SER B 55 27.26 2.76 19.63
CA SER B 55 28.59 2.47 20.07
C SER B 55 28.53 1.62 21.30
N GLN B 56 27.55 1.86 22.16
CA GLN B 56 27.45 1.03 23.36
C GLN B 56 26.46 -0.10 23.21
N GLY B 57 26.17 -0.45 21.95
CA GLY B 57 25.48 -1.69 21.60
C GLY B 57 26.42 -2.89 21.66
N PRO B 58 26.06 -3.99 20.97
CA PRO B 58 26.96 -5.14 20.97
C PRO B 58 27.53 -5.49 19.59
N THR B 59 27.28 -4.64 18.61
CA THR B 59 27.70 -4.86 17.24
C THR B 59 27.81 -3.53 16.56
N TRP B 60 28.41 -3.59 15.39
CA TRP B 60 28.43 -2.48 14.52
C TRP B 60 28.01 -2.88 13.09
N ASP B 61 27.55 -4.12 12.89
CA ASP B 61 26.91 -4.41 11.63
C ASP B 61 25.67 -3.50 11.46
N PRO B 62 25.65 -2.77 10.35
CA PRO B 62 24.63 -1.79 9.99
C PRO B 62 23.25 -2.37 9.99
N PHE B 63 23.13 -3.66 9.85
CA PHE B 63 21.80 -4.19 9.81
C PHE B 63 21.38 -4.53 11.19
N ALA B 64 22.39 -4.91 11.95
CA ALA B 64 22.22 -5.48 13.24
C ALA B 64 22.18 -4.47 14.42
N ILE B 65 22.54 -3.21 14.14
CA ILE B 65 22.49 -2.14 15.14
C ILE B 65 21.06 -1.86 15.48
N SER B 66 20.77 -1.65 16.77
CA SER B 66 19.40 -1.23 17.23
C SER B 66 19.30 -0.38 18.49
N ILE B 67 18.42 0.60 18.44
CA ILE B 67 18.14 1.48 19.54
C ILE B 67 16.71 1.15 19.89
N ASN B 68 16.49 0.45 20.99
CA ASN B 68 15.14 0.02 21.35
C ASN B 68 14.48 0.96 22.32
N PRO B 69 13.13 1.05 22.33
CA PRO B 69 12.42 1.86 23.34
C PRO B 69 12.40 1.18 24.71
N PRO B 70 11.90 1.87 25.75
CA PRO B 70 12.02 1.38 27.15
C PRO B 70 11.10 0.21 27.44
N ASP B 71 11.31 -0.51 28.55
CA ASP B 71 10.38 -1.62 28.93
C ASP B 71 8.99 -1.06 29.22
N LEU B 72 8.01 -1.94 29.33
CA LEU B 72 6.63 -1.51 29.60
C LEU B 72 6.40 -0.98 31.00
N LYS B 73 7.15 -1.50 31.97
CA LYS B 73 7.13 -1.00 33.33
C LYS B 73 7.35 0.53 33.49
N TYR B 74 8.04 1.19 32.57
CA TYR B 74 8.35 2.63 32.71
C TYR B 74 7.17 3.54 32.37
N GLY B 75 6.11 2.94 31.83
CA GLY B 75 4.90 3.66 31.48
C GLY B 75 5.11 4.71 30.41
N LEU B 76 4.60 5.90 30.70
CA LEU B 76 4.75 6.97 29.74
C LEU B 76 5.86 7.91 30.18
N GLY B 77 6.64 7.45 31.14
CA GLY B 77 7.74 8.24 31.68
C GLY B 77 9.07 8.03 31.01
N ALA B 78 10.02 8.87 31.38
CA ALA B 78 11.39 8.73 30.93
C ALA B 78 12.08 7.48 31.52
N ALA B 79 12.96 6.92 30.73
CA ALA B 79 13.64 5.69 31.07
C ALA B 79 15.07 6.07 31.18
N PRO B 80 15.89 5.23 31.86
CA PRO B 80 17.36 5.36 31.82
C PRO B 80 17.86 5.37 30.39
N LEU B 81 18.92 6.12 30.17
CA LEU B 81 19.31 6.57 28.84
C LEU B 81 19.67 5.43 27.89
N LEU B 82 20.26 4.41 28.48
CA LEU B 82 20.66 3.18 27.82
C LEU B 82 19.62 2.08 27.88
N GLU B 83 18.64 2.24 28.76
CA GLU B 83 17.58 1.28 28.93
C GLU B 83 16.29 1.80 28.29
N GLY B 84 16.47 2.65 27.28
CA GLY B 84 15.37 3.15 26.46
C GLY B 84 15.32 4.66 26.30
N GLY B 85 16.13 5.37 27.08
CA GLY B 85 16.13 6.81 27.03
C GLY B 85 16.57 7.37 25.69
N PHE B 86 17.71 6.94 25.18
CA PHE B 86 18.16 7.45 23.90
C PHE B 86 17.10 7.28 22.83
N TRP B 87 16.38 6.15 22.88
CA TRP B 87 15.28 5.91 21.97
C TRP B 87 14.43 7.18 21.94
N GLN B 88 13.95 7.50 23.14
CA GLN B 88 13.14 8.65 23.40
C GLN B 88 13.80 9.85 22.77
N ALA B 89 15.07 10.08 23.10
CA ALA B 89 15.78 11.22 22.54
C ALA B 89 15.58 11.35 21.03
N ILE B 90 16.01 10.30 20.32
CA ILE B 90 16.07 10.31 18.88
C ILE B 90 14.72 10.63 18.33
N THR B 91 13.69 10.00 18.92
CA THR B 91 12.31 10.12 18.45
C THR B 91 11.79 11.55 18.39
N VAL B 92 12.29 12.33 19.30
CA VAL B 92 12.05 13.72 19.28
C VAL B 92 12.83 14.44 18.22
N CYS B 93 14.13 14.13 18.10
CA CYS B 93 14.93 14.73 17.03
C CYS B 93 14.32 14.43 15.69
N ALA B 94 13.82 13.21 15.56
CA ALA B 94 13.11 12.71 14.39
C ALA B 94 11.94 13.61 14.07
N LEU B 95 10.96 13.62 14.96
CA LEU B 95 9.82 14.51 14.78
C LEU B 95 10.22 15.90 14.41
N GLY B 96 11.20 16.39 15.18
CA GLY B 96 11.81 17.64 14.97
C GLY B 96 12.17 17.79 13.53
N ALA B 97 13.06 16.93 13.06
CA ALA B 97 13.55 17.02 11.70
C ALA B 97 12.40 17.06 10.71
N PHE B 98 11.44 16.13 10.89
CA PHE B 98 10.36 15.95 9.94
C PHE B 98 9.60 17.22 9.79
N ILE B 99 9.25 17.81 10.91
CA ILE B 99 8.38 18.94 10.86
C ILE B 99 9.06 20.16 10.29
N SER B 100 10.28 20.39 10.74
CA SER B 100 11.14 21.42 10.18
C SER B 100 11.26 21.23 8.67
N TRP B 101 11.34 19.97 8.23
CA TRP B 101 11.42 19.67 6.79
C TRP B 101 10.21 20.17 6.03
N MET B 102 9.06 19.93 6.63
CA MET B 102 7.79 20.17 6.02
C MET B 102 7.50 21.65 5.93
N LEU B 103 7.98 22.38 6.91
CA LEU B 103 7.70 23.79 6.96
C LEU B 103 8.58 24.56 6.06
N ARG B 104 9.81 24.06 5.94
CA ARG B 104 10.77 24.59 5.01
C ARG B 104 10.13 24.58 3.65
N GLU B 105 9.52 23.44 3.31
CA GLU B 105 8.86 23.28 2.02
C GLU B 105 7.80 24.35 1.82
N VAL B 106 7.03 24.64 2.87
CA VAL B 106 6.02 25.69 2.79
C VAL B 106 6.62 27.05 2.44
N GLU B 107 7.71 27.39 3.13
CA GLU B 107 8.45 28.58 2.82
C GLU B 107 8.86 28.55 1.36
N ILE B 108 9.42 27.45 0.91
CA ILE B 108 9.88 27.40 -0.48
C ILE B 108 8.75 27.71 -1.42
N SER B 109 7.65 26.99 -1.29
CA SER B 109 6.51 27.11 -2.21
C SER B 109 5.91 28.52 -2.22
N ARG B 110 5.88 29.18 -1.06
CA ARG B 110 5.48 30.58 -0.94
C ARG B 110 6.33 31.46 -1.85
N LYS B 111 7.63 31.20 -1.84
CA LYS B 111 8.58 31.99 -2.59
C LYS B 111 8.40 31.86 -4.11
N LEU B 112 7.80 30.74 -4.52
CA LEU B 112 7.72 30.41 -5.93
C LEU B 112 6.37 30.70 -6.53
N GLY B 113 5.42 30.98 -5.63
CA GLY B 113 4.04 31.24 -5.99
C GLY B 113 3.37 30.02 -6.55
N ILE B 114 3.76 28.85 -6.05
CA ILE B 114 3.16 27.59 -6.47
C ILE B 114 2.27 27.16 -5.32
N GLY B 115 1.49 26.10 -5.52
CA GLY B 115 0.60 25.59 -4.47
C GLY B 115 1.32 24.86 -3.36
N TRP B 116 0.60 24.57 -2.28
CA TRP B 116 1.26 23.91 -1.16
C TRP B 116 1.08 22.43 -1.15
N HIS B 117 0.63 21.90 -2.27
CA HIS B 117 0.32 20.50 -2.33
C HIS B 117 1.47 19.64 -1.85
N VAL B 118 2.70 19.96 -2.26
CA VAL B 118 3.82 19.11 -1.89
C VAL B 118 3.91 18.93 -0.37
N PRO B 119 4.08 20.04 0.40
CA PRO B 119 4.24 19.93 1.84
C PRO B 119 3.14 19.11 2.44
N LEU B 120 1.93 19.37 1.98
CA LEU B 120 0.79 18.74 2.57
C LEU B 120 0.82 17.28 2.34
N ALA B 121 1.22 16.90 1.14
CA ALA B 121 1.31 15.51 0.80
C ALA B 121 2.29 14.81 1.71
N PHE B 122 3.37 15.52 2.02
CA PHE B 122 4.43 15.04 2.91
C PHE B 122 3.96 14.94 4.33
N CYS B 123 2.87 15.64 4.62
CA CYS B 123 2.30 15.55 5.92
C CYS B 123 1.72 14.14 6.21
N VAL B 124 1.20 13.45 5.20
CA VAL B 124 0.58 12.14 5.45
C VAL B 124 1.51 11.13 6.12
N PRO B 125 2.71 10.86 5.53
CA PRO B 125 3.57 9.90 6.21
C PRO B 125 3.96 10.37 7.60
N ILE B 126 4.13 11.68 7.76
CA ILE B 126 4.52 12.17 9.07
C ILE B 126 3.48 11.71 10.08
N PHE B 127 2.23 11.80 9.68
CA PHE B 127 1.16 11.45 10.55
C PHE B 127 1.18 9.97 10.97
N MET B 128 1.44 9.12 10.00
CA MET B 128 1.49 7.71 10.24
C MET B 128 2.61 7.43 11.27
N PHE B 129 3.74 8.14 11.13
CA PHE B 129 4.88 7.99 12.04
C PHE B 129 4.41 8.28 13.45
N CYS B 130 3.77 9.44 13.61
CA CYS B 130 3.12 9.93 14.82
C CYS B 130 2.12 8.89 15.38
N VAL B 131 1.30 8.31 14.50
CA VAL B 131 0.33 7.27 14.86
C VAL B 131 1.00 6.09 15.51
N LEU B 132 2.09 5.61 14.90
CA LEU B 132 2.78 4.42 15.36
C LEU B 132 3.66 4.63 16.59
N GLN B 133 4.36 5.77 16.62
CA GLN B 133 5.32 6.10 17.70
C GLN B 133 4.70 6.81 18.88
N VAL B 134 3.51 7.38 18.72
CA VAL B 134 2.98 8.31 19.71
C VAL B 134 1.57 8.00 20.21
N PHE B 135 0.63 7.99 19.28
CA PHE B 135 -0.76 7.78 19.60
C PHE B 135 -1.05 6.39 20.09
N ARG B 136 -0.79 5.42 19.24
CA ARG B 136 -1.04 4.06 19.62
C ARG B 136 -0.35 3.73 20.96
N PRO B 137 0.87 4.24 21.17
CA PRO B 137 1.47 3.98 22.49
C PRO B 137 0.76 4.72 23.62
N LEU B 138 0.31 5.95 23.38
CA LEU B 138 -0.51 6.63 24.36
C LEU B 138 -1.72 5.86 24.75
N LEU B 139 -2.55 5.54 23.77
CA LEU B 139 -3.71 4.68 23.97
C LEU B 139 -3.45 3.37 24.66
N LEU B 140 -2.27 2.79 24.55
CA LEU B 140 -1.99 1.60 25.35
C LEU B 140 -1.16 1.91 26.60
N GLY B 141 -0.80 3.19 26.73
CA GLY B 141 -0.13 3.73 27.92
C GLY B 141 1.32 3.39 28.25
N SER B 142 2.17 3.33 27.24
CA SER B 142 3.58 3.02 27.41
C SER B 142 4.27 3.42 26.17
N TRP B 143 5.52 3.77 26.29
CA TRP B 143 6.25 3.96 25.08
C TRP B 143 6.66 2.65 24.48
N GLY B 144 6.87 1.66 25.35
CA GLY B 144 7.27 0.32 24.95
C GLY B 144 6.43 -0.34 23.89
N HIS B 145 5.40 0.35 23.45
CA HIS B 145 4.59 -0.17 22.40
C HIS B 145 5.02 0.32 21.05
N ALA B 146 6.00 1.22 21.02
CA ALA B 146 6.45 1.81 19.76
C ALA B 146 7.53 0.96 19.07
N PHE B 147 7.97 1.32 17.86
CA PHE B 147 8.98 0.50 17.21
C PHE B 147 10.37 1.03 17.33
N PRO B 148 11.37 0.13 17.37
CA PRO B 148 12.78 0.44 17.59
C PRO B 148 13.45 0.91 16.32
N TYR B 149 14.54 1.65 16.45
CA TYR B 149 15.28 2.13 15.30
C TYR B 149 16.40 1.19 15.05
N GLY B 150 16.41 0.63 13.85
CA GLY B 150 17.28 -0.49 13.48
C GLY B 150 16.79 -1.10 12.20
N ILE B 151 17.67 -1.20 11.21
CA ILE B 151 17.24 -1.67 9.91
C ILE B 151 16.51 -2.99 9.99
N LEU B 152 17.20 -4.05 10.37
CA LEU B 152 16.45 -5.26 10.54
C LEU B 152 15.58 -5.27 11.79
N SER B 153 16.11 -4.72 12.87
CA SER B 153 15.36 -4.59 14.10
C SER B 153 13.94 -4.07 13.90
N HIS B 154 13.75 -2.98 13.15
CA HIS B 154 12.40 -2.50 13.00
C HIS B 154 11.45 -3.51 12.40
N LEU B 155 11.96 -4.38 11.54
CA LEU B 155 11.06 -5.33 10.92
C LEU B 155 10.57 -6.36 11.91
N ASP B 156 11.45 -6.72 12.85
CA ASP B 156 11.09 -7.65 13.89
C ASP B 156 9.90 -7.19 14.69
N TRP B 157 9.85 -5.89 14.90
CA TRP B 157 8.74 -5.30 15.53
C TRP B 157 7.54 -5.49 14.64
N VAL B 158 7.63 -5.06 13.39
CA VAL B 158 6.49 -5.24 12.50
C VAL B 158 6.00 -6.67 12.52
N ASN B 159 6.92 -7.61 12.36
CA ASN B 159 6.59 -9.01 12.37
C ASN B 159 5.81 -9.49 13.61
N ASN B 160 6.35 -9.26 14.78
CA ASN B 160 5.67 -9.76 15.93
C ASN B 160 4.34 -9.08 16.12
N PHE B 161 4.32 -7.77 15.93
CA PHE B 161 3.11 -6.97 16.12
C PHE B 161 2.02 -7.68 15.38
N GLY B 162 2.28 -7.92 14.10
CA GLY B 162 1.31 -8.52 13.24
C GLY B 162 0.88 -9.91 13.66
N TYR B 163 1.74 -10.68 14.32
CA TYR B 163 1.26 -11.97 14.76
C TYR B 163 0.55 -11.89 16.13
N GLN B 164 0.45 -10.68 16.67
CA GLN B 164 -0.23 -10.54 17.94
C GLN B 164 -1.73 -10.61 17.77
N TYR B 165 -2.18 -10.26 16.59
CA TYR B 165 -3.54 -10.49 16.11
C TYR B 165 -3.14 -11.59 15.22
N LEU B 166 -3.94 -12.61 15.02
CA LEU B 166 -3.32 -13.88 14.60
C LEU B 166 -2.89 -14.00 13.17
N ASN B 167 -3.40 -13.13 12.30
CA ASN B 167 -3.00 -13.17 10.95
C ASN B 167 -3.36 -11.83 10.37
N TRP B 168 -2.39 -10.94 10.40
CA TRP B 168 -2.67 -9.55 10.15
C TRP B 168 -3.26 -9.35 8.77
N HIS B 169 -3.08 -10.31 7.87
CA HIS B 169 -3.54 -10.12 6.49
C HIS B 169 -4.99 -9.82 6.40
N TYR B 170 -5.76 -10.32 7.38
CA TYR B 170 -7.21 -10.23 7.45
C TYR B 170 -7.78 -8.91 8.00
N ASN B 171 -6.95 -8.19 8.74
CA ASN B 171 -7.30 -6.87 9.22
C ASN B 171 -7.69 -6.00 8.05
N PRO B 172 -8.92 -5.54 8.06
CA PRO B 172 -9.50 -4.83 6.94
C PRO B 172 -8.81 -3.53 6.59
N GLY B 173 -8.31 -2.78 7.57
CA GLY B 173 -7.48 -1.59 7.24
C GLY B 173 -6.30 -1.92 6.37
N HIS B 174 -5.66 -3.05 6.70
CA HIS B 174 -4.56 -3.53 5.94
C HIS B 174 -4.95 -3.83 4.53
N MET B 175 -6.08 -4.52 4.37
CA MET B 175 -6.51 -4.88 3.06
C MET B 175 -6.55 -3.64 2.18
N SER B 176 -7.17 -2.58 2.69
CA SER B 176 -7.35 -1.44 1.85
C SER B 176 -5.99 -0.83 1.52
N SER B 177 -5.16 -0.72 2.54
CA SER B 177 -3.90 -0.07 2.31
C SER B 177 -3.17 -0.86 1.26
N VAL B 178 -3.16 -2.19 1.40
CA VAL B 178 -2.37 -2.98 0.49
C VAL B 178 -2.82 -2.78 -0.92
N SER B 179 -4.12 -2.62 -1.08
CA SER B 179 -4.64 -2.50 -2.39
C SER B 179 -4.18 -1.27 -3.04
N PHE B 180 -4.21 -0.19 -2.28
CA PHE B 180 -3.68 1.06 -2.76
C PHE B 180 -2.24 0.97 -3.16
N LEU B 181 -1.43 0.33 -2.31
CA LEU B 181 0.00 0.21 -2.56
C LEU B 181 0.27 -0.34 -3.93
N PHE B 182 -0.48 -1.38 -4.28
CA PHE B 182 -0.40 -2.06 -5.55
C PHE B 182 -0.91 -1.24 -6.69
N VAL B 183 -2.07 -0.67 -6.53
CA VAL B 183 -2.58 0.16 -7.58
C VAL B 183 -1.67 1.32 -7.92
N ASN B 184 -1.12 1.90 -6.87
CA ASN B 184 -0.26 3.03 -7.01
C ASN B 184 0.90 2.60 -7.91
N ALA B 185 1.57 1.51 -7.53
CA ALA B 185 2.75 1.05 -8.26
C ALA B 185 2.47 0.82 -9.74
N MET B 186 1.46 0.00 -10.02
CA MET B 186 0.99 -0.21 -11.36
C MET B 186 0.73 1.11 -12.10
N ALA B 187 0.08 2.04 -11.43
CA ALA B 187 -0.34 3.26 -12.07
C ALA B 187 0.84 4.15 -12.42
N LEU B 188 1.85 4.13 -11.56
CA LEU B 188 3.04 4.89 -11.83
C LEU B 188 3.75 4.37 -13.08
N GLY B 189 3.86 3.03 -13.16
CA GLY B 189 4.31 2.34 -14.35
C GLY B 189 3.61 2.83 -15.62
N LEU B 190 2.29 2.81 -15.60
CA LEU B 190 1.54 3.21 -16.79
C LEU B 190 1.80 4.65 -17.08
N HIS B 191 1.70 5.52 -16.06
CA HIS B 191 1.89 6.95 -16.31
C HIS B 191 3.27 7.19 -16.85
N GLY B 192 4.27 6.59 -16.19
CA GLY B 192 5.66 6.65 -16.63
C GLY B 192 5.78 6.36 -18.10
N GLY B 193 5.43 5.11 -18.44
CA GLY B 193 5.47 4.60 -19.80
C GLY B 193 4.76 5.47 -20.82
N LEU B 194 3.52 5.85 -20.51
CA LEU B 194 2.73 6.56 -21.46
C LEU B 194 3.37 7.87 -21.89
N ILE B 195 3.90 8.63 -20.93
CA ILE B 195 4.56 9.86 -21.30
C ILE B 195 5.76 9.55 -22.18
N LEU B 196 6.52 8.58 -21.74
CA LEU B 196 7.76 8.24 -22.40
C LEU B 196 7.57 7.75 -23.81
N SER B 197 6.48 7.04 -24.04
CA SER B 197 6.15 6.50 -25.34
C SER B 197 5.82 7.60 -26.30
N VAL B 198 5.12 8.61 -25.80
CA VAL B 198 4.69 9.72 -26.62
C VAL B 198 5.85 10.61 -27.02
N ALA B 199 6.78 10.76 -26.07
CA ALA B 199 7.94 11.61 -26.24
C ALA B 199 8.97 10.95 -27.15
N ASN B 200 9.18 9.65 -26.98
CA ASN B 200 10.30 8.99 -27.64
C ASN B 200 9.73 7.85 -28.45
N PRO B 201 9.09 8.17 -29.58
CA PRO B 201 8.23 7.24 -30.31
C PRO B 201 9.01 6.22 -31.14
N GLY B 202 10.35 6.31 -31.07
CA GLY B 202 11.25 5.43 -31.80
C GLY B 202 11.44 5.88 -33.24
N ASP B 203 12.64 5.63 -33.77
CA ASP B 203 13.03 6.03 -35.13
C ASP B 203 13.01 7.57 -35.26
N GLY B 204 12.82 8.07 -36.49
CA GLY B 204 12.58 9.49 -36.75
C GLY B 204 11.09 9.77 -36.85
N ASP B 205 10.30 9.01 -36.09
CA ASP B 205 8.87 9.27 -35.92
C ASP B 205 8.73 10.56 -35.15
N LYS B 206 7.75 11.35 -35.55
CA LYS B 206 7.45 12.59 -34.84
C LYS B 206 6.86 12.32 -33.46
N VAL B 207 7.29 13.10 -32.47
CA VAL B 207 6.63 13.15 -31.15
C VAL B 207 5.11 13.23 -31.31
N LYS B 208 4.38 12.46 -30.51
CA LYS B 208 2.92 12.41 -30.68
C LYS B 208 2.20 13.45 -29.84
N THR B 209 0.88 13.52 -29.99
CA THR B 209 0.08 14.53 -29.30
C THR B 209 -0.62 13.96 -28.07
N ALA B 210 -1.30 14.85 -27.35
CA ALA B 210 -2.17 14.48 -26.23
C ALA B 210 -3.30 13.52 -26.60
N GLU B 211 -3.73 13.61 -27.86
CA GLU B 211 -4.83 12.81 -28.35
C GLU B 211 -4.38 11.37 -28.47
N HIS B 212 -3.13 11.16 -28.88
CA HIS B 212 -2.54 9.84 -28.91
C HIS B 212 -2.46 9.18 -27.56
N GLU B 213 -2.19 9.94 -26.49
CA GLU B 213 -2.24 9.38 -25.13
C GLU B 213 -3.63 8.80 -24.88
N ASN B 214 -4.63 9.64 -25.13
CA ASN B 214 -6.01 9.26 -24.95
C ASN B 214 -6.36 8.04 -25.78
N GLN B 215 -6.06 8.09 -27.06
CA GLN B 215 -6.43 6.99 -27.94
C GLN B 215 -5.91 5.68 -27.41
N TYR B 216 -4.62 5.67 -27.11
CA TYR B 216 -3.95 4.52 -26.61
C TYR B 216 -4.72 3.81 -25.50
N PHE B 217 -5.11 4.53 -24.46
CA PHE B 217 -5.80 3.82 -23.37
C PHE B 217 -7.21 3.46 -23.64
N ARG B 218 -7.89 4.33 -24.38
CA ARG B 218 -9.25 4.09 -24.76
C ARG B 218 -9.33 2.90 -25.70
N ASP B 219 -8.18 2.47 -26.21
CA ASP B 219 -8.13 1.27 -26.99
C ASP B 219 -7.95 0.09 -26.10
N VAL B 220 -6.85 0.09 -25.35
CA VAL B 220 -6.47 -1.05 -24.55
C VAL B 220 -7.52 -1.41 -23.52
N VAL B 221 -7.93 -0.46 -22.69
CA VAL B 221 -8.95 -0.74 -21.67
C VAL B 221 -10.25 0.00 -21.88
N GLY B 222 -10.32 0.81 -22.93
CA GLY B 222 -11.56 1.48 -23.19
C GLY B 222 -11.95 2.66 -22.33
N TYR B 223 -11.07 3.14 -21.48
CA TYR B 223 -11.32 4.41 -20.82
C TYR B 223 -10.06 5.24 -20.72
N SER B 224 -10.16 6.55 -20.82
CA SER B 224 -8.99 7.39 -20.52
C SER B 224 -9.30 8.39 -19.45
N ILE B 225 -8.59 8.31 -18.32
CA ILE B 225 -8.84 9.27 -17.23
C ILE B 225 -8.47 10.70 -17.55
N GLY B 226 -7.60 10.93 -18.52
CA GLY B 226 -7.28 12.28 -18.91
C GLY B 226 -6.08 12.81 -18.14
N ALA B 227 -5.42 13.79 -18.76
CA ALA B 227 -4.06 14.15 -18.42
C ALA B 227 -3.91 14.82 -17.06
N LEU B 228 -4.65 15.88 -16.78
CA LEU B 228 -4.54 16.49 -15.46
C LEU B 228 -4.83 15.47 -14.35
N SER B 229 -5.98 14.84 -14.48
CA SER B 229 -6.60 14.02 -13.46
C SER B 229 -5.77 12.84 -13.05
N ILE B 230 -4.90 12.35 -13.92
CA ILE B 230 -4.06 11.23 -13.55
C ILE B 230 -3.17 11.69 -12.42
N HIS B 231 -2.66 12.91 -12.54
CA HIS B 231 -1.82 13.51 -11.53
C HIS B 231 -2.55 13.61 -10.23
N ARG B 232 -3.76 14.13 -10.33
CA ARG B 232 -4.65 14.21 -9.21
C ARG B 232 -4.89 12.83 -8.59
N LEU B 233 -5.04 11.83 -9.45
CA LEU B 233 -5.42 10.52 -9.00
C LEU B 233 -4.27 9.80 -8.33
N GLY B 234 -3.10 9.94 -8.95
CA GLY B 234 -1.86 9.47 -8.36
C GLY B 234 -1.77 9.92 -6.91
N LEU B 235 -1.87 11.24 -6.70
CA LEU B 235 -1.78 11.80 -5.35
C LEU B 235 -2.74 11.14 -4.36
N PHE B 236 -3.98 10.94 -4.81
CA PHE B 236 -4.99 10.22 -4.07
C PHE B 236 -4.64 8.78 -3.71
N LEU B 237 -4.23 7.98 -4.69
CA LEU B 237 -3.92 6.58 -4.40
C LEU B 237 -2.84 6.51 -3.38
N ALA B 238 -1.71 7.14 -3.71
CA ALA B 238 -0.53 7.27 -2.83
C ALA B 238 -1.00 7.51 -1.41
N SER B 239 -1.74 8.57 -1.24
CA SER B 239 -2.11 9.00 0.07
C SER B 239 -2.93 8.05 0.91
N ASN B 240 -3.78 7.25 0.29
CA ASN B 240 -4.63 6.40 1.11
C ASN B 240 -3.92 5.19 1.54
N ILE B 241 -2.72 4.96 1.00
CA ILE B 241 -1.90 3.90 1.51
C ILE B 241 -1.92 4.03 3.03
N PHE B 242 -1.66 5.25 3.52
CA PHE B 242 -1.49 5.47 4.94
C PHE B 242 -2.74 5.87 5.64
N LEU B 243 -3.59 6.56 4.90
CA LEU B 243 -4.82 7.05 5.47
C LEU B 243 -5.74 5.97 5.89
N THR B 244 -5.87 4.96 5.05
CA THR B 244 -6.71 3.85 5.39
C THR B 244 -5.97 2.96 6.37
N GLY B 245 -4.70 2.71 6.12
CA GLY B 245 -3.95 1.82 6.99
C GLY B 245 -4.00 2.29 8.43
N ALA B 246 -3.85 3.60 8.60
CA ALA B 246 -3.83 4.24 9.92
C ALA B 246 -5.00 3.79 10.76
N PHE B 247 -6.13 3.57 10.10
CA PHE B 247 -7.28 3.03 10.77
C PHE B 247 -7.04 1.64 11.31
N GLY B 248 -6.58 0.74 10.45
CA GLY B 248 -6.27 -0.63 10.87
C GLY B 248 -5.21 -0.72 11.94
N THR B 249 -4.27 0.22 11.91
CA THR B 249 -3.20 0.20 12.86
C THR B 249 -3.75 0.61 14.22
N ILE B 250 -4.42 1.74 14.27
CA ILE B 250 -4.90 2.22 15.53
C ILE B 250 -5.89 1.25 16.17
N ALA B 251 -6.73 0.66 15.34
CA ALA B 251 -7.70 -0.32 15.80
C ALA B 251 -7.11 -1.46 16.60
N SER B 252 -5.95 -1.96 16.15
CA SER B 252 -5.38 -3.20 16.69
C SER B 252 -4.75 -2.94 18.02
N GLY B 253 -5.41 -3.44 19.06
CA GLY B 253 -5.03 -3.17 20.44
C GLY B 253 -6.09 -2.38 21.16
N PRO B 254 -6.25 -1.08 20.83
CA PRO B 254 -7.27 -0.27 21.49
C PRO B 254 -8.69 -0.67 21.15
N PHE B 255 -8.93 -1.19 19.97
CA PHE B 255 -10.30 -1.45 19.58
C PHE B 255 -10.57 -2.84 19.12
N TRP B 256 -9.58 -3.68 19.22
CA TRP B 256 -9.83 -5.01 18.83
C TRP B 256 -8.75 -5.81 19.52
N THR B 257 -9.10 -6.94 20.12
CA THR B 257 -8.06 -7.68 20.79
C THR B 257 -8.07 -9.11 20.37
N ARG B 258 -8.96 -9.44 19.46
CA ARG B 258 -9.03 -10.83 19.06
C ARG B 258 -8.18 -11.00 17.78
N GLY B 259 -8.07 -12.20 17.21
CA GLY B 259 -7.42 -12.34 15.90
C GLY B 259 -8.17 -11.58 14.83
N TRP B 260 -7.47 -11.03 13.85
CA TRP B 260 -8.23 -10.36 12.84
C TRP B 260 -9.20 -11.22 12.05
N PRO B 261 -8.87 -12.48 11.74
CA PRO B 261 -9.89 -13.25 11.04
C PRO B 261 -11.21 -13.33 11.79
N GLU B 262 -11.16 -13.68 13.08
CA GLU B 262 -12.38 -13.70 13.86
C GLU B 262 -13.33 -12.49 13.64
N TRP B 263 -12.79 -11.39 13.14
CA TRP B 263 -13.60 -10.20 13.02
C TRP B 263 -14.57 -10.27 11.86
N TRP B 264 -14.23 -11.03 10.84
CA TRP B 264 -15.09 -11.22 9.71
C TRP B 264 -16.27 -12.08 10.05
N GLY B 265 -16.20 -12.70 11.23
CA GLY B 265 -17.36 -13.33 11.82
C GLY B 265 -18.69 -12.59 11.61
N TRP B 266 -18.63 -11.26 11.70
CA TRP B 266 -19.84 -10.47 11.50
C TRP B 266 -20.60 -10.82 10.27
N TRP B 267 -19.87 -11.09 9.22
CA TRP B 267 -20.51 -11.48 8.04
C TRP B 267 -20.70 -13.01 8.05
N LEU B 268 -19.67 -13.73 8.41
CA LEU B 268 -19.72 -15.14 8.31
C LEU B 268 -20.87 -15.72 9.12
N ASP B 269 -21.38 -14.92 10.04
CA ASP B 269 -22.24 -15.45 11.08
C ASP B 269 -23.63 -14.87 11.23
N ILE B 270 -23.95 -13.92 10.37
CA ILE B 270 -25.30 -13.43 10.20
C ILE B 270 -26.23 -14.64 10.25
N PRO B 271 -27.16 -14.67 11.20
CA PRO B 271 -27.81 -15.91 11.64
C PRO B 271 -28.79 -16.45 10.63
N PHE B 272 -29.17 -15.57 9.70
CA PHE B 272 -30.03 -15.90 8.62
C PHE B 272 -29.55 -17.13 7.83
N TRP B 273 -28.33 -17.02 7.30
CA TRP B 273 -27.72 -18.06 6.48
C TRP B 273 -26.64 -18.85 7.18
N SER B 274 -26.48 -18.61 8.47
CA SER B 274 -25.78 -19.53 9.34
C SER B 274 -26.84 -20.59 9.74
N ALA C 1 -10.15 27.41 -0.48
CA ALA C 1 -9.09 26.62 -1.18
C ALA C 1 -9.15 26.82 -2.70
N ASP C 2 -8.14 26.30 -3.41
CA ASP C 2 -8.23 26.15 -4.86
C ASP C 2 -8.96 24.85 -5.14
N TYR C 3 -10.16 25.00 -5.67
CA TYR C 3 -11.05 23.89 -5.87
C TYR C 3 -10.71 23.12 -7.13
N GLN C 4 -9.98 23.79 -8.03
CA GLN C 4 -9.78 23.30 -9.40
C GLN C 4 -8.77 22.16 -9.57
N THR C 5 -8.10 21.80 -8.48
CA THR C 5 -7.14 20.70 -8.45
C THR C 5 -7.76 19.44 -7.89
N ILE C 6 -8.71 19.63 -6.96
CA ILE C 6 -9.39 18.55 -6.28
C ILE C 6 -10.43 17.90 -7.19
N TYR C 7 -11.35 18.69 -7.71
CA TYR C 7 -12.36 18.22 -8.67
C TYR C 7 -12.58 19.26 -9.75
N THR C 8 -13.40 18.94 -10.73
CA THR C 8 -13.66 19.87 -11.80
C THR C 8 -15.01 20.59 -11.59
N GLN C 9 -14.96 21.92 -11.52
CA GLN C 9 -16.17 22.71 -11.28
C GLN C 9 -17.10 22.81 -12.49
N ILE C 10 -16.59 23.35 -13.61
CA ILE C 10 -17.38 23.45 -14.84
C ILE C 10 -16.90 22.41 -15.84
N GLN C 11 -17.77 21.46 -16.18
CA GLN C 11 -17.42 20.41 -17.14
C GLN C 11 -17.68 20.84 -18.58
N ALA C 12 -16.84 20.35 -19.48
CA ALA C 12 -17.03 20.60 -20.92
C ALA C 12 -17.47 19.37 -21.69
N ARG C 13 -18.32 19.60 -22.68
CA ARG C 13 -18.77 18.55 -23.59
C ARG C 13 -18.53 19.01 -25.02
N GLY C 14 -18.25 18.04 -25.89
CA GLY C 14 -18.00 18.31 -27.30
C GLY C 14 -17.50 17.11 -28.08
N PRO C 15 -17.23 17.31 -29.38
CA PRO C 15 -16.81 16.23 -30.26
C PRO C 15 -15.37 15.79 -29.99
N HIS C 16 -15.22 14.52 -29.59
CA HIS C 16 -13.92 13.86 -29.40
C HIS C 16 -13.38 13.40 -30.75
N ILE C 17 -12.06 13.56 -30.94
CA ILE C 17 -11.40 13.26 -32.20
C ILE C 17 -10.69 11.92 -32.06
N THR C 18 -10.92 11.04 -33.05
CA THR C 18 -10.30 9.72 -33.10
C THR C 18 -8.97 9.78 -33.84
N VAL C 19 -7.93 9.28 -33.18
CA VAL C 19 -6.64 9.11 -33.84
C VAL C 19 -6.72 7.78 -34.58
N SER C 20 -6.56 7.87 -35.88
CA SER C 20 -6.52 6.71 -36.76
C SER C 20 -5.22 5.93 -36.55
N GLY C 21 -5.35 4.62 -36.27
CA GLY C 21 -4.20 3.72 -36.08
C GLY C 21 -3.46 3.35 -37.35
N GLU C 22 -2.57 2.37 -37.24
CA GLU C 22 -1.88 1.81 -38.41
C GLU C 22 -2.82 0.81 -39.07
N TRP C 23 -3.44 0.00 -38.21
CA TRP C 23 -4.47 -0.93 -38.61
C TRP C 23 -5.55 -0.98 -37.51
N GLY C 24 -6.64 -1.69 -37.81
CA GLY C 24 -7.69 -1.97 -36.83
C GLY C 24 -8.31 -0.70 -36.30
N ASP C 25 -8.74 0.14 -37.22
CA ASP C 25 -9.57 1.31 -36.91
C ASP C 25 -11.00 0.82 -36.94
N ASN C 26 -11.17 -0.28 -37.66
CA ASN C 26 -12.43 -0.95 -37.80
C ASN C 26 -12.91 -1.68 -36.52
N ASP C 27 -11.98 -2.26 -35.75
CA ASP C 27 -12.31 -3.07 -34.56
C ASP C 27 -12.49 -2.28 -33.27
N ARG C 28 -13.03 -1.07 -33.40
CA ARG C 28 -13.46 -0.29 -32.24
C ARG C 28 -14.97 -0.46 -32.09
N VAL C 29 -15.38 -0.67 -30.85
CA VAL C 29 -16.62 -1.34 -30.53
C VAL C 29 -17.36 -0.60 -29.44
N GLY C 30 -18.60 -0.21 -29.73
CA GLY C 30 -19.52 0.34 -28.72
C GLY C 30 -19.87 1.82 -28.81
N LYS C 31 -21.05 2.16 -28.29
CA LYS C 31 -21.52 3.54 -28.25
C LYS C 31 -20.95 4.24 -27.04
N PRO C 32 -20.15 5.29 -27.29
CA PRO C 32 -19.49 6.01 -26.22
C PRO C 32 -20.51 6.81 -25.44
N PHE C 33 -20.52 6.63 -24.13
CA PHE C 33 -21.43 7.38 -23.29
C PHE C 33 -20.72 8.16 -22.18
N TYR C 34 -21.47 9.04 -21.53
CA TYR C 34 -20.91 9.94 -20.55
C TYR C 34 -21.37 9.62 -19.13
N SER C 35 -20.54 9.99 -18.16
CA SER C 35 -20.92 9.94 -16.77
C SER C 35 -20.57 11.24 -16.10
N TYR C 36 -21.59 12.00 -15.75
CA TYR C 36 -21.44 13.34 -15.17
C TYR C 36 -20.66 13.31 -13.85
N TRP C 37 -20.87 12.25 -13.08
CA TRP C 37 -20.15 12.07 -11.83
C TRP C 37 -18.68 11.80 -12.06
N LEU C 38 -18.41 10.86 -12.96
CA LEU C 38 -17.07 10.57 -13.40
C LEU C 38 -16.37 11.78 -13.98
N GLY C 39 -17.15 12.65 -14.60
CA GLY C 39 -16.69 13.90 -15.16
C GLY C 39 -16.09 14.84 -14.14
N LYS C 40 -16.35 14.59 -12.85
CA LYS C 40 -15.77 15.41 -11.81
C LYS C 40 -14.34 15.01 -11.41
N ILE C 41 -13.91 13.87 -11.91
CA ILE C 41 -12.55 13.37 -11.68
C ILE C 41 -12.14 12.68 -12.95
N GLY C 42 -11.70 13.47 -13.93
CA GLY C 42 -11.33 12.85 -15.19
C GLY C 42 -12.36 13.02 -16.28
N ASP C 43 -12.07 12.43 -17.44
CA ASP C 43 -12.96 12.50 -18.58
C ASP C 43 -14.21 11.72 -18.22
N ALA C 44 -15.34 12.19 -18.74
CA ALA C 44 -16.63 11.57 -18.49
C ALA C 44 -16.94 10.43 -19.47
N GLN C 45 -16.38 10.49 -20.69
CA GLN C 45 -16.71 9.56 -21.77
C GLN C 45 -16.04 8.19 -21.68
N ILE C 46 -16.87 7.16 -21.88
CA ILE C 46 -16.49 5.83 -21.48
C ILE C 46 -16.30 4.78 -22.56
N GLY C 47 -16.95 4.92 -23.70
CA GLY C 47 -16.64 4.00 -24.81
C GLY C 47 -15.54 4.60 -25.69
N PRO C 48 -15.30 4.04 -26.89
CA PRO C 48 -15.60 2.68 -27.28
C PRO C 48 -14.49 1.79 -26.72
N ILE C 49 -14.14 0.71 -27.43
CA ILE C 49 -13.00 -0.13 -27.08
C ILE C 49 -12.52 -0.88 -28.28
N TYR C 50 -11.21 -1.12 -28.31
CA TYR C 50 -10.65 -1.86 -29.38
C TYR C 50 -10.84 -3.30 -29.08
N LEU C 51 -11.09 -4.03 -30.14
CA LEU C 51 -11.27 -5.43 -30.06
C LEU C 51 -10.03 -6.13 -30.58
N GLY C 52 -10.10 -6.57 -31.84
CA GLY C 52 -9.04 -7.31 -32.50
C GLY C 52 -8.70 -8.65 -31.87
N ALA C 53 -7.68 -9.28 -32.41
CA ALA C 53 -7.42 -10.69 -32.20
C ALA C 53 -6.95 -11.06 -30.82
N SER C 54 -5.96 -10.30 -30.36
CA SER C 54 -5.27 -10.52 -29.10
C SER C 54 -6.31 -10.48 -28.00
N GLY C 55 -7.17 -9.46 -28.07
CA GLY C 55 -8.30 -9.34 -27.18
C GLY C 55 -9.12 -10.62 -27.12
N ILE C 56 -9.79 -10.90 -28.24
CA ILE C 56 -10.50 -12.15 -28.45
C ILE C 56 -9.77 -13.25 -27.72
N ALA C 57 -8.52 -13.50 -28.08
CA ALA C 57 -7.79 -14.58 -27.44
C ALA C 57 -7.70 -14.45 -25.93
N ALA C 58 -7.36 -13.25 -25.46
CA ALA C 58 -7.12 -13.06 -24.03
C ALA C 58 -8.39 -13.41 -23.27
N PHE C 59 -9.50 -12.87 -23.73
CA PHE C 59 -10.78 -13.17 -23.17
C PHE C 59 -11.03 -14.68 -23.16
N ALA C 60 -10.80 -15.31 -24.31
CA ALA C 60 -10.97 -16.74 -24.52
C ALA C 60 -10.33 -17.57 -23.45
N PHE C 61 -9.01 -17.48 -23.33
CA PHE C 61 -8.31 -18.18 -22.27
C PHE C 61 -8.70 -17.73 -20.88
N GLY C 62 -8.83 -16.41 -20.70
CA GLY C 62 -9.12 -15.80 -19.40
C GLY C 62 -10.38 -16.37 -18.78
N SER C 63 -11.44 -16.35 -19.56
CA SER C 63 -12.72 -16.88 -19.17
C SER C 63 -12.69 -18.36 -18.80
N THR C 64 -12.10 -19.17 -19.68
CA THR C 64 -11.93 -20.60 -19.42
C THR C 64 -11.33 -20.81 -18.04
N ALA C 65 -10.26 -20.07 -17.78
CA ALA C 65 -9.60 -20.08 -16.49
C ALA C 65 -10.63 -19.79 -15.40
N ILE C 66 -11.24 -18.62 -15.48
CA ILE C 66 -12.23 -18.19 -14.49
C ILE C 66 -13.30 -19.27 -14.22
N LEU C 67 -13.91 -19.75 -15.30
CA LEU C 67 -14.82 -20.86 -15.23
C LEU C 67 -14.30 -22.04 -14.43
N ILE C 68 -13.13 -22.55 -14.77
CA ILE C 68 -12.55 -23.66 -14.06
C ILE C 68 -12.37 -23.29 -12.59
N ILE C 69 -11.94 -22.07 -12.34
CA ILE C 69 -11.73 -21.67 -10.96
C ILE C 69 -13.05 -21.74 -10.23
N LEU C 70 -14.00 -20.90 -10.64
CA LEU C 70 -15.29 -20.78 -9.96
C LEU C 70 -15.96 -22.09 -9.80
N PHE C 71 -16.02 -22.85 -10.91
CA PHE C 71 -16.71 -24.11 -10.89
C PHE C 71 -16.19 -24.99 -9.77
N ASN C 72 -14.88 -25.01 -9.60
CA ASN C 72 -14.32 -25.82 -8.57
C ASN C 72 -14.56 -25.32 -7.18
N MET C 73 -14.65 -24.00 -7.06
CA MET C 73 -15.04 -23.34 -5.83
C MET C 73 -16.45 -23.71 -5.44
N ALA C 74 -17.36 -23.74 -6.42
CA ALA C 74 -18.72 -24.22 -6.17
C ALA C 74 -18.74 -25.63 -5.65
N ALA C 75 -17.97 -26.44 -6.32
CA ALA C 75 -17.88 -27.81 -5.99
C ALA C 75 -17.41 -28.02 -4.53
N GLU C 76 -16.73 -27.02 -3.97
CA GLU C 76 -16.23 -27.09 -2.62
C GLU C 76 -17.38 -26.97 -1.62
N VAL C 77 -18.37 -26.14 -1.95
CA VAL C 77 -19.57 -26.02 -1.09
C VAL C 77 -20.67 -26.95 -1.56
N HIS C 78 -20.31 -27.89 -2.42
CA HIS C 78 -21.27 -28.84 -2.99
C HIS C 78 -22.41 -28.17 -3.72
N PHE C 79 -22.11 -27.04 -4.34
CA PHE C 79 -23.08 -26.34 -5.17
C PHE C 79 -24.26 -25.70 -4.45
N ASP C 80 -24.27 -25.71 -3.11
CA ASP C 80 -25.33 -24.97 -2.40
C ASP C 80 -25.18 -23.49 -2.70
N PRO C 81 -26.17 -22.92 -3.41
CA PRO C 81 -26.00 -21.54 -3.85
C PRO C 81 -25.90 -20.57 -2.69
N LEU C 82 -26.79 -20.69 -1.70
CA LEU C 82 -26.71 -19.77 -0.56
C LEU C 82 -25.34 -19.82 0.09
N GLN C 83 -24.89 -21.02 0.45
CA GLN C 83 -23.62 -21.20 1.12
C GLN C 83 -22.46 -20.66 0.31
N PHE C 84 -22.52 -20.87 -1.01
CA PHE C 84 -21.49 -20.37 -1.90
C PHE C 84 -21.27 -18.90 -1.66
N PHE C 85 -22.35 -18.18 -1.76
CA PHE C 85 -22.28 -16.79 -1.62
C PHE C 85 -21.86 -16.35 -0.21
N ARG C 86 -22.20 -17.09 0.82
CA ARG C 86 -21.73 -16.72 2.13
C ARG C 86 -20.24 -17.04 2.25
N GLN C 87 -19.82 -18.20 1.80
CA GLN C 87 -18.48 -18.71 2.11
C GLN C 87 -17.41 -18.29 1.11
N PHE C 88 -17.80 -17.48 0.15
CA PHE C 88 -17.02 -17.28 -1.04
C PHE C 88 -15.54 -16.98 -0.89
N PHE C 89 -15.20 -16.04 -0.02
CA PHE C 89 -13.79 -15.76 0.25
C PHE C 89 -13.00 -16.90 0.83
N TRP C 90 -13.65 -17.77 1.57
CA TRP C 90 -12.94 -18.89 2.09
C TRP C 90 -12.82 -20.06 1.08
N LEU C 91 -13.41 -19.96 -0.09
CA LEU C 91 -13.31 -21.06 -1.04
C LEU C 91 -12.13 -20.91 -1.96
N GLY C 92 -11.49 -22.01 -2.29
CA GLY C 92 -10.47 -21.95 -3.33
C GLY C 92 -10.15 -23.16 -4.17
N LEU C 93 -9.37 -22.90 -5.22
CA LEU C 93 -8.84 -23.95 -6.06
C LEU C 93 -7.38 -24.21 -5.64
N TYR C 94 -7.10 -25.38 -5.06
CA TYR C 94 -5.75 -25.58 -4.49
C TYR C 94 -4.87 -26.43 -5.35
N PRO C 95 -3.54 -26.18 -5.36
CA PRO C 95 -2.61 -27.12 -6.01
C PRO C 95 -2.46 -28.39 -5.19
N PRO C 96 -1.66 -29.36 -5.66
CA PRO C 96 -1.62 -30.73 -5.10
C PRO C 96 -1.09 -30.78 -3.70
N LYS C 97 -1.64 -31.69 -2.92
CA LYS C 97 -1.38 -31.71 -1.49
C LYS C 97 -0.47 -32.87 -1.15
N ALA C 98 -0.37 -33.83 -2.05
CA ALA C 98 0.59 -34.89 -1.87
C ALA C 98 1.86 -34.54 -2.63
N GLN C 99 2.94 -35.26 -2.35
CA GLN C 99 4.15 -35.07 -3.15
C GLN C 99 4.16 -35.94 -4.43
N TYR C 100 3.96 -35.30 -5.58
CA TYR C 100 4.03 -35.99 -6.86
C TYR C 100 5.21 -35.49 -7.69
N GLY C 101 6.06 -34.69 -7.06
CA GLY C 101 7.12 -33.97 -7.76
C GLY C 101 6.49 -33.12 -8.83
N MET C 102 6.94 -33.29 -10.06
CA MET C 102 6.41 -32.43 -11.11
C MET C 102 5.46 -33.09 -12.09
N GLY C 103 5.01 -34.30 -11.75
CA GLY C 103 4.06 -35.04 -12.59
C GLY C 103 2.74 -34.33 -12.68
N ILE C 104 2.08 -34.40 -13.84
CA ILE C 104 0.74 -33.82 -13.97
C ILE C 104 -0.19 -34.56 -12.97
N PRO C 105 -0.66 -33.84 -11.92
CA PRO C 105 -1.37 -34.44 -10.75
C PRO C 105 -2.78 -34.84 -11.10
N PRO C 106 -3.37 -35.78 -10.33
CA PRO C 106 -4.73 -36.27 -10.60
C PRO C 106 -5.76 -35.13 -10.60
N LEU C 107 -6.86 -35.32 -11.31
CA LEU C 107 -7.84 -34.25 -11.48
C LEU C 107 -8.30 -33.67 -10.17
N HIS C 108 -8.74 -34.57 -9.30
CA HIS C 108 -9.30 -34.27 -7.98
C HIS C 108 -8.27 -33.70 -6.98
N ASP C 109 -6.98 -33.93 -7.18
CA ASP C 109 -5.94 -33.31 -6.34
C ASP C 109 -4.92 -32.47 -7.12
N GLY C 110 -5.34 -31.28 -7.51
CA GLY C 110 -4.42 -30.37 -8.15
C GLY C 110 -4.50 -30.36 -9.66
N GLY C 111 -5.14 -31.36 -10.24
CA GLY C 111 -5.22 -31.46 -11.68
C GLY C 111 -5.84 -30.21 -12.26
N TRP C 112 -7.04 -29.89 -11.77
CA TRP C 112 -7.77 -28.71 -12.23
C TRP C 112 -7.01 -27.43 -11.96
N TRP C 113 -6.34 -27.37 -10.80
CA TRP C 113 -5.44 -26.27 -10.48
C TRP C 113 -4.49 -25.94 -11.62
N LEU C 114 -3.83 -26.98 -12.08
CA LEU C 114 -2.84 -26.84 -13.09
C LEU C 114 -3.44 -26.29 -14.37
N MET C 115 -4.59 -26.80 -14.78
CA MET C 115 -5.18 -26.38 -16.05
C MET C 115 -5.47 -24.91 -16.08
N ALA C 116 -6.08 -24.41 -15.00
CA ALA C 116 -6.45 -23.00 -14.86
C ALA C 116 -5.20 -22.15 -14.89
N GLY C 117 -4.17 -22.66 -14.22
CA GLY C 117 -2.85 -22.05 -14.24
C GLY C 117 -2.35 -21.77 -15.65
N LEU C 118 -2.40 -22.80 -16.49
CA LEU C 118 -1.93 -22.70 -17.85
C LEU C 118 -2.75 -21.67 -18.63
N PHE C 119 -4.06 -21.65 -18.41
CA PHE C 119 -4.91 -20.76 -19.15
C PHE C 119 -4.75 -19.34 -18.73
N MET C 120 -4.57 -19.12 -17.43
CA MET C 120 -4.31 -17.78 -16.91
C MET C 120 -3.05 -17.24 -17.58
N THR C 121 -2.03 -18.08 -17.60
CA THR C 121 -0.77 -17.81 -18.27
C THR C 121 -1.00 -17.35 -19.69
N LEU C 122 -1.67 -18.17 -20.47
CA LEU C 122 -2.04 -17.80 -21.82
C LEU C 122 -2.80 -16.47 -21.93
N SER C 123 -3.82 -16.21 -21.11
CA SER C 123 -4.50 -14.92 -21.27
C SER C 123 -3.50 -13.77 -21.07
N LEU C 124 -2.68 -13.87 -20.01
CA LEU C 124 -1.73 -12.81 -19.67
C LEU C 124 -0.96 -12.43 -20.87
N GLY C 125 -0.38 -13.45 -21.48
CA GLY C 125 0.33 -13.31 -22.75
C GLY C 125 -0.44 -12.66 -23.89
N SER C 126 -1.69 -13.09 -24.06
CA SER C 126 -2.41 -12.60 -25.19
C SER C 126 -2.56 -11.12 -25.01
N TRP C 127 -2.79 -10.77 -23.74
CA TRP C 127 -3.00 -9.42 -23.36
C TRP C 127 -1.74 -8.63 -23.60
N TRP C 128 -0.61 -9.22 -23.26
CA TRP C 128 0.67 -8.56 -23.42
C TRP C 128 0.81 -8.12 -24.82
N ILE C 129 0.39 -8.97 -25.71
CA ILE C 129 0.51 -8.70 -27.10
C ILE C 129 -0.35 -7.52 -27.48
N ARG C 130 -1.55 -7.50 -26.92
CA ARG C 130 -2.46 -6.42 -27.14
C ARG C 130 -1.75 -5.09 -26.85
N VAL C 131 -1.18 -5.01 -25.65
CA VAL C 131 -0.57 -3.80 -25.15
C VAL C 131 0.57 -3.37 -26.06
N TYR C 132 1.37 -4.34 -26.43
CA TYR C 132 2.52 -4.10 -27.22
C TYR C 132 2.15 -3.68 -28.63
N SER C 133 1.24 -4.42 -29.26
CA SER C 133 0.83 -4.13 -30.61
C SER C 133 0.17 -2.77 -30.75
N ARG C 134 -0.71 -2.44 -29.82
CA ARG C 134 -1.48 -1.22 -29.91
C ARG C 134 -0.56 -0.04 -29.93
N ALA C 135 0.48 -0.14 -29.14
CA ALA C 135 1.51 0.88 -29.09
C ALA C 135 2.09 1.11 -30.47
N ARG C 136 2.52 0.04 -31.08
CA ARG C 136 3.10 0.08 -32.41
C ARG C 136 2.11 0.56 -33.45
N ALA C 137 0.85 0.13 -33.33
CA ALA C 137 -0.23 0.64 -34.16
C ALA C 137 -0.37 2.16 -34.20
N LEU C 138 -0.08 2.82 -33.08
CA LEU C 138 -0.31 4.25 -32.99
C LEU C 138 0.99 5.03 -32.97
N GLY C 139 2.08 4.38 -33.36
CA GLY C 139 3.38 5.01 -33.49
C GLY C 139 4.04 5.48 -32.21
N LEU C 140 3.59 4.94 -31.09
CA LEU C 140 4.21 5.24 -29.81
C LEU C 140 5.37 4.30 -29.54
N GLY C 141 6.03 4.57 -28.42
CA GLY C 141 7.11 3.73 -27.93
C GLY C 141 6.55 2.60 -27.11
N THR C 142 7.37 1.61 -26.84
CA THR C 142 6.86 0.39 -26.25
C THR C 142 6.99 0.25 -24.73
N HIS C 143 7.22 1.36 -24.05
CA HIS C 143 7.56 1.30 -22.64
C HIS C 143 6.52 0.60 -21.81
N ILE C 144 5.24 0.81 -22.11
CA ILE C 144 4.26 0.22 -21.22
C ILE C 144 4.40 -1.28 -21.29
N ALA C 145 4.50 -1.79 -22.52
CA ALA C 145 4.67 -3.22 -22.75
C ALA C 145 5.79 -3.86 -21.96
N TRP C 146 6.85 -3.11 -21.77
CA TRP C 146 7.98 -3.70 -21.11
C TRP C 146 7.83 -3.69 -19.65
N ASN C 147 7.20 -2.65 -19.14
CA ASN C 147 6.96 -2.64 -17.74
C ASN C 147 6.08 -3.87 -17.48
N PHE C 148 5.02 -4.00 -18.26
CA PHE C 148 3.99 -5.01 -18.03
C PHE C 148 4.58 -6.38 -18.06
N ALA C 149 5.55 -6.52 -18.94
CA ALA C 149 6.31 -7.71 -19.07
C ALA C 149 6.80 -8.21 -17.70
N ALA C 150 7.55 -7.35 -17.00
CA ALA C 150 8.17 -7.73 -15.73
C ALA C 150 7.18 -8.26 -14.73
N ALA C 151 6.03 -7.59 -14.69
CA ALA C 151 4.95 -8.00 -13.84
C ALA C 151 4.62 -9.44 -14.16
N ILE C 152 4.43 -9.72 -15.46
CA ILE C 152 4.01 -11.04 -15.90
C ILE C 152 5.01 -12.09 -15.49
N PHE C 153 6.28 -11.75 -15.68
CA PHE C 153 7.35 -12.65 -15.33
C PHE C 153 7.34 -13.04 -13.86
N PHE C 154 7.08 -12.07 -12.99
CA PHE C 154 7.01 -12.35 -11.58
C PHE C 154 5.86 -13.32 -11.28
N VAL C 155 4.74 -13.14 -11.96
CA VAL C 155 3.63 -14.09 -11.85
C VAL C 155 4.11 -15.49 -12.25
N LEU C 156 4.83 -15.58 -13.35
CA LEU C 156 5.42 -16.85 -13.75
C LEU C 156 6.31 -17.51 -12.72
N CYS C 157 7.18 -16.71 -12.12
CA CYS C 157 8.07 -17.16 -11.09
C CYS C 157 7.34 -17.81 -9.98
N ILE C 158 6.34 -17.14 -9.40
CA ILE C 158 5.64 -17.75 -8.25
C ILE C 158 4.63 -18.82 -8.63
N GLY C 159 4.26 -18.83 -9.91
CA GLY C 159 3.29 -19.79 -10.40
C GLY C 159 3.84 -21.15 -10.77
N CYS C 160 4.93 -21.18 -11.55
CA CYS C 160 5.47 -22.43 -12.06
C CYS C 160 7.00 -22.56 -12.01
N ILE C 161 7.72 -21.52 -12.42
CA ILE C 161 9.19 -21.53 -12.37
C ILE C 161 9.78 -21.96 -11.01
N HIS C 162 9.40 -21.27 -9.93
CA HIS C 162 9.94 -21.66 -8.64
C HIS C 162 9.55 -23.12 -8.40
N PRO C 163 8.24 -23.45 -8.48
CA PRO C 163 7.85 -24.87 -8.26
C PRO C 163 8.79 -25.80 -9.00
N THR C 164 9.09 -25.43 -10.22
CA THR C 164 9.94 -26.19 -11.03
C THR C 164 11.36 -26.36 -10.54
N LEU C 165 12.01 -25.26 -10.21
CA LEU C 165 13.39 -25.35 -9.77
C LEU C 165 13.54 -26.15 -8.50
N VAL C 166 12.54 -26.14 -7.64
CA VAL C 166 12.62 -27.05 -6.50
C VAL C 166 11.98 -28.39 -6.80
N GLY C 167 11.19 -28.38 -7.88
CA GLY C 167 10.59 -29.59 -8.43
C GLY C 167 9.44 -30.21 -7.69
N SER C 168 8.43 -29.39 -7.43
CA SER C 168 7.16 -29.82 -6.89
C SER C 168 6.08 -28.80 -7.16
N TRP C 169 4.96 -29.26 -7.69
CA TRP C 169 3.86 -28.38 -7.93
C TRP C 169 3.24 -27.92 -6.64
N SER C 170 3.36 -28.68 -5.56
CA SER C 170 2.89 -28.28 -4.21
C SER C 170 3.16 -26.83 -3.75
N GLU C 171 4.13 -26.18 -4.37
CA GLU C 171 4.56 -24.87 -3.97
C GLU C 171 3.84 -23.75 -4.69
N GLY C 172 2.83 -24.09 -5.51
CA GLY C 172 2.05 -23.10 -6.28
C GLY C 172 1.13 -22.25 -5.40
N VAL C 173 0.90 -21.01 -5.81
CA VAL C 173 -0.12 -20.17 -5.20
C VAL C 173 -1.50 -20.74 -5.53
N PRO C 174 -2.43 -20.80 -4.56
CA PRO C 174 -3.81 -21.26 -4.86
C PRO C 174 -4.70 -20.15 -5.36
N PHE C 175 -5.79 -20.46 -6.06
CA PHE C 175 -6.75 -19.41 -6.46
C PHE C 175 -7.81 -19.25 -5.40
N GLY C 176 -8.18 -18.00 -5.10
CA GLY C 176 -9.16 -17.70 -4.05
C GLY C 176 -8.74 -16.55 -3.18
N ILE C 177 -9.69 -15.75 -2.72
CA ILE C 177 -9.35 -14.57 -1.94
C ILE C 177 -8.54 -14.91 -0.72
N TRP C 178 -9.16 -15.44 0.32
CA TRP C 178 -8.34 -15.74 1.47
C TRP C 178 -7.22 -16.72 1.12
N PRO C 179 -7.49 -17.80 0.36
CA PRO C 179 -6.43 -18.77 0.27
C PRO C 179 -5.19 -18.31 -0.47
N HIS C 180 -5.31 -17.39 -1.43
CA HIS C 180 -4.08 -16.87 -2.01
C HIS C 180 -3.29 -16.13 -1.00
N ILE C 181 -3.92 -15.73 0.06
CA ILE C 181 -3.19 -15.05 1.06
C ILE C 181 -2.57 -15.98 2.08
N ASP C 182 -3.26 -17.05 2.41
CA ASP C 182 -2.71 -18.00 3.34
C ASP C 182 -1.38 -18.50 2.79
N TRP C 183 -1.27 -18.52 1.46
CA TRP C 183 -0.08 -18.97 0.80
C TRP C 183 1.08 -18.16 1.30
N LEU C 184 0.96 -16.84 1.24
CA LEU C 184 1.99 -15.94 1.71
C LEU C 184 2.62 -16.35 3.04
N THR C 185 1.82 -16.62 4.03
CA THR C 185 2.36 -16.98 5.33
C THR C 185 3.10 -18.30 5.26
N ALA C 186 2.44 -19.32 4.73
CA ALA C 186 3.02 -20.64 4.60
C ALA C 186 4.38 -20.52 3.97
N PHE C 187 4.42 -19.81 2.85
CA PHE C 187 5.60 -19.73 2.05
C PHE C 187 6.70 -19.10 2.84
N SER C 188 6.35 -18.06 3.60
CA SER C 188 7.32 -17.37 4.42
C SER C 188 7.84 -18.22 5.56
N ILE C 189 6.93 -18.84 6.30
CA ILE C 189 7.32 -19.76 7.35
C ILE C 189 8.32 -20.79 6.81
N ARG C 190 8.06 -21.32 5.62
CA ARG C 190 8.82 -22.43 5.07
C ARG C 190 10.21 -22.01 4.76
N TYR C 191 10.37 -20.83 4.18
CA TYR C 191 11.70 -20.38 3.83
C TYR C 191 12.37 -19.47 4.84
N GLY C 192 12.03 -19.70 6.10
CA GLY C 192 12.72 -19.12 7.25
C GLY C 192 12.66 -17.60 7.33
N ASN C 193 11.47 -17.03 7.05
CA ASN C 193 11.09 -15.61 7.29
C ASN C 193 11.53 -14.64 6.23
N PHE C 194 10.56 -14.14 5.52
CA PHE C 194 10.86 -13.38 4.37
C PHE C 194 11.36 -11.96 4.66
N TYR C 195 11.28 -11.48 5.90
CA TYR C 195 11.68 -10.09 6.15
C TYR C 195 13.15 -10.06 5.98
N TYR C 196 13.77 -11.16 6.40
CA TYR C 196 15.17 -11.39 6.21
C TYR C 196 15.72 -11.74 4.81
N CYS C 197 14.89 -11.96 3.80
CA CYS C 197 15.41 -12.06 2.42
C CYS C 197 15.75 -10.67 1.80
N PRO C 198 16.97 -10.48 1.31
CA PRO C 198 17.31 -9.17 0.73
C PRO C 198 16.48 -8.72 -0.45
N TRP C 199 15.95 -9.63 -1.25
CA TRP C 199 15.26 -9.12 -2.41
C TRP C 199 13.87 -8.64 -2.05
N HIS C 200 13.33 -9.23 -0.98
CA HIS C 200 12.08 -8.77 -0.40
C HIS C 200 12.30 -7.34 0.02
N GLY C 201 13.44 -7.11 0.66
CA GLY C 201 13.89 -5.76 0.96
C GLY C 201 13.81 -4.85 -0.24
N PHE C 202 14.71 -5.07 -1.20
CA PHE C 202 14.78 -4.27 -2.42
C PHE C 202 13.43 -3.90 -2.94
N SER C 203 12.64 -4.96 -3.12
CA SER C 203 11.36 -4.82 -3.72
C SER C 203 10.59 -3.73 -2.98
N ILE C 204 10.46 -3.91 -1.66
CA ILE C 204 9.66 -3.04 -0.83
C ILE C 204 10.16 -1.62 -0.92
N GLY C 205 11.49 -1.51 -0.89
CA GLY C 205 12.12 -0.23 -1.09
C GLY C 205 11.54 0.45 -2.29
N PHE C 206 11.61 -0.23 -3.42
CA PHE C 206 11.13 0.36 -4.65
C PHE C 206 9.64 0.65 -4.63
N ALA C 207 8.91 -0.20 -3.90
CA ALA C 207 7.45 -0.09 -3.84
C ALA C 207 7.05 1.14 -3.07
N TYR C 208 7.54 1.27 -1.83
CA TYR C 208 7.43 2.52 -1.11
C TYR C 208 7.95 3.68 -1.94
N GLY C 209 9.08 3.47 -2.58
CA GLY C 209 9.60 4.43 -3.53
C GLY C 209 8.53 4.98 -4.45
N CYS C 210 7.72 4.06 -4.99
CA CYS C 210 6.70 4.46 -5.93
C CYS C 210 5.72 5.38 -5.27
N GLY C 211 5.35 5.02 -4.03
CA GLY C 211 4.45 5.80 -3.18
C GLY C 211 4.96 7.22 -3.10
N LEU C 212 6.15 7.34 -2.53
CA LEU C 212 6.84 8.59 -2.46
C LEU C 212 6.83 9.36 -3.80
N LEU C 213 7.22 8.69 -4.85
CA LEU C 213 7.36 9.35 -6.10
C LEU C 213 6.06 9.85 -6.70
N PHE C 214 5.01 9.04 -6.63
CA PHE C 214 3.77 9.45 -7.20
C PHE C 214 3.17 10.60 -6.42
N ALA C 215 3.10 10.43 -5.10
CA ALA C 215 2.70 11.53 -4.20
C ALA C 215 3.46 12.80 -4.57
N ALA C 216 4.77 12.70 -4.69
CA ALA C 216 5.54 13.85 -5.02
C ALA C 216 5.22 14.39 -6.41
N HIS C 217 5.33 13.54 -7.43
CA HIS C 217 5.09 14.01 -8.79
C HIS C 217 3.70 14.57 -8.88
N GLY C 218 2.76 13.81 -8.33
CA GLY C 218 1.35 14.17 -8.31
C GLY C 218 1.15 15.55 -7.74
N ALA C 219 1.57 15.69 -6.50
CA ALA C 219 1.53 16.96 -5.81
C ALA C 219 2.22 18.09 -6.59
N THR C 220 3.41 17.82 -7.12
CA THR C 220 4.15 18.83 -7.88
C THR C 220 3.36 19.35 -9.05
N ILE C 221 2.77 18.47 -9.84
CA ILE C 221 2.01 18.93 -11.00
C ILE C 221 0.83 19.80 -10.59
N LEU C 222 0.08 19.37 -9.59
CA LEU C 222 -1.05 20.14 -9.12
C LEU C 222 -0.64 21.47 -8.62
N ALA C 223 0.50 21.51 -7.94
CA ALA C 223 1.02 22.78 -7.42
C ALA C 223 1.33 23.77 -8.51
N VAL C 224 1.57 23.28 -9.73
CA VAL C 224 1.95 24.15 -10.83
C VAL C 224 0.93 24.11 -11.95
N ALA C 225 -0.21 23.52 -11.65
CA ALA C 225 -1.32 23.43 -12.59
C ALA C 225 -1.85 24.80 -13.04
N ARG C 226 -1.70 25.81 -12.16
CA ARG C 226 -2.05 27.20 -12.43
C ARG C 226 -1.29 27.84 -13.58
N PHE C 227 -0.17 27.24 -13.95
CA PHE C 227 0.63 27.72 -15.04
C PHE C 227 0.52 26.79 -16.25
N GLY C 228 -0.37 25.80 -16.12
CA GLY C 228 -0.66 24.80 -17.16
C GLY C 228 0.42 23.74 -17.27
N GLY C 229 0.84 23.25 -16.11
CA GLY C 229 1.92 22.28 -16.03
C GLY C 229 1.43 20.87 -16.25
N ASP C 230 0.11 20.69 -16.21
CA ASP C 230 -0.53 19.40 -16.48
C ASP C 230 -0.42 19.05 -17.96
N ARG C 231 -0.14 20.07 -18.78
CA ARG C 231 0.10 19.88 -20.20
C ARG C 231 1.55 19.41 -20.43
N GLU C 232 1.79 18.19 -19.97
CA GLU C 232 3.13 17.67 -19.73
C GLU C 232 3.94 17.52 -20.99
N ILE C 233 3.30 17.26 -22.12
CA ILE C 233 4.08 16.96 -23.33
C ILE C 233 4.66 18.20 -24.00
N GLU C 234 3.86 19.26 -24.03
CA GLU C 234 4.28 20.55 -24.59
C GLU C 234 5.36 21.14 -23.73
N GLN C 235 5.28 20.89 -22.42
CA GLN C 235 6.33 21.24 -21.50
C GLN C 235 7.65 20.59 -21.87
N ILE C 236 7.62 19.36 -22.40
CA ILE C 236 8.86 18.65 -22.83
C ILE C 236 9.54 19.30 -24.03
N THR C 237 8.73 19.65 -25.01
CA THR C 237 9.26 20.20 -26.23
C THR C 237 9.48 21.72 -26.17
N ASP C 238 8.75 22.43 -25.29
CA ASP C 238 8.85 23.91 -25.14
C ASP C 238 8.69 24.41 -23.72
N ARG C 239 9.80 24.33 -22.96
CA ARG C 239 9.81 24.50 -21.49
C ARG C 239 9.27 25.85 -21.03
N GLY C 240 8.17 25.80 -20.26
CA GLY C 240 7.48 26.98 -19.73
C GLY C 240 7.72 27.21 -18.24
N THR C 241 7.22 28.34 -17.73
CA THR C 241 7.49 28.71 -16.32
C THR C 241 7.09 27.59 -15.37
N ALA C 242 6.11 26.79 -15.82
CA ALA C 242 5.50 25.76 -15.01
C ALA C 242 6.56 24.84 -14.45
N VAL C 243 7.30 24.23 -15.35
CA VAL C 243 8.22 23.20 -14.94
C VAL C 243 9.54 23.81 -14.49
N GLU C 244 9.78 25.05 -14.90
CA GLU C 244 10.89 25.79 -14.35
C GLU C 244 10.73 25.89 -12.83
N ARG C 245 9.54 26.34 -12.40
CA ARG C 245 9.24 26.37 -10.99
C ARG C 245 9.32 24.99 -10.37
N ALA C 246 8.61 24.04 -10.94
CA ALA C 246 8.65 22.68 -10.43
C ALA C 246 10.08 22.19 -10.15
N ALA C 247 11.00 22.47 -11.07
CA ALA C 247 12.40 22.06 -10.96
C ALA C 247 13.04 22.77 -9.79
N LEU C 248 12.94 24.10 -9.82
CA LEU C 248 13.45 24.92 -8.76
C LEU C 248 13.01 24.49 -7.39
N PHE C 249 11.71 24.29 -7.23
CA PHE C 249 11.19 23.77 -6.00
C PHE C 249 11.99 22.58 -5.54
N TRP C 250 12.17 21.58 -6.38
CA TRP C 250 12.85 20.38 -5.88
C TRP C 250 14.32 20.61 -5.62
N ARG C 251 14.97 21.34 -6.53
CA ARG C 251 16.36 21.71 -6.35
C ARG C 251 16.55 22.40 -5.02
N TRP C 252 15.78 23.47 -4.73
CA TRP C 252 15.94 24.10 -3.41
C TRP C 252 15.62 23.24 -2.19
N THR C 253 15.24 22.00 -2.38
CA THR C 253 14.82 21.24 -1.25
C THR C 253 15.67 20.05 -0.98
N ILE C 254 15.89 19.22 -1.99
CA ILE C 254 16.70 18.06 -1.75
C ILE C 254 17.99 18.25 -2.46
N GLY C 255 18.05 19.29 -3.28
CA GLY C 255 19.33 19.76 -3.71
C GLY C 255 19.73 19.26 -5.07
N PHE C 256 18.83 18.55 -5.74
CA PHE C 256 19.03 18.23 -7.15
C PHE C 256 17.67 18.01 -7.73
N ASN C 257 17.55 18.16 -9.04
CA ASN C 257 16.24 18.06 -9.60
C ASN C 257 16.25 17.15 -10.81
N ALA C 258 15.06 16.99 -11.40
CA ALA C 258 14.83 16.27 -12.64
C ALA C 258 14.37 17.23 -13.73
N THR C 259 13.91 16.66 -14.84
CA THR C 259 13.22 17.43 -15.88
C THR C 259 11.80 16.92 -15.91
N ILE C 260 10.96 17.64 -16.63
CA ILE C 260 9.60 17.18 -16.78
C ILE C 260 9.56 15.81 -17.47
N GLU C 261 10.41 15.63 -18.47
CA GLU C 261 10.52 14.36 -19.14
C GLU C 261 11.08 13.25 -18.20
N SER C 262 12.26 13.48 -17.62
CA SER C 262 13.01 12.43 -16.92
C SER C 262 12.41 11.92 -15.62
N VAL C 263 11.58 12.72 -14.98
CA VAL C 263 10.91 12.30 -13.77
C VAL C 263 10.08 11.07 -14.11
N HIS C 264 9.56 11.07 -15.33
CA HIS C 264 8.77 9.98 -15.79
C HIS C 264 9.64 8.74 -15.87
N ARG C 265 10.86 8.88 -16.38
CA ARG C 265 11.80 7.77 -16.38
C ARG C 265 11.99 7.21 -15.01
N TRP C 266 12.26 8.09 -14.04
CA TRP C 266 12.52 7.62 -12.68
C TRP C 266 11.37 6.72 -12.21
N GLY C 267 10.14 7.21 -12.41
CA GLY C 267 8.94 6.54 -11.96
C GLY C 267 8.79 5.21 -12.66
N TRP C 268 9.00 5.23 -13.96
CA TRP C 268 8.93 4.05 -14.76
C TRP C 268 9.97 3.04 -14.29
N PHE C 269 11.15 3.52 -13.95
CA PHE C 269 12.23 2.65 -13.52
C PHE C 269 11.91 1.99 -12.19
N PHE C 270 11.39 2.77 -11.25
CA PHE C 270 11.08 2.28 -9.93
C PHE C 270 10.01 1.24 -10.04
N SER C 271 8.99 1.53 -10.86
CA SER C 271 7.91 0.60 -11.03
C SER C 271 8.47 -0.76 -11.47
N LEU C 272 9.15 -0.75 -12.59
CA LEU C 272 9.78 -1.94 -13.11
C LEU C 272 10.53 -2.78 -12.07
N MET C 273 11.37 -2.07 -11.37
CA MET C 273 12.26 -2.66 -10.43
C MET C 273 11.61 -3.41 -9.29
N VAL C 274 10.39 -3.03 -8.92
CA VAL C 274 9.64 -3.76 -7.89
C VAL C 274 9.59 -5.21 -8.33
N MET C 275 9.21 -5.39 -9.60
CA MET C 275 8.84 -6.69 -10.10
C MET C 275 10.04 -7.54 -10.36
N VAL C 276 11.10 -6.87 -10.74
CA VAL C 276 12.31 -7.54 -11.06
C VAL C 276 12.96 -8.05 -9.79
N SER C 277 13.20 -7.12 -8.86
CA SER C 277 13.72 -7.44 -7.54
C SER C 277 13.02 -8.66 -6.98
N ALA C 278 11.68 -8.61 -6.99
CA ALA C 278 10.85 -9.71 -6.54
C ALA C 278 11.21 -11.03 -7.18
N SER C 279 11.37 -11.01 -8.51
CA SER C 279 11.56 -12.22 -9.28
C SER C 279 12.84 -12.88 -8.89
N VAL C 280 13.86 -12.06 -8.76
CA VAL C 280 15.12 -12.58 -8.33
C VAL C 280 15.00 -13.31 -7.03
N GLY C 281 14.49 -12.61 -6.02
CA GLY C 281 14.32 -13.22 -4.72
C GLY C 281 13.62 -14.56 -4.79
N ILE C 282 12.55 -14.59 -5.57
CA ILE C 282 11.82 -15.81 -5.67
C ILE C 282 12.66 -16.91 -6.26
N LEU C 283 13.40 -16.60 -7.31
CA LEU C 283 14.26 -17.60 -7.93
C LEU C 283 15.34 -18.16 -7.01
N LEU C 284 15.96 -17.30 -6.21
CA LEU C 284 17.01 -17.69 -5.25
C LEU C 284 16.51 -18.59 -4.18
N THR C 285 15.32 -18.25 -3.68
CA THR C 285 14.66 -18.99 -2.62
C THR C 285 14.40 -20.48 -2.93
N GLY C 286 14.71 -21.34 -1.98
CA GLY C 286 14.47 -22.79 -2.12
C GLY C 286 15.59 -23.46 -2.89
N THR C 287 16.06 -22.74 -3.89
CA THR C 287 17.13 -23.12 -4.77
C THR C 287 18.51 -22.93 -4.15
N PHE C 288 18.76 -21.75 -3.59
CA PHE C 288 20.05 -21.50 -2.94
C PHE C 288 20.09 -21.16 -1.50
N VAL C 289 18.97 -20.68 -1.01
CA VAL C 289 18.86 -20.38 0.37
C VAL C 289 17.74 -21.27 0.82
N ASP C 290 17.92 -21.91 1.97
CA ASP C 290 16.81 -22.64 2.57
C ASP C 290 16.03 -21.91 3.67
N ASN C 291 16.66 -20.97 4.38
CA ASN C 291 16.09 -20.34 5.55
C ASN C 291 16.71 -18.98 5.64
N TRP C 292 15.97 -17.98 5.22
CA TRP C 292 16.58 -16.68 5.04
C TRP C 292 17.20 -16.07 6.29
N TYR C 293 16.60 -16.33 7.45
CA TYR C 293 17.08 -15.81 8.71
C TYR C 293 18.43 -16.40 9.01
N LEU C 294 18.50 -17.73 9.04
CA LEU C 294 19.77 -18.35 9.28
C LEU C 294 20.87 -17.84 8.38
N TRP C 295 20.52 -17.55 7.13
CA TRP C 295 21.46 -17.01 6.16
C TRP C 295 22.00 -15.64 6.55
N CYS C 296 21.10 -14.77 7.01
CA CYS C 296 21.43 -13.47 7.56
C CYS C 296 22.27 -13.53 8.83
N VAL C 297 22.29 -14.68 9.47
CA VAL C 297 22.98 -14.83 10.72
C VAL C 297 24.38 -15.29 10.37
N LYS C 298 24.48 -16.08 9.30
CA LYS C 298 25.76 -16.56 8.82
C LYS C 298 26.59 -15.36 8.29
N HIS C 299 25.92 -14.35 7.80
CA HIS C 299 26.59 -13.13 7.40
C HIS C 299 26.48 -12.04 8.48
N GLY C 300 26.21 -12.46 9.72
CA GLY C 300 25.99 -11.55 10.86
C GLY C 300 25.16 -10.29 10.74
N ALA C 301 24.25 -10.24 9.76
CA ALA C 301 23.30 -9.13 9.58
C ALA C 301 22.22 -9.12 10.64
N ALA C 302 21.93 -10.27 11.25
CA ALA C 302 20.77 -10.42 12.12
C ALA C 302 21.02 -9.86 13.50
N PRO C 303 20.07 -9.03 13.98
CA PRO C 303 20.10 -8.47 15.32
C PRO C 303 19.79 -9.54 16.31
N ASP C 304 20.44 -9.45 17.46
CA ASP C 304 20.23 -10.38 18.55
C ASP C 304 19.87 -9.64 19.83
N TYR C 305 18.89 -10.18 20.54
CA TYR C 305 18.34 -9.55 21.71
C TYR C 305 18.56 -10.43 22.89
N PRO C 306 18.76 -9.85 24.08
CA PRO C 306 18.81 -10.59 25.36
C PRO C 306 17.45 -11.19 25.68
N ALA C 307 17.45 -12.19 26.57
CA ALA C 307 16.21 -12.84 27.01
C ALA C 307 15.44 -11.96 27.99
N TYR C 308 14.12 -11.88 27.85
CA TYR C 308 13.33 -11.18 28.85
C TYR C 308 12.85 -12.12 29.96
N LEU C 309 12.14 -13.16 29.55
CA LEU C 309 11.84 -14.28 30.43
C LEU C 309 13.00 -15.24 30.22
N PRO C 310 13.24 -16.18 31.16
CA PRO C 310 14.42 -17.09 31.09
C PRO C 310 14.53 -17.83 29.76
N ALA C 311 15.76 -18.06 29.29
CA ALA C 311 15.97 -18.71 27.99
C ALA C 311 15.65 -20.21 28.03
N THR C 312 15.09 -20.70 26.94
CA THR C 312 14.47 -22.01 26.95
C THR C 312 15.07 -23.01 25.99
N PRO C 313 15.80 -24.01 26.53
CA PRO C 313 16.39 -25.07 25.72
C PRO C 313 15.31 -25.99 25.15
N ASP C 314 15.45 -26.33 23.87
CA ASP C 314 14.51 -27.18 23.16
C ASP C 314 14.36 -28.57 23.77
N PRO C 315 13.13 -28.94 24.16
CA PRO C 315 12.85 -30.12 24.98
C PRO C 315 13.15 -31.37 24.25
N ALA C 316 13.09 -31.31 22.92
CA ALA C 316 13.40 -32.45 22.09
C ALA C 316 14.81 -32.98 22.36
N SER C 317 15.69 -32.06 22.73
CA SER C 317 17.10 -32.32 22.90
C SER C 317 17.53 -32.63 24.34
N LEU C 318 16.56 -32.84 25.21
CA LEU C 318 16.87 -33.21 26.58
C LEU C 318 17.14 -34.71 26.70
N PRO C 319 17.79 -35.13 27.81
CA PRO C 319 17.86 -36.55 28.19
C PRO C 319 16.49 -37.12 28.55
N GLY C 320 16.12 -38.21 27.86
CA GLY C 320 14.87 -38.94 28.11
C GLY C 320 13.62 -38.27 27.58
N ALA C 321 13.78 -37.49 26.51
CA ALA C 321 12.66 -36.88 25.80
C ALA C 321 11.92 -37.96 25.01
N PRO C 322 10.59 -37.85 24.92
CA PRO C 322 9.79 -38.57 23.92
C PRO C 322 10.08 -38.14 22.48
N LYS C 323 9.10 -38.35 21.58
CA LYS C 323 9.22 -37.94 20.18
C LYS C 323 8.13 -36.95 19.78
N FME D 1 26.99 -31.20 2.44
CN FME D 1 27.55 -30.62 3.50
O1 FME D 1 27.47 -31.13 4.61
CA FME D 1 27.07 -30.57 1.13
CB FME D 1 27.29 -31.62 0.04
CG FME D 1 28.51 -31.19 -0.75
SD FME D 1 27.97 -30.30 -2.19
CE FME D 1 28.88 -28.80 -2.00
C FME D 1 25.83 -29.83 0.82
O FME D 1 24.72 -30.34 1.05
N TYR D 2 25.98 -28.62 0.28
CA TYR D 2 24.89 -27.67 0.14
C TYR D 2 24.75 -27.17 -1.27
N HIS D 3 23.51 -26.87 -1.63
CA HIS D 3 23.26 -26.17 -2.88
C HIS D 3 23.64 -24.71 -2.74
N GLY D 4 24.41 -24.20 -3.69
CA GLY D 4 24.68 -22.77 -3.75
C GLY D 4 25.80 -22.26 -2.87
N ALA D 5 26.75 -23.15 -2.58
CA ALA D 5 27.90 -22.87 -1.72
C ALA D 5 29.22 -22.72 -2.52
N LEU D 6 29.77 -21.51 -2.58
CA LEU D 6 31.04 -21.28 -3.29
C LEU D 6 32.33 -21.45 -2.50
N ALA D 7 32.22 -21.62 -1.18
CA ALA D 7 33.37 -21.77 -0.27
C ALA D 7 32.76 -22.20 1.06
N GLN D 8 33.56 -22.22 2.13
CA GLN D 8 33.00 -22.54 3.48
C GLN D 8 32.30 -21.31 4.04
N HIS D 9 32.61 -20.13 3.49
CA HIS D 9 31.77 -18.97 3.73
C HIS D 9 31.66 -18.06 2.50
N LEU D 10 30.79 -18.39 1.57
CA LEU D 10 30.64 -17.62 0.33
C LEU D 10 29.61 -18.39 -0.42
N ASP D 11 28.51 -17.72 -0.74
CA ASP D 11 27.36 -18.39 -1.34
C ASP D 11 26.77 -17.57 -2.42
N ILE D 12 26.03 -18.21 -3.31
CA ILE D 12 25.76 -17.52 -4.55
C ILE D 12 24.83 -16.33 -4.27
N ALA D 13 23.97 -16.47 -3.26
CA ALA D 13 23.04 -15.40 -2.86
C ALA D 13 23.81 -14.11 -2.55
N GLN D 14 24.84 -14.28 -1.74
CA GLN D 14 25.66 -13.22 -1.25
C GLN D 14 26.28 -12.45 -2.37
N LEU D 15 26.80 -13.16 -3.36
CA LEU D 15 27.32 -12.49 -4.55
C LEU D 15 26.27 -11.73 -5.32
N VAL D 16 25.14 -12.38 -5.60
CA VAL D 16 24.05 -11.70 -6.29
C VAL D 16 23.68 -10.37 -5.64
N TRP D 17 23.79 -10.33 -4.30
CA TRP D 17 23.45 -9.14 -3.58
C TRP D 17 24.16 -7.94 -4.09
N TYR D 18 25.46 -8.09 -4.17
CA TYR D 18 26.26 -7.01 -4.60
C TYR D 18 25.92 -6.71 -6.01
N ALA D 19 25.89 -7.74 -6.83
CA ALA D 19 25.53 -7.58 -8.20
C ALA D 19 24.35 -6.62 -8.38
N GLN D 20 23.25 -6.92 -7.69
CA GLN D 20 22.03 -6.16 -7.74
C GLN D 20 22.32 -4.68 -7.52
N TRP D 21 23.05 -4.43 -6.43
CA TRP D 21 23.44 -3.09 -6.06
C TRP D 21 24.06 -2.37 -7.19
N LEU D 22 25.03 -3.04 -7.78
CA LEU D 22 25.85 -2.51 -8.83
C LEU D 22 24.98 -1.92 -9.93
N VAL D 23 24.03 -2.71 -10.35
CA VAL D 23 23.21 -2.32 -11.42
C VAL D 23 22.42 -1.08 -11.07
N ILE D 24 21.75 -1.13 -9.93
CA ILE D 24 20.97 -0.02 -9.47
C ILE D 24 21.77 1.27 -9.60
N TRP D 25 22.93 1.32 -8.98
CA TRP D 25 23.71 2.54 -8.97
C TRP D 25 24.12 3.00 -10.32
N THR D 26 24.48 2.04 -11.14
CA THR D 26 24.90 2.31 -12.48
C THR D 26 23.83 3.02 -13.27
N VAL D 27 22.67 2.41 -13.35
CA VAL D 27 21.50 3.03 -13.94
C VAL D 27 21.26 4.43 -13.40
N VAL D 28 21.20 4.53 -12.06
CA VAL D 28 20.97 5.80 -11.45
C VAL D 28 21.96 6.80 -11.96
N LEU D 29 23.23 6.44 -11.93
CA LEU D 29 24.24 7.45 -12.13
C LEU D 29 24.59 7.65 -13.55
N LEU D 30 24.88 6.55 -14.22
CA LEU D 30 25.48 6.65 -15.51
C LEU D 30 24.40 6.82 -16.55
N TYR D 31 23.15 6.90 -16.07
CA TYR D 31 22.01 7.09 -16.95
C TYR D 31 20.99 8.13 -16.52
N LEU D 32 20.23 7.79 -15.49
CA LEU D 32 19.08 8.59 -15.09
C LEU D 32 19.53 9.99 -14.81
N ARG D 33 20.58 10.12 -14.02
CA ARG D 33 21.08 11.42 -13.61
C ARG D 33 21.57 12.26 -14.76
N ARG D 34 22.08 11.61 -15.79
CA ARG D 34 22.48 12.30 -17.00
C ARG D 34 21.27 12.84 -17.73
N GLU D 35 20.25 12.01 -17.83
CA GLU D 35 19.04 12.38 -18.48
C GLU D 35 18.40 13.62 -17.85
N ASP D 36 18.65 13.78 -16.54
CA ASP D 36 18.18 14.90 -15.74
C ASP D 36 18.81 16.25 -16.10
N ARG D 37 19.89 16.22 -16.87
CA ARG D 37 20.64 17.44 -17.11
C ARG D 37 20.38 17.93 -18.49
N ARG D 38 19.27 17.51 -19.05
CA ARG D 38 18.89 18.00 -20.34
C ARG D 38 18.33 19.42 -20.31
N GLU D 39 17.91 19.91 -19.15
CA GLU D 39 17.39 21.30 -19.04
C GLU D 39 18.10 22.10 -17.99
N GLY D 40 18.52 23.29 -18.39
CA GLY D 40 19.10 24.24 -17.46
C GLY D 40 20.58 24.10 -17.19
N TYR D 41 21.18 23.00 -17.63
CA TYR D 41 22.62 22.84 -17.56
C TYR D 41 23.26 23.34 -18.84
N PRO D 42 24.57 23.63 -18.81
CA PRO D 42 25.51 23.47 -17.70
C PRO D 42 25.28 24.57 -16.69
N LEU D 43 25.84 24.44 -15.51
CA LEU D 43 25.58 25.44 -14.49
C LEU D 43 26.23 26.80 -14.72
N VAL D 44 25.55 27.87 -14.30
CA VAL D 44 26.07 29.24 -14.43
C VAL D 44 26.52 29.86 -13.11
N GLU D 45 27.45 30.81 -13.22
CA GLU D 45 28.14 31.37 -12.07
C GLU D 45 28.25 32.90 -12.16
N PRO D 46 27.58 33.64 -11.24
CA PRO D 46 27.72 35.10 -11.11
C PRO D 46 28.44 35.65 -9.83
N LEU D 47 29.38 34.87 -9.28
CA LEU D 47 30.33 35.33 -8.25
C LEU D 47 31.65 34.53 -8.25
N GLY D 48 31.54 33.21 -8.30
CA GLY D 48 32.67 32.27 -8.14
C GLY D 48 33.84 32.40 -9.11
N LEU D 49 34.82 31.49 -8.99
CA LEU D 49 36.14 31.72 -9.59
C LEU D 49 36.59 30.76 -10.68
N VAL D 50 36.86 31.38 -11.85
CA VAL D 50 37.13 30.80 -13.23
C VAL D 50 36.72 29.34 -13.55
N LYS D 51 35.41 29.20 -13.74
CA LYS D 51 34.73 27.92 -13.74
C LYS D 51 33.97 27.69 -15.04
N LEU D 52 34.47 26.77 -15.87
CA LEU D 52 33.64 26.18 -16.92
C LEU D 52 33.16 24.75 -16.61
N ALA D 53 33.16 24.43 -15.31
CA ALA D 53 32.62 23.19 -14.73
C ALA D 53 32.44 23.30 -13.21
N PRO D 54 29.58 23.09 -12.05
CA PRO D 54 28.84 22.16 -11.21
C PRO D 54 29.68 21.42 -10.16
N GLU D 55 29.03 20.52 -9.41
CA GLU D 55 29.70 19.52 -8.57
C GLU D 55 30.53 18.59 -9.45
N ASP D 56 31.74 18.33 -8.98
CA ASP D 56 32.78 17.70 -9.76
C ASP D 56 32.63 16.17 -9.82
N GLY D 57 33.06 15.62 -10.96
CA GLY D 57 32.60 14.34 -11.49
C GLY D 57 31.81 14.59 -12.77
N GLN D 58 31.33 15.83 -12.94
CA GLN D 58 30.20 16.18 -13.86
C GLN D 58 30.39 17.42 -14.82
N VAL D 59 30.96 17.19 -16.02
CA VAL D 59 30.98 18.17 -17.17
C VAL D 59 30.99 17.43 -18.53
N TYR D 60 31.32 16.15 -18.40
CA TYR D 60 30.68 15.09 -19.15
C TYR D 60 29.22 15.46 -18.89
N GLU D 61 28.73 15.09 -17.68
CA GLU D 61 27.48 15.56 -17.07
C GLU D 61 26.26 15.53 -17.99
N LEU D 62 26.23 16.52 -18.87
CA LEU D 62 25.31 16.62 -19.99
C LEU D 62 25.43 15.40 -20.89
N PRO D 63 24.28 14.80 -21.26
CA PRO D 63 24.31 13.74 -22.26
C PRO D 63 24.43 14.32 -23.69
N TYR D 64 24.78 13.50 -24.68
CA TYR D 64 24.80 13.97 -26.08
C TYR D 64 23.35 14.33 -26.50
N PRO D 65 23.18 15.24 -27.48
CA PRO D 65 21.85 15.79 -27.78
C PRO D 65 20.84 14.90 -28.53
N LYS D 66 19.62 14.86 -27.99
CA LYS D 66 18.40 14.34 -28.66
C LYS D 66 17.94 15.31 -29.74
N THR D 67 16.97 14.87 -30.54
CA THR D 67 16.37 15.74 -31.54
C THR D 67 14.89 15.38 -31.72
N PHE D 68 14.06 16.00 -30.89
CA PHE D 68 12.62 15.86 -31.00
C PHE D 68 12.10 16.43 -32.31
N VAL D 69 11.68 15.52 -33.21
CA VAL D 69 10.91 15.94 -34.39
C VAL D 69 9.47 16.15 -33.96
N LEU D 70 9.02 17.39 -34.16
CA LEU D 70 7.75 17.89 -33.63
C LEU D 70 6.60 17.52 -34.52
N PRO D 71 5.41 17.34 -33.91
CA PRO D 71 4.19 16.91 -34.61
C PRO D 71 3.82 17.77 -35.82
N HIS D 72 3.91 19.10 -35.68
CA HIS D 72 3.53 20.00 -36.75
C HIS D 72 4.75 20.73 -37.30
N GLY D 73 5.72 19.94 -37.75
CA GLY D 73 6.95 20.42 -38.38
C GLY D 73 7.99 20.99 -37.43
N GLY D 74 9.26 20.81 -37.79
CA GLY D 74 10.37 21.39 -37.05
C GLY D 74 11.02 20.45 -36.05
N THR D 75 12.22 20.84 -35.60
CA THR D 75 13.00 20.06 -34.64
C THR D 75 13.49 20.90 -33.47
N VAL D 76 13.63 20.22 -32.34
CA VAL D 76 14.16 20.80 -31.12
C VAL D 76 15.31 19.90 -30.72
N THR D 77 16.38 20.49 -30.20
CA THR D 77 17.55 19.71 -29.80
C THR D 77 17.79 19.87 -28.30
N VAL D 78 18.00 18.77 -27.59
CA VAL D 78 18.01 18.79 -26.14
C VAL D 78 19.22 18.00 -25.60
N PRO D 79 20.08 18.63 -24.75
CA PRO D 79 20.04 19.98 -24.20
C PRO D 79 20.36 21.05 -25.23
N ARG D 80 20.05 22.30 -24.87
CA ARG D 80 20.23 23.44 -25.75
C ARG D 80 21.06 24.51 -25.04
N ARG D 81 21.23 25.65 -25.70
CA ARG D 81 21.69 26.86 -25.04
C ARG D 81 20.68 27.96 -25.36
N ARG D 82 19.65 28.06 -24.51
CA ARG D 82 18.59 29.09 -24.58
C ARG D 82 18.93 30.24 -23.61
N PRO D 83 19.39 31.39 -24.15
CA PRO D 83 19.89 32.47 -23.29
C PRO D 83 18.78 33.42 -22.81
N GLU D 84 18.87 33.81 -21.53
CA GLU D 84 17.93 34.75 -20.93
C GLU D 84 18.43 36.18 -21.22
N THR D 85 17.69 36.91 -22.05
CA THR D 85 18.06 38.27 -22.48
C THR D 85 16.89 39.26 -22.34
N ARG D 86 16.30 39.29 -21.15
CA ARG D 86 15.16 40.16 -20.84
C ARG D 86 15.54 41.40 -20.06
N GLU D 87 16.75 41.38 -19.48
CA GLU D 87 17.23 42.38 -18.52
C GLU D 87 16.28 42.54 -17.31
N LEU D 88 16.60 41.79 -16.26
CA LEU D 88 15.77 41.71 -15.05
C LEU D 88 15.88 42.96 -14.20
N LYS D 89 14.73 43.49 -13.79
CA LYS D 89 14.66 44.64 -12.90
C LYS D 89 14.68 44.20 -11.44
N LEU D 90 15.84 43.67 -11.04
CA LEU D 90 16.09 43.14 -9.70
C LEU D 90 17.45 43.62 -9.22
N ALA D 91 17.43 44.30 -8.08
CA ALA D 91 18.66 44.68 -7.37
C ALA D 91 18.95 43.64 -6.32
N GLN D 92 20.25 43.40 -6.10
CA GLN D 92 20.68 42.46 -5.06
C GLN D 92 20.73 43.11 -3.69
N THR D 93 20.32 42.34 -2.68
CA THR D 93 20.44 42.74 -1.27
C THR D 93 21.93 42.82 -0.90
N ASP D 94 22.65 41.72 -1.12
CA ASP D 94 24.11 41.67 -1.10
C ASP D 94 24.61 41.17 -2.45
N GLY D 95 25.89 41.42 -2.75
CA GLY D 95 26.53 40.89 -3.98
C GLY D 95 26.77 39.39 -3.97
N PHE D 96 26.59 38.82 -2.78
CA PHE D 96 26.72 37.40 -2.43
C PHE D 96 26.01 36.38 -3.35
N GLU D 97 26.72 35.27 -3.62
CA GLU D 97 26.28 34.10 -4.41
C GLU D 97 24.77 33.83 -4.24
N GLY D 98 24.40 33.48 -3.00
CA GLY D 98 23.06 33.02 -2.65
C GLY D 98 22.32 33.87 -1.63
N ALA D 99 22.48 35.19 -1.76
CA ALA D 99 21.65 36.16 -1.06
C ALA D 99 20.57 36.65 -2.04
N PRO D 100 19.32 36.78 -1.53
CA PRO D 100 18.12 37.00 -2.37
C PRO D 100 18.07 38.37 -3.06
N LEU D 101 17.10 38.57 -3.96
CA LEU D 101 17.01 39.82 -4.71
C LEU D 101 15.74 40.64 -4.49
N GLN D 102 15.91 41.96 -4.57
CA GLN D 102 14.84 42.94 -4.44
C GLN D 102 14.44 43.47 -5.80
N PRO D 103 13.13 43.44 -6.11
CA PRO D 103 12.62 44.13 -7.32
C PRO D 103 12.80 45.66 -7.23
N THR D 104 13.25 46.27 -8.33
CA THR D 104 13.53 47.72 -8.38
C THR D 104 12.27 48.57 -8.58
N GLY D 105 11.41 48.15 -9.51
CA GLY D 105 10.16 48.86 -9.81
C GLY D 105 8.94 48.11 -9.33
N ASN D 106 7.93 47.97 -10.19
CA ASN D 106 6.77 47.11 -9.92
C ASN D 106 7.10 45.70 -10.39
N PRO D 107 7.15 44.75 -9.44
CA PRO D 107 7.57 43.38 -9.77
C PRO D 107 6.59 42.67 -10.71
N LEU D 108 5.30 43.01 -10.61
CA LEU D 108 4.24 42.41 -11.43
C LEU D 108 4.30 42.74 -12.92
N VAL D 109 4.77 43.94 -13.21
CA VAL D 109 4.96 44.41 -14.58
C VAL D 109 6.37 44.06 -15.10
N ASP D 110 7.38 44.18 -14.23
CA ASP D 110 8.78 43.85 -14.57
C ASP D 110 9.06 42.35 -14.61
N ALA D 111 8.06 41.57 -14.20
CA ALA D 111 7.99 40.10 -14.32
C ALA D 111 9.18 39.35 -13.70
N VAL D 112 9.29 39.47 -12.38
CA VAL D 112 10.39 38.88 -11.62
C VAL D 112 9.85 38.15 -10.39
N GLY D 113 10.65 37.22 -9.88
CA GLY D 113 10.21 36.32 -8.83
C GLY D 113 9.00 35.53 -9.28
N PRO D 114 7.98 35.39 -8.41
CA PRO D 114 6.80 34.59 -8.77
C PRO D 114 6.04 35.15 -9.96
N ALA D 115 6.46 36.32 -10.44
CA ALA D 115 5.80 36.96 -11.56
C ALA D 115 6.60 36.83 -12.85
N SER D 116 7.64 36.01 -12.82
CA SER D 116 8.48 35.77 -14.01
C SER D 116 7.90 34.66 -14.86
N TYR D 117 8.03 34.81 -16.18
CA TYR D 117 7.59 33.79 -17.14
C TYR D 117 8.79 33.28 -17.92
N ALA D 118 8.60 32.13 -18.56
CA ALA D 118 9.57 31.57 -19.49
C ALA D 118 9.36 32.07 -20.91
N GLU D 119 10.45 32.35 -21.61
CA GLU D 119 10.40 32.80 -23.00
C GLU D 119 10.08 31.66 -23.99
N ARG D 120 8.82 31.21 -24.00
CA ARG D 120 8.37 30.10 -24.86
C ARG D 120 8.24 30.57 -26.30
N ALA D 121 8.19 29.60 -27.21
CA ALA D 121 8.01 29.91 -28.63
C ALA D 121 6.70 30.63 -28.88
N GLU D 122 6.78 31.68 -29.71
CA GLU D 122 5.68 32.61 -29.94
C GLU D 122 4.68 32.07 -31.02
N VAL D 123 4.19 30.84 -30.78
CA VAL D 123 3.24 30.15 -31.67
C VAL D 123 2.02 29.62 -30.95
N VAL D 124 0.95 29.42 -31.73
CA VAL D 124 -0.31 28.93 -31.23
C VAL D 124 -0.25 27.42 -31.00
N ASP D 125 -0.79 26.99 -29.87
CA ASP D 125 -0.91 25.58 -29.52
C ASP D 125 -2.00 24.93 -30.38
N ALA D 126 -1.71 23.74 -30.92
CA ALA D 126 -2.53 23.12 -31.96
C ALA D 126 -3.11 21.74 -31.61
N THR D 127 -4.19 21.36 -32.31
CA THR D 127 -4.80 20.02 -32.22
C THR D 127 -4.09 19.05 -33.15
N VAL D 128 -4.57 17.81 -33.19
CA VAL D 128 -4.03 16.80 -34.13
C VAL D 128 -4.45 17.08 -35.59
N ASP D 129 -5.50 17.89 -35.76
CA ASP D 129 -6.00 18.30 -37.07
C ASP D 129 -5.19 19.46 -37.61
N GLY D 130 -4.84 20.39 -36.73
CA GLY D 130 -4.14 21.61 -37.12
C GLY D 130 -4.95 22.85 -36.83
N LYS D 131 -6.03 22.67 -36.08
CA LYS D 131 -6.79 23.77 -35.51
C LYS D 131 -6.02 24.31 -34.30
N ALA D 132 -6.46 25.47 -33.79
CA ALA D 132 -5.97 26.02 -32.53
C ALA D 132 -6.54 25.21 -31.37
N LYS D 133 -5.67 24.88 -30.42
CA LYS D 133 -6.06 24.02 -29.30
C LYS D 133 -6.90 24.81 -28.33
N ILE D 134 -6.38 25.96 -27.89
CA ILE D 134 -7.11 26.76 -26.90
C ILE D 134 -7.82 27.95 -27.55
N VAL D 135 -9.14 27.92 -27.42
CA VAL D 135 -10.03 28.89 -28.06
C VAL D 135 -11.21 29.19 -27.13
N PRO D 136 -11.89 30.32 -27.36
CA PRO D 136 -13.08 30.58 -26.56
C PRO D 136 -14.29 29.84 -27.10
N LEU D 137 -15.41 29.90 -26.38
CA LEU D 137 -16.68 29.30 -26.84
C LEU D 137 -17.46 30.11 -27.89
N ARG D 138 -16.93 31.27 -28.28
CA ARG D 138 -17.40 31.99 -29.49
C ARG D 138 -16.92 31.30 -30.75
N VAL D 139 -15.77 30.64 -30.64
CA VAL D 139 -15.10 29.99 -31.78
C VAL D 139 -15.47 28.50 -31.83
N ALA D 140 -15.16 27.78 -30.76
CA ALA D 140 -15.60 26.40 -30.59
C ALA D 140 -17.09 26.43 -30.25
N THR D 141 -17.90 26.47 -31.30
CA THR D 141 -19.36 26.55 -31.18
C THR D 141 -19.98 25.18 -30.92
N ASP D 142 -19.28 24.14 -31.40
CA ASP D 142 -19.60 22.73 -31.16
C ASP D 142 -19.52 22.33 -29.68
N PHE D 143 -18.52 22.87 -28.98
CA PHE D 143 -18.35 22.64 -27.54
C PHE D 143 -19.41 23.35 -26.71
N SER D 144 -19.66 22.81 -25.53
CA SER D 144 -20.65 23.36 -24.60
C SER D 144 -20.34 22.97 -23.16
N ILE D 145 -21.00 23.64 -22.22
CA ILE D 145 -20.97 23.28 -20.81
C ILE D 145 -21.90 22.09 -20.60
N ALA D 146 -21.48 21.17 -19.73
CA ALA D 146 -22.29 20.01 -19.32
C ALA D 146 -23.55 20.49 -18.63
N GLU D 147 -24.67 19.86 -18.95
CA GLU D 147 -25.93 20.18 -18.29
C GLU D 147 -25.87 19.77 -16.83
N GLY D 148 -26.11 20.75 -15.96
CA GLY D 148 -26.00 20.55 -14.51
C GLY D 148 -24.96 21.42 -13.81
N ASP D 149 -24.22 22.21 -14.58
CA ASP D 149 -23.24 23.14 -14.01
C ASP D 149 -23.68 24.60 -14.15
N VAL D 150 -23.01 25.46 -13.38
CA VAL D 150 -23.18 26.91 -13.42
C VAL D 150 -22.43 27.54 -14.60
N ASP D 151 -23.17 28.21 -15.49
CA ASP D 151 -22.55 29.00 -16.55
C ASP D 151 -22.05 30.30 -15.92
N PRO D 152 -20.71 30.49 -15.87
CA PRO D 152 -20.15 31.67 -15.22
C PRO D 152 -20.31 32.95 -16.04
N ARG D 153 -20.75 32.81 -17.30
CA ARG D 153 -20.98 33.96 -18.18
C ARG D 153 -22.06 34.87 -17.63
N GLY D 154 -21.66 36.11 -17.34
CA GLY D 154 -22.55 37.13 -16.80
C GLY D 154 -22.23 37.54 -15.37
N LEU D 155 -21.52 36.68 -14.66
CA LEU D 155 -21.24 36.88 -13.24
C LEU D 155 -20.21 37.99 -12.97
N PRO D 156 -20.31 38.65 -11.79
CA PRO D 156 -19.31 39.62 -11.33
C PRO D 156 -18.03 38.97 -10.77
N VAL D 157 -16.90 39.51 -11.21
CA VAL D 157 -15.58 39.08 -10.74
C VAL D 157 -15.20 39.99 -9.60
N VAL D 158 -15.15 39.42 -8.39
CA VAL D 158 -14.75 40.16 -7.21
C VAL D 158 -13.29 39.88 -6.89
N ALA D 159 -12.50 40.94 -6.76
CA ALA D 159 -11.06 40.83 -6.48
C ALA D 159 -10.76 40.74 -4.97
N ALA D 160 -9.47 40.89 -4.61
CA ALA D 160 -8.96 40.70 -3.24
C ALA D 160 -9.50 41.72 -2.24
N ASP D 161 -9.84 42.91 -2.72
CA ASP D 161 -10.36 44.01 -1.90
C ASP D 161 -11.78 43.74 -1.40
N GLY D 162 -12.53 42.95 -2.17
CA GLY D 162 -13.98 42.82 -2.01
C GLY D 162 -14.69 43.76 -2.98
N VAL D 163 -13.98 44.13 -4.05
CA VAL D 163 -14.44 45.09 -5.04
C VAL D 163 -14.58 44.38 -6.39
N GLU D 164 -15.73 44.59 -7.03
CA GLU D 164 -16.02 44.05 -8.36
C GLU D 164 -15.07 44.65 -9.41
N ALA D 165 -14.24 43.78 -9.98
CA ALA D 165 -13.26 44.12 -10.99
C ALA D 165 -13.88 44.27 -12.37
N GLY D 166 -14.92 43.47 -12.62
CA GLY D 166 -15.65 43.46 -13.88
C GLY D 166 -16.55 42.25 -14.01
N THR D 167 -16.94 41.94 -15.25
CA THR D 167 -17.89 40.86 -15.49
C THR D 167 -17.40 39.86 -16.51
N VAL D 168 -17.81 38.62 -16.33
CA VAL D 168 -17.37 37.51 -17.19
C VAL D 168 -18.00 37.60 -18.59
N THR D 169 -17.13 37.64 -19.60
CA THR D 169 -17.50 37.63 -21.01
C THR D 169 -17.63 36.19 -21.49
N ASP D 170 -16.55 35.40 -21.33
CA ASP D 170 -16.49 34.06 -21.89
C ASP D 170 -15.64 33.02 -21.10
N LEU D 171 -15.82 31.76 -21.49
CA LEU D 171 -14.93 30.68 -21.14
C LEU D 171 -14.08 30.32 -22.35
N TRP D 172 -12.87 29.85 -22.09
CA TRP D 172 -12.00 29.32 -23.12
C TRP D 172 -11.74 27.84 -22.90
N VAL D 173 -11.82 27.07 -23.97
CA VAL D 173 -11.74 25.63 -23.89
C VAL D 173 -10.46 25.11 -24.54
N ASP D 174 -9.95 24.03 -23.97
CA ASP D 174 -8.95 23.19 -24.59
C ASP D 174 -9.73 22.20 -25.46
N ARG D 175 -9.50 22.26 -26.77
CA ARG D 175 -10.21 21.44 -27.74
C ARG D 175 -9.79 19.97 -27.74
N SER D 176 -8.58 19.70 -27.28
CA SER D 176 -8.02 18.34 -27.31
C SER D 176 -8.03 17.63 -25.96
N GLU D 177 -8.67 18.25 -24.98
CA GLU D 177 -8.78 17.71 -23.63
C GLU D 177 -10.21 17.77 -23.10
N HIS D 178 -11.08 18.53 -23.80
CA HIS D 178 -12.43 18.87 -23.32
C HIS D 178 -12.36 19.39 -21.90
N TYR D 179 -11.76 20.57 -21.75
CA TYR D 179 -11.46 21.13 -20.43
C TYR D 179 -11.41 22.65 -20.54
N PHE D 180 -11.96 23.35 -19.55
CA PHE D 180 -11.93 24.82 -19.52
C PHE D 180 -10.71 25.40 -18.81
N ARG D 181 -9.97 26.26 -19.53
CA ARG D 181 -8.69 26.81 -19.05
C ARG D 181 -8.77 28.25 -18.59
N TYR D 182 -9.55 29.07 -19.27
CA TYR D 182 -9.61 30.50 -18.99
C TYR D 182 -11.00 31.06 -18.84
N LEU D 183 -11.15 32.02 -17.94
CA LEU D 183 -12.27 32.97 -18.00
C LEU D 183 -11.78 34.24 -18.63
N GLU D 184 -12.55 34.75 -19.57
CA GLU D 184 -12.30 36.04 -20.18
C GLU D 184 -13.30 36.97 -19.54
N LEU D 185 -12.82 37.93 -18.77
CA LEU D 185 -13.71 38.91 -18.16
C LEU D 185 -13.57 40.28 -18.80
N SER D 186 -14.53 41.15 -18.54
CA SER D 186 -14.50 42.52 -19.01
C SER D 186 -14.15 43.41 -17.82
N VAL D 187 -12.89 43.86 -17.81
CA VAL D 187 -12.37 44.75 -16.76
C VAL D 187 -13.14 46.06 -16.82
N ALA D 188 -13.95 46.28 -15.79
CA ALA D 188 -14.78 47.48 -15.69
C ALA D 188 -13.91 48.71 -15.43
N GLY D 189 -14.30 49.84 -16.01
CA GLY D 189 -13.54 51.09 -15.91
C GLY D 189 -12.72 51.38 -17.15
N SER D 190 -12.14 50.33 -17.73
CA SER D 190 -11.46 50.42 -19.03
C SER D 190 -12.31 49.75 -20.10
N ALA D 191 -11.84 49.82 -21.34
CA ALA D 191 -12.48 49.14 -22.47
C ALA D 191 -11.58 47.97 -22.89
N ARG D 192 -11.56 46.95 -22.04
CA ARG D 192 -10.68 45.81 -22.22
C ARG D 192 -11.16 44.51 -21.59
N THR D 193 -10.88 43.41 -22.29
CA THR D 193 -11.00 42.06 -21.75
C THR D 193 -9.63 41.53 -21.34
N ALA D 194 -9.56 41.03 -20.10
CA ALA D 194 -8.38 40.33 -19.60
C ALA D 194 -8.74 38.88 -19.34
N LEU D 195 -7.73 38.03 -19.51
CA LEU D 195 -7.89 36.58 -19.41
C LEU D 195 -7.32 36.09 -18.07
N ILE D 196 -8.18 35.48 -17.25
CA ILE D 196 -7.72 34.87 -16.00
C ILE D 196 -7.71 33.33 -16.13
N PRO D 197 -6.60 32.67 -15.72
CA PRO D 197 -6.60 31.22 -15.60
C PRO D 197 -7.64 30.80 -14.60
N LEU D 198 -8.31 29.70 -14.93
CA LEU D 198 -9.42 29.20 -14.12
C LEU D 198 -8.97 28.68 -12.76
N GLY D 199 -7.67 28.43 -12.64
CA GLY D 199 -7.03 28.06 -11.37
C GLY D 199 -6.75 29.20 -10.40
N PHE D 200 -7.29 30.38 -10.69
CA PHE D 200 -7.06 31.55 -9.86
C PHE D 200 -8.33 32.17 -9.34
N CYS D 201 -9.44 31.47 -9.62
CA CYS D 201 -10.77 31.95 -9.27
C CYS D 201 -11.67 30.86 -8.72
N ASP D 202 -12.24 31.16 -7.57
CA ASP D 202 -13.26 30.33 -6.97
C ASP D 202 -14.60 30.80 -7.53
N VAL D 203 -15.20 29.93 -8.33
CA VAL D 203 -16.48 30.20 -8.97
C VAL D 203 -17.60 29.82 -8.00
N LYS D 204 -18.45 30.79 -7.67
CA LYS D 204 -19.63 30.56 -6.84
C LYS D 204 -20.94 30.57 -7.65
N LYS D 205 -22.07 30.69 -6.97
CA LYS D 205 -23.40 30.74 -7.62
C LYS D 205 -23.67 32.14 -8.18
N ASP D 206 -23.10 33.14 -7.51
CA ASP D 206 -23.38 34.55 -7.76
C ASP D 206 -22.17 35.34 -8.25
N LYS D 207 -20.98 34.90 -7.83
CA LYS D 207 -19.75 35.66 -8.03
C LYS D 207 -18.52 34.78 -8.29
N ILE D 208 -17.51 35.40 -8.87
CA ILE D 208 -16.21 34.78 -9.08
C ILE D 208 -15.24 35.52 -8.16
N VAL D 209 -14.67 34.80 -7.19
CA VAL D 209 -13.74 35.41 -6.23
C VAL D 209 -12.29 35.16 -6.60
N VAL D 210 -11.55 36.26 -6.68
CA VAL D 210 -10.17 36.26 -7.14
C VAL D 210 -9.30 36.81 -6.01
N THR D 211 -8.67 35.89 -5.30
CA THR D 211 -7.86 36.24 -4.14
C THR D 211 -6.50 36.78 -4.55
N SER D 212 -6.02 36.29 -5.69
CA SER D 212 -4.67 36.53 -6.20
C SER D 212 -4.19 38.00 -6.18
N ILE D 213 -4.95 38.88 -6.83
CA ILE D 213 -4.56 40.27 -6.99
C ILE D 213 -5.68 41.23 -6.59
N LEU D 214 -5.37 42.52 -6.54
CA LEU D 214 -6.34 43.57 -6.18
C LEU D 214 -7.10 44.05 -7.40
N SER D 215 -8.24 44.69 -7.15
CA SER D 215 -9.14 45.16 -8.21
C SER D 215 -8.47 46.12 -9.20
N GLU D 216 -7.65 47.02 -8.67
CA GLU D 216 -6.99 48.06 -9.45
C GLU D 216 -5.98 47.52 -10.47
N GLN D 217 -5.38 46.37 -10.15
CA GLN D 217 -4.32 45.79 -10.98
C GLN D 217 -4.80 44.83 -12.08
N PHE D 218 -6.13 44.68 -12.19
CA PHE D 218 -6.76 44.03 -13.34
C PHE D 218 -6.55 44.81 -14.62
N ALA D 219 -6.34 46.11 -14.46
CA ALA D 219 -6.04 47.02 -15.55
C ALA D 219 -4.73 46.69 -16.28
N ASN D 220 -3.86 45.94 -15.62
CA ASN D 220 -2.51 45.69 -16.15
C ASN D 220 -2.17 44.25 -16.49
N VAL D 221 -3.18 43.38 -16.47
CA VAL D 221 -3.04 41.98 -16.92
C VAL D 221 -2.64 42.03 -18.40
N PRO D 222 -1.53 41.34 -18.77
CA PRO D 222 -0.97 41.34 -20.13
C PRO D 222 -1.99 41.18 -21.25
N ARG D 223 -1.83 42.01 -22.27
CA ARG D 223 -2.72 42.11 -23.40
C ARG D 223 -2.46 40.98 -24.39
N LEU D 224 -3.54 40.39 -24.90
CA LEU D 224 -3.46 39.37 -25.95
C LEU D 224 -3.17 40.01 -27.32
N GLN D 225 -2.34 39.33 -28.10
CA GLN D 225 -1.94 39.79 -29.44
C GLN D 225 -3.10 39.72 -30.45
N SER D 226 -3.71 38.54 -30.55
CA SER D 226 -4.94 38.35 -31.33
C SER D 226 -6.15 38.40 -30.41
N ARG D 227 -7.34 38.34 -30.99
CA ARG D 227 -8.57 38.38 -30.21
C ARG D 227 -9.11 36.98 -29.86
N ASP D 228 -8.90 36.01 -30.75
CA ASP D 228 -9.57 34.69 -30.69
C ASP D 228 -8.68 33.45 -30.50
N GLN D 229 -7.37 33.66 -30.47
CA GLN D 229 -6.37 32.61 -30.25
C GLN D 229 -5.26 33.11 -29.34
N ILE D 230 -4.59 32.18 -28.67
CA ILE D 230 -3.54 32.53 -27.72
C ILE D 230 -2.24 31.75 -28.03
N THR D 231 -1.11 32.46 -28.08
CA THR D 231 0.21 31.82 -28.26
C THR D 231 0.67 31.15 -26.98
N LEU D 232 1.69 30.30 -27.08
CA LEU D 232 2.28 29.63 -25.90
C LEU D 232 2.92 30.59 -24.92
N ARG D 233 3.57 31.63 -25.44
CA ARG D 233 4.21 32.64 -24.61
C ARG D 233 3.19 33.49 -23.86
N GLU D 234 2.15 33.94 -24.57
CA GLU D 234 1.08 34.73 -23.95
C GLU D 234 0.43 34.02 -22.78
N GLU D 235 0.31 32.70 -22.90
CA GLU D 235 -0.21 31.87 -21.83
C GLU D 235 0.62 32.04 -20.57
N ASP D 236 1.95 31.83 -20.70
CA ASP D 236 2.88 31.97 -19.59
C ASP D 236 2.82 33.37 -18.99
N LYS D 237 2.84 34.38 -19.85
CA LYS D 237 2.70 35.78 -19.42
C LYS D 237 1.49 36.02 -18.50
N VAL D 238 0.31 35.61 -18.96
CA VAL D 238 -0.96 35.76 -18.23
C VAL D 238 -0.93 35.05 -16.88
N SER D 239 -0.44 33.82 -16.87
CA SER D 239 -0.43 32.99 -15.68
C SER D 239 0.46 33.60 -14.61
N ALA D 240 1.67 33.99 -15.02
CA ALA D 240 2.70 34.51 -14.14
C ALA D 240 2.28 35.78 -13.42
N TYR D 241 1.53 36.62 -14.13
CA TYR D 241 1.03 37.86 -13.57
C TYR D 241 0.20 37.66 -12.30
N TYR D 242 -0.78 36.77 -12.34
CA TYR D 242 -1.61 36.56 -11.15
C TYR D 242 -0.84 35.90 -10.01
N ALA D 243 -0.02 34.92 -10.36
CA ALA D 243 0.75 34.18 -9.37
C ALA D 243 1.73 35.09 -8.67
N GLY D 244 2.30 36.02 -9.42
CA GLY D 244 3.19 37.04 -8.88
C GLY D 244 2.47 37.88 -7.85
N GLY D 245 1.17 38.04 -8.06
CA GLY D 245 0.33 38.82 -7.16
C GLY D 245 0.15 38.14 -5.83
N LEU D 246 0.43 36.84 -5.77
CA LEU D 246 0.38 36.11 -4.51
C LEU D 246 1.49 36.49 -3.56
N LEU D 247 2.48 37.23 -4.05
CA LEU D 247 3.56 37.72 -3.21
C LEU D 247 3.66 39.23 -3.24
N TYR D 248 2.93 39.85 -4.16
CA TYR D 248 3.16 41.25 -4.46
C TYR D 248 1.93 42.14 -4.57
N ALA D 249 0.75 41.57 -4.35
CA ALA D 249 -0.50 42.35 -4.35
C ALA D 249 -0.49 43.39 -3.23
N THR D 250 -0.42 42.92 -1.99
CA THR D 250 -0.29 43.79 -0.81
C THR D 250 1.15 43.68 -0.26
N PRO D 251 1.66 44.76 0.37
CA PRO D 251 3.01 44.73 0.99
C PRO D 251 3.21 43.63 2.05
N GLU D 252 2.15 43.30 2.78
CA GLU D 252 2.19 42.27 3.84
C GLU D 252 2.39 40.81 3.36
N ARG D 253 2.15 40.57 2.08
CA ARG D 253 2.34 39.24 1.50
C ARG D 253 3.82 38.87 1.44
N ALA D 254 4.65 39.89 1.24
CA ALA D 254 6.08 39.75 1.50
C ALA D 254 6.33 39.06 2.85
N GLU D 255 5.77 39.62 3.91
CA GLU D 255 6.31 39.45 5.24
C GLU D 255 6.00 38.07 5.80
N SER D 256 6.73 37.69 6.86
CA SER D 256 6.50 36.42 7.52
C SER D 256 5.34 36.53 8.52
N LEU D 257 4.74 35.40 8.84
CA LEU D 257 3.60 35.37 9.75
C LEU D 257 4.06 35.21 11.20
N LEU D 258 3.87 36.26 11.99
CA LEU D 258 4.98 37.09 12.44
C LEU D 258 6.28 36.67 11.78
N ALA E 2 54.66 36.35 -9.41
CA ALA E 2 54.68 35.55 -8.14
C ALA E 2 55.65 36.12 -7.10
N THR E 3 55.12 36.51 -5.94
CA THR E 3 55.92 37.03 -4.81
C THR E 3 56.76 35.92 -4.20
N GLU E 4 57.95 35.73 -4.76
CA GLU E 4 58.96 34.75 -4.31
C GLU E 4 58.44 33.30 -4.27
N TYR E 5 57.68 32.91 -5.29
CA TYR E 5 57.20 31.52 -5.38
C TYR E 5 58.05 30.62 -6.24
N ARG E 6 57.97 29.32 -5.96
CA ARG E 6 58.81 28.34 -6.61
C ARG E 6 58.03 27.48 -7.60
N THR E 7 56.82 27.07 -7.21
CA THR E 7 55.93 26.27 -8.05
C THR E 7 54.81 27.12 -8.60
N ALA E 8 53.82 26.46 -9.17
CA ALA E 8 52.61 27.14 -9.54
C ALA E 8 51.46 26.62 -8.71
N SER E 9 51.77 25.73 -7.77
CA SER E 9 50.81 25.10 -6.85
C SER E 9 49.56 25.94 -6.70
N TRP E 10 49.82 27.20 -6.39
CA TRP E 10 48.83 28.15 -6.04
C TRP E 10 47.72 28.38 -7.04
N LYS E 11 48.05 28.21 -8.31
CA LYS E 11 47.07 28.39 -9.36
C LYS E 11 45.83 27.49 -9.15
N LEU E 12 45.96 26.48 -8.29
CA LEU E 12 44.84 25.58 -7.96
C LEU E 12 43.62 26.37 -7.54
N TRP E 13 43.87 27.44 -6.79
CA TRP E 13 42.82 28.28 -6.21
C TRP E 13 42.17 29.16 -7.26
N LEU E 14 42.83 29.31 -8.40
CA LEU E 14 42.22 29.94 -9.55
C LEU E 14 41.14 29.04 -10.13
N ILE E 15 41.42 27.74 -10.11
CA ILE E 15 40.55 26.72 -10.68
C ILE E 15 39.44 26.19 -9.76
N LEU E 16 39.75 26.01 -8.47
CA LEU E 16 38.99 25.09 -7.61
C LEU E 16 37.98 25.70 -6.64
N ASP E 17 38.22 26.94 -6.20
CA ASP E 17 37.38 27.66 -5.22
C ASP E 17 37.60 27.28 -3.76
N PRO E 18 38.38 28.09 -3.04
CA PRO E 18 38.66 27.98 -1.63
C PRO E 18 37.44 27.57 -0.83
N ARG E 19 36.34 28.29 -1.02
CA ARG E 19 35.14 28.04 -0.24
C ARG E 19 34.68 26.59 -0.29
N ARG E 20 34.65 25.99 -1.49
CA ARG E 20 34.29 24.57 -1.67
C ARG E 20 35.23 23.71 -0.82
N VAL E 21 36.54 23.84 -1.03
CA VAL E 21 37.52 23.07 -0.26
C VAL E 21 37.35 23.25 1.25
N LEU E 22 37.38 24.50 1.68
CA LEU E 22 37.39 24.86 3.08
C LEU E 22 36.20 24.27 3.77
N THR E 23 35.03 24.56 3.23
CA THR E 23 33.81 24.08 3.83
C THR E 23 33.73 22.56 3.83
N ALA E 24 34.23 21.93 2.77
CA ALA E 24 34.11 20.50 2.63
C ALA E 24 34.98 19.74 3.59
N LEU E 25 36.23 20.17 3.72
CA LEU E 25 37.10 19.61 4.73
C LEU E 25 36.47 19.69 6.10
N PHE E 26 35.76 20.80 6.35
CA PHE E 26 35.15 21.03 7.64
C PHE E 26 34.26 19.88 8.01
N VAL E 27 33.36 19.56 7.10
CA VAL E 27 32.47 18.46 7.31
C VAL E 27 33.17 17.10 7.42
N TYR E 28 34.02 16.86 6.43
CA TYR E 28 34.75 15.63 6.28
C TYR E 28 35.47 15.33 7.57
N LEU E 29 36.22 16.32 8.07
CA LEU E 29 37.06 16.07 9.21
C LEU E 29 36.21 15.78 10.39
N THR E 30 35.15 16.55 10.55
CA THR E 30 34.14 16.35 11.60
C THR E 30 33.62 14.95 11.68
N VAL E 31 33.41 14.38 10.51
CA VAL E 31 32.96 13.02 10.45
C VAL E 31 34.00 11.97 10.87
N ILE E 32 35.16 12.01 10.22
CA ILE E 32 36.18 11.09 10.57
C ILE E 32 36.44 11.21 12.09
N ALA E 33 36.47 12.44 12.58
CA ALA E 33 36.69 12.72 13.99
C ALA E 33 35.74 11.93 14.86
N LEU E 34 34.48 12.12 14.54
CA LEU E 34 33.43 11.45 15.20
C LEU E 34 33.55 9.93 15.10
N LEU E 35 33.84 9.43 13.89
CA LEU E 35 34.13 7.99 13.66
C LEU E 35 35.12 7.42 14.63
N ILE E 36 36.31 7.98 14.63
CA ILE E 36 37.29 7.48 15.51
C ILE E 36 36.81 7.56 16.95
N HIS E 37 36.30 8.72 17.36
CA HIS E 37 36.00 8.93 18.77
C HIS E 37 35.05 7.88 19.22
N PHE E 38 33.88 7.80 18.57
CA PHE E 38 32.88 6.78 18.92
C PHE E 38 33.38 5.37 18.81
N GLY E 39 34.16 5.15 17.78
CA GLY E 39 34.70 3.82 17.54
C GLY E 39 35.54 3.35 18.69
N LEU E 40 36.48 4.20 19.04
CA LEU E 40 37.22 3.98 20.23
C LEU E 40 36.29 3.77 21.40
N LEU E 41 35.34 4.68 21.62
CA LEU E 41 34.64 4.50 22.87
C LEU E 41 33.63 3.36 22.81
N SER E 42 33.85 2.52 21.82
CA SER E 42 33.00 1.37 21.67
C SER E 42 33.74 0.10 21.97
N THR E 43 34.99 0.21 22.44
CA THR E 43 35.81 -0.97 22.69
C THR E 43 35.93 -1.27 24.17
N ASP E 44 37.07 -1.80 24.60
CA ASP E 44 37.19 -2.20 25.98
C ASP E 44 38.47 -1.71 26.56
N ARG E 45 39.54 -2.11 25.89
CA ARG E 45 40.81 -1.44 25.86
C ARG E 45 40.45 -0.15 25.21
N LEU E 46 41.11 0.96 25.51
CA LEU E 46 40.77 2.23 24.79
C LEU E 46 39.38 2.84 24.94
N ASN E 47 38.69 2.57 26.01
CA ASN E 47 37.62 3.45 26.37
C ASN E 47 38.02 4.19 27.65
N TRP E 48 38.15 5.51 27.57
CA TRP E 48 38.15 6.39 28.73
C TRP E 48 36.65 6.61 28.93
N TRP E 49 36.19 7.42 29.86
CA TRP E 49 34.70 7.52 30.08
C TRP E 49 34.05 6.37 30.78
N GLU E 50 34.68 5.26 30.93
CA GLU E 50 33.98 4.24 31.67
C GLU E 50 34.84 3.42 32.61
N PHE E 51 34.20 2.78 33.58
CA PHE E 51 34.89 1.85 34.42
C PHE E 51 35.38 0.72 33.53
N GLN E 52 36.58 0.18 33.79
CA GLN E 52 37.16 -0.83 32.90
C GLN E 52 36.30 -2.07 32.72
N ARG E 53 35.52 -2.03 31.64
CA ARG E 53 34.65 -3.11 31.25
C ARG E 53 35.53 -4.26 30.82
N GLY E 54 36.75 -3.90 30.39
CA GLY E 54 37.69 -4.83 29.77
C GLY E 54 37.66 -6.28 30.19
N LEU E 55 37.53 -6.48 31.51
CA LEU E 55 37.84 -7.75 32.16
C LEU E 55 39.16 -8.20 31.52
N PRO E 56 40.20 -7.35 31.65
CA PRO E 56 41.31 -7.30 30.69
C PRO E 56 42.02 -8.67 30.46
N LYS E 57 42.28 -9.38 31.56
CA LYS E 57 42.65 -10.78 31.56
C LYS E 57 41.63 -11.50 32.45
N ALA E 58 41.30 -10.86 33.58
CA ALA E 58 40.34 -11.33 34.59
C ALA E 58 39.12 -11.99 33.96
N ALA E 59 39.03 -13.31 34.13
CA ALA E 59 38.04 -14.21 33.49
C ALA E 59 37.99 -14.10 31.95
N ALA F 2 37.57 38.76 -24.33
CA ALA F 2 38.22 38.43 -23.02
C ALA F 2 39.69 38.01 -23.21
N ASP F 3 40.61 38.96 -23.05
CA ASP F 3 42.05 38.77 -23.33
C ASP F 3 43.02 39.02 -22.14
N LEU F 4 42.52 38.82 -20.92
CA LEU F 4 43.30 39.02 -19.69
C LEU F 4 43.05 37.89 -18.65
N LYS F 5 43.68 38.00 -17.49
CA LYS F 5 43.42 37.14 -16.33
C LYS F 5 42.08 37.51 -15.64
N PRO F 6 41.87 38.83 -15.28
CA PRO F 6 40.53 39.28 -14.87
C PRO F 6 39.77 39.91 -16.06
N SER F 7 39.80 39.18 -17.19
CA SER F 7 39.40 39.67 -18.52
C SER F 7 38.02 40.33 -18.65
N LEU F 8 38.07 41.64 -18.87
CA LEU F 8 36.89 42.52 -19.08
C LEU F 8 35.81 42.42 -17.99
N THR F 9 36.09 43.09 -16.86
CA THR F 9 35.20 43.20 -15.66
C THR F 9 34.74 41.85 -15.07
N GLY F 10 35.70 41.08 -14.55
CA GLY F 10 35.43 39.81 -13.90
C GLY F 10 34.67 39.97 -12.60
N LEU F 11 34.16 38.86 -12.09
CA LEU F 11 33.46 38.82 -10.81
C LEU F 11 34.47 38.82 -9.63
N THR F 12 35.76 38.72 -10.00
CA THR F 12 36.98 39.03 -9.19
C THR F 12 37.63 37.94 -8.32
N GLU F 13 38.76 37.44 -8.81
CA GLU F 13 39.81 36.81 -8.02
C GLU F 13 41.18 37.21 -8.59
N GLU F 14 41.89 38.13 -7.90
CA GLU F 14 43.28 38.50 -8.21
C GLU F 14 44.03 37.21 -8.41
N GLU F 15 45.25 37.28 -8.93
CA GLU F 15 46.21 36.25 -8.53
C GLU F 15 46.53 36.37 -7.00
N ALA F 16 45.54 35.96 -6.16
CA ALA F 16 45.60 35.80 -4.66
C ALA F 16 45.96 34.31 -4.30
N LYS F 17 47.20 34.26 -3.85
CA LYS F 17 47.93 33.09 -3.48
C LYS F 17 48.55 33.53 -2.16
N GLU F 18 48.01 34.63 -1.68
CA GLU F 18 47.90 34.89 -0.28
C GLU F 18 47.07 33.77 0.34
N PHE F 19 45.95 33.41 -0.30
CA PHE F 19 45.17 32.29 0.19
C PHE F 19 46.01 31.02 0.23
N HIS F 20 46.76 30.76 -0.83
CA HIS F 20 47.58 29.55 -0.88
C HIS F 20 48.58 29.48 0.27
N GLY F 21 49.22 30.61 0.57
CA GLY F 21 50.13 30.75 1.70
C GLY F 21 49.55 30.28 3.03
N ILE F 22 48.50 30.95 3.47
CA ILE F 22 47.88 30.60 4.72
C ILE F 22 47.34 29.18 4.69
N PHE F 23 46.64 28.82 3.64
CA PHE F 23 46.05 27.50 3.54
C PHE F 23 47.04 26.38 3.85
N VAL F 24 48.23 26.50 3.28
CA VAL F 24 49.25 25.51 3.49
C VAL F 24 49.81 25.56 4.91
N THR F 25 49.96 26.75 5.45
CA THR F 25 50.49 26.90 6.79
C THR F 25 49.63 26.14 7.77
N SER F 26 48.37 26.59 7.82
CA SER F 26 47.42 26.02 8.70
C SER F 26 47.22 24.53 8.45
N THR F 27 47.34 24.06 7.20
CA THR F 27 47.23 22.60 6.98
C THR F 27 48.36 21.83 7.66
N VAL F 28 49.53 22.42 7.68
CA VAL F 28 50.67 21.78 8.28
C VAL F 28 50.64 21.85 9.80
N LEU F 29 50.34 23.04 10.33
CA LEU F 29 50.10 23.25 11.75
C LEU F 29 49.15 22.26 12.37
N TYR F 30 47.99 22.12 11.73
CA TYR F 30 47.02 21.10 12.09
C TYR F 30 47.63 19.69 12.12
N LEU F 31 48.42 19.36 11.13
CA LEU F 31 49.01 18.03 11.09
C LEU F 31 50.13 17.86 12.11
N ALA F 32 50.84 18.95 12.34
CA ALA F 32 51.90 18.97 13.32
C ALA F 32 51.31 18.73 14.67
N THR F 33 50.34 19.58 15.04
CA THR F 33 49.68 19.48 16.32
C THR F 33 49.22 18.03 16.58
N ALA F 34 48.65 17.45 15.53
CA ALA F 34 48.14 16.09 15.55
C ALA F 34 49.20 15.07 15.89
N VAL F 35 50.39 15.32 15.37
CA VAL F 35 51.48 14.43 15.64
C VAL F 35 51.79 14.45 17.14
N ILE F 36 52.01 15.65 17.67
CA ILE F 36 52.38 15.81 19.06
C ILE F 36 51.34 15.14 19.92
N VAL F 37 50.10 15.49 19.64
CA VAL F 37 49.00 14.94 20.36
C VAL F 37 49.02 13.41 20.33
N HIS F 38 49.28 12.81 19.15
CA HIS F 38 49.35 11.36 19.08
C HIS F 38 50.42 10.81 19.97
N TYR F 39 51.56 11.49 19.99
CA TYR F 39 52.65 11.08 20.86
C TYR F 39 52.28 11.07 22.34
N LEU F 40 51.55 12.10 22.73
CA LEU F 40 51.11 12.26 24.10
C LEU F 40 50.21 11.16 24.50
N VAL F 41 49.29 10.84 23.63
CA VAL F 41 48.34 9.80 23.93
C VAL F 41 49.07 8.49 24.05
N TRP F 42 50.07 8.30 23.21
CA TRP F 42 50.76 7.02 23.20
C TRP F 42 51.21 6.66 24.60
N THR F 43 51.52 7.69 25.36
CA THR F 43 52.15 7.53 26.65
C THR F 43 51.08 7.23 27.67
N ALA F 44 49.84 7.48 27.27
CA ALA F 44 48.67 7.29 28.11
C ALA F 44 48.09 5.93 27.94
N ARG F 45 48.16 5.44 26.70
CA ARG F 45 47.57 4.20 26.23
C ARG F 45 48.40 3.80 25.00
N PRO F 46 49.40 2.93 25.17
CA PRO F 46 50.21 2.58 24.00
C PRO F 46 49.46 1.59 23.10
N TRP F 47 49.00 2.10 21.98
CA TRP F 47 47.93 1.41 21.37
C TRP F 47 48.20 0.25 20.46
N ILE F 48 49.31 0.18 19.72
CA ILE F 48 49.42 -1.04 18.87
C ILE F 48 49.54 -2.39 19.64
N ALA F 49 50.48 -2.50 20.60
CA ALA F 49 50.91 -3.78 21.26
C ALA F 49 51.91 -4.53 20.47
N PRO F 50 52.83 -5.19 21.17
CA PRO F 50 53.70 -6.14 20.49
C PRO F 50 52.94 -7.44 20.23
N ILE F 51 53.48 -8.25 19.31
CA ILE F 51 52.90 -9.54 18.91
C ILE F 51 52.93 -10.55 20.04
N PRO F 52 51.75 -11.11 20.38
CA PRO F 52 51.53 -11.99 21.54
C PRO F 52 52.23 -13.36 21.45
N LYS F 53 52.07 -14.20 22.48
CA LYS F 53 52.82 -15.47 22.62
C LYS F 53 52.67 -16.45 21.46
N GLY F 54 51.44 -16.68 21.03
CA GLY F 54 51.18 -17.51 19.85
C GLY F 54 51.34 -16.70 18.58
N TRP F 55 50.36 -15.83 18.35
CA TRP F 55 50.16 -15.14 17.09
C TRP F 55 50.48 -15.95 15.82
N VAL F 56 51.46 -15.49 15.05
CA VAL F 56 51.58 -15.81 13.60
C VAL F 56 50.26 -15.72 12.78
N SER G 1 45.79 16.28 40.09
CA SER G 1 45.45 14.92 39.57
C SER G 1 45.98 14.67 38.13
N ASP G 2 45.96 15.73 37.31
CA ASP G 2 46.33 15.74 35.85
C ASP G 2 47.78 15.31 35.71
N TRP G 3 48.11 14.04 35.95
CA TRP G 3 49.53 13.71 36.00
C TRP G 3 50.05 12.72 34.97
N ASN G 4 51.05 13.21 34.25
CA ASN G 4 51.19 13.07 32.81
C ASN G 4 49.84 12.79 32.17
N LEU G 5 48.76 13.43 32.65
CA LEU G 5 47.61 13.59 31.73
C LEU G 5 47.21 15.06 31.36
N TRP G 6 47.99 15.43 30.38
CA TRP G 6 48.20 16.71 29.77
C TRP G 6 47.59 16.57 28.43
N VAL G 7 47.26 15.34 28.11
CA VAL G 7 46.59 14.96 26.90
C VAL G 7 45.46 15.93 26.52
N PRO G 8 44.48 16.17 27.43
CA PRO G 8 43.42 17.08 27.01
C PRO G 8 43.97 18.51 26.85
N LEU G 9 44.84 18.93 27.76
CA LEU G 9 45.56 20.21 27.65
C LEU G 9 46.31 20.42 26.32
N GLY G 10 47.07 19.42 25.92
CA GLY G 10 47.75 19.42 24.63
C GLY G 10 46.78 19.60 23.50
N ILE G 11 45.74 18.77 23.49
CA ILE G 11 44.77 18.91 22.42
C ILE G 11 44.13 20.28 22.43
N LEU G 12 43.66 20.74 23.58
CA LEU G 12 42.93 21.99 23.64
C LEU G 12 43.81 23.20 23.48
N GLY G 13 44.99 23.11 24.09
CA GLY G 13 45.91 24.23 24.21
C GLY G 13 46.67 24.58 22.96
N ILE G 14 47.34 23.60 22.38
CA ILE G 14 48.22 23.87 21.25
C ILE G 14 47.52 24.69 20.16
N PRO G 15 46.37 24.21 19.64
CA PRO G 15 45.69 24.97 18.62
C PRO G 15 45.37 26.34 19.12
N THR G 16 44.99 26.43 20.39
CA THR G 16 44.58 27.71 20.93
C THR G 16 45.64 28.78 20.65
N ILE G 17 46.90 28.37 20.70
CA ILE G 17 48.00 29.28 20.54
C ILE G 17 48.21 29.62 19.09
N TRP G 18 48.32 28.62 18.24
CA TRP G 18 48.62 28.95 16.87
C TRP G 18 47.40 29.55 16.20
N ILE G 19 46.22 29.34 16.76
CA ILE G 19 45.04 30.05 16.24
C ILE G 19 45.24 31.51 16.54
N ALA G 20 45.76 31.79 17.73
CA ALA G 20 46.11 33.16 18.12
C ALA G 20 47.13 33.78 17.21
N LEU G 21 48.09 32.98 16.77
CA LEU G 21 49.28 33.57 16.20
C LEU G 21 49.35 33.65 14.69
N THR G 22 48.69 32.71 14.04
CA THR G 22 48.72 32.60 12.60
C THR G 22 47.89 33.68 11.99
N TYR G 23 46.84 34.10 12.68
CA TYR G 23 45.91 35.00 12.05
C TYR G 23 45.90 36.35 12.72
N ARG G 24 47.11 36.86 12.99
CA ARG G 24 47.32 38.20 13.49
C ARG G 24 47.42 39.20 12.33
N ALA H 2 6.22 61.05 23.17
CA ALA H 2 5.97 60.24 24.40
C ALA H 2 5.15 61.03 25.43
N THR H 3 3.85 60.71 25.55
CA THR H 3 2.94 61.38 26.50
C THR H 3 3.18 60.91 27.93
N GLU H 4 3.75 61.82 28.75
CA GLU H 4 4.08 61.61 30.17
C GLU H 4 4.89 60.32 30.44
N TYR H 5 5.90 60.11 29.59
CA TYR H 5 6.75 58.90 29.56
C TYR H 5 8.24 59.24 29.77
N ARG H 6 9.11 58.25 29.53
CA ARG H 6 10.56 58.36 29.80
C ARG H 6 11.47 57.92 28.63
N THR H 7 10.94 57.06 27.75
CA THR H 7 11.70 56.44 26.65
C THR H 7 10.97 56.50 25.30
N ALA H 8 11.58 55.89 24.29
CA ALA H 8 10.97 55.59 23.01
C ALA H 8 10.14 54.30 23.11
N SER H 9 10.55 53.43 24.04
CA SER H 9 10.00 52.07 24.31
C SER H 9 8.87 51.62 23.40
N TRP H 10 7.79 52.35 23.56
CA TRP H 10 6.51 52.09 22.98
C TRP H 10 6.49 51.98 21.48
N LYS H 11 7.44 52.67 20.86
CA LYS H 11 7.56 52.68 19.41
C LYS H 11 7.77 51.26 18.85
N LEU H 12 8.13 50.34 19.74
CA LEU H 12 8.30 48.93 19.41
C LEU H 12 7.08 48.39 18.67
N TRP H 13 5.92 48.84 19.14
CA TRP H 13 4.61 48.39 18.73
C TRP H 13 4.29 48.77 17.30
N LEU H 14 4.87 49.89 16.85
CA LEU H 14 4.72 50.36 15.47
C LEU H 14 5.44 49.38 14.54
N ILE H 15 6.36 48.61 15.12
CA ILE H 15 7.20 47.64 14.43
C ILE H 15 6.80 46.16 14.67
N LEU H 16 6.37 45.84 15.90
CA LEU H 16 6.28 44.45 16.33
C LEU H 16 4.97 43.70 16.01
N ASP H 17 3.84 44.37 16.27
CA ASP H 17 2.44 43.87 16.06
C ASP H 17 1.80 43.18 17.28
N PRO H 18 1.02 43.96 18.07
CA PRO H 18 0.17 43.53 19.17
C PRO H 18 -0.54 42.23 18.89
N ARG H 19 -1.18 42.11 17.73
CA ARG H 19 -1.98 40.93 17.40
C ARG H 19 -1.20 39.64 17.52
N ARG H 20 0.01 39.64 16.97
CA ARG H 20 0.83 38.45 16.98
C ARG H 20 1.56 38.23 18.29
N VAL H 21 2.01 39.30 18.93
CA VAL H 21 2.54 39.20 20.30
C VAL H 21 1.51 38.54 21.23
N LEU H 22 0.32 39.10 21.23
CA LEU H 22 -0.71 38.67 22.15
C LEU H 22 -1.05 37.22 21.92
N THR H 23 -1.29 36.85 20.67
CA THR H 23 -1.65 35.47 20.37
C THR H 23 -0.59 34.47 20.80
N ALA H 24 0.67 34.89 20.70
CA ALA H 24 1.79 34.03 21.00
C ALA H 24 1.93 33.86 22.50
N LEU H 25 2.03 34.96 23.23
CA LEU H 25 2.00 34.94 24.68
C LEU H 25 0.91 34.03 25.20
N PHE H 26 -0.26 34.14 24.59
CA PHE H 26 -1.42 33.40 25.04
C PHE H 26 -1.11 31.94 25.00
N VAL H 27 -0.52 31.52 23.90
CA VAL H 27 -0.19 30.14 23.70
C VAL H 27 0.94 29.66 24.62
N TYR H 28 2.02 30.43 24.59
CA TYR H 28 3.22 30.15 25.36
C TYR H 28 2.84 29.93 26.81
N LEU H 29 2.15 30.90 27.40
CA LEU H 29 1.87 30.84 28.81
C LEU H 29 1.03 29.62 29.13
N THR H 30 -0.02 29.41 28.31
CA THR H 30 -0.89 28.24 28.39
C THR H 30 -0.16 26.91 28.42
N VAL H 31 0.85 26.81 27.58
CA VAL H 31 1.61 25.59 27.52
C VAL H 31 2.45 25.34 28.74
N ILE H 32 3.27 26.31 29.10
CA ILE H 32 4.04 26.19 30.31
C ILE H 32 3.10 25.87 31.50
N ALA H 33 1.93 26.48 31.51
CA ALA H 33 0.97 26.31 32.60
C ALA H 33 0.48 24.88 32.71
N LEU H 34 0.19 24.34 31.55
CA LEU H 34 -0.30 23.01 31.48
C LEU H 34 0.74 22.06 31.95
N LEU H 35 1.94 22.22 31.39
CA LEU H 35 3.12 21.45 31.80
C LEU H 35 3.26 21.37 33.28
N ILE H 36 3.52 22.51 33.90
CA ILE H 36 3.67 22.56 35.33
C ILE H 36 2.54 21.81 36.03
N HIS H 37 1.31 22.15 35.66
CA HIS H 37 0.16 21.61 36.36
C HIS H 37 0.20 20.12 36.32
N PHE H 38 0.20 19.58 35.10
CA PHE H 38 0.03 18.15 34.95
C PHE H 38 1.12 17.36 35.59
N GLY H 39 2.32 17.87 35.37
CA GLY H 39 3.53 17.32 35.94
C GLY H 39 3.46 17.25 37.42
N LEU H 40 3.03 18.34 38.04
CA LEU H 40 2.83 18.27 39.46
C LEU H 40 1.89 17.15 39.76
N LEU H 41 0.79 17.08 39.00
CA LEU H 41 -0.20 16.14 39.43
C LEU H 41 0.08 14.75 39.02
N SER H 42 1.31 14.59 38.58
CA SER H 42 1.82 13.31 38.25
C SER H 42 2.77 12.75 39.30
N THR H 43 2.98 13.45 40.39
CA THR H 43 3.95 12.97 41.37
C THR H 43 3.26 12.20 42.47
N ASP H 44 3.70 12.34 43.70
CA ASP H 44 3.09 11.60 44.78
C ASP H 44 2.91 12.49 45.96
N ARG H 45 3.99 13.21 46.24
CA ARG H 45 3.99 14.42 46.98
C ARG H 45 3.39 15.41 46.02
N LEU H 46 2.90 16.56 46.45
CA LEU H 46 2.45 17.56 45.45
C LEU H 46 1.41 17.10 44.44
N ASN H 47 0.66 16.07 44.78
CA ASN H 47 -0.54 15.81 44.05
C ASN H 47 -1.71 16.00 45.01
N TRP H 48 -2.48 17.07 44.77
CA TRP H 48 -3.79 17.24 45.39
C TRP H 48 -4.65 16.47 44.39
N TRP H 49 -5.97 16.42 44.51
CA TRP H 49 -6.78 15.53 43.59
C TRP H 49 -6.58 14.07 43.81
N GLU H 50 -6.13 13.64 44.97
CA GLU H 50 -5.92 12.23 45.13
C GLU H 50 -5.48 11.87 46.52
N PHE H 51 -5.79 10.65 46.94
CA PHE H 51 -5.36 10.14 48.23
C PHE H 51 -3.85 10.06 48.30
N GLN H 52 -3.25 10.29 49.49
CA GLN H 52 -1.79 10.27 49.57
C GLN H 52 -1.23 8.88 49.31
N ARG H 53 -0.93 8.63 48.05
CA ARG H 53 -0.41 7.37 47.62
C ARG H 53 1.09 7.37 47.82
N GLY H 54 1.60 8.55 48.19
CA GLY H 54 3.02 8.75 48.41
C GLY H 54 3.70 7.65 49.20
N LEU H 55 2.93 7.05 50.11
CA LEU H 55 3.43 6.08 51.07
C LEU H 55 4.71 6.70 51.63
N PRO H 56 4.57 7.89 52.26
CA PRO H 56 5.61 8.93 52.37
C PRO H 56 6.98 8.44 52.93
N LYS H 57 6.91 7.57 53.94
CA LYS H 57 8.04 6.80 54.47
C LYS H 57 7.47 5.43 54.86
N ALA H 58 6.29 5.47 55.50
CA ALA H 58 5.51 4.29 55.87
C ALA H 58 5.40 3.33 54.69
N ALA H 59 5.98 2.13 54.88
CA ALA H 59 6.23 1.12 53.83
C ALA H 59 6.98 1.65 52.62
N ALA I 2 -15.22 57.87 22.55
CA ALA I 2 -15.62 56.92 23.63
C ALA I 2 -16.70 57.49 24.56
N THR I 3 -17.72 56.69 24.85
CA THR I 3 -18.82 57.08 25.77
C THR I 3 -18.38 56.93 27.23
N GLU I 4 -17.80 58.02 27.76
CA GLU I 4 -17.29 58.13 29.14
C GLU I 4 -16.32 57.01 29.53
N TYR I 5 -15.29 56.79 28.70
CA TYR I 5 -14.26 55.81 29.05
C TYR I 5 -13.08 56.42 29.77
N ARG I 6 -12.43 55.59 30.58
CA ARG I 6 -11.29 55.99 31.38
C ARG I 6 -9.97 55.64 30.68
N THR I 7 -10.00 54.58 29.88
CA THR I 7 -8.81 54.05 29.21
C THR I 7 -8.99 54.10 27.70
N ALA I 8 -8.09 53.43 26.98
CA ALA I 8 -8.22 53.22 25.55
C ALA I 8 -8.54 51.78 25.25
N SER I 9 -8.43 50.94 26.28
CA SER I 9 -8.69 49.49 26.28
C SER I 9 -9.42 49.00 25.04
N TRP I 10 -10.59 49.59 24.91
CA TRP I 10 -11.58 49.23 23.96
C TRP I 10 -11.17 49.23 22.49
N LYS I 11 -10.17 50.04 22.17
CA LYS I 11 -9.66 50.16 20.81
C LYS I 11 -9.14 48.82 20.33
N LEU I 12 -8.87 47.94 21.30
CA LEU I 12 -8.45 46.58 21.04
C LEU I 12 -9.28 45.88 19.99
N TRP I 13 -10.56 46.22 19.95
CA TRP I 13 -11.52 45.55 19.12
C TRP I 13 -11.45 46.08 17.70
N LEU I 14 -10.88 47.28 17.55
CA LEU I 14 -10.59 47.83 16.23
C LEU I 14 -9.48 47.01 15.56
N ILE I 15 -8.57 46.51 16.40
CA ILE I 15 -7.40 45.71 16.01
C ILE I 15 -7.74 44.22 15.82
N LEU I 16 -8.50 43.65 16.76
CA LEU I 16 -8.43 42.22 17.05
C LEU I 16 -9.47 41.29 16.44
N ASP I 17 -10.67 41.81 16.22
CA ASP I 17 -11.87 41.08 15.76
C ASP I 17 -12.56 40.22 16.81
N PRO I 18 -13.67 40.74 17.35
CA PRO I 18 -14.58 40.07 18.21
C PRO I 18 -14.77 38.61 17.83
N ARG I 19 -15.15 38.37 16.57
CA ARG I 19 -15.55 37.04 16.14
C ARG I 19 -14.53 35.97 16.44
N ARG I 20 -13.27 36.28 16.17
CA ARG I 20 -12.18 35.36 16.40
C ARG I 20 -12.00 35.09 17.87
N VAL I 21 -11.95 36.15 18.65
CA VAL I 21 -11.81 36.03 20.09
C VAL I 21 -12.94 35.20 20.67
N LEU I 22 -14.16 35.57 20.28
CA LEU I 22 -15.33 34.93 20.79
C LEU I 22 -15.28 33.46 20.50
N THR I 23 -15.12 33.12 19.23
CA THR I 23 -15.03 31.71 18.84
C THR I 23 -13.93 30.91 19.54
N ALA I 24 -12.77 31.52 19.74
CA ALA I 24 -11.63 30.84 20.30
C ALA I 24 -11.84 30.59 21.78
N LEU I 25 -12.17 31.65 22.51
CA LEU I 25 -12.50 31.50 23.91
C LEU I 25 -13.47 30.36 24.10
N PHE I 26 -14.52 30.33 23.27
CA PHE I 26 -15.51 29.29 23.32
C PHE I 26 -14.85 27.94 23.37
N VAL I 27 -14.02 27.68 22.38
CA VAL I 27 -13.31 26.43 22.23
C VAL I 27 -12.39 26.12 23.39
N TYR I 28 -11.47 27.06 23.61
CA TYR I 28 -10.46 26.96 24.62
C TYR I 28 -11.04 26.57 25.95
N LEU I 29 -12.01 27.33 26.42
CA LEU I 29 -12.59 27.11 27.72
C LEU I 29 -13.20 25.75 27.75
N THR I 30 -13.88 25.41 26.67
CA THR I 30 -14.51 24.10 26.54
C THR I 30 -13.58 22.93 26.71
N VAL I 31 -12.40 23.11 26.20
CA VAL I 31 -11.41 22.09 26.36
C VAL I 31 -10.87 21.98 27.78
N ILE I 32 -10.48 23.10 28.34
CA ILE I 32 -10.02 23.08 29.69
C ILE I 32 -11.14 22.49 30.56
N ALA I 33 -12.38 22.88 30.26
CA ALA I 33 -13.53 22.45 31.03
C ALA I 33 -13.66 20.94 31.05
N LEU I 34 -13.55 20.40 29.86
CA LEU I 34 -13.62 18.99 29.68
C LEU I 34 -12.49 18.26 30.38
N LEU I 35 -11.28 18.76 30.16
CA LEU I 35 -10.09 18.23 30.81
C LEU I 35 -10.27 18.01 32.28
N ILE I 36 -10.68 19.07 32.96
CA ILE I 36 -10.80 19.02 34.39
C ILE I 36 -11.85 18.02 34.78
N HIS I 37 -13.04 18.15 34.16
CA HIS I 37 -14.16 17.29 34.48
C HIS I 37 -13.75 15.88 34.41
N PHE I 38 -13.29 15.45 33.25
CA PHE I 38 -12.91 14.06 33.07
C PHE I 38 -11.82 13.61 33.98
N GLY I 39 -10.85 14.50 34.13
CA GLY I 39 -9.67 14.26 34.93
C GLY I 39 -10.04 13.97 36.34
N LEU I 40 -10.90 14.83 36.86
CA LEU I 40 -11.42 14.57 38.16
C LEU I 40 -12.05 13.21 38.15
N LEU I 41 -12.91 12.96 37.17
CA LEU I 41 -13.74 11.81 37.36
C LEU I 41 -13.05 10.54 37.05
N SER I 42 -11.76 10.72 36.83
CA SER I 42 -10.88 9.62 36.63
C SER I 42 -10.03 9.29 37.85
N THR I 43 -10.39 9.77 39.02
CA THR I 43 -9.55 9.54 40.18
C THR I 43 -10.27 8.64 41.14
N ASP I 44 -10.13 8.88 42.44
CA ASP I 44 -10.73 8.00 43.42
C ASP I 44 -11.42 8.79 44.50
N ARG I 45 -10.64 9.68 45.11
CA ARG I 45 -11.09 10.87 45.76
C ARG I 45 -11.64 11.71 44.63
N LEU I 46 -12.59 12.60 44.88
CA LEU I 46 -13.17 13.46 43.81
C LEU I 46 -13.59 12.76 42.54
N ASN I 47 -14.17 11.59 42.67
CA ASN I 47 -15.03 11.14 41.63
C ASN I 47 -16.40 11.01 42.29
N TRP I 48 -17.31 11.88 41.87
CA TRP I 48 -18.74 11.71 42.08
C TRP I 48 -19.11 10.84 40.87
N TRP I 49 -20.33 10.36 40.74
CA TRP I 49 -20.67 9.34 39.68
C TRP I 49 -20.07 7.99 39.96
N GLU I 50 -19.86 7.62 41.19
CA GLU I 50 -19.53 6.24 41.43
C GLU I 50 -19.42 5.91 42.89
N PHE I 51 -19.49 4.63 43.20
CA PHE I 51 -19.21 4.12 44.51
C PHE I 51 -17.74 4.41 44.87
N GLN I 52 -17.44 4.83 46.10
CA GLN I 52 -16.05 5.18 46.48
C GLN I 52 -15.11 3.99 46.32
N ARG I 53 -14.46 3.98 45.17
CA ARG I 53 -13.51 2.95 44.81
C ARG I 53 -12.24 3.20 45.59
N GLY I 54 -12.11 4.44 46.06
CA GLY I 54 -10.92 4.91 46.74
C GLY I 54 -10.38 3.98 47.81
N LEU I 55 -11.30 3.21 48.39
CA LEU I 55 -11.04 2.32 49.53
C LEU I 55 -10.15 3.11 50.50
N PRO I 56 -10.68 4.25 50.98
CA PRO I 56 -9.92 5.45 51.40
C PRO I 56 -8.63 5.19 52.21
N LYS I 57 -8.73 4.31 53.21
CA LYS I 57 -7.59 3.67 53.88
C LYS I 57 -8.00 2.22 54.17
N ALA I 58 -9.26 2.05 54.58
CA ALA I 58 -9.88 0.75 54.85
C ALA I 58 -9.62 -0.25 53.71
N ALA I 59 -8.84 -1.29 54.04
CA ALA I 59 -8.27 -2.27 53.10
C ALA I 59 -7.41 -1.64 51.99
N ALA J 2 -33.01 50.12 17.64
CA ALA J 2 -33.53 49.11 18.62
C ALA J 2 -34.96 49.40 19.06
N THR J 3 -35.80 48.36 19.12
CA THR J 3 -37.17 48.47 19.65
C THR J 3 -37.18 48.46 21.19
N GLU J 4 -36.94 49.65 21.75
CA GLU J 4 -37.01 49.93 23.19
C GLU J 4 -36.09 49.01 24.02
N TYR J 5 -34.82 48.91 23.61
CA TYR J 5 -33.84 48.05 24.30
C TYR J 5 -33.08 48.77 25.40
N ARG J 6 -32.14 48.06 26.02
CA ARG J 6 -31.29 48.64 27.04
C ARG J 6 -29.84 48.67 26.56
N THR J 7 -29.35 47.51 26.12
CA THR J 7 -27.98 47.34 25.64
C THR J 7 -27.98 47.31 24.13
N ALA J 8 -26.80 47.22 23.54
CA ALA J 8 -26.71 47.01 22.12
C ALA J 8 -26.47 45.53 21.81
N SER J 9 -26.40 44.70 22.87
CA SER J 9 -26.15 43.26 22.77
C SER J 9 -26.44 42.70 21.38
N TRP J 10 -27.69 42.92 21.00
CA TRP J 10 -28.24 42.48 19.75
C TRP J 10 -27.44 42.70 18.48
N LYS J 11 -26.67 43.78 18.46
CA LYS J 11 -25.78 44.08 17.35
C LYS J 11 -24.85 42.91 17.04
N LEU J 12 -24.73 41.99 18.01
CA LEU J 12 -23.98 40.76 17.83
C LEU J 12 -24.37 39.98 16.60
N TRP J 13 -25.66 40.00 16.27
CA TRP J 13 -26.18 39.22 15.15
C TRP J 13 -25.91 39.89 13.83
N LEU J 14 -25.58 41.18 13.89
CA LEU J 14 -25.03 41.89 12.74
C LEU J 14 -23.60 41.39 12.47
N ILE J 15 -22.88 41.10 13.55
CA ILE J 15 -21.51 40.63 13.52
C ILE J 15 -21.37 39.12 13.17
N LEU J 16 -22.31 38.30 13.64
CA LEU J 16 -22.01 36.89 13.87
C LEU J 16 -22.67 35.82 13.00
N ASP J 17 -23.93 36.02 12.63
CA ASP J 17 -24.75 35.06 11.87
C ASP J 17 -25.47 34.00 12.69
N PRO J 18 -26.77 34.23 12.90
CA PRO J 18 -27.69 33.35 13.57
C PRO J 18 -27.55 31.93 13.10
N ARG J 19 -27.46 31.75 11.78
CA ARG J 19 -27.50 30.42 11.22
C ARG J 19 -26.37 29.57 11.74
N ARG J 20 -25.18 30.16 11.77
CA ARG J 20 -23.99 29.45 12.19
C ARG J 20 -24.10 29.12 13.67
N VAL J 21 -24.39 30.12 14.48
CA VAL J 21 -24.56 29.94 15.90
C VAL J 21 -25.56 28.82 16.23
N LEU J 22 -26.69 28.85 15.54
CA LEU J 22 -27.75 27.89 15.75
C LEU J 22 -27.29 26.50 15.45
N THR J 23 -26.74 26.33 14.25
CA THR J 23 -26.24 25.03 13.87
C THR J 23 -25.11 24.49 14.76
N ALA J 24 -24.29 25.39 15.26
CA ALA J 24 -23.22 25.03 16.17
C ALA J 24 -23.79 24.55 17.48
N LEU J 25 -24.62 25.39 18.09
CA LEU J 25 -25.21 25.03 19.35
C LEU J 25 -25.83 23.67 19.22
N PHE J 26 -26.51 23.45 18.10
CA PHE J 26 -27.24 22.23 17.89
C PHE J 26 -26.34 21.05 18.12
N VAL J 27 -25.21 21.08 17.46
CA VAL J 27 -24.29 19.99 17.50
C VAL J 27 -23.60 19.85 18.85
N TYR J 28 -23.15 21.00 19.36
CA TYR J 28 -22.37 21.08 20.57
C TYR J 28 -23.16 20.47 21.70
N LEU J 29 -24.42 20.87 21.79
CA LEU J 29 -25.24 20.39 22.85
C LEU J 29 -25.52 18.92 22.70
N THR J 30 -25.79 18.49 21.47
CA THR J 30 -26.10 17.08 21.20
C THR J 30 -25.01 16.13 21.65
N VAL J 31 -23.80 16.58 21.46
CA VAL J 31 -22.68 15.78 21.85
C VAL J 31 -22.51 15.76 23.35
N ILE J 32 -22.50 16.93 23.98
CA ILE J 32 -22.37 16.94 25.41
C ILE J 32 -23.49 16.05 26.01
N ALA J 33 -24.71 16.24 25.51
CA ALA J 33 -25.85 15.47 25.97
C ALA J 33 -25.58 13.96 25.93
N LEU J 34 -25.12 13.52 24.76
CA LEU J 34 -24.76 12.15 24.57
C LEU J 34 -23.68 11.64 25.49
N LEU J 35 -22.61 12.42 25.64
CA LEU J 35 -21.53 12.11 26.59
C LEU J 35 -22.01 11.79 27.97
N ILE J 36 -22.72 12.74 28.54
CA ILE J 36 -23.28 12.54 29.83
C ILE J 36 -24.14 11.29 29.90
N HIS J 37 -25.05 11.17 28.94
CA HIS J 37 -26.02 10.10 28.96
C HIS J 37 -25.35 8.78 29.01
N PHE J 38 -24.51 8.53 28.01
CA PHE J 38 -23.84 7.23 27.93
C PHE J 38 -22.87 7.02 29.05
N GLY J 39 -22.21 8.10 29.41
CA GLY J 39 -21.26 8.09 30.49
C GLY J 39 -21.90 7.65 31.76
N LEU J 40 -23.02 8.27 32.09
CA LEU J 40 -23.76 7.80 33.21
C LEU J 40 -24.10 6.36 32.98
N LEU J 41 -24.54 6.01 31.75
CA LEU J 41 -25.04 4.67 31.68
C LEU J 41 -24.04 3.60 31.63
N SER J 42 -22.82 4.06 31.83
CA SER J 42 -21.68 3.21 31.90
C SER J 42 -21.09 3.11 33.31
N THR J 43 -21.83 3.53 34.33
CA THR J 43 -21.28 3.47 35.67
C THR J 43 -21.75 2.21 36.38
N ASP J 44 -22.35 2.35 37.55
CA ASP J 44 -22.82 1.20 38.30
C ASP J 44 -23.91 1.64 39.24
N ARG J 45 -23.62 2.79 39.83
CA ARG J 45 -24.50 3.65 40.56
C ARG J 45 -24.84 4.52 39.40
N LEU J 46 -26.02 5.12 39.35
CA LEU J 46 -26.35 5.98 38.18
C LEU J 46 -26.41 5.29 36.83
N ASN J 47 -26.60 3.99 36.82
CA ASN J 47 -27.14 3.41 35.64
C ASN J 47 -28.58 2.98 35.98
N TRP J 48 -29.52 3.54 35.23
CA TRP J 48 -30.89 3.08 35.19
C TRP J 48 -30.80 2.24 33.92
N TRP J 49 -31.85 1.56 33.45
CA TRP J 49 -31.68 0.56 32.32
C TRP J 49 -30.86 -0.64 32.71
N GLU J 50 -31.13 -1.24 33.85
CA GLU J 50 -30.34 -2.39 34.24
C GLU J 50 -30.35 -2.67 35.71
N PHE J 51 -30.19 -3.94 36.04
CA PHE J 51 -30.15 -4.37 37.40
C PHE J 51 -28.92 -3.78 38.11
N GLN J 52 -29.03 -3.44 39.40
CA GLN J 52 -27.90 -2.83 40.11
C GLN J 52 -26.74 -3.79 40.25
N ARG J 53 -25.84 -3.73 39.29
CA ARG J 53 -24.68 -4.58 39.26
C ARG J 53 -23.65 -4.01 40.20
N GLY J 54 -23.89 -2.76 40.60
CA GLY J 54 -23.03 -2.07 41.54
C GLY J 54 -22.72 -2.89 42.77
N LEU J 55 -23.62 -3.85 43.04
CA LEU J 55 -23.60 -4.69 44.24
C LEU J 55 -23.06 -3.79 45.34
N PRO J 56 -23.87 -2.78 45.70
CA PRO J 56 -23.41 -1.49 46.25
C PRO J 56 -22.40 -1.62 47.41
N LYS J 57 -22.69 -2.55 48.32
CA LYS J 57 -21.78 -3.03 49.35
C LYS J 57 -21.85 -4.56 49.28
N ALA J 58 -23.07 -5.05 49.03
CA ALA J 58 -23.36 -6.46 48.73
C ALA J 58 -22.24 -7.15 47.94
N ALA J 59 -21.74 -8.25 48.53
CA ALA J 59 -20.49 -8.95 48.14
C ALA J 59 -19.24 -8.08 48.37
N ALA K 2 -48.25 40.01 9.15
CA ALA K 2 -48.53 38.87 10.06
C ALA K 2 -50.03 38.63 10.29
N THR K 3 -50.55 37.54 9.73
CA THR K 3 -51.97 37.16 9.85
C THR K 3 -52.30 36.71 11.29
N GLU K 4 -52.60 37.72 12.13
CA GLU K 4 -52.84 37.56 13.57
C GLU K 4 -51.73 36.77 14.28
N TYR K 5 -50.49 37.20 14.10
CA TYR K 5 -49.37 36.62 14.84
C TYR K 5 -49.03 37.44 16.09
N ARG K 6 -48.00 36.99 16.82
CA ARG K 6 -47.62 37.62 18.07
C ARG K 6 -46.15 37.97 18.05
N THR K 7 -45.32 36.98 17.72
CA THR K 7 -43.87 37.13 17.64
C THR K 7 -43.48 37.20 16.19
N ALA K 8 -42.18 37.25 15.93
CA ALA K 8 -41.71 37.13 14.56
C ALA K 8 -41.12 35.77 14.29
N SER K 9 -41.18 34.89 15.29
CA SER K 9 -40.55 33.57 15.28
C SER K 9 -40.37 33.09 13.87
N TRP K 10 -41.51 33.04 13.19
CA TRP K 10 -41.65 32.59 11.82
C TRP K 10 -40.63 33.06 10.79
N LYS K 11 -40.10 34.26 10.96
CA LYS K 11 -39.11 34.80 10.04
C LYS K 11 -37.90 33.87 9.94
N LEU K 12 -37.85 32.88 10.83
CA LEU K 12 -36.77 31.92 10.84
C LEU K 12 -36.67 31.21 9.53
N TRP K 13 -37.81 30.95 8.94
CA TRP K 13 -37.88 30.16 7.73
C TRP K 13 -37.54 30.98 6.52
N LEU K 14 -37.55 32.31 6.68
CA LEU K 14 -36.93 33.19 5.70
C LEU K 14 -35.42 33.04 5.74
N ILE K 15 -34.90 32.77 6.92
CA ILE K 15 -33.46 32.64 7.14
C ILE K 15 -32.89 31.21 6.99
N LEU K 16 -33.67 30.19 7.36
CA LEU K 16 -33.13 28.84 7.59
C LEU K 16 -33.19 27.83 6.45
N ASP K 17 -34.38 27.75 5.83
CA ASP K 17 -34.80 26.73 4.83
C ASP K 17 -35.43 25.48 5.41
N PRO K 18 -36.77 25.41 5.36
CA PRO K 18 -37.57 24.32 5.82
C PRO K 18 -36.97 23.01 5.38
N ARG K 19 -36.65 22.88 4.11
CA ARG K 19 -36.21 21.62 3.54
C ARG K 19 -34.98 21.04 4.23
N ARG K 20 -34.00 21.88 4.53
CA ARG K 20 -32.83 21.44 5.27
C ARG K 20 -33.21 20.97 6.65
N VAL K 21 -33.97 21.79 7.35
CA VAL K 21 -34.40 21.45 8.70
C VAL K 21 -35.16 20.14 8.71
N LEU K 22 -36.15 20.05 7.82
CA LEU K 22 -37.02 18.92 7.75
C LEU K 22 -36.22 17.67 7.54
N THR K 23 -35.40 17.67 6.50
CA THR K 23 -34.62 16.52 6.14
C THR K 23 -33.60 16.07 7.19
N ALA K 24 -33.09 17.03 7.94
CA ALA K 24 -32.15 16.73 8.98
C ALA K 24 -32.86 16.17 10.17
N LEU K 25 -33.91 16.86 10.63
CA LEU K 25 -34.65 16.37 11.77
C LEU K 25 -34.97 14.92 11.51
N PHE K 26 -35.35 14.63 10.26
CA PHE K 26 -35.75 13.28 9.86
C PHE K 26 -34.69 12.27 10.22
N VAL K 27 -33.48 12.59 9.83
CA VAL K 27 -32.35 11.73 10.08
C VAL K 27 -31.93 11.68 11.55
N TYR K 28 -31.81 12.86 12.15
CA TYR K 28 -31.44 13.02 13.54
C TYR K 28 -32.31 12.12 14.41
N LEU K 29 -33.62 12.31 14.27
CA LEU K 29 -34.52 11.59 15.11
C LEU K 29 -34.39 10.10 14.91
N THR K 30 -34.35 9.68 13.65
CA THR K 30 -34.20 8.27 13.28
C THR K 30 -33.04 7.57 13.97
N VAL K 31 -31.92 8.24 13.96
CA VAL K 31 -30.77 7.77 14.66
C VAL K 31 -30.94 7.68 16.18
N ILE K 32 -31.46 8.72 16.79
CA ILE K 32 -31.65 8.64 18.22
C ILE K 32 -32.61 7.47 18.50
N ALA K 33 -33.67 7.36 17.70
CA ALA K 33 -34.68 6.33 17.85
C ALA K 33 -34.10 4.92 17.84
N LEU K 34 -33.27 4.71 16.83
CA LEU K 34 -32.55 3.46 16.69
C LEU K 34 -31.65 3.18 17.85
N LEU K 35 -30.85 4.19 18.23
CA LEU K 35 -30.04 4.14 19.43
C LEU K 35 -30.75 3.66 20.65
N ILE K 36 -31.82 4.34 21.00
CA ILE K 36 -32.57 3.91 22.14
C ILE K 36 -33.13 2.50 21.99
N HIS K 37 -33.80 2.23 20.86
CA HIS K 37 -34.45 0.94 20.68
C HIS K 37 -33.48 -0.16 20.90
N PHE K 38 -32.47 -0.21 20.04
CA PHE K 38 -31.49 -1.30 20.09
C PHE K 38 -30.73 -1.36 21.37
N GLY K 39 -30.45 -0.17 21.90
CA GLY K 39 -29.79 0.00 23.21
C GLY K 39 -30.52 -0.74 24.29
N LEU K 40 -31.78 -0.40 24.41
CA LEU K 40 -32.64 -1.10 25.30
C LEU K 40 -32.59 -2.54 25.00
N LEU K 41 -32.70 -2.90 23.71
CA LEU K 41 -32.84 -4.31 23.52
C LEU K 41 -31.59 -5.11 23.64
N SER K 42 -30.57 -4.43 24.12
CA SER K 42 -29.32 -5.07 24.40
C SER K 42 -29.01 -5.20 25.88
N THR K 43 -30.01 -5.04 26.73
CA THR K 43 -29.78 -5.11 28.17
C THR K 43 -30.30 -6.44 28.72
N ASP K 44 -30.95 -6.44 29.86
CA ASP K 44 -31.43 -7.68 30.44
C ASP K 44 -32.76 -7.48 31.11
N ARG K 45 -32.86 -6.33 31.76
CA ARG K 45 -34.05 -5.67 32.18
C ARG K 45 -34.37 -4.92 30.92
N LEU K 46 -35.62 -4.65 30.64
CA LEU K 46 -35.91 -3.85 29.41
C LEU K 46 -35.44 -4.48 28.09
N ASN K 47 -35.42 -5.79 28.01
CA ASN K 47 -35.51 -6.43 26.73
C ASN K 47 -36.89 -7.10 26.65
N TRP K 48 -37.73 -6.62 25.76
CA TRP K 48 -38.89 -7.38 25.27
C TRP K 48 -38.26 -8.09 24.08
N TRP K 49 -38.93 -9.02 23.42
CA TRP K 49 -38.29 -9.84 22.31
C TRP K 49 -37.55 -11.04 22.78
N GLU K 50 -37.40 -11.21 24.07
CA GLU K 50 -36.63 -12.36 24.47
C GLU K 50 -36.95 -12.83 25.86
N PHE K 51 -36.61 -14.08 26.15
CA PHE K 51 -36.89 -14.65 27.43
C PHE K 51 -36.11 -13.88 28.49
N GLN K 52 -36.61 -13.79 29.74
CA GLN K 52 -35.88 -13.00 30.76
C GLN K 52 -34.54 -13.60 31.10
N ARG K 53 -33.54 -13.14 30.36
CA ARG K 53 -32.18 -13.62 30.51
C ARG K 53 -31.67 -13.03 31.77
N GLY K 54 -32.38 -11.99 32.23
CA GLY K 54 -31.95 -11.13 33.32
C GLY K 54 -31.43 -11.88 34.53
N LEU K 55 -31.96 -13.09 34.69
CA LEU K 55 -31.71 -13.92 35.85
C LEU K 55 -31.88 -12.96 37.03
N PRO K 56 -33.07 -12.33 37.11
CA PRO K 56 -33.26 -11.05 37.80
C PRO K 56 -32.58 -10.99 39.20
N LYS K 57 -32.85 -12.02 40.00
CA LYS K 57 -32.06 -12.37 41.17
C LYS K 57 -31.75 -13.87 41.05
N ALA K 58 -32.73 -14.63 40.54
CA ALA K 58 -32.63 -16.07 40.28
C ALA K 58 -31.28 -16.45 39.66
N ALA K 59 -30.49 -17.19 40.45
CA ALA K 59 -29.06 -17.49 40.22
C ALA K 59 -28.18 -16.23 40.09
N ALA L 2 -56.76 26.76 -3.74
CA ALA L 2 -56.98 25.35 -3.27
C ALA L 2 -58.44 24.90 -3.40
N THR L 3 -58.64 23.67 -3.90
CA THR L 3 -59.99 23.09 -4.06
C THR L 3 -60.54 22.57 -2.72
N GLU L 4 -61.24 23.47 -2.01
CA GLU L 4 -61.92 23.20 -0.73
C GLU L 4 -60.98 22.59 0.32
N TYR L 5 -59.85 23.25 0.58
CA TYR L 5 -58.94 22.80 1.65
C TYR L 5 -59.14 23.58 2.94
N ARG L 6 -58.52 23.09 4.02
CA ARG L 6 -58.65 23.75 5.32
C ARG L 6 -57.32 24.34 5.79
N THR L 7 -56.24 23.57 5.63
CA THR L 7 -54.87 23.98 5.96
C THR L 7 -54.18 24.33 4.67
N ALA L 8 -52.91 24.71 4.75
CA ALA L 8 -52.17 24.88 3.51
C ALA L 8 -51.21 23.75 3.30
N SER L 9 -51.30 22.74 4.19
CA SER L 9 -50.44 21.57 4.20
C SER L 9 -49.84 21.33 2.84
N TRP L 10 -50.74 21.14 1.89
CA TRP L 10 -50.43 20.73 0.54
C TRP L 10 -49.30 21.45 -0.12
N LYS L 11 -49.13 22.72 0.21
CA LYS L 11 -48.10 23.52 -0.42
C LYS L 11 -46.72 22.90 -0.24
N LEU L 12 -46.64 21.90 0.64
CA LEU L 12 -45.40 21.20 0.89
C LEU L 12 -44.76 20.67 -0.37
N TRP L 13 -45.60 20.22 -1.27
CA TRP L 13 -45.16 19.53 -2.46
C TRP L 13 -44.64 20.50 -3.51
N LEU L 14 -45.05 21.76 -3.39
CA LEU L 14 -44.43 22.86 -4.14
C LEU L 14 -42.99 23.06 -3.70
N ILE L 15 -42.71 22.78 -2.42
CA ILE L 15 -41.39 22.97 -1.81
C ILE L 15 -40.48 21.75 -1.98
N LEU L 16 -41.04 20.55 -1.85
CA LEU L 16 -40.28 19.37 -1.45
C LEU L 16 -39.98 18.31 -2.50
N ASP L 17 -40.92 18.06 -3.41
CA ASP L 17 -40.80 17.06 -4.51
C ASP L 17 -41.22 15.64 -4.19
N PRO L 18 -42.44 15.27 -4.64
CA PRO L 18 -43.06 13.98 -4.47
C PRO L 18 -42.11 12.87 -4.76
N ARG L 19 -41.39 12.99 -5.86
CA ARG L 19 -40.58 11.89 -6.34
C ARG L 19 -39.49 11.51 -5.33
N ARG L 20 -38.85 12.51 -4.72
CA ARG L 20 -37.86 12.29 -3.67
C ARG L 20 -38.50 11.61 -2.48
N VAL L 21 -39.56 12.22 -1.95
CA VAL L 21 -40.23 11.67 -0.80
C VAL L 21 -40.64 10.23 -1.04
N LEU L 22 -41.26 9.99 -2.18
CA LEU L 22 -41.68 8.67 -2.53
C LEU L 22 -40.54 7.68 -2.54
N THR L 23 -39.56 7.93 -3.39
CA THR L 23 -38.41 7.04 -3.46
C THR L 23 -37.69 6.76 -2.11
N ALA L 24 -37.64 7.79 -1.27
CA ALA L 24 -37.01 7.71 0.04
C ALA L 24 -37.79 6.81 0.96
N LEU L 25 -39.08 7.08 1.08
CA LEU L 25 -39.93 6.33 1.96
C LEU L 25 -39.86 4.86 1.58
N PHE L 26 -39.85 4.62 0.27
CA PHE L 26 -39.80 3.28 -0.21
C PHE L 26 -38.66 2.54 0.45
N VAL L 27 -37.49 3.09 0.28
CA VAL L 27 -36.28 2.60 0.89
C VAL L 27 -36.32 2.48 2.41
N TYR L 28 -36.68 3.58 3.07
CA TYR L 28 -36.67 3.71 4.51
C TYR L 28 -37.47 2.57 5.12
N LEU L 29 -38.70 2.39 4.63
CA LEU L 29 -39.59 1.45 5.22
C LEU L 29 -39.09 0.04 4.99
N THR L 30 -38.57 -0.20 3.79
CA THR L 30 -37.98 -1.48 3.42
C THR L 30 -36.88 -1.90 4.34
N VAL L 31 -36.00 -0.98 4.64
CA VAL L 31 -34.93 -1.27 5.57
C VAL L 31 -35.42 -1.57 6.97
N ILE L 32 -36.23 -0.67 7.50
CA ILE L 32 -36.79 -0.89 8.78
C ILE L 32 -37.45 -2.28 8.77
N ALA L 33 -38.34 -2.54 7.80
CA ALA L 33 -39.03 -3.82 7.71
C ALA L 33 -38.13 -5.06 7.76
N LEU L 34 -37.13 -5.03 6.89
CA LEU L 34 -36.05 -5.95 7.01
C LEU L 34 -35.44 -6.10 8.39
N LEU L 35 -35.05 -4.99 9.05
CA LEU L 35 -34.41 -5.07 10.40
C LEU L 35 -35.27 -5.78 11.38
N ILE L 36 -36.55 -5.42 11.38
CA ILE L 36 -37.45 -6.03 12.32
C ILE L 36 -37.60 -7.51 12.01
N HIS L 37 -37.89 -7.82 10.73
CA HIS L 37 -38.16 -9.20 10.36
C HIS L 37 -37.05 -10.10 10.74
N PHE L 38 -35.89 -9.81 10.19
CA PHE L 38 -34.69 -10.57 10.49
C PHE L 38 -34.34 -10.59 11.95
N GLY L 39 -34.48 -9.42 12.56
CA GLY L 39 -34.20 -9.22 13.97
C GLY L 39 -35.00 -10.14 14.81
N LEU L 40 -36.29 -10.15 14.56
CA LEU L 40 -37.14 -11.08 15.21
C LEU L 40 -36.69 -12.48 14.94
N LEU L 41 -36.38 -12.80 13.67
CA LEU L 41 -36.14 -14.19 13.45
C LEU L 41 -34.82 -14.70 13.91
N SER L 42 -34.19 -13.87 14.72
CA SER L 42 -32.89 -14.20 15.23
C SER L 42 -32.94 -14.41 16.72
N THR L 43 -34.15 -14.50 17.28
CA THR L 43 -34.32 -14.64 18.73
C THR L 43 -34.65 -16.07 19.11
N ASP L 44 -35.49 -16.27 20.10
CA ASP L 44 -35.71 -17.62 20.55
C ASP L 44 -37.17 -17.84 20.85
N ARG L 45 -37.71 -16.85 21.58
CA ARG L 45 -39.09 -16.43 21.60
C ARG L 45 -39.21 -15.82 20.21
N LEU L 46 -40.39 -15.68 19.67
CA LEU L 46 -40.49 -14.77 18.50
C LEU L 46 -39.72 -15.13 17.23
N ASN L 47 -39.42 -16.40 17.07
CA ASN L 47 -39.05 -16.94 15.78
C ASN L 47 -40.16 -17.92 15.37
N TRP L 48 -40.89 -17.57 14.32
CA TRP L 48 -41.71 -18.53 13.58
C TRP L 48 -40.65 -19.04 12.60
N TRP L 49 -40.91 -20.03 11.77
CA TRP L 49 -39.80 -20.57 10.90
C TRP L 49 -38.88 -21.56 11.54
N GLU L 50 -39.09 -21.96 12.76
CA GLU L 50 -38.20 -22.96 13.26
C GLU L 50 -38.78 -23.71 14.41
N PHE L 51 -38.14 -24.80 14.77
CA PHE L 51 -38.50 -25.50 15.95
C PHE L 51 -38.14 -24.62 17.15
N GLN L 52 -38.89 -24.69 18.27
CA GLN L 52 -38.62 -23.80 19.41
C GLN L 52 -37.27 -24.03 20.03
N ARG L 53 -36.31 -23.25 19.55
CA ARG L 53 -34.93 -23.29 20.00
C ARG L 53 -34.91 -22.86 21.44
N GLY L 54 -35.92 -22.07 21.79
CA GLY L 54 -35.97 -21.36 23.06
C GLY L 54 -35.54 -22.15 24.28
N LEU L 55 -35.91 -23.44 24.27
CA LEU L 55 -35.83 -24.30 25.45
C LEU L 55 -36.46 -23.46 26.55
N PRO L 56 -37.71 -23.04 26.32
CA PRO L 56 -38.28 -21.78 26.80
C PRO L 56 -38.05 -21.55 28.29
N LYS L 57 -38.44 -22.54 29.08
CA LYS L 57 -38.07 -22.70 30.47
C LYS L 57 -37.44 -24.09 30.56
N ALA L 58 -37.95 -24.99 29.71
CA ALA L 58 -37.48 -26.37 29.55
C ALA L 58 -35.96 -26.43 29.63
N ALA L 59 -35.48 -26.98 30.76
CA ALA L 59 -34.08 -26.94 31.22
C ALA L 59 -33.52 -25.52 31.35
N ALA M 2 -59.51 11.86 -18.67
CA ALA M 2 -59.57 10.53 -17.97
C ALA M 2 -60.89 9.79 -18.24
N THR M 3 -60.78 8.55 -18.70
CA THR M 3 -61.96 7.72 -19.07
C THR M 3 -62.75 7.24 -17.84
N GLU M 4 -63.72 8.06 -17.43
CA GLU M 4 -64.60 7.86 -16.27
C GLU M 4 -63.85 7.57 -14.96
N TYR M 5 -62.68 8.20 -14.77
CA TYR M 5 -61.88 7.99 -13.56
C TYR M 5 -62.42 8.77 -12.37
N ARG M 6 -62.21 8.22 -11.17
CA ARG M 6 -62.71 8.81 -9.92
C ARG M 6 -61.68 9.69 -9.21
N THR M 7 -60.43 9.22 -9.23
CA THR M 7 -59.29 9.90 -8.60
C THR M 7 -58.42 10.54 -9.67
N ALA M 8 -57.33 11.17 -9.25
CA ALA M 8 -56.35 11.65 -10.20
C ALA M 8 -55.15 10.75 -10.21
N SER M 9 -55.19 9.75 -9.30
CA SER M 9 -54.13 8.77 -9.07
C SER M 9 -53.15 8.75 -10.23
N TRP M 10 -53.72 8.42 -11.37
CA TRP M 10 -53.01 8.15 -12.59
C TRP M 10 -51.99 9.17 -13.02
N LYS M 11 -52.21 10.42 -12.67
CA LYS M 11 -51.29 11.49 -13.03
C LYS M 11 -49.88 11.16 -12.56
N LEU M 12 -49.78 10.12 -11.71
CA LEU M 12 -48.52 9.72 -11.13
C LEU M 12 -47.52 9.38 -12.20
N TRP M 13 -48.04 8.83 -13.29
CA TRP M 13 -47.19 8.35 -14.35
C TRP M 13 -46.70 9.46 -15.22
N LEU M 14 -47.34 10.63 -15.09
CA LEU M 14 -46.85 11.87 -15.69
C LEU M 14 -45.69 12.42 -14.85
N ILE M 15 -45.71 12.12 -13.56
CA ILE M 15 -44.66 12.54 -12.65
C ILE M 15 -43.48 11.57 -12.62
N LEU M 16 -43.77 10.27 -12.66
CA LEU M 16 -42.85 9.27 -12.11
C LEU M 16 -41.95 8.49 -13.06
N ASP M 17 -42.48 8.12 -14.22
CA ASP M 17 -41.80 7.27 -15.22
C ASP M 17 -41.95 5.77 -14.98
N PRO M 18 -42.93 5.17 -15.69
CA PRO M 18 -43.27 3.77 -15.64
C PRO M 18 -42.07 2.86 -15.79
N ARG M 19 -41.17 3.21 -16.71
CA ARG M 19 -40.02 2.38 -17.00
C ARG M 19 -39.15 2.15 -15.76
N ARG M 20 -38.97 3.20 -14.96
CA ARG M 20 -38.22 3.09 -13.70
C ARG M 20 -38.96 2.20 -12.73
N VAL M 21 -40.24 2.48 -12.56
CA VAL M 21 -41.02 1.77 -11.58
C VAL M 21 -41.00 0.30 -11.93
N LEU M 22 -41.32 0.00 -13.18
CA LEU M 22 -41.42 -1.36 -13.64
C LEU M 22 -40.15 -2.08 -13.33
N THR M 23 -39.05 -1.50 -13.77
CA THR M 23 -37.77 -2.14 -13.62
C THR M 23 -37.36 -2.35 -12.15
N ALA M 24 -37.76 -1.42 -11.31
CA ALA M 24 -37.36 -1.47 -9.94
C ALA M 24 -38.11 -2.60 -9.26
N LEU M 25 -39.42 -2.62 -9.44
CA LEU M 25 -40.24 -3.65 -8.84
C LEU M 25 -39.71 -5.00 -9.24
N PHE M 26 -39.47 -5.16 -10.54
CA PHE M 26 -38.97 -6.39 -11.07
C PHE M 26 -37.84 -6.88 -10.21
N VAL M 27 -36.85 -6.04 -10.03
CA VAL M 27 -35.68 -6.41 -9.24
C VAL M 27 -35.97 -6.65 -7.77
N TYR M 28 -36.56 -5.62 -7.15
CA TYR M 28 -36.96 -5.62 -5.76
C TYR M 28 -37.61 -6.95 -5.40
N LEU M 29 -38.72 -7.21 -6.06
CA LEU M 29 -39.46 -8.40 -5.84
C LEU M 29 -38.59 -9.65 -5.90
N THR M 30 -37.95 -9.83 -7.06
CA THR M 30 -37.00 -10.92 -7.27
C THR M 30 -36.08 -11.20 -6.10
N VAL M 31 -35.61 -10.15 -5.49
CA VAL M 31 -34.70 -10.33 -4.42
C VAL M 31 -35.38 -10.83 -3.17
N ILE M 32 -36.38 -10.08 -2.71
CA ILE M 32 -37.16 -10.52 -1.58
C ILE M 32 -37.48 -12.02 -1.75
N ALA M 33 -37.92 -12.38 -2.96
CA ALA M 33 -38.38 -13.71 -3.27
C ALA M 33 -37.32 -14.79 -3.02
N LEU M 34 -36.12 -14.47 -3.47
CA LEU M 34 -34.98 -15.29 -3.26
C LEU M 34 -34.65 -15.41 -1.79
N LEU M 35 -34.55 -14.28 -1.09
CA LEU M 35 -34.34 -14.30 0.33
C LEU M 35 -35.26 -15.21 1.06
N ILE M 36 -36.52 -15.19 0.67
CA ILE M 36 -37.46 -16.01 1.36
C ILE M 36 -37.23 -17.47 1.05
N HIS M 37 -37.14 -17.78 -0.24
CA HIS M 37 -36.95 -19.15 -0.66
C HIS M 37 -35.76 -19.73 0.05
N PHE M 38 -34.59 -19.17 -0.24
CA PHE M 38 -33.31 -19.70 0.27
C PHE M 38 -33.21 -19.71 1.77
N GLY M 39 -33.80 -18.68 2.35
CA GLY M 39 -33.74 -18.51 3.76
C GLY M 39 -34.54 -19.57 4.42
N LEU M 40 -35.71 -19.81 3.87
CA LEU M 40 -36.50 -20.92 4.34
C LEU M 40 -35.71 -22.19 4.18
N LEU M 41 -35.11 -22.36 3.02
CA LEU M 41 -34.54 -23.66 2.85
C LEU M 41 -33.22 -23.84 3.57
N SER M 42 -32.96 -22.92 4.48
CA SER M 42 -31.81 -23.02 5.32
C SER M 42 -32.24 -23.18 6.80
N THR M 43 -33.47 -23.64 7.01
CA THR M 43 -33.92 -24.05 8.33
C THR M 43 -34.10 -25.55 8.38
N ASP M 44 -34.89 -26.05 9.31
CA ASP M 44 -34.99 -27.49 9.54
C ASP M 44 -36.41 -27.97 9.40
N ARG M 45 -37.32 -27.17 9.96
CA ARG M 45 -38.74 -27.13 9.73
C ARG M 45 -38.81 -26.29 8.47
N LEU M 46 -39.83 -26.41 7.65
CA LEU M 46 -39.89 -25.54 6.44
C LEU M 46 -38.70 -25.61 5.49
N ASN M 47 -38.02 -26.74 5.47
CA ASN M 47 -37.22 -27.06 4.33
C ASN M 47 -37.90 -28.24 3.66
N TRP M 48 -38.48 -28.00 2.50
CA TRP M 48 -38.83 -29.05 1.55
C TRP M 48 -37.51 -29.18 0.74
N TRP M 49 -37.37 -30.13 -0.18
CA TRP M 49 -36.04 -30.41 -0.80
C TRP M 49 -35.15 -31.31 -0.02
N GLU M 50 -35.35 -31.50 1.25
CA GLU M 50 -34.40 -32.33 1.93
C GLU M 50 -35.06 -33.34 2.86
N PHE M 51 -34.31 -34.35 3.28
CA PHE M 51 -34.78 -35.23 4.33
C PHE M 51 -34.95 -34.43 5.65
N GLN M 52 -35.91 -34.79 6.54
CA GLN M 52 -36.04 -34.05 7.83
C GLN M 52 -34.94 -34.42 8.80
N ARG M 53 -33.80 -33.81 8.57
CA ARG M 53 -32.65 -33.97 9.43
C ARG M 53 -32.81 -32.92 10.49
N GLY M 54 -33.94 -32.22 10.38
CA GLY M 54 -34.52 -31.45 11.47
C GLY M 54 -34.59 -32.25 12.76
N LEU M 55 -34.79 -33.55 12.61
CA LEU M 55 -34.86 -34.49 13.73
C LEU M 55 -35.77 -33.83 14.78
N PRO M 56 -37.05 -33.65 14.41
CA PRO M 56 -37.92 -32.57 14.90
C PRO M 56 -37.84 -32.33 16.43
N LYS M 57 -38.04 -33.41 17.18
CA LYS M 57 -37.77 -33.51 18.60
C LYS M 57 -37.11 -34.88 18.75
N ALA M 58 -37.56 -35.82 17.92
CA ALA M 58 -37.00 -37.17 17.73
C ALA M 58 -35.48 -37.19 17.86
N ALA M 59 -35.01 -37.81 18.94
CA ALA M 59 -33.61 -37.78 19.42
C ALA M 59 -33.15 -36.38 19.85
N ALA N 2 -55.57 -0.48 -33.57
CA ALA N 2 -55.14 -1.84 -33.11
C ALA N 2 -55.85 -2.98 -33.86
N THR N 3 -55.06 -3.90 -34.44
CA THR N 3 -55.59 -5.04 -35.22
C THR N 3 -56.36 -6.04 -34.33
N GLU N 4 -57.66 -5.78 -34.20
CA GLU N 4 -58.64 -6.61 -33.46
C GLU N 4 -58.26 -6.82 -31.98
N TYR N 5 -57.81 -5.75 -31.32
CA TYR N 5 -57.35 -5.85 -29.93
C TYR N 5 -58.40 -5.49 -28.88
N ARG N 6 -58.11 -5.89 -27.64
CA ARG N 6 -58.98 -5.64 -26.50
C ARG N 6 -58.42 -4.55 -25.58
N THR N 7 -57.16 -4.71 -25.18
CA THR N 7 -56.47 -3.79 -24.28
C THR N 7 -55.54 -2.87 -25.05
N ALA N 8 -54.85 -2.01 -24.32
CA ALA N 8 -53.80 -1.20 -24.91
C ALA N 8 -52.45 -1.86 -24.70
N SER N 9 -52.43 -2.86 -23.82
CA SER N 9 -51.21 -3.55 -23.36
C SER N 9 -50.03 -3.33 -24.26
N TRP N 10 -50.24 -3.67 -25.52
CA TRP N 10 -49.22 -3.67 -26.55
C TRP N 10 -48.43 -2.38 -26.67
N LYS N 11 -49.05 -1.28 -26.28
CA LYS N 11 -48.41 0.02 -26.25
C LYS N 11 -47.14 0.01 -25.41
N LEU N 12 -46.98 -1.01 -24.57
CA LEU N 12 -45.80 -1.10 -23.73
C LEU N 12 -44.57 -1.16 -24.57
N TRP N 13 -44.66 -1.83 -25.72
CA TRP N 13 -43.51 -2.01 -26.58
C TRP N 13 -43.09 -0.71 -27.23
N LEU N 14 -44.01 0.26 -27.20
CA LEU N 14 -43.73 1.62 -27.64
C LEU N 14 -42.94 2.36 -26.58
N ILE N 15 -43.12 1.97 -25.33
CA ILE N 15 -42.46 2.58 -24.18
C ILE N 15 -41.17 1.86 -23.80
N LEU N 16 -41.20 0.53 -23.80
CA LEU N 16 -40.22 -0.23 -23.05
C LEU N 16 -39.02 -0.73 -23.83
N ASP N 17 -39.24 -1.16 -25.08
CA ASP N 17 -38.21 -1.68 -26.01
C ASP N 17 -37.89 -3.18 -25.93
N PRO N 18 -38.45 -3.96 -26.87
CA PRO N 18 -38.28 -5.38 -27.03
C PRO N 18 -36.87 -5.84 -26.76
N ARG N 19 -35.90 -5.21 -27.41
CA ARG N 19 -34.52 -5.62 -27.27
C ARG N 19 -34.05 -5.71 -25.80
N ARG N 20 -34.36 -4.70 -25.00
CA ARG N 20 -34.01 -4.71 -23.58
C ARG N 20 -34.64 -5.91 -22.95
N VAL N 21 -35.94 -6.00 -23.11
CA VAL N 21 -36.73 -6.97 -22.39
C VAL N 21 -36.27 -8.38 -22.76
N LEU N 22 -36.23 -8.64 -24.06
CA LEU N 22 -35.80 -9.92 -24.56
C LEU N 22 -34.50 -10.32 -23.94
N THR N 23 -33.52 -9.45 -24.05
CA THR N 23 -32.19 -9.78 -23.55
C THR N 23 -32.17 -10.08 -22.08
N ALA N 24 -32.93 -9.30 -21.31
CA ALA N 24 -32.81 -9.36 -19.89
C ALA N 24 -33.54 -10.58 -19.38
N LEU N 25 -34.73 -10.82 -19.90
CA LEU N 25 -35.41 -12.06 -19.65
C LEU N 25 -34.45 -13.23 -19.83
N PHE N 26 -33.77 -13.23 -20.97
CA PHE N 26 -32.94 -14.34 -21.39
C PHE N 26 -31.96 -14.66 -20.29
N VAL N 27 -31.32 -13.62 -19.81
CA VAL N 27 -30.40 -13.72 -18.72
C VAL N 27 -31.03 -14.13 -17.42
N TYR N 28 -32.07 -13.40 -17.04
CA TYR N 28 -32.77 -13.58 -15.77
C TYR N 28 -33.14 -15.04 -15.64
N LEU N 29 -33.82 -15.55 -16.65
CA LEU N 29 -34.29 -16.90 -16.61
C LEU N 29 -33.16 -17.91 -16.42
N THR N 30 -32.13 -17.77 -17.25
CA THR N 30 -30.93 -18.58 -17.15
C THR N 30 -30.37 -18.64 -15.74
N VAL N 31 -30.37 -17.51 -15.06
CA VAL N 31 -29.87 -17.49 -13.71
C VAL N 31 -30.73 -18.37 -12.82
N ILE N 32 -32.00 -18.01 -12.72
CA ILE N 32 -32.93 -18.72 -11.90
C ILE N 32 -32.78 -20.23 -12.17
N ALA N 33 -32.77 -20.60 -13.46
CA ALA N 33 -32.64 -21.97 -13.92
C ALA N 33 -31.43 -22.69 -13.30
N LEU N 34 -30.30 -22.03 -13.47
CA LEU N 34 -29.09 -22.50 -12.87
C LEU N 34 -29.15 -22.65 -11.35
N LEU N 35 -29.69 -21.65 -10.67
CA LEU N 35 -29.87 -21.67 -9.23
C LEU N 35 -30.64 -22.88 -8.77
N ILE N 36 -31.81 -23.07 -9.35
CA ILE N 36 -32.60 -24.22 -8.99
C ILE N 36 -31.83 -25.49 -9.27
N HIS N 37 -31.32 -25.62 -10.52
CA HIS N 37 -30.67 -26.85 -10.88
C HIS N 37 -29.64 -27.23 -9.87
N PHE N 38 -28.65 -26.37 -9.73
CA PHE N 38 -27.56 -26.59 -8.79
C PHE N 38 -27.99 -26.80 -7.38
N GLY N 39 -28.85 -25.90 -6.92
CA GLY N 39 -29.44 -26.00 -5.60
C GLY N 39 -29.97 -27.37 -5.35
N LEU N 40 -30.63 -27.94 -6.35
CA LEU N 40 -31.18 -29.25 -6.17
C LEU N 40 -30.10 -30.24 -6.09
N LEU N 41 -29.11 -30.13 -6.98
CA LEU N 41 -28.11 -31.17 -6.96
C LEU N 41 -27.11 -31.01 -5.82
N SER N 42 -27.51 -30.20 -4.86
CA SER N 42 -26.76 -29.98 -3.66
C SER N 42 -27.35 -30.70 -2.45
N THR N 43 -28.39 -31.50 -2.67
CA THR N 43 -29.12 -32.11 -1.55
C THR N 43 -28.87 -33.60 -1.50
N ASP N 44 -29.85 -34.38 -1.07
CA ASP N 44 -29.60 -35.80 -0.92
C ASP N 44 -30.76 -36.63 -1.41
N ARG N 45 -31.94 -36.17 -1.04
CA ARG N 45 -33.19 -36.35 -1.71
C ARG N 45 -32.90 -35.56 -2.95
N LEU N 46 -33.57 -35.80 -4.05
CA LEU N 46 -33.45 -34.83 -5.19
C LEU N 46 -32.09 -34.49 -5.80
N ASN N 47 -31.09 -35.31 -5.61
CA ASN N 47 -29.98 -35.25 -6.52
C ASN N 47 -30.10 -36.47 -7.44
N TRP N 48 -30.09 -36.24 -8.75
CA TRP N 48 -29.93 -37.27 -9.79
C TRP N 48 -28.44 -37.07 -10.04
N TRP N 49 -27.80 -37.62 -11.05
CA TRP N 49 -26.29 -37.46 -11.11
C TRP N 49 -25.51 -37.95 -9.90
N GLU N 50 -25.82 -39.10 -9.33
CA GLU N 50 -25.04 -39.52 -8.17
C GLU N 50 -25.67 -40.66 -7.43
N PHE N 51 -24.90 -41.33 -6.60
CA PHE N 51 -25.46 -42.44 -5.86
C PHE N 51 -26.33 -41.87 -4.72
N GLN N 52 -27.31 -42.64 -4.20
CA GLN N 52 -28.09 -42.12 -3.06
C GLN N 52 -27.23 -42.13 -1.83
N ARG N 53 -26.62 -40.98 -1.59
CA ARG N 53 -25.77 -40.81 -0.47
C ARG N 53 -26.65 -40.42 0.69
N GLY N 54 -27.91 -40.14 0.39
CA GLY N 54 -28.85 -39.55 1.34
C GLY N 54 -28.87 -40.19 2.71
N LEU N 55 -28.44 -41.46 2.73
CA LEU N 55 -28.53 -42.33 3.88
C LEU N 55 -29.94 -42.11 4.46
N PRO N 56 -30.96 -42.36 3.63
CA PRO N 56 -32.31 -41.82 3.81
C PRO N 56 -32.89 -41.81 5.26
N LYS N 57 -32.50 -42.80 6.05
CA LYS N 57 -32.84 -42.98 7.45
C LYS N 57 -31.78 -43.93 7.97
N ALA N 58 -31.46 -44.92 7.11
CA ALA N 58 -30.52 -46.01 7.37
C ALA N 58 -29.26 -45.49 8.04
N ALA N 59 -29.03 -45.98 9.25
CA ALA N 59 -28.06 -45.46 10.23
C ALA N 59 -28.33 -44.01 10.60
N ALA O 2 -43.42 -10.83 -48.04
CA ALA O 2 -42.79 -12.08 -47.51
C ALA O 2 -42.86 -13.25 -48.49
N THR O 3 -41.85 -14.12 -48.45
CA THR O 3 -41.83 -15.36 -49.25
C THR O 3 -42.64 -16.47 -48.54
N GLU O 4 -43.95 -16.45 -48.79
CA GLU O 4 -44.94 -17.41 -48.27
C GLU O 4 -44.85 -17.63 -46.75
N TYR O 5 -44.74 -16.53 -46.00
CA TYR O 5 -44.70 -16.58 -44.54
C TYR O 5 -46.08 -16.47 -43.91
N ARG O 6 -46.19 -16.97 -42.68
CA ARG O 6 -47.45 -17.00 -41.95
C ARG O 6 -47.46 -15.96 -40.84
N THR O 7 -46.35 -15.88 -40.11
CA THR O 7 -46.18 -14.89 -39.05
C THR O 7 -45.12 -13.88 -39.43
N ALA O 8 -45.03 -12.83 -38.64
CA ALA O 8 -44.06 -11.78 -38.84
C ALA O 8 -42.71 -12.15 -38.27
N SER O 9 -42.68 -13.16 -37.39
CA SER O 9 -41.45 -13.73 -36.79
C SER O 9 -40.18 -13.03 -37.23
N TRP O 10 -39.87 -13.21 -38.51
CA TRP O 10 -38.68 -12.71 -39.18
C TRP O 10 -38.35 -11.24 -38.99
N LYS O 11 -39.38 -10.44 -38.73
CA LYS O 11 -39.21 -9.02 -38.49
C LYS O 11 -38.32 -8.78 -37.29
N LEU O 12 -38.07 -9.83 -36.52
CA LEU O 12 -37.16 -9.79 -35.38
C LEU O 12 -35.78 -9.38 -35.79
N TRP O 13 -35.37 -9.85 -36.96
CA TRP O 13 -34.03 -9.65 -37.44
C TRP O 13 -33.85 -8.25 -37.95
N LEU O 14 -34.97 -7.60 -38.28
CA LEU O 14 -34.96 -6.16 -38.52
C LEU O 14 -34.64 -5.40 -37.25
N ILE O 15 -35.14 -5.89 -36.11
CA ILE O 15 -34.96 -5.23 -34.80
C ILE O 15 -33.65 -5.58 -34.09
N LEU O 16 -33.24 -6.85 -34.16
CA LEU O 16 -32.33 -7.44 -33.19
C LEU O 16 -30.83 -7.49 -33.54
N ASP O 17 -30.51 -7.94 -34.76
CA ASP O 17 -29.12 -8.12 -35.27
C ASP O 17 -28.50 -9.50 -35.09
N PRO O 18 -28.50 -10.29 -36.19
CA PRO O 18 -27.84 -11.56 -36.31
C PRO O 18 -26.51 -11.60 -35.60
N ARG O 19 -25.62 -10.67 -35.93
CA ARG O 19 -24.26 -10.69 -35.38
C ARG O 19 -24.22 -10.84 -33.86
N ARG O 20 -24.98 -10.01 -33.16
CA ARG O 20 -25.03 -10.08 -31.72
C ARG O 20 -25.60 -11.41 -31.30
N VAL O 21 -26.74 -11.81 -31.84
CA VAL O 21 -27.36 -13.07 -31.45
C VAL O 21 -26.41 -14.25 -31.63
N LEU O 22 -25.83 -14.34 -32.82
CA LEU O 22 -24.98 -15.45 -33.19
C LEU O 22 -23.87 -15.58 -32.20
N THR O 23 -23.24 -14.45 -31.95
CA THR O 23 -22.04 -14.48 -31.17
C THR O 23 -22.34 -14.84 -29.71
N ALA O 24 -23.47 -14.35 -29.25
CA ALA O 24 -23.90 -14.59 -27.92
C ALA O 24 -24.21 -16.06 -27.73
N LEU O 25 -25.03 -16.63 -28.61
CA LEU O 25 -25.35 -18.03 -28.51
C LEU O 25 -24.10 -18.88 -28.45
N PHE O 26 -23.11 -18.52 -29.28
CA PHE O 26 -21.89 -19.27 -29.36
C PHE O 26 -21.31 -19.42 -27.99
N VAL O 27 -21.20 -18.30 -27.31
CA VAL O 27 -20.66 -18.29 -25.99
C VAL O 27 -21.56 -19.01 -24.98
N TYR O 28 -22.82 -18.61 -24.99
CA TYR O 28 -23.78 -19.10 -24.05
C TYR O 28 -23.76 -20.61 -24.06
N LEU O 29 -23.84 -21.18 -25.25
CA LEU O 29 -23.98 -22.61 -25.33
C LEU O 29 -22.75 -23.30 -24.80
N THR O 30 -21.61 -22.74 -25.18
CA THR O 30 -20.33 -23.28 -24.80
C THR O 30 -20.12 -23.30 -23.30
N VAL O 31 -20.71 -22.34 -22.65
CA VAL O 31 -20.58 -22.31 -21.23
C VAL O 31 -21.42 -23.41 -20.63
N ILE O 32 -22.69 -23.42 -21.00
CA ILE O 32 -23.58 -24.39 -20.44
C ILE O 32 -22.95 -25.78 -20.69
N ALA O 33 -22.45 -25.98 -21.91
CA ALA O 33 -21.80 -27.21 -22.31
C ALA O 33 -20.63 -27.65 -21.39
N LEU O 34 -19.71 -26.73 -21.21
CA LEU O 34 -18.62 -26.91 -20.28
C LEU O 34 -19.10 -27.25 -18.88
N LEU O 35 -20.04 -26.47 -18.35
CA LEU O 35 -20.59 -26.75 -17.04
C LEU O 35 -21.07 -28.13 -16.87
N ILE O 36 -21.87 -28.58 -17.83
CA ILE O 36 -22.45 -29.89 -17.72
C ILE O 36 -21.38 -30.95 -17.78
N HIS O 37 -20.53 -30.83 -18.80
CA HIS O 37 -19.45 -31.78 -18.92
C HIS O 37 -18.69 -31.91 -17.64
N PHE O 38 -18.10 -30.78 -17.19
CA PHE O 38 -17.35 -30.67 -15.92
C PHE O 38 -18.04 -31.29 -14.71
N GLY O 39 -19.31 -30.95 -14.56
CA GLY O 39 -20.11 -31.39 -13.43
C GLY O 39 -20.27 -32.88 -13.45
N LEU O 40 -20.55 -33.40 -14.65
CA LEU O 40 -20.51 -34.82 -14.81
C LEU O 40 -19.19 -35.40 -14.43
N LEU O 41 -18.09 -34.91 -15.01
CA LEU O 41 -16.84 -35.60 -14.66
C LEU O 41 -16.32 -35.34 -13.26
N SER O 42 -17.17 -34.71 -12.46
CA SER O 42 -16.90 -34.47 -11.07
C SER O 42 -17.72 -35.33 -10.14
N THR O 43 -18.37 -36.36 -10.65
CA THR O 43 -19.20 -37.18 -9.77
C THR O 43 -18.55 -38.52 -9.54
N ASP O 44 -19.34 -39.58 -9.57
CA ASP O 44 -18.84 -40.90 -9.27
C ASP O 44 -19.63 -41.97 -9.99
N ARG O 45 -20.94 -41.74 -10.13
CA ARG O 45 -21.72 -42.23 -11.27
C ARG O 45 -21.30 -41.28 -12.35
N LEU O 46 -21.49 -41.61 -13.61
CA LEU O 46 -21.36 -40.54 -14.63
C LEU O 46 -20.02 -39.80 -14.76
N ASN O 47 -18.96 -40.35 -14.21
CA ASN O 47 -17.65 -40.02 -14.70
C ASN O 47 -17.23 -41.19 -15.57
N TRP O 48 -17.20 -40.95 -16.88
CA TRP O 48 -16.47 -41.77 -17.85
C TRP O 48 -15.10 -41.11 -17.74
N TRP O 49 -14.03 -41.61 -18.35
CA TRP O 49 -12.65 -41.12 -18.01
C TRP O 49 -12.21 -41.48 -16.62
N GLU O 50 -12.37 -42.70 -16.19
CA GLU O 50 -11.85 -43.07 -14.87
C GLU O 50 -12.41 -44.36 -14.36
N PHE O 51 -11.64 -45.00 -13.49
CA PHE O 51 -12.07 -46.23 -12.90
C PHE O 51 -13.22 -45.89 -11.96
N GLN O 52 -14.22 -46.77 -11.83
CA GLN O 52 -15.36 -46.44 -10.95
C GLN O 52 -14.96 -46.33 -9.48
N ARG O 53 -14.66 -45.10 -9.07
CA ARG O 53 -14.26 -44.84 -7.70
C ARG O 53 -15.51 -44.72 -6.89
N GLY O 54 -16.63 -44.68 -7.60
CA GLY O 54 -17.96 -44.60 -7.01
C GLY O 54 -18.17 -45.49 -5.81
N LEU O 55 -17.42 -46.59 -5.77
CA LEU O 55 -17.63 -47.64 -4.80
C LEU O 55 -19.15 -47.85 -4.73
N PRO O 56 -19.73 -48.26 -5.88
CA PRO O 56 -21.14 -48.07 -6.23
C PRO O 56 -22.13 -48.31 -5.07
N LYS O 57 -21.99 -49.46 -4.42
CA LYS O 57 -22.61 -49.78 -3.15
C LYS O 57 -21.48 -50.47 -2.38
N ALA O 58 -20.66 -51.21 -3.13
CA ALA O 58 -19.45 -51.89 -2.66
C ALA O 58 -18.79 -51.15 -1.50
N ALA O 59 -18.75 -51.84 -0.36
CA ALA O 59 -18.46 -51.29 0.98
C ALA O 59 -19.54 -50.31 1.47
N ALA P 2 -25.44 -15.85 -56.87
CA ALA P 2 -24.49 -16.92 -56.43
C ALA P 2 -24.01 -17.80 -57.59
N THR P 3 -22.76 -18.31 -57.48
CA THR P 3 -22.19 -19.22 -58.50
C THR P 3 -22.77 -20.64 -58.36
N GLU P 4 -24.00 -20.80 -58.85
CA GLU P 4 -24.81 -22.03 -58.83
C GLU P 4 -25.02 -22.61 -57.42
N TYR P 5 -25.56 -21.80 -56.52
CA TYR P 5 -25.88 -22.27 -55.17
C TYR P 5 -27.35 -22.65 -54.99
N ARG P 6 -27.69 -23.13 -53.81
CA ARG P 6 -29.05 -23.49 -53.47
C ARG P 6 -29.64 -22.51 -52.44
N THR P 7 -28.87 -22.25 -51.39
CA THR P 7 -29.28 -21.40 -50.27
C THR P 7 -28.64 -20.03 -50.38
N ALA P 8 -29.05 -19.14 -49.49
CA ALA P 8 -28.39 -17.86 -49.31
C ALA P 8 -27.20 -17.97 -48.39
N SER P 9 -27.09 -19.11 -47.71
CA SER P 9 -26.10 -19.35 -46.66
C SER P 9 -24.85 -18.50 -46.74
N TRP P 10 -24.26 -18.48 -47.93
CA TRP P 10 -23.06 -17.71 -48.20
C TRP P 10 -23.10 -16.24 -47.74
N LYS P 11 -24.29 -15.66 -47.78
CA LYS P 11 -24.50 -14.25 -47.44
C LYS P 11 -24.04 -13.92 -46.02
N LEU P 12 -23.92 -14.96 -45.19
CA LEU P 12 -23.44 -14.81 -43.83
C LEU P 12 -22.17 -14.00 -43.79
N TRP P 13 -21.32 -14.22 -44.78
CA TRP P 13 -20.00 -13.61 -44.80
C TRP P 13 -20.06 -12.14 -45.13
N LEU P 14 -21.20 -11.72 -45.68
CA LEU P 14 -21.48 -10.30 -45.81
C LEU P 14 -21.74 -9.67 -44.43
N ILE P 15 -22.59 -10.30 -43.66
CA ILE P 15 -22.97 -9.86 -42.31
C ILE P 15 -21.86 -10.01 -41.27
N LEU P 16 -21.14 -11.14 -41.32
CA LEU P 16 -20.35 -11.60 -40.17
C LEU P 16 -18.86 -11.26 -40.11
N ASP P 17 -18.13 -11.45 -41.21
CA ASP P 17 -16.65 -11.14 -41.32
C ASP P 17 -15.64 -12.26 -41.02
N PRO P 18 -15.14 -12.89 -42.09
CA PRO P 18 -14.16 -13.95 -42.13
C PRO P 18 -13.09 -13.80 -41.09
N ARG P 19 -12.36 -12.68 -41.17
CA ARG P 19 -11.21 -12.45 -40.31
C ARG P 19 -11.52 -12.78 -38.86
N ARG P 20 -12.66 -12.27 -38.37
CA ARG P 20 -13.00 -12.41 -36.96
C ARG P 20 -13.46 -13.80 -36.66
N VAL P 21 -14.14 -14.43 -37.61
CA VAL P 21 -14.57 -15.82 -37.45
C VAL P 21 -13.38 -16.77 -37.37
N LEU P 22 -12.47 -16.60 -38.33
CA LEU P 22 -11.27 -17.40 -38.38
C LEU P 22 -10.48 -17.28 -37.11
N THR P 23 -10.17 -16.04 -36.77
CA THR P 23 -9.33 -15.78 -35.63
C THR P 23 -9.92 -16.38 -34.35
N ALA P 24 -11.24 -16.34 -34.26
CA ALA P 24 -11.91 -16.81 -33.09
C ALA P 24 -11.81 -18.30 -33.02
N LEU P 25 -12.29 -18.94 -34.10
CA LEU P 25 -12.33 -20.38 -34.17
C LEU P 25 -11.00 -20.98 -33.78
N PHE P 26 -9.95 -20.32 -34.26
CA PHE P 26 -8.61 -20.76 -34.03
C PHE P 26 -8.32 -20.83 -32.55
N VAL P 27 -8.67 -19.79 -31.83
CA VAL P 27 -8.46 -19.76 -30.39
C VAL P 27 -9.36 -20.80 -29.74
N TYR P 28 -10.64 -20.78 -30.11
CA TYR P 28 -11.65 -21.63 -29.53
C TYR P 28 -11.23 -23.11 -29.52
N LEU P 29 -10.87 -23.60 -30.70
CA LEU P 29 -10.49 -24.99 -30.84
C LEU P 29 -9.25 -25.32 -30.05
N THR P 30 -8.28 -24.39 -30.08
CA THR P 30 -7.08 -24.48 -29.24
C THR P 30 -7.39 -24.65 -27.76
N VAL P 31 -8.36 -23.89 -27.27
CA VAL P 31 -8.75 -24.01 -25.86
C VAL P 31 -9.26 -25.40 -25.60
N ILE P 32 -10.20 -25.83 -26.43
CA ILE P 32 -10.83 -27.08 -26.19
C ILE P 32 -9.81 -28.24 -26.27
N ALA P 33 -8.93 -28.18 -27.25
CA ALA P 33 -7.95 -29.21 -27.46
C ALA P 33 -7.02 -29.38 -26.26
N LEU P 34 -6.59 -28.24 -25.72
CA LEU P 34 -5.78 -28.22 -24.52
C LEU P 34 -6.52 -28.83 -23.38
N LEU P 35 -7.76 -28.37 -23.17
CA LEU P 35 -8.62 -28.91 -22.11
C LEU P 35 -8.68 -30.39 -22.18
N ILE P 36 -8.97 -30.91 -23.36
CA ILE P 36 -9.11 -32.34 -23.49
C ILE P 36 -7.82 -33.10 -23.23
N HIS P 37 -6.75 -32.70 -23.94
CA HIS P 37 -5.46 -33.37 -23.78
C HIS P 37 -5.06 -33.39 -22.30
N PHE P 38 -4.89 -32.21 -21.69
CA PHE P 38 -4.43 -32.13 -20.31
C PHE P 38 -5.32 -32.80 -19.31
N GLY P 39 -6.61 -32.66 -19.53
CA GLY P 39 -7.61 -33.25 -18.65
C GLY P 39 -7.43 -34.74 -18.70
N LEU P 40 -7.34 -35.24 -19.92
CA LEU P 40 -7.07 -36.65 -20.08
C LEU P 40 -5.80 -37.03 -19.39
N LEU P 41 -4.73 -36.28 -19.62
CA LEU P 41 -3.50 -36.80 -19.10
C LEU P 41 -3.33 -36.66 -17.60
N SER P 42 -4.40 -36.18 -16.98
CA SER P 42 -4.47 -36.11 -15.54
C SER P 42 -5.52 -37.06 -14.97
N THR P 43 -5.68 -38.18 -15.68
CA THR P 43 -6.49 -39.28 -15.14
C THR P 43 -5.62 -40.49 -14.83
N ASP P 44 -6.15 -41.68 -14.96
CA ASP P 44 -5.43 -42.88 -14.59
C ASP P 44 -5.64 -44.00 -15.57
N ARG P 45 -6.90 -44.13 -16.05
CA ARG P 45 -7.23 -44.63 -17.37
C ARG P 45 -6.80 -43.53 -18.30
N LEU P 46 -6.68 -43.80 -19.58
CA LEU P 46 -6.48 -42.68 -20.54
C LEU P 46 -5.41 -41.68 -20.15
N ASN P 47 -4.41 -42.10 -19.40
CA ASN P 47 -3.16 -41.44 -19.53
C ASN P 47 -2.29 -42.34 -20.36
N TRP P 48 -1.86 -41.85 -21.52
CA TRP P 48 -0.71 -42.41 -22.21
C TRP P 48 0.42 -41.54 -21.63
N TRP P 49 1.65 -41.66 -22.06
CA TRP P 49 2.76 -40.91 -21.37
C TRP P 49 3.26 -41.62 -20.14
N GLU P 50 2.38 -42.06 -19.27
CA GLU P 50 2.93 -42.61 -18.06
C GLU P 50 2.67 -44.11 -17.84
N PHE P 51 3.43 -44.73 -16.93
CA PHE P 51 3.17 -46.10 -16.54
C PHE P 51 1.75 -46.23 -15.94
N GLN P 52 1.09 -47.40 -16.05
CA GLN P 52 -0.30 -47.50 -15.54
C GLN P 52 -0.35 -47.41 -14.05
N ARG P 53 -0.50 -46.17 -13.60
CA ARG P 53 -0.57 -45.83 -12.20
C ARG P 53 -1.90 -46.31 -11.70
N GLY P 54 -2.80 -46.50 -12.66
CA GLY P 54 -4.21 -46.79 -12.40
C GLY P 54 -4.44 -47.77 -11.28
N LEU P 55 -3.47 -48.68 -11.13
CA LEU P 55 -3.56 -49.82 -10.24
C LEU P 55 -4.95 -50.39 -10.52
N PRO P 56 -5.18 -50.77 -11.80
CA PRO P 56 -6.53 -50.85 -12.38
C PRO P 56 -7.54 -51.53 -11.42
N LYS P 57 -7.20 -52.74 -10.99
CA LYS P 57 -7.73 -53.39 -9.79
C LYS P 57 -6.52 -53.85 -8.97
N ALA P 58 -5.46 -54.25 -9.68
CA ALA P 58 -4.17 -54.67 -9.12
C ALA P 58 -3.81 -53.86 -7.86
N ALA P 59 -3.76 -54.58 -6.74
CA ALA P 59 -3.73 -54.05 -5.34
C ALA P 59 -5.09 -53.55 -4.84
N ALA Q 2 -4.99 -15.45 -61.35
CA ALA Q 2 -4.04 -16.21 -60.49
C ALA Q 2 -3.03 -17.02 -61.32
N THR Q 3 -1.74 -16.93 -60.93
CA THR Q 3 -0.62 -17.57 -61.67
C THR Q 3 -0.69 -19.11 -61.67
N GLU Q 4 -1.48 -19.63 -62.61
CA GLU Q 4 -1.75 -21.08 -62.81
C GLU Q 4 -2.29 -21.77 -61.54
N TYR Q 5 -3.22 -21.10 -60.86
CA TYR Q 5 -3.81 -21.61 -59.61
C TYR Q 5 -5.18 -22.23 -59.83
N ARG Q 6 -5.54 -23.16 -58.95
CA ARG Q 6 -6.81 -23.88 -59.01
C ARG Q 6 -7.84 -23.28 -58.06
N THR Q 7 -7.39 -22.90 -56.87
CA THR Q 7 -8.26 -22.32 -55.84
C THR Q 7 -8.03 -20.82 -55.73
N ALA Q 8 -8.92 -20.16 -55.00
CA ALA Q 8 -8.76 -18.75 -54.66
C ALA Q 8 -7.96 -18.59 -53.38
N SER Q 9 -7.82 -19.68 -52.62
CA SER Q 9 -7.14 -19.73 -51.32
C SER Q 9 -6.16 -18.61 -51.00
N TRP Q 10 -5.27 -18.34 -51.95
CA TRP Q 10 -4.27 -17.26 -51.86
C TRP Q 10 -4.81 -15.86 -51.44
N LYS Q 11 -6.10 -15.65 -51.69
CA LYS Q 11 -6.78 -14.42 -51.36
C LYS Q 11 -6.79 -14.16 -49.87
N LEU Q 12 -6.50 -15.20 -49.09
CA LEU Q 12 -6.46 -15.10 -47.63
C LEU Q 12 -5.44 -14.08 -47.21
N TRP Q 13 -4.40 -13.95 -48.01
CA TRP Q 13 -3.34 -13.02 -47.70
C TRP Q 13 -3.78 -11.59 -47.92
N LEU Q 14 -4.73 -11.40 -48.84
CA LEU Q 14 -5.39 -10.10 -48.99
C LEU Q 14 -6.18 -9.76 -47.72
N ILE Q 15 -6.94 -10.73 -47.23
CA ILE Q 15 -7.72 -10.58 -46.00
C ILE Q 15 -6.91 -10.55 -44.68
N LEU Q 16 -5.78 -11.27 -44.59
CA LEU Q 16 -5.23 -11.63 -43.28
C LEU Q 16 -3.95 -10.97 -42.77
N ASP Q 17 -3.04 -10.64 -43.69
CA ASP Q 17 -1.70 -10.07 -43.39
C ASP Q 17 -0.67 -11.03 -42.84
N PRO Q 18 0.20 -11.51 -43.73
CA PRO Q 18 1.37 -12.31 -43.49
C PRO Q 18 2.08 -11.95 -42.21
N ARG Q 19 2.51 -10.68 -42.08
CA ARG Q 19 3.34 -10.24 -40.96
C ARG Q 19 2.75 -10.79 -39.68
N ARG Q 20 1.43 -10.65 -39.53
CA ARG Q 20 0.77 -11.07 -38.32
C ARG Q 20 0.73 -12.59 -38.23
N VAL Q 21 0.17 -13.21 -39.26
CA VAL Q 21 0.08 -14.66 -39.33
C VAL Q 21 1.41 -15.26 -38.94
N LEU Q 22 2.44 -14.85 -39.67
CA LEU Q 22 3.75 -15.44 -39.61
C LEU Q 22 4.26 -15.40 -38.21
N THR Q 23 4.10 -14.25 -37.61
CA THR Q 23 4.70 -14.05 -36.34
C THR Q 23 3.98 -14.78 -35.23
N ALA Q 24 2.67 -14.87 -35.35
CA ALA Q 24 1.89 -15.42 -34.29
C ALA Q 24 2.17 -16.91 -34.28
N LEU Q 25 2.14 -17.48 -35.48
CA LEU Q 25 2.47 -18.86 -35.67
C LEU Q 25 3.73 -19.16 -34.93
N PHE Q 26 4.76 -18.30 -35.14
CA PHE Q 26 6.07 -18.54 -34.57
C PHE Q 26 5.92 -18.78 -33.07
N VAL Q 27 5.28 -17.83 -32.42
CA VAL Q 27 5.01 -17.93 -31.02
C VAL Q 27 4.23 -19.20 -30.63
N TYR Q 28 3.05 -19.36 -31.23
CA TYR Q 28 2.18 -20.51 -31.02
C TYR Q 28 2.96 -21.81 -30.95
N LEU Q 29 3.71 -22.05 -32.02
CA LEU Q 29 4.42 -23.27 -32.21
C LEU Q 29 5.43 -23.45 -31.14
N THR Q 30 6.14 -22.38 -30.82
CA THR Q 30 7.08 -22.38 -29.72
C THR Q 30 6.45 -22.77 -28.37
N VAL Q 31 5.23 -22.35 -28.14
CA VAL Q 31 4.62 -22.71 -26.92
C VAL Q 31 4.27 -24.17 -26.89
N ILE Q 32 3.57 -24.63 -27.91
CA ILE Q 32 3.20 -26.00 -27.91
C ILE Q 32 4.47 -26.85 -27.75
N ALA Q 33 5.52 -26.52 -28.53
CA ALA Q 33 6.79 -27.24 -28.44
C ALA Q 33 7.23 -27.43 -27.02
N LEU Q 34 7.31 -26.29 -26.34
CA LEU Q 34 7.79 -26.26 -24.99
C LEU Q 34 6.91 -27.05 -24.07
N LEU Q 35 5.59 -26.92 -24.22
CA LEU Q 35 4.68 -27.67 -23.36
C LEU Q 35 4.92 -29.14 -23.46
N ILE Q 36 5.13 -29.61 -24.68
CA ILE Q 36 5.26 -31.03 -24.89
C ILE Q 36 6.58 -31.51 -24.35
N HIS Q 37 7.65 -30.84 -24.80
CA HIS Q 37 9.00 -31.18 -24.36
C HIS Q 37 9.04 -31.29 -22.88
N PHE Q 38 8.66 -30.20 -22.24
CA PHE Q 38 8.66 -30.15 -20.79
C PHE Q 38 7.75 -31.18 -20.16
N GLY Q 39 6.49 -31.19 -20.60
CA GLY Q 39 5.53 -32.15 -20.11
C GLY Q 39 6.13 -33.55 -20.18
N LEU Q 40 6.78 -33.85 -21.28
CA LEU Q 40 7.34 -35.16 -21.43
C LEU Q 40 8.38 -35.38 -20.40
N LEU Q 41 9.28 -34.41 -20.26
CA LEU Q 41 10.32 -34.73 -19.35
C LEU Q 41 9.93 -34.64 -17.93
N SER Q 42 8.62 -34.54 -17.72
CA SER Q 42 8.01 -34.55 -16.39
C SER Q 42 7.50 -35.93 -15.99
N THR Q 43 7.72 -36.91 -16.85
CA THR Q 43 7.11 -38.18 -16.55
C THR Q 43 8.20 -39.08 -16.07
N ASP Q 44 8.05 -40.37 -16.31
CA ASP Q 44 9.01 -41.32 -15.87
C ASP Q 44 9.42 -42.27 -16.97
N ARG Q 45 8.39 -42.83 -17.61
CA ARG Q 45 8.42 -43.40 -18.93
C ARG Q 45 8.66 -42.17 -19.74
N LEU Q 46 9.35 -42.21 -20.87
CA LEU Q 46 9.38 -40.96 -21.69
C LEU Q 46 10.04 -39.72 -21.06
N ASN Q 47 10.91 -39.93 -20.10
CA ASN Q 47 11.88 -38.93 -19.84
C ASN Q 47 13.19 -39.56 -20.33
N TRP Q 48 13.85 -38.86 -21.25
CA TRP Q 48 15.24 -39.09 -21.61
C TRP Q 48 15.94 -38.06 -20.70
N TRP Q 49 17.25 -37.98 -20.63
CA TRP Q 49 17.92 -37.04 -19.67
C TRP Q 49 17.90 -37.47 -18.27
N GLU Q 50 17.65 -38.72 -17.98
CA GLU Q 50 17.78 -39.12 -16.61
C GLU Q 50 17.77 -40.62 -16.48
N PHE Q 51 18.13 -41.11 -15.31
CA PHE Q 51 18.06 -42.52 -15.11
C PHE Q 51 16.57 -42.95 -15.07
N GLN Q 52 16.25 -44.22 -15.33
CA GLN Q 52 14.84 -44.62 -15.22
C GLN Q 52 14.33 -44.59 -13.79
N ARG Q 53 13.91 -43.39 -13.40
CA ARG Q 53 13.29 -43.14 -12.13
C ARG Q 53 12.01 -43.94 -12.14
N GLY Q 54 11.55 -44.23 -13.36
CA GLY Q 54 10.32 -44.95 -13.62
C GLY Q 54 10.04 -46.08 -12.66
N LEU Q 55 11.13 -46.73 -12.24
CA LEU Q 55 11.09 -47.88 -11.36
C LEU Q 55 10.05 -48.80 -12.01
N PRO Q 56 10.30 -49.18 -13.29
CA PRO Q 56 9.24 -49.47 -14.25
C PRO Q 56 8.19 -50.49 -13.73
N LYS Q 57 8.71 -51.56 -13.14
CA LYS Q 57 8.00 -52.36 -12.13
C LYS Q 57 8.98 -52.52 -10.96
N ALA Q 58 10.26 -52.72 -11.30
CA ALA Q 58 11.38 -52.83 -10.34
C ALA Q 58 11.28 -51.80 -9.22
N ALA Q 59 10.88 -52.30 -8.03
CA ALA Q 59 10.46 -51.51 -6.86
C ALA Q 59 9.26 -50.58 -7.14
N ALA R 2 16.27 -9.28 -58.43
CA ALA R 2 17.25 -10.18 -57.74
C ALA R 2 18.39 -10.63 -58.66
N THR R 3 19.58 -10.79 -58.08
CA THR R 3 20.79 -11.21 -58.82
C THR R 3 20.82 -12.74 -59.03
N GLU R 4 20.08 -13.19 -60.05
CA GLU R 4 19.86 -14.61 -60.40
C GLU R 4 19.41 -15.47 -59.21
N TYR R 5 18.29 -15.07 -58.60
CA TYR R 5 17.68 -15.83 -57.52
C TYR R 5 16.59 -16.75 -58.05
N ARG R 6 15.96 -17.48 -57.14
CA ARG R 6 14.92 -18.43 -57.50
C ARG R 6 13.56 -17.98 -57.01
N THR R 7 13.49 -17.60 -55.74
CA THR R 7 12.23 -17.28 -55.09
C THR R 7 12.15 -15.82 -54.70
N ALA R 8 10.95 -15.42 -54.30
CA ALA R 8 10.70 -14.14 -53.68
C ALA R 8 11.36 -14.03 -52.31
N SER R 9 11.50 -15.17 -51.62
CA SER R 9 12.03 -15.28 -50.26
C SER R 9 12.47 -13.96 -49.65
N TRP R 10 13.53 -13.39 -50.22
CA TRP R 10 14.13 -12.12 -49.80
C TRP R 10 13.20 -10.90 -49.61
N LYS R 11 12.07 -10.90 -50.31
CA LYS R 11 11.02 -9.89 -50.14
C LYS R 11 10.51 -9.87 -48.70
N LEU R 12 10.80 -10.94 -47.96
CA LEU R 12 10.54 -10.99 -46.53
C LEU R 12 11.18 -9.82 -45.80
N TRP R 13 12.41 -9.48 -46.20
CA TRP R 13 13.13 -8.39 -45.55
C TRP R 13 12.54 -7.00 -45.80
N LEU R 14 11.77 -6.89 -46.89
CA LEU R 14 10.99 -5.69 -47.15
C LEU R 14 9.77 -5.64 -46.25
N ILE R 15 9.20 -6.81 -45.97
CA ILE R 15 8.07 -6.93 -45.05
C ILE R 15 8.45 -6.85 -43.56
N LEU R 16 9.67 -7.28 -43.19
CA LEU R 16 9.94 -7.62 -41.78
C LEU R 16 10.92 -6.78 -40.96
N ASP R 17 12.00 -6.29 -41.56
CA ASP R 17 13.06 -5.51 -40.88
C ASP R 17 14.09 -6.36 -40.12
N PRO R 18 15.28 -6.52 -40.72
CA PRO R 18 16.41 -7.23 -40.18
C PRO R 18 16.64 -6.95 -38.71
N ARG R 19 16.80 -5.67 -38.38
CA ARG R 19 17.25 -5.26 -37.06
C ARG R 19 16.41 -5.86 -35.97
N ARG R 20 15.09 -5.84 -36.15
CA ARG R 20 14.18 -6.44 -35.19
C ARG R 20 14.24 -7.96 -35.19
N VAL R 21 14.29 -8.55 -36.37
CA VAL R 21 14.43 -9.99 -36.48
C VAL R 21 15.70 -10.45 -35.79
N LEU R 22 16.81 -9.88 -36.22
CA LEU R 22 18.12 -10.32 -35.83
C LEU R 22 18.28 -10.24 -34.33
N THR R 23 17.88 -9.12 -33.75
CA THR R 23 17.97 -8.95 -32.31
C THR R 23 17.17 -9.98 -31.53
N ALA R 24 15.98 -10.30 -32.01
CA ALA R 24 15.13 -11.14 -31.23
C ALA R 24 15.60 -12.57 -31.31
N LEU R 25 16.01 -12.97 -32.52
CA LEU R 25 16.63 -14.23 -32.72
C LEU R 25 17.76 -14.41 -31.72
N PHE R 26 18.69 -13.43 -31.69
CA PHE R 26 19.83 -13.44 -30.79
C PHE R 26 19.38 -13.80 -29.39
N VAL R 27 18.34 -13.13 -28.94
CA VAL R 27 17.82 -13.37 -27.62
C VAL R 27 17.21 -14.76 -27.43
N TYR R 28 16.26 -15.09 -28.30
CA TYR R 28 15.57 -16.36 -28.29
C TYR R 28 16.57 -17.49 -28.12
N LEU R 29 17.59 -17.49 -28.98
CA LEU R 29 18.60 -18.54 -28.99
C LEU R 29 19.35 -18.59 -27.69
N THR R 30 19.77 -17.43 -27.23
CA THR R 30 20.44 -17.28 -25.95
C THR R 30 19.67 -17.85 -24.80
N VAL R 31 18.38 -17.67 -24.84
CA VAL R 31 17.59 -18.17 -23.76
C VAL R 31 17.49 -19.68 -23.81
N ILE R 32 17.16 -20.18 -24.99
CA ILE R 32 17.02 -21.59 -25.18
C ILE R 32 18.33 -22.26 -24.78
N ALA R 33 19.44 -21.70 -25.26
CA ALA R 33 20.78 -22.17 -24.98
C ALA R 33 21.05 -22.35 -23.48
N LEU R 34 20.72 -21.31 -22.74
CA LEU R 34 20.83 -21.30 -21.30
C LEU R 34 20.02 -22.38 -20.67
N LEU R 35 18.72 -22.37 -20.97
CA LEU R 35 17.82 -23.43 -20.64
C LEU R 35 18.38 -24.83 -20.75
N ILE R 36 18.87 -25.17 -21.93
CA ILE R 36 19.32 -26.51 -22.15
C ILE R 36 20.53 -26.82 -21.30
N HIS R 37 21.48 -25.88 -21.28
CA HIS R 37 22.68 -26.06 -20.49
C HIS R 37 22.31 -26.34 -19.07
N PHE R 38 21.73 -25.34 -18.44
CA PHE R 38 21.40 -25.46 -17.03
C PHE R 38 20.54 -26.66 -16.73
N GLY R 39 19.58 -26.90 -17.60
CA GLY R 39 18.69 -28.02 -17.41
C GLY R 39 19.44 -29.31 -17.39
N LEU R 40 20.36 -29.44 -18.33
CA LEU R 40 21.13 -30.62 -18.32
C LEU R 40 21.89 -30.64 -17.07
N LEU R 41 22.47 -29.49 -16.70
CA LEU R 41 23.34 -29.60 -15.57
C LEU R 41 22.63 -29.78 -14.28
N SER R 42 21.33 -29.92 -14.37
CA SER R 42 20.51 -30.14 -13.19
C SER R 42 20.04 -31.58 -13.00
N THR R 43 20.62 -32.50 -13.74
CA THR R 43 20.20 -33.88 -13.67
C THR R 43 21.31 -34.62 -12.94
N ASP R 44 21.61 -35.84 -13.38
CA ASP R 44 22.48 -36.70 -12.60
C ASP R 44 23.27 -37.57 -13.54
N ARG R 45 22.56 -38.13 -14.50
CA ARG R 45 23.05 -38.49 -15.79
C ARG R 45 23.26 -37.13 -16.44
N LEU R 46 24.17 -36.99 -17.39
CA LEU R 46 24.23 -35.69 -18.15
C LEU R 46 24.55 -34.44 -17.37
N ASN R 47 25.14 -34.60 -16.21
CA ASN R 47 25.85 -33.50 -15.64
C ASN R 47 27.36 -33.79 -15.72
N TRP R 48 28.04 -33.08 -16.63
CA TRP R 48 29.48 -32.93 -16.59
C TRP R 48 29.66 -31.81 -15.56
N TRP R 49 30.87 -31.46 -15.18
CA TRP R 49 31.08 -30.59 -13.97
C TRP R 49 31.16 -31.38 -12.70
N GLU R 50 30.07 -31.97 -12.26
CA GLU R 50 30.15 -32.57 -10.94
C GLU R 50 30.45 -34.09 -10.88
N PHE R 51 31.06 -34.57 -9.78
CA PHE R 51 31.21 -36.00 -9.50
C PHE R 51 29.90 -36.79 -9.76
N GLN R 52 29.94 -38.07 -10.19
CA GLN R 52 28.64 -38.77 -10.45
C GLN R 52 27.86 -39.01 -9.18
N ARG R 53 26.97 -38.07 -8.92
CA ARG R 53 26.11 -38.13 -7.76
C ARG R 53 24.93 -38.97 -8.19
N GLY R 54 24.86 -39.21 -9.50
CA GLY R 54 23.85 -40.07 -10.10
C GLY R 54 23.66 -41.37 -9.36
N LEU R 55 24.74 -41.83 -8.74
CA LEU R 55 24.80 -43.08 -7.99
C LEU R 55 24.05 -44.14 -8.82
N PRO R 56 24.52 -44.37 -10.06
CA PRO R 56 23.72 -44.85 -11.19
C PRO R 56 22.91 -46.11 -10.86
N LYS R 57 23.59 -47.08 -10.26
CA LYS R 57 23.00 -48.25 -9.60
C LYS R 57 23.82 -48.44 -8.33
N ALA R 58 25.11 -48.10 -8.42
CA ALA R 58 26.06 -48.07 -7.30
C ALA R 58 25.43 -47.35 -6.10
N ALA R 59 25.17 -48.14 -5.06
CA ALA R 59 24.34 -47.78 -3.89
C ALA R 59 22.91 -47.34 -4.26
N ALA S 2 34.17 -1.11 -51.88
CA ALA S 2 34.84 -1.87 -50.78
C ALA S 2 36.33 -2.10 -51.05
N THR S 3 37.17 -1.82 -50.04
CA THR S 3 38.65 -1.92 -50.17
C THR S 3 39.13 -3.38 -50.23
N GLU S 4 39.06 -3.96 -51.44
CA GLU S 4 39.48 -5.34 -51.75
C GLU S 4 38.67 -6.42 -50.99
N TYR S 5 37.37 -6.14 -50.79
CA TYR S 5 36.47 -7.04 -50.08
C TYR S 5 35.75 -8.01 -51.00
N ARG S 6 35.27 -9.10 -50.41
CA ARG S 6 34.67 -10.21 -51.14
C ARG S 6 33.16 -10.27 -50.90
N THR S 7 32.74 -9.82 -49.72
CA THR S 7 31.35 -9.90 -49.26
C THR S 7 30.73 -8.51 -49.18
N ALA S 8 29.49 -8.47 -48.72
CA ALA S 8 28.83 -7.24 -48.34
C ALA S 8 28.89 -7.01 -46.82
N SER S 9 29.14 -8.11 -46.08
CA SER S 9 29.23 -8.17 -44.60
C SER S 9 29.41 -6.83 -43.88
N TRP S 10 30.37 -6.06 -44.37
CA TRP S 10 30.76 -4.79 -43.77
C TRP S 10 29.67 -3.74 -43.73
N LYS S 11 28.74 -3.82 -44.68
CA LYS S 11 27.58 -2.94 -44.73
C LYS S 11 26.76 -2.99 -43.44
N LEU S 12 27.03 -4.00 -42.62
CA LEU S 12 26.38 -4.18 -41.33
C LEU S 12 26.54 -2.95 -40.48
N TRP S 13 27.73 -2.40 -40.51
CA TRP S 13 28.10 -1.25 -39.71
C TRP S 13 27.37 0.00 -40.12
N LEU S 14 26.86 -0.03 -41.35
CA LEU S 14 26.02 1.04 -41.84
C LEU S 14 24.61 0.89 -41.30
N ILE S 15 24.13 -0.34 -41.19
CA ILE S 15 22.80 -0.65 -40.64
C ILE S 15 22.75 -0.48 -39.10
N LEU S 16 23.86 -0.79 -38.42
CA LEU S 16 23.81 -1.26 -37.01
C LEU S 16 24.34 -0.37 -35.88
N ASP S 17 25.52 0.22 -36.10
CA ASP S 17 26.27 1.06 -35.12
C ASP S 17 27.20 0.29 -34.19
N PRO S 18 28.52 0.43 -34.43
CA PRO S 18 29.59 -0.09 -33.62
C PRO S 18 29.33 0.10 -32.14
N ARG S 19 29.09 1.35 -31.73
CA ARG S 19 29.07 1.71 -30.33
C ARG S 19 28.08 0.91 -29.52
N ARG S 20 26.93 0.60 -30.12
CA ARG S 20 25.90 -0.20 -29.44
C ARG S 20 26.32 -1.65 -29.36
N VAL S 21 26.85 -2.16 -30.45
CA VAL S 21 27.32 -3.54 -30.51
C VAL S 21 28.40 -3.76 -29.46
N LEU S 22 29.36 -2.86 -29.49
CA LEU S 22 30.56 -3.02 -28.73
C LEU S 22 30.20 -3.03 -27.28
N THR S 23 29.37 -2.10 -26.88
CA THR S 23 28.98 -2.01 -25.50
C THR S 23 28.16 -3.21 -25.05
N ALA S 24 27.37 -3.77 -25.95
CA ALA S 24 26.50 -4.85 -25.58
C ALA S 24 27.29 -6.11 -25.42
N LEU S 25 28.06 -6.45 -26.46
CA LEU S 25 28.95 -7.58 -26.37
C LEU S 25 29.70 -7.55 -25.06
N PHE S 26 30.34 -6.41 -24.79
CA PHE S 26 31.19 -6.20 -23.64
C PHE S 26 30.45 -6.72 -22.45
N VAL S 27 29.20 -6.37 -22.36
CA VAL S 27 28.45 -6.74 -21.18
C VAL S 27 28.05 -8.20 -21.16
N TYR S 28 27.47 -8.63 -22.27
CA TYR S 28 27.00 -9.98 -22.47
C TYR S 28 28.13 -10.94 -22.08
N LEU S 29 29.27 -10.78 -22.74
CA LEU S 29 30.38 -11.65 -22.50
C LEU S 29 30.73 -11.64 -21.02
N THR S 30 30.82 -10.45 -20.44
CA THR S 30 31.13 -10.28 -19.02
C THR S 30 30.24 -11.08 -18.10
N VAL S 31 28.98 -11.14 -18.45
CA VAL S 31 28.05 -11.91 -17.64
C VAL S 31 28.22 -13.39 -17.80
N ILE S 32 28.28 -13.83 -19.04
CA ILE S 32 28.52 -15.21 -19.29
C ILE S 32 29.78 -15.64 -18.53
N ALA S 33 30.85 -14.89 -18.71
CA ALA S 33 32.12 -15.14 -18.04
C ALA S 33 31.92 -15.44 -16.56
N LEU S 34 31.23 -14.51 -15.93
CA LEU S 34 30.94 -14.60 -14.55
C LEU S 34 30.11 -15.82 -14.22
N LEU S 35 29.06 -16.06 -15.01
CA LEU S 35 28.26 -17.27 -14.88
C LEU S 35 29.10 -18.52 -14.79
N ILE S 36 29.91 -18.73 -15.81
CA ILE S 36 30.77 -19.87 -15.80
C ILE S 36 31.68 -19.93 -14.58
N HIS S 37 32.43 -18.83 -14.35
CA HIS S 37 33.41 -18.83 -13.28
C HIS S 37 32.85 -19.30 -11.98
N PHE S 38 31.82 -18.60 -11.51
CA PHE S 38 31.16 -18.93 -10.24
C PHE S 38 30.49 -20.26 -10.20
N GLY S 39 29.95 -20.61 -11.35
CA GLY S 39 29.25 -21.87 -11.54
C GLY S 39 30.21 -22.98 -11.26
N LEU S 40 31.37 -22.87 -11.90
CA LEU S 40 32.39 -23.80 -11.56
C LEU S 40 32.66 -23.73 -10.08
N LEU S 41 32.81 -22.53 -9.52
CA LEU S 41 33.28 -22.54 -8.15
C LEU S 41 32.29 -22.93 -7.11
N SER S 42 31.25 -23.59 -7.58
CA SER S 42 30.17 -24.02 -6.74
C SER S 42 30.02 -25.50 -6.80
N THR S 43 30.89 -26.18 -7.54
CA THR S 43 30.85 -27.62 -7.62
C THR S 43 31.68 -28.24 -6.52
N ASP S 44 32.55 -29.19 -6.86
CA ASP S 44 33.29 -29.93 -5.88
C ASP S 44 34.46 -30.61 -6.53
N ARG S 45 34.22 -31.14 -7.74
CA ARG S 45 35.23 -31.19 -8.77
C ARG S 45 35.42 -29.73 -9.13
N LEU S 46 36.40 -29.40 -9.94
CA LEU S 46 36.35 -28.06 -10.58
C LEU S 46 36.16 -26.82 -9.69
N ASN S 47 36.50 -26.94 -8.42
CA ASN S 47 36.69 -25.77 -7.63
C ASN S 47 38.15 -25.70 -7.19
N TRP S 48 38.86 -24.75 -7.79
CA TRP S 48 40.13 -24.25 -7.29
C TRP S 48 39.69 -23.22 -6.23
N TRP S 49 40.58 -22.59 -5.47
CA TRP S 49 40.09 -21.58 -4.52
C TRP S 49 39.74 -22.01 -3.08
N GLU S 50 40.10 -23.23 -2.69
CA GLU S 50 39.34 -23.99 -1.70
C GLU S 50 39.90 -25.36 -1.41
N PHE S 51 39.57 -25.93 -0.27
CA PHE S 51 40.04 -27.27 -0.01
C PHE S 51 39.21 -28.29 -0.81
N GLN S 52 39.69 -29.54 -1.03
CA GLN S 52 38.83 -30.50 -1.77
C GLN S 52 37.69 -30.94 -0.92
N ARG S 53 36.61 -30.17 -1.07
CA ARG S 53 35.38 -30.37 -0.35
C ARG S 53 34.81 -31.67 -0.85
N GLY S 54 35.18 -31.98 -2.09
CA GLY S 54 34.60 -33.08 -2.85
C GLY S 54 34.46 -34.33 -2.03
N LEU S 55 35.50 -34.53 -1.22
CA LEU S 55 35.77 -35.78 -0.51
C LEU S 55 35.49 -36.85 -1.55
N PRO S 56 36.27 -36.83 -2.64
CA PRO S 56 35.90 -37.31 -3.98
C PRO S 56 35.31 -38.74 -4.02
N LYS S 57 35.89 -39.59 -3.18
CA LYS S 57 35.42 -40.95 -2.89
C LYS S 57 35.71 -41.14 -1.40
N ALA S 58 36.84 -40.55 -0.98
CA ALA S 58 37.28 -40.44 0.42
C ALA S 58 36.10 -40.07 1.32
N ALA S 59 35.82 -40.95 2.29
CA ALA S 59 34.59 -40.97 3.12
C ALA S 59 33.30 -41.06 2.29
N ALA T 2 48.49 10.29 -40.38
CA ALA T 2 48.96 9.53 -39.17
C ALA T 2 50.46 9.71 -38.92
N THR T 3 50.83 9.88 -37.64
CA THR T 3 52.25 9.97 -37.24
C THR T 3 52.86 8.56 -37.05
N GLU T 4 53.25 7.96 -38.18
CA GLU T 4 53.89 6.63 -38.27
C GLU T 4 53.02 5.47 -37.74
N TYR T 5 51.77 5.42 -38.19
CA TYR T 5 50.86 4.35 -37.79
C TYR T 5 50.70 3.27 -38.84
N ARG T 6 50.08 2.15 -38.44
CA ARG T 6 49.97 0.99 -39.30
C ARG T 6 48.51 0.63 -39.57
N THR T 7 47.67 0.77 -38.55
CA THR T 7 46.24 0.43 -38.62
C THR T 7 45.39 1.68 -38.61
N ALA T 8 44.08 1.47 -38.59
CA ALA T 8 43.13 2.54 -38.37
C ALA T 8 42.74 2.63 -36.90
N SER T 9 42.86 1.52 -36.17
CA SER T 9 42.64 1.42 -34.71
C SER T 9 42.16 2.73 -34.09
N TRP T 10 43.11 3.64 -34.04
CA TRP T 10 42.98 4.93 -33.36
C TRP T 10 41.73 5.73 -33.67
N LYS T 11 41.18 5.51 -34.86
CA LYS T 11 39.94 6.18 -35.26
C LYS T 11 38.82 5.85 -34.29
N LEU T 12 39.09 4.92 -33.36
CA LEU T 12 38.08 4.49 -32.40
C LEU T 12 37.63 5.65 -31.55
N TRP T 13 38.61 6.48 -31.21
CA TRP T 13 38.48 7.57 -30.29
C TRP T 13 37.68 8.71 -30.91
N LEU T 14 37.72 8.78 -32.24
CA LEU T 14 36.83 9.66 -33.00
C LEU T 14 35.38 9.18 -33.00
N ILE T 15 35.14 7.94 -32.58
CA ILE T 15 33.80 7.37 -32.51
C ILE T 15 33.35 7.24 -31.06
N LEU T 16 34.31 7.12 -30.13
CA LEU T 16 33.98 6.61 -28.81
C LEU T 16 33.90 7.57 -27.62
N ASP T 17 34.85 8.50 -27.49
CA ASP T 17 34.99 9.43 -26.33
C ASP T 17 35.83 8.87 -25.20
N PRO T 18 37.12 9.20 -25.19
CA PRO T 18 38.07 8.71 -24.22
C PRO T 18 37.56 8.90 -22.80
N ARG T 19 36.97 10.06 -22.53
CA ARG T 19 36.52 10.38 -21.19
C ARG T 19 35.63 9.32 -20.62
N ARG T 20 34.70 8.84 -21.44
CA ARG T 20 33.74 7.91 -20.93
C ARG T 20 34.22 6.48 -20.91
N VAL T 21 35.14 6.14 -21.82
CA VAL T 21 35.84 4.87 -21.74
C VAL T 21 36.62 4.82 -20.43
N LEU T 22 37.39 5.88 -20.20
CA LEU T 22 38.32 5.98 -19.12
C LEU T 22 37.59 5.79 -17.83
N THR T 23 36.51 6.55 -17.66
CA THR T 23 35.72 6.48 -16.45
C THR T 23 35.13 5.09 -16.23
N ALA T 24 34.72 4.44 -17.30
CA ALA T 24 34.00 3.20 -17.19
C ALA T 24 34.94 2.07 -16.84
N LEU T 25 36.07 2.02 -17.53
CA LEU T 25 37.10 1.11 -17.14
C LEU T 25 37.41 1.18 -15.66
N PHE T 26 37.52 2.41 -15.18
CA PHE T 26 37.96 2.70 -13.84
C PHE T 26 37.05 1.97 -12.90
N VAL T 27 35.76 2.11 -13.12
CA VAL T 27 34.77 1.42 -12.34
C VAL T 27 34.89 -0.10 -12.43
N TYR T 28 34.87 -0.61 -13.65
CA TYR T 28 34.78 -2.02 -13.94
C TYR T 28 35.92 -2.76 -13.27
N LEU T 29 37.12 -2.23 -13.46
CA LEU T 29 38.31 -2.83 -12.92
C LEU T 29 38.22 -2.81 -11.42
N THR T 30 37.86 -1.65 -10.87
CA THR T 30 37.61 -1.50 -9.44
C THR T 30 36.66 -2.53 -8.88
N VAL T 31 35.60 -2.79 -9.60
CA VAL T 31 34.64 -3.76 -9.18
C VAL T 31 35.23 -5.17 -9.17
N ILE T 32 35.77 -5.59 -10.31
CA ILE T 32 36.30 -6.91 -10.46
C ILE T 32 37.39 -7.13 -9.41
N ALA T 33 38.27 -6.14 -9.25
CA ALA T 33 39.28 -6.09 -8.19
C ALA T 33 38.75 -6.42 -6.80
N LEU T 34 37.67 -5.73 -6.47
CA LEU T 34 37.06 -5.92 -5.20
C LEU T 34 36.53 -7.32 -5.09
N LEU T 35 35.83 -7.73 -6.14
CA LEU T 35 35.16 -9.01 -6.19
C LEU T 35 36.14 -10.14 -5.87
N ILE T 36 37.21 -10.23 -6.64
CA ILE T 36 38.23 -11.14 -6.32
C ILE T 36 38.77 -11.00 -4.87
N HIS T 37 39.16 -9.79 -4.47
CA HIS T 37 39.86 -9.64 -3.19
C HIS T 37 39.05 -10.21 -2.07
N PHE T 38 37.83 -9.73 -1.96
CA PHE T 38 36.95 -10.10 -0.89
C PHE T 38 36.48 -11.53 -1.04
N GLY T 39 36.22 -11.94 -2.28
CA GLY T 39 35.89 -13.32 -2.60
C GLY T 39 36.96 -14.25 -2.05
N LEU T 40 38.20 -13.94 -2.36
CA LEU T 40 39.28 -14.69 -1.78
C LEU T 40 39.23 -14.61 -0.31
N LEU T 41 39.04 -13.41 0.23
CA LEU T 41 39.08 -13.43 1.67
C LEU T 41 37.89 -14.09 2.33
N SER T 42 37.06 -14.69 1.50
CA SER T 42 35.92 -15.40 2.03
C SER T 42 36.02 -16.92 1.83
N THR T 43 37.25 -17.38 1.75
CA THR T 43 37.50 -18.82 1.68
C THR T 43 38.31 -19.22 2.91
N ASP T 44 39.03 -20.33 2.81
CA ASP T 44 39.75 -20.81 3.95
C ASP T 44 41.19 -21.04 3.68
N ARG T 45 41.42 -21.76 2.58
CA ARG T 45 42.63 -21.72 1.80
C ARG T 45 42.59 -20.32 1.22
N LEU T 46 43.71 -19.67 0.94
CA LEU T 46 43.63 -18.28 0.38
C LEU T 46 42.90 -17.22 1.20
N ASN T 47 42.96 -17.31 2.50
CA ASN T 47 42.72 -16.12 3.26
C ASN T 47 44.00 -15.74 3.99
N TRP T 48 44.51 -14.56 3.64
CA TRP T 48 45.50 -13.86 4.43
C TRP T 48 44.62 -12.93 5.26
N TRP T 49 45.12 -12.30 6.30
CA TRP T 49 44.20 -11.52 7.21
C TRP T 49 43.64 -12.33 8.33
N GLU T 50 43.80 -13.62 8.33
CA GLU T 50 43.18 -14.32 9.42
C GLU T 50 43.91 -15.60 9.84
N PHE T 51 43.74 -16.00 11.09
CA PHE T 51 44.25 -17.27 11.54
C PHE T 51 43.66 -18.36 10.66
N GLN T 52 44.46 -19.38 10.31
CA GLN T 52 43.97 -20.42 9.40
C GLN T 52 42.83 -21.20 10.03
N ARG T 53 41.63 -20.79 9.62
CA ARG T 53 40.42 -21.48 9.97
C ARG T 53 40.35 -22.74 9.16
N GLY T 54 41.15 -22.75 8.09
CA GLY T 54 41.20 -23.85 7.14
C GLY T 54 41.07 -25.20 7.80
N LEU T 55 41.80 -25.34 8.90
CA LEU T 55 41.93 -26.58 9.64
C LEU T 55 42.15 -27.64 8.56
N PRO T 56 43.19 -27.43 7.73
CA PRO T 56 43.33 -27.95 6.36
C PRO T 56 43.00 -29.46 6.20
N LYS T 57 43.51 -30.25 7.14
CA LYS T 57 43.06 -31.63 7.41
C LYS T 57 43.00 -31.80 8.93
N ALA T 58 44.01 -31.26 9.61
CA ALA T 58 44.09 -31.17 11.08
C ALA T 58 42.82 -30.52 11.63
N ALA T 59 42.01 -31.35 12.29
CA ALA T 59 40.62 -31.04 12.70
C ALA T 59 39.69 -30.68 11.52
N ALA U 2 54.87 22.77 -24.79
CA ALA U 2 55.32 22.06 -23.56
C ALA U 2 56.68 22.56 -23.06
N THR U 3 56.79 22.74 -21.74
CA THR U 3 58.07 23.15 -21.11
C THR U 3 59.05 21.96 -21.04
N GLU U 4 59.58 21.62 -22.23
CA GLU U 4 60.53 20.51 -22.45
C GLU U 4 60.00 19.16 -21.94
N TYR U 5 58.88 18.72 -22.53
CA TYR U 5 58.28 17.42 -22.21
C TYR U 5 58.71 16.33 -23.18
N ARG U 6 58.05 15.19 -23.10
CA ARG U 6 58.36 14.06 -23.97
C ARG U 6 57.08 13.51 -24.60
N THR U 7 56.09 13.24 -23.75
CA THR U 7 54.81 12.68 -24.15
C THR U 7 53.82 13.81 -24.30
N ALA U 8 52.66 13.50 -24.86
CA ALA U 8 51.57 14.46 -24.89
C ALA U 8 50.75 14.35 -23.62
N SER U 9 50.96 13.25 -22.88
CA SER U 9 50.36 12.97 -21.57
C SER U 9 49.45 14.06 -21.07
N TRP U 10 50.09 15.18 -20.76
CA TRP U 10 49.43 16.36 -20.23
C TRP U 10 48.16 16.87 -20.93
N LYS U 11 48.07 16.63 -22.22
CA LYS U 11 46.88 16.98 -22.96
C LYS U 11 45.61 16.45 -22.31
N LEU U 12 45.77 15.47 -21.41
CA LEU U 12 44.65 14.81 -20.75
C LEU U 12 43.78 15.79 -20.01
N TRP U 13 44.42 16.83 -19.49
CA TRP U 13 43.78 17.82 -18.67
C TRP U 13 43.00 18.78 -19.53
N LEU U 14 43.40 18.92 -20.79
CA LEU U 14 42.59 19.65 -21.76
C LEU U 14 41.28 18.92 -22.09
N ILE U 15 41.25 17.60 -21.88
CA ILE U 15 40.08 16.76 -22.21
C ILE U 15 39.19 16.50 -20.99
N LEU U 16 39.82 16.34 -19.82
CA LEU U 16 39.21 15.61 -18.71
C LEU U 16 38.57 16.42 -17.58
N ASP U 17 39.26 17.51 -17.19
CA ASP U 17 38.92 18.40 -16.06
C ASP U 17 39.50 17.99 -14.73
N PRO U 18 40.63 18.64 -14.33
CA PRO U 18 41.29 18.46 -13.06
C PRO U 18 40.30 18.39 -11.91
N ARG U 19 39.40 19.38 -11.84
CA ARG U 19 38.41 19.45 -10.79
C ARG U 19 37.64 18.18 -10.51
N ARG U 20 37.18 17.54 -11.59
CA ARG U 20 36.45 16.31 -11.50
C ARG U 20 37.35 15.24 -10.95
N VAL U 21 38.48 15.05 -11.61
CA VAL U 21 39.45 14.04 -11.23
C VAL U 21 39.79 14.18 -9.77
N LEU U 22 40.21 15.39 -9.39
CA LEU U 22 40.62 15.70 -8.04
C LEU U 22 39.57 15.31 -7.03
N THR U 23 38.37 15.84 -7.22
CA THR U 23 37.29 15.57 -6.30
C THR U 23 36.93 14.08 -6.21
N ALA U 24 36.94 13.42 -7.35
CA ALA U 24 36.57 12.03 -7.43
C ALA U 24 37.56 11.19 -6.67
N LEU U 25 38.84 11.35 -7.01
CA LEU U 25 39.90 10.63 -6.36
C LEU U 25 39.79 10.73 -4.87
N PHE U 26 39.50 11.94 -4.41
CA PHE U 26 39.37 12.22 -3.01
C PHE U 26 38.40 11.26 -2.35
N VAL U 27 37.24 11.11 -2.98
CA VAL U 27 36.21 10.21 -2.51
C VAL U 27 36.56 8.73 -2.60
N TYR U 28 36.98 8.34 -3.80
CA TYR U 28 37.35 6.98 -4.11
C TYR U 28 38.32 6.45 -3.07
N LEU U 29 39.41 7.20 -2.90
CA LEU U 29 40.49 6.83 -2.02
C LEU U 29 40.00 6.69 -0.59
N THR U 30 39.19 7.65 -0.18
CA THR U 30 38.55 7.66 1.13
C THR U 30 37.77 6.41 1.47
N VAL U 31 37.05 5.95 0.47
CA VAL U 31 36.30 4.75 0.63
C VAL U 31 37.19 3.52 0.71
N ILE U 32 38.12 3.39 -0.23
CA ILE U 32 38.95 2.25 -0.19
C ILE U 32 39.57 2.20 1.21
N ALA U 33 40.09 3.34 1.64
CA ALA U 33 40.74 3.49 2.92
C ALA U 33 39.90 2.93 4.05
N LEU U 34 38.65 3.40 4.06
CA LEU U 34 37.72 3.00 5.08
C LEU U 34 37.46 1.51 5.07
N LEU U 35 37.21 0.95 3.88
CA LEU U 35 37.13 -0.50 3.69
C LEU U 35 38.26 -1.24 4.34
N ILE U 36 39.47 -0.95 3.90
CA ILE U 36 40.59 -1.63 4.46
C ILE U 36 40.59 -1.51 5.99
N HIS U 37 40.53 -0.27 6.47
CA HIS U 37 40.66 -0.05 7.90
C HIS U 37 39.64 -0.85 8.62
N PHE U 38 38.38 -0.55 8.38
CA PHE U 38 37.31 -1.29 9.02
C PHE U 38 37.37 -2.79 8.81
N GLY U 39 37.74 -3.19 7.61
CA GLY U 39 37.89 -4.60 7.33
C GLY U 39 38.89 -5.24 8.25
N LEU U 40 40.06 -4.67 8.27
CA LEU U 40 41.04 -5.14 9.17
C LEU U 40 40.45 -5.18 10.53
N LEU U 41 39.85 -4.07 10.95
CA LEU U 41 39.55 -4.07 12.34
C LEU U 41 38.42 -5.00 12.68
N SER U 42 37.99 -5.74 11.69
CA SER U 42 36.93 -6.71 11.90
C SER U 42 37.38 -8.17 11.98
N THR U 43 38.68 -8.38 12.15
CA THR U 43 39.21 -9.73 12.09
C THR U 43 39.62 -10.11 13.47
N ASP U 44 40.60 -10.98 13.62
CA ASP U 44 41.01 -11.39 14.94
C ASP U 44 42.50 -11.35 15.14
N ARG U 45 43.24 -11.82 14.14
CA ARG U 45 44.56 -11.30 13.78
C ARG U 45 44.34 -9.85 13.43
N LEU U 46 45.38 -9.04 13.31
CA LEU U 46 45.17 -7.72 12.64
C LEU U 46 44.05 -6.83 13.15
N ASN U 47 43.86 -6.83 14.46
CA ASN U 47 43.03 -5.81 15.03
C ASN U 47 43.79 -5.25 16.23
N TRP U 48 44.36 -4.06 16.01
CA TRP U 48 44.83 -3.17 17.05
C TRP U 48 43.49 -2.61 17.58
N TRP U 49 43.45 -1.90 18.69
CA TRP U 49 42.12 -1.47 19.29
C TRP U 49 41.57 -2.42 20.30
N GLU U 50 41.63 -3.71 20.07
CA GLU U 50 40.99 -4.51 21.06
C GLU U 50 41.87 -5.57 21.72
N PHE U 51 41.44 -6.12 22.85
CA PHE U 51 42.20 -7.19 23.45
C PHE U 51 42.24 -8.38 22.46
N GLN U 52 43.31 -9.21 22.43
CA GLN U 52 43.31 -10.38 21.52
C GLN U 52 42.33 -11.43 21.96
N ARG U 53 41.09 -11.22 21.52
CA ARG U 53 40.05 -12.20 21.70
C ARG U 53 40.20 -13.10 20.50
N GLY U 54 41.28 -12.82 19.76
CA GLY U 54 41.79 -13.67 18.69
C GLY U 54 41.97 -15.12 19.12
N LEU U 55 42.29 -15.31 20.40
CA LEU U 55 42.44 -16.63 21.00
C LEU U 55 43.27 -17.50 20.03
N PRO U 56 44.51 -17.05 19.74
CA PRO U 56 45.27 -17.43 18.53
C PRO U 56 45.30 -18.97 18.24
N LYS U 57 45.60 -19.72 19.29
CA LYS U 57 45.38 -21.17 19.36
C LYS U 57 44.78 -21.41 20.75
N ALA U 58 45.30 -20.67 21.73
CA ALA U 58 44.87 -20.67 23.14
C ALA U 58 43.35 -20.73 23.29
N ALA U 59 42.88 -21.86 23.83
CA ALA U 59 41.46 -22.27 23.89
C ALA U 59 40.76 -22.30 22.52
N ALA V 2 45.34 47.89 5.43
CA ALA V 2 45.38 47.05 6.67
C ALA V 2 45.93 47.83 7.87
N THR V 3 45.11 47.93 8.93
CA THR V 3 45.48 48.63 10.17
C THR V 3 46.54 47.87 10.97
N GLU V 4 47.80 48.10 10.57
CA GLU V 4 49.00 47.47 11.14
C GLU V 4 48.95 45.94 11.15
N TYR V 5 48.54 45.35 10.03
CA TYR V 5 48.45 43.90 9.93
C TYR V 5 49.71 43.23 9.42
N ARG V 6 49.83 41.96 9.79
CA ARG V 6 50.95 41.15 9.38
C ARG V 6 50.57 40.30 8.17
N THR V 7 49.38 39.68 8.23
CA THR V 7 48.91 38.72 7.24
C THR V 7 47.86 39.32 6.32
N ALA V 8 47.35 38.49 5.44
CA ALA V 8 46.18 38.86 4.67
C ALA V 8 44.94 38.20 5.21
N SER V 9 45.13 37.21 6.09
CA SER V 9 44.07 36.47 6.79
C SER V 9 42.70 37.06 6.57
N TRP V 10 42.55 38.28 7.09
CA TRP V 10 41.29 38.99 7.10
C TRP V 10 40.50 38.99 5.78
N LYS V 11 41.19 38.90 4.65
CA LYS V 11 40.54 38.89 3.34
C LYS V 11 39.51 37.76 3.22
N LEU V 12 39.66 36.74 4.07
CA LEU V 12 38.72 35.64 4.16
C LEU V 12 37.28 36.08 4.25
N TRP V 13 37.05 37.18 4.96
CA TRP V 13 35.70 37.67 5.17
C TRP V 13 35.18 38.41 3.96
N LEU V 14 36.06 38.76 3.04
CA LEU V 14 35.64 39.20 1.71
C LEU V 14 34.99 38.04 0.92
N ILE V 15 35.50 36.84 1.14
CA ILE V 15 35.16 35.62 0.40
C ILE V 15 33.96 34.88 0.99
N LEU V 16 33.76 34.98 2.32
CA LEU V 16 33.06 33.95 3.08
C LEU V 16 31.70 34.25 3.75
N ASP V 17 31.47 35.50 4.17
CA ASP V 17 30.22 35.98 4.82
C ASP V 17 30.01 35.60 6.29
N PRO V 18 30.22 36.57 7.22
CA PRO V 18 29.87 36.55 8.62
C PRO V 18 28.60 35.80 8.93
N ARG V 19 27.49 36.29 8.37
CA ARG V 19 26.17 35.77 8.67
C ARG V 19 26.09 34.24 8.64
N ARG V 20 26.63 33.66 7.58
CA ARG V 20 26.62 32.23 7.40
C ARG V 20 27.59 31.49 8.30
N VAL V 21 28.82 31.95 8.38
CA VAL V 21 29.78 31.36 9.29
C VAL V 21 29.22 31.35 10.72
N LEU V 22 28.71 32.51 11.14
CA LEU V 22 28.18 32.68 12.48
C LEU V 22 27.05 31.76 12.79
N THR V 23 26.05 31.73 11.91
CA THR V 23 24.89 30.86 12.09
C THR V 23 25.30 29.38 12.13
N ALA V 24 26.27 29.04 11.30
CA ALA V 24 26.78 27.69 11.24
C ALA V 24 27.48 27.27 12.54
N LEU V 25 28.48 28.04 12.96
CA LEU V 25 29.21 27.75 14.17
C LEU V 25 28.24 27.50 15.28
N PHE V 26 27.23 28.36 15.30
CA PHE V 26 26.29 28.39 16.36
C PHE V 26 25.63 27.05 16.53
N VAL V 27 25.10 26.53 15.42
CA VAL V 27 24.51 25.20 15.41
C VAL V 27 25.52 24.15 15.85
N TYR V 28 26.68 24.20 15.22
CA TYR V 28 27.68 23.19 15.34
C TYR V 28 28.07 22.99 16.80
N LEU V 29 28.47 24.11 17.40
CA LEU V 29 28.98 24.10 18.74
C LEU V 29 27.95 23.56 19.70
N THR V 30 26.74 24.06 19.57
CA THR V 30 25.64 23.63 20.39
C THR V 30 25.32 22.14 20.33
N VAL V 31 25.36 21.59 19.12
CA VAL V 31 25.07 20.20 18.95
C VAL V 31 26.14 19.40 19.67
N ILE V 32 27.39 19.73 19.39
CA ILE V 32 28.49 19.02 20.00
C ILE V 32 28.38 19.10 21.51
N ALA V 33 28.12 20.31 22.00
CA ALA V 33 27.91 20.54 23.41
C ALA V 33 26.91 19.56 24.05
N LEU V 34 25.70 19.57 23.50
CA LEU V 34 24.64 18.67 23.88
C LEU V 34 25.08 17.22 23.84
N LEU V 35 25.60 16.79 22.71
CA LEU V 35 26.16 15.47 22.54
C LEU V 35 27.01 15.03 23.72
N ILE V 36 28.06 15.79 24.01
CA ILE V 36 28.94 15.42 25.08
C ILE V 36 28.23 15.31 26.41
N HIS V 37 27.48 16.37 26.76
CA HIS V 37 26.74 16.35 28.01
C HIS V 37 25.97 15.05 28.15
N PHE V 38 25.07 14.76 27.19
CA PHE V 38 24.25 13.53 27.13
C PHE V 38 25.02 12.28 27.34
N GLY V 39 26.04 12.16 26.49
CA GLY V 39 26.92 11.02 26.45
C GLY V 39 27.41 10.80 27.85
N LEU V 40 28.07 11.81 28.41
CA LEU V 40 28.63 11.70 29.74
C LEU V 40 27.56 11.28 30.67
N LEU V 41 26.43 11.97 30.65
CA LEU V 41 25.52 11.59 31.66
C LEU V 41 24.80 10.30 31.48
N SER V 42 25.03 9.68 30.33
CA SER V 42 24.64 8.30 30.07
C SER V 42 25.50 7.24 30.77
N THR V 43 26.60 7.61 31.41
CA THR V 43 27.53 6.58 31.89
C THR V 43 27.42 6.23 33.35
N ASP V 44 28.52 6.11 34.06
CA ASP V 44 28.45 5.56 35.40
C ASP V 44 29.46 6.21 36.28
N ARG V 45 30.63 6.34 35.67
CA ARG V 45 31.69 7.23 36.01
C ARG V 45 31.25 8.50 35.35
N LEU V 46 31.75 9.65 35.76
CA LEU V 46 31.37 10.90 35.06
C LEU V 46 29.91 11.08 34.68
N ASN V 47 29.02 10.56 35.52
CA ASN V 47 27.73 11.17 35.66
C ASN V 47 27.71 11.90 37.02
N TRP V 48 27.55 13.23 36.97
CA TRP V 48 27.18 14.06 38.12
C TRP V 48 25.68 14.00 37.95
N TRP V 49 24.87 14.37 38.93
CA TRP V 49 23.37 14.18 38.82
C TRP V 49 22.79 12.90 39.31
N GLU V 50 23.59 11.99 39.78
CA GLU V 50 22.97 10.81 40.32
C GLU V 50 23.84 10.17 41.35
N PHE V 51 23.24 9.26 42.10
CA PHE V 51 23.95 8.47 43.04
C PHE V 51 24.92 7.55 42.29
N GLN V 52 26.13 7.27 42.83
CA GLN V 52 27.15 6.55 42.03
C GLN V 52 26.71 5.20 41.67
N ARG V 53 26.25 5.20 40.43
CA ARG V 53 25.44 4.17 39.86
C ARG V 53 26.44 3.06 39.66
N GLY V 54 27.69 3.45 39.40
CA GLY V 54 28.75 2.56 38.95
C GLY V 54 29.00 1.36 39.79
N LEU V 55 28.51 1.42 41.03
CA LEU V 55 28.69 0.40 42.06
C LEU V 55 30.17 0.05 42.04
N PRO V 56 31.04 1.10 42.05
CA PRO V 56 32.35 1.07 41.40
C PRO V 56 33.15 -0.18 41.77
N LYS V 57 33.25 -0.43 43.09
CA LYS V 57 33.61 -1.71 43.67
C LYS V 57 32.49 -2.09 44.64
N ALA V 58 31.96 -1.09 45.35
CA ALA V 58 30.86 -1.23 46.31
C ALA V 58 29.71 -2.01 45.68
N ALA V 59 29.54 -3.24 46.18
CA ALA V 59 28.67 -4.28 45.60
C ALA V 59 29.03 -4.63 44.14
N ALA W 2 30.97 56.56 16.93
CA ALA W 2 30.45 55.80 18.11
C ALA W 2 30.46 56.62 19.40
N THR W 3 29.37 56.51 20.19
CA THR W 3 29.22 57.25 21.46
C THR W 3 30.15 56.70 22.54
N GLU W 4 31.37 57.24 22.58
CA GLU W 4 32.45 56.83 23.49
C GLU W 4 32.68 55.32 23.52
N TYR W 5 32.78 54.74 22.33
CA TYR W 5 33.02 53.30 22.17
C TYR W 5 34.49 53.00 21.90
N ARG W 6 34.76 51.71 21.77
CA ARG W 6 36.12 51.21 21.64
C ARG W 6 36.18 50.30 20.43
N THR W 7 35.22 49.38 20.36
CA THR W 7 35.14 48.36 19.33
C THR W 7 34.13 48.73 18.30
N ALA W 8 34.18 48.06 17.16
CA ALA W 8 33.12 48.18 16.18
C ALA W 8 31.99 47.16 16.41
N SER W 9 32.17 46.29 17.42
CA SER W 9 31.20 45.26 17.82
C SER W 9 29.75 45.55 17.45
N TRP W 10 29.32 46.77 17.72
CA TRP W 10 27.97 47.21 17.40
C TRP W 10 27.56 47.03 15.95
N LYS W 11 28.56 47.05 15.05
CA LYS W 11 28.30 46.92 13.62
C LYS W 11 27.61 45.61 13.26
N LEU W 12 27.56 44.68 14.21
CA LEU W 12 26.87 43.41 14.01
C LEU W 12 25.41 43.61 13.69
N TRP W 13 24.79 44.59 14.34
CA TRP W 13 23.35 44.78 14.23
C TRP W 13 22.99 45.39 12.92
N LEU W 14 24.02 45.85 12.20
CA LEU W 14 23.87 46.18 10.80
C LEU W 14 23.65 44.90 9.98
N ILE W 15 24.49 43.90 10.22
CA ILE W 15 24.46 42.61 9.51
C ILE W 15 23.34 41.63 9.98
N LEU W 16 22.76 41.84 11.17
CA LEU W 16 21.96 40.77 11.75
C LEU W 16 20.47 40.94 11.98
N ASP W 17 20.00 42.16 12.19
CA ASP W 17 18.61 42.44 12.61
C ASP W 17 18.29 41.91 14.00
N PRO W 18 18.34 42.82 14.98
CA PRO W 18 18.06 42.56 16.37
C PRO W 18 16.77 41.79 16.57
N ARG W 19 15.68 42.29 15.98
CA ARG W 19 14.34 41.81 16.28
C ARG W 19 14.29 40.30 16.09
N ARG W 20 14.82 39.84 14.97
CA ARG W 20 14.69 38.43 14.59
C ARG W 20 15.87 37.57 15.04
N VAL W 21 16.90 38.19 15.62
CA VAL W 21 17.87 37.49 16.46
C VAL W 21 17.23 37.15 17.78
N LEU W 22 16.63 38.16 18.37
CA LEU W 22 16.11 38.06 19.69
C LEU W 22 14.93 37.14 19.75
N THR W 23 14.10 37.16 18.71
CA THR W 23 12.96 36.25 18.67
C THR W 23 13.41 34.80 18.71
N ALA W 24 14.50 34.55 17.99
CA ALA W 24 15.07 33.24 17.86
C ALA W 24 15.70 32.75 19.18
N LEU W 25 16.45 33.61 19.87
CA LEU W 25 17.02 33.23 21.16
C LEU W 25 15.96 32.93 22.18
N PHE W 26 14.87 33.71 22.15
CA PHE W 26 13.80 33.54 23.11
C PHE W 26 13.35 32.09 23.08
N VAL W 27 13.07 31.63 21.87
CA VAL W 27 12.65 30.27 21.65
C VAL W 27 13.71 29.30 22.12
N TYR W 28 14.86 29.43 21.49
CA TYR W 28 15.99 28.57 21.71
C TYR W 28 16.22 28.33 23.23
N LEU W 29 16.39 29.41 23.98
CA LEU W 29 16.65 29.30 25.41
C LEU W 29 15.57 28.54 26.15
N THR W 30 14.31 28.86 25.84
CA THR W 30 13.12 28.22 26.40
C THR W 30 13.19 26.72 26.33
N VAL W 31 13.80 26.26 25.26
CA VAL W 31 13.93 24.87 25.02
C VAL W 31 14.99 24.27 25.89
N ILE W 32 16.20 24.81 25.81
CA ILE W 32 17.21 24.41 26.75
C ILE W 32 16.67 24.36 28.19
N ALA W 33 15.88 25.38 28.55
CA ALA W 33 15.38 25.56 29.90
C ALA W 33 14.58 24.37 30.35
N LEU W 34 13.60 24.08 29.50
CA LEU W 34 12.68 23.03 29.75
C LEU W 34 13.45 21.76 29.93
N LEU W 35 14.31 21.51 28.97
CA LEU W 35 15.22 20.41 28.94
C LEU W 35 15.93 20.16 30.27
N ILE W 36 16.78 21.09 30.68
CA ILE W 36 17.43 20.98 31.97
C ILE W 36 16.46 20.65 33.10
N HIS W 37 15.37 21.42 33.20
CA HIS W 37 14.38 21.23 34.23
C HIS W 37 13.88 19.82 34.28
N PHE W 38 13.28 19.40 33.17
CA PHE W 38 12.65 18.09 33.07
C PHE W 38 13.61 16.97 33.27
N GLY W 39 14.79 17.17 32.72
CA GLY W 39 15.93 16.34 33.02
C GLY W 39 16.21 16.17 34.49
N LEU W 40 16.40 17.27 35.18
CA LEU W 40 16.63 17.15 36.60
C LEU W 40 15.47 16.45 37.22
N LEU W 41 14.25 16.80 36.81
CA LEU W 41 13.19 16.26 37.60
C LEU W 41 12.89 14.83 37.25
N SER W 42 13.84 14.28 36.51
CA SER W 42 13.77 12.91 36.16
C SER W 42 14.84 12.08 36.83
N THR W 43 15.38 12.58 37.94
CA THR W 43 16.39 11.79 38.65
C THR W 43 15.90 11.40 40.02
N ASP W 44 16.81 11.38 40.99
CA ASP W 44 16.51 10.79 42.26
C ASP W 44 17.19 11.61 43.34
N ARG W 45 18.41 11.99 43.00
CA ARG W 45 19.12 13.09 43.57
C ARG W 45 18.59 14.23 42.75
N LEU W 46 18.62 15.45 43.25
CA LEU W 46 18.13 16.59 42.40
C LEU W 46 16.80 16.40 41.70
N ASN W 47 15.89 15.67 42.34
CA ASN W 47 14.49 15.90 42.07
C ASN W 47 13.83 16.56 43.30
N TRP W 48 13.52 17.86 43.18
CA TRP W 48 12.55 18.54 44.05
C TRP W 48 11.20 18.14 43.43
N TRP W 49 10.09 18.33 44.12
CA TRP W 49 8.79 17.76 43.64
C TRP W 49 8.61 16.32 43.95
N GLU W 50 9.31 15.75 44.88
CA GLU W 50 9.06 14.36 45.16
C GLU W 50 9.80 13.90 46.39
N PHE W 51 9.26 12.88 47.04
CA PHE W 51 9.92 12.23 48.13
C PHE W 51 11.28 11.61 47.70
N GLN W 52 12.29 11.53 48.58
CA GLN W 52 13.60 10.95 48.15
C GLN W 52 13.56 9.46 47.98
N ARG W 53 13.09 9.07 46.81
CA ARG W 53 12.96 7.66 46.49
C ARG W 53 14.24 7.22 45.84
N GLY W 54 15.20 8.14 45.83
CA GLY W 54 16.58 7.82 45.49
C GLY W 54 17.18 6.77 46.40
N LEU W 55 16.53 6.59 47.54
CA LEU W 55 16.93 5.63 48.56
C LEU W 55 18.46 5.61 48.65
N PRO W 56 19.03 6.71 49.16
CA PRO W 56 20.44 7.11 48.97
C PRO W 56 21.48 6.00 49.22
N LYS W 57 21.31 5.30 50.34
CA LYS W 57 22.07 4.10 50.70
C LYS W 57 21.07 3.08 51.24
N ALA W 58 20.16 3.57 52.10
CA ALA W 58 19.11 2.77 52.74
C ALA W 58 18.33 1.96 51.70
N ALA W 59 18.31 0.64 51.92
CA ALA W 59 17.82 -0.39 50.97
C ALA W 59 18.44 -0.31 49.56
N ALA X 2 6.27 57.13 -0.44
CA ALA X 2 6.33 56.72 1.01
C ALA X 2 7.55 57.31 1.74
N ASP X 3 7.30 58.33 2.57
CA ASP X 3 8.35 59.02 3.37
C ASP X 3 7.93 59.39 4.82
N LEU X 4 7.03 58.59 5.40
CA LEU X 4 6.49 58.80 6.76
C LEU X 4 6.54 57.49 7.60
N LYS X 5 5.98 57.55 8.81
CA LYS X 5 5.90 56.39 9.73
C LYS X 5 4.78 55.36 9.35
N PRO X 6 3.49 55.81 9.21
CA PRO X 6 2.52 54.97 8.47
C PRO X 6 2.39 55.45 7.01
N SER X 7 3.53 55.48 6.31
CA SER X 7 3.75 56.28 5.09
C SER X 7 2.74 56.21 3.97
N LEU X 8 2.05 57.35 3.80
CA LEU X 8 1.15 57.66 2.66
C LEU X 8 0.12 56.57 2.31
N THR X 9 -1.01 56.62 3.02
CA THR X 9 -2.11 55.62 2.98
C THR X 9 -1.67 54.18 3.34
N GLY X 10 -0.97 54.06 4.48
CA GLY X 10 -0.52 52.77 5.02
C GLY X 10 -1.66 52.01 5.70
N LEU X 11 -1.31 50.97 6.45
CA LEU X 11 -2.31 50.07 7.09
C LEU X 11 -2.71 50.45 8.54
N THR X 12 -2.87 51.77 8.75
CA THR X 12 -3.60 52.43 9.87
C THR X 12 -3.30 52.00 11.35
N GLU X 13 -2.05 52.20 11.76
CA GLU X 13 -1.65 52.00 13.16
C GLU X 13 -1.00 53.29 13.69
N GLU X 14 -1.79 54.09 14.40
CA GLU X 14 -1.38 55.39 15.01
C GLU X 14 -0.15 55.25 15.87
N GLU X 15 0.54 56.37 16.09
CA GLU X 15 1.50 56.48 17.21
C GLU X 15 0.79 56.24 18.57
N ALA X 16 0.63 54.94 18.89
CA ALA X 16 -0.16 54.39 20.02
C ALA X 16 0.69 53.65 21.08
N LYS X 17 0.98 54.41 22.14
CA LYS X 17 1.53 53.94 23.40
C LYS X 17 0.40 53.81 24.40
N GLU X 18 -0.80 53.89 23.88
CA GLU X 18 -1.98 53.52 24.58
C GLU X 18 -1.86 52.02 24.77
N PHE X 19 -1.55 51.30 23.68
CA PHE X 19 -1.35 49.85 23.73
C PHE X 19 -0.18 49.46 24.61
N HIS X 20 0.91 50.19 24.47
CA HIS X 20 2.07 49.90 25.24
C HIS X 20 1.79 50.09 26.73
N GLY X 21 1.10 51.17 27.07
CA GLY X 21 0.83 51.50 28.46
C GLY X 21 0.08 50.40 29.20
N ILE X 22 -1.01 49.92 28.61
CA ILE X 22 -1.83 48.94 29.30
C ILE X 22 -1.18 47.56 29.24
N PHE X 23 -0.45 47.29 28.15
CA PHE X 23 0.27 46.03 27.97
C PHE X 23 1.25 45.80 29.11
N VAL X 24 2.02 46.83 29.37
CA VAL X 24 2.84 46.95 30.54
C VAL X 24 2.06 46.72 31.82
N THR X 25 0.91 47.36 31.98
CA THR X 25 0.21 47.31 33.24
C THR X 25 -0.20 45.89 33.55
N SER X 26 -0.87 45.29 32.58
CA SER X 26 -1.44 43.97 32.73
C SER X 26 -0.38 42.91 32.92
N THR X 27 0.75 43.07 32.23
CA THR X 27 1.84 42.12 32.38
C THR X 27 2.51 42.18 33.76
N VAL X 28 2.52 43.35 34.36
CA VAL X 28 2.91 43.50 35.74
C VAL X 28 1.95 42.77 36.65
N LEU X 29 0.65 43.02 36.46
CA LEU X 29 -0.38 42.55 37.37
C LEU X 29 -0.37 41.06 37.41
N TYR X 30 -0.21 40.48 36.23
CA TYR X 30 -0.08 39.07 36.07
C TYR X 30 1.04 38.49 36.93
N LEU X 31 2.21 39.10 36.85
CA LEU X 31 3.37 38.66 37.62
C LEU X 31 3.24 38.95 39.10
N ALA X 32 2.57 40.04 39.43
CA ALA X 32 2.29 40.38 40.81
C ALA X 32 1.42 39.29 41.40
N THR X 33 0.31 39.02 40.72
CA THR X 33 -0.68 38.09 41.23
C THR X 33 -0.02 36.74 41.45
N ALA X 34 0.73 36.34 40.44
CA ALA X 34 1.54 35.16 40.43
C ALA X 34 2.36 34.95 41.71
N VAL X 35 2.97 36.02 42.15
CA VAL X 35 3.82 35.98 43.30
C VAL X 35 3.00 35.63 44.51
N ILE X 36 1.97 36.43 44.73
CA ILE X 36 1.15 36.28 45.89
C ILE X 36 0.64 34.85 45.94
N VAL X 37 0.11 34.43 44.81
CA VAL X 37 -0.36 33.09 44.60
C VAL X 37 0.69 32.06 45.04
N HIS X 38 1.92 32.27 44.60
CA HIS X 38 3.01 31.37 44.95
C HIS X 38 3.24 31.32 46.43
N TYR X 39 3.07 32.46 47.08
CA TYR X 39 3.22 32.54 48.53
C TYR X 39 2.23 31.66 49.25
N LEU X 40 1.02 31.69 48.73
CA LEU X 40 -0.07 30.96 49.33
C LEU X 40 0.16 29.50 49.19
N VAL X 41 0.66 29.09 48.03
CA VAL X 41 0.88 27.69 47.82
C VAL X 41 1.95 27.24 48.80
N TRP X 42 2.92 28.12 49.06
CA TRP X 42 4.01 27.76 49.93
C TRP X 42 3.54 27.28 51.27
N THR X 43 2.50 27.97 51.73
CA THR X 43 1.98 27.77 53.06
C THR X 43 1.16 26.49 53.11
N ALA X 44 0.70 26.06 51.94
CA ALA X 44 -0.11 24.86 51.77
C ALA X 44 0.72 23.62 51.58
N ARG X 45 1.83 23.76 50.86
CA ARG X 45 2.69 22.67 50.49
C ARG X 45 4.09 23.28 50.38
N PRO X 46 4.83 23.37 51.50
CA PRO X 46 6.18 23.93 51.39
C PRO X 46 7.07 23.00 50.57
N TRP X 47 7.33 23.42 49.35
CA TRP X 47 7.82 22.46 48.43
C TRP X 47 9.23 22.03 48.50
N ILE X 48 10.21 22.93 48.70
CA ILE X 48 11.59 22.44 48.53
C ILE X 48 12.12 21.32 49.44
N ALA X 49 11.87 21.42 50.75
CA ALA X 49 12.33 20.38 51.72
C ALA X 49 13.82 20.34 51.99
N PRO X 50 14.20 20.03 53.24
CA PRO X 50 15.61 19.94 53.58
C PRO X 50 16.24 18.66 53.06
N ILE X 51 17.56 18.68 52.89
CA ILE X 51 18.31 17.50 52.47
C ILE X 51 18.28 16.49 53.60
N PRO X 52 17.98 15.23 53.26
CA PRO X 52 17.94 14.05 54.14
C PRO X 52 19.25 13.70 54.85
N LYS X 53 19.22 12.66 55.69
CA LYS X 53 20.36 12.30 56.54
C LYS X 53 21.53 11.64 55.80
N GLY X 54 21.23 10.92 54.72
CA GLY X 54 22.27 10.37 53.85
C GLY X 54 22.70 11.39 52.81
N TRP X 55 21.86 11.49 51.78
CA TRP X 55 22.19 12.20 50.54
C TRP X 55 23.66 12.07 50.18
N VAL X 56 24.27 13.22 49.94
CA VAL X 56 25.53 13.34 49.13
C VAL X 56 25.48 12.76 47.69
N ALA Y 2 -7.94 58.95 1.30
CA ALA Y 2 -8.21 58.02 2.44
C ALA Y 2 -7.68 58.60 3.76
N ASP Y 3 -8.61 58.96 4.66
CA ASP Y 3 -8.29 59.70 5.89
C ASP Y 3 -8.99 59.20 7.19
N LEU Y 4 -9.28 57.90 7.24
CA LEU Y 4 -10.02 57.29 8.36
C LEU Y 4 -9.47 55.92 8.83
N LYS Y 5 -10.20 55.31 9.78
CA LYS Y 5 -9.90 53.97 10.32
C LYS Y 5 -10.38 52.84 9.38
N PRO Y 6 -11.67 52.86 8.93
CA PRO Y 6 -12.03 52.05 7.76
C PRO Y 6 -12.07 52.93 6.49
N SER Y 7 -10.94 53.58 6.22
CA SER Y 7 -10.82 54.64 5.20
C SER Y 7 -11.18 54.25 3.77
N LEU Y 8 -12.16 54.96 3.21
CA LEU Y 8 -12.73 54.75 1.86
C LEU Y 8 -13.21 53.32 1.55
N THR Y 9 -14.40 53.00 2.07
CA THR Y 9 -15.06 51.67 1.96
C THR Y 9 -14.27 50.50 2.58
N GLY Y 10 -13.73 50.73 3.79
CA GLY Y 10 -13.16 49.67 4.61
C GLY Y 10 -14.29 48.80 5.10
N LEU Y 11 -14.00 47.54 5.42
CA LEU Y 11 -15.03 46.52 5.72
C LEU Y 11 -15.65 46.59 7.16
N THR Y 12 -16.05 47.81 7.52
CA THR Y 12 -16.98 48.16 8.63
C THR Y 12 -16.86 47.47 10.01
N GLU Y 13 -16.06 48.11 10.87
CA GLU Y 13 -16.22 48.01 12.31
C GLU Y 13 -16.10 49.45 12.87
N GLU Y 14 -17.26 50.04 13.21
CA GLU Y 14 -17.43 51.40 13.77
C GLU Y 14 -16.60 51.57 15.03
N GLU Y 15 -16.47 52.80 15.55
CA GLU Y 15 -16.21 52.93 17.00
C GLU Y 15 -17.36 52.33 17.89
N ALA Y 16 -17.38 50.99 17.86
CA ALA Y 16 -18.18 50.06 18.68
C ALA Y 16 -17.25 49.42 19.75
N LYS Y 17 -17.45 49.98 20.93
CA LYS Y 17 -16.89 49.60 22.19
C LYS Y 17 -18.08 49.52 23.10
N GLU Y 18 -19.22 49.53 22.44
CA GLU Y 18 -20.43 48.98 22.98
C GLU Y 18 -20.10 47.51 23.23
N PHE Y 19 -19.53 46.85 22.21
CA PHE Y 19 -18.97 45.51 22.35
C PHE Y 19 -18.09 45.34 23.57
N HIS Y 20 -17.12 46.24 23.72
CA HIS Y 20 -16.16 46.19 24.83
C HIS Y 20 -16.88 46.19 26.15
N GLY Y 21 -17.87 47.07 26.30
CA GLY Y 21 -18.63 47.18 27.52
C GLY Y 21 -19.16 45.83 27.96
N ILE Y 22 -19.98 45.23 27.09
CA ILE Y 22 -20.61 43.94 27.32
C ILE Y 22 -19.54 42.88 27.52
N PHE Y 23 -18.59 42.84 26.59
CA PHE Y 23 -17.57 41.79 26.60
C PHE Y 23 -16.96 41.67 27.99
N VAL Y 24 -16.57 42.81 28.53
CA VAL Y 24 -15.94 42.86 29.82
C VAL Y 24 -16.90 42.42 30.90
N THR Y 25 -18.14 42.89 30.83
CA THR Y 25 -19.11 42.62 31.88
C THR Y 25 -19.30 41.13 32.05
N SER Y 26 -19.59 40.51 30.93
CA SER Y 26 -19.84 39.10 30.89
C SER Y 26 -18.61 38.29 31.28
N THR Y 27 -17.41 38.75 30.90
CA THR Y 27 -16.20 38.03 31.33
C THR Y 27 -15.96 38.13 32.84
N VAL Y 28 -16.44 39.20 33.45
CA VAL Y 28 -16.29 39.34 34.87
C VAL Y 28 -17.30 38.47 35.61
N LEU Y 29 -18.53 38.47 35.12
CA LEU Y 29 -19.62 37.65 35.64
C LEU Y 29 -19.30 36.18 35.68
N TYR Y 30 -18.83 35.69 34.54
CA TYR Y 30 -18.32 34.35 34.41
C TYR Y 30 -17.29 34.00 35.50
N LEU Y 31 -16.34 34.89 35.68
CA LEU Y 31 -15.29 34.69 36.66
C LEU Y 31 -15.80 34.74 38.08
N ALA Y 32 -16.73 35.65 38.32
CA ALA Y 32 -17.34 35.80 39.62
C ALA Y 32 -18.14 34.55 40.00
N THR Y 33 -19.05 34.13 39.10
CA THR Y 33 -19.87 32.95 39.36
C THR Y 33 -18.97 31.77 39.75
N ALA Y 34 -17.90 31.64 38.98
CA ALA Y 34 -16.87 30.63 39.14
C ALA Y 34 -16.30 30.57 40.53
N VAL Y 35 -15.99 31.75 41.04
CA VAL Y 35 -15.52 31.90 42.39
C VAL Y 35 -16.55 31.28 43.31
N ILE Y 36 -17.78 31.78 43.23
CA ILE Y 36 -18.86 31.33 44.11
C ILE Y 36 -19.00 29.81 44.08
N VAL Y 37 -19.08 29.32 42.86
CA VAL Y 37 -19.25 27.92 42.61
C VAL Y 37 -18.16 27.14 43.30
N HIS Y 38 -16.91 27.63 43.14
CA HIS Y 38 -15.73 26.95 43.68
C HIS Y 38 -15.79 26.84 45.15
N TYR Y 39 -16.34 27.89 45.74
CA TYR Y 39 -16.61 27.89 47.16
C TYR Y 39 -17.54 26.76 47.60
N LEU Y 40 -18.63 26.59 46.86
CA LEU Y 40 -19.62 25.59 47.23
C LEU Y 40 -19.09 24.21 47.04
N VAL Y 41 -18.28 24.02 46.02
CA VAL Y 41 -17.76 22.69 45.79
C VAL Y 41 -16.87 22.37 46.95
N TRP Y 42 -16.14 23.39 47.43
CA TRP Y 42 -15.21 23.22 48.51
C TRP Y 42 -15.91 22.65 49.75
N THR Y 43 -17.10 23.16 49.98
CA THR Y 43 -17.92 22.73 51.09
C THR Y 43 -18.37 21.28 50.94
N ALA Y 44 -18.44 20.84 49.68
CA ALA Y 44 -18.83 19.48 49.31
C ALA Y 44 -17.72 18.44 49.41
N ARG Y 45 -16.49 18.88 49.16
CA ARG Y 45 -15.31 18.05 48.99
C ARG Y 45 -14.12 19.00 49.15
N PRO Y 46 -13.64 19.22 50.39
CA PRO Y 46 -12.48 20.12 50.48
C PRO Y 46 -11.26 19.47 49.84
N TRP Y 47 -10.91 19.98 48.66
CA TRP Y 47 -9.94 19.28 47.91
C TRP Y 47 -8.49 19.42 48.25
N ILE Y 48 -7.99 20.56 48.76
CA ILE Y 48 -6.52 20.56 48.92
C ILE Y 48 -5.97 19.66 50.06
N ALA Y 49 -6.69 19.55 51.17
CA ALA Y 49 -6.24 18.71 52.34
C ALA Y 49 -5.00 19.21 53.03
N PRO Y 50 -4.99 19.16 54.37
CA PRO Y 50 -3.80 19.58 55.08
C PRO Y 50 -2.71 18.49 55.01
N ILE Y 51 -1.46 18.92 55.19
CA ILE Y 51 -0.28 18.06 55.17
C ILE Y 51 -0.39 16.96 56.21
N PRO Y 52 -0.21 15.70 55.79
CA PRO Y 52 -0.32 14.49 56.63
C PRO Y 52 0.71 14.36 57.75
N LYS Y 53 0.69 13.24 58.48
CA LYS Y 53 1.62 13.00 59.60
C LYS Y 53 3.10 12.96 59.20
N GLY Y 54 3.41 12.17 58.17
CA GLY Y 54 4.78 12.02 57.69
C GLY Y 54 5.22 13.20 56.85
N TRP Y 55 4.70 13.23 55.63
CA TRP Y 55 5.03 14.22 54.61
C TRP Y 55 6.47 14.72 54.58
N VAL Y 56 6.66 16.05 54.70
CA VAL Y 56 7.83 16.78 54.16
C VAL Y 56 8.20 16.42 52.70
N ALA Z 2 -19.57 53.55 0.18
CA ALA Z 2 -20.17 53.03 1.44
C ALA Z 2 -20.06 54.02 2.62
N ASP Z 3 -21.23 54.40 3.17
CA ASP Z 3 -21.36 55.35 4.29
C ASP Z 3 -22.50 55.00 5.28
N LEU Z 4 -23.11 53.83 5.09
CA LEU Z 4 -24.25 53.32 5.89
C LEU Z 4 -24.10 51.80 6.13
N LYS Z 5 -25.05 51.22 6.88
CA LYS Z 5 -25.24 49.76 6.97
C LYS Z 5 -25.82 49.19 5.64
N PRO Z 6 -26.95 49.78 5.13
CA PRO Z 6 -27.39 49.42 3.76
C PRO Z 6 -26.93 50.43 2.68
N SER Z 7 -25.64 50.80 2.76
CA SER Z 7 -24.99 51.71 1.81
C SER Z 7 -24.81 51.07 0.43
N LEU Z 8 -25.52 51.62 -0.56
CA LEU Z 8 -25.57 51.09 -1.95
C LEU Z 8 -25.86 49.58 -2.01
N THR Z 9 -27.06 49.22 -1.53
CA THR Z 9 -27.56 47.83 -1.38
C THR Z 9 -26.67 46.91 -0.50
N GLY Z 10 -26.58 47.23 0.80
CA GLY Z 10 -25.87 46.43 1.81
C GLY Z 10 -26.46 45.03 1.86
N LEU Z 11 -25.59 44.01 1.86
CA LEU Z 11 -25.94 42.65 1.40
C LEU Z 11 -26.73 41.70 2.37
N THR Z 12 -27.83 42.24 2.91
CA THR Z 12 -29.00 41.49 3.47
C THR Z 12 -28.94 40.77 4.86
N GLU Z 13 -29.25 41.58 5.88
CA GLU Z 13 -29.80 41.20 7.18
C GLU Z 13 -30.11 42.53 7.89
N GLU Z 14 -31.41 42.90 7.94
CA GLU Z 14 -31.96 44.12 8.57
C GLU Z 14 -31.35 44.39 9.94
N GLU Z 15 -31.61 45.56 10.51
CA GLU Z 15 -31.59 45.66 11.96
C GLU Z 15 -32.74 44.81 12.59
N ALA Z 16 -32.54 43.47 12.57
CA ALA Z 16 -33.37 42.40 13.21
C ALA Z 16 -32.70 41.89 14.53
N LYS Z 17 -33.25 42.44 15.59
CA LYS Z 17 -33.04 42.10 16.97
C LYS Z 17 -34.34 41.51 17.45
N GLU Z 18 -35.20 41.26 16.49
CA GLU Z 18 -36.28 40.32 16.65
C GLU Z 18 -35.62 38.99 16.97
N PHE Z 19 -34.57 38.65 16.22
CA PHE Z 19 -33.86 37.41 16.48
C PHE Z 19 -33.33 37.37 17.90
N HIS Z 20 -32.64 38.44 18.29
CA HIS Z 20 -31.98 38.50 19.59
C HIS Z 20 -32.98 38.28 20.70
N GLY Z 21 -34.16 38.87 20.55
CA GLY Z 21 -35.25 38.71 21.48
C GLY Z 21 -35.51 37.26 21.78
N ILE Z 22 -35.94 36.54 20.74
CA ILE Z 22 -36.32 35.15 20.87
C ILE Z 22 -35.14 34.33 21.35
N PHE Z 23 -33.98 34.54 20.72
CA PHE Z 23 -32.83 33.72 21.02
C PHE Z 23 -32.55 33.66 22.53
N VAL Z 24 -32.67 34.80 23.17
CA VAL Z 24 -32.35 34.90 24.56
C VAL Z 24 -33.44 34.25 25.38
N THR Z 25 -34.68 34.44 24.96
CA THR Z 25 -35.84 33.87 25.63
C THR Z 25 -35.71 32.36 25.70
N SER Z 26 -35.51 31.77 24.52
CA SER Z 26 -35.35 30.36 24.38
C SER Z 26 -34.13 29.84 25.11
N THR Z 27 -33.05 30.62 25.19
CA THR Z 27 -31.90 30.16 25.96
C THR Z 27 -32.19 30.14 27.45
N VAL Z 28 -32.97 31.09 27.92
CA VAL Z 28 -33.27 31.11 29.32
C VAL Z 28 -34.14 29.93 29.66
N LEU Z 29 -35.21 29.78 28.88
CA LEU Z 29 -36.15 28.68 29.02
C LEU Z 29 -35.53 27.31 29.11
N TYR Z 30 -34.59 27.08 28.20
CA TYR Z 30 -33.82 25.87 28.17
C TYR Z 30 -33.04 25.67 29.46
N LEU Z 31 -32.42 26.72 29.96
CA LEU Z 31 -31.59 26.63 31.15
C LEU Z 31 -32.47 26.51 32.37
N ALA Z 32 -33.57 27.24 32.37
CA ALA Z 32 -34.52 27.15 33.46
C ALA Z 32 -34.96 25.72 33.56
N THR Z 33 -35.46 25.21 32.43
CA THR Z 33 -36.04 23.89 32.37
C THR Z 33 -35.04 22.87 32.96
N ALA Z 34 -33.77 23.07 32.66
CA ALA Z 34 -32.68 22.22 33.12
C ALA Z 34 -32.52 22.19 34.63
N VAL Z 35 -32.72 23.35 35.22
CA VAL Z 35 -32.64 23.48 36.64
C VAL Z 35 -33.72 22.59 37.23
N ILE Z 36 -34.96 22.80 36.81
CA ILE Z 36 -36.08 22.05 37.36
C ILE Z 36 -35.88 20.54 37.25
N VAL Z 37 -35.57 20.12 36.04
CA VAL Z 37 -35.22 18.76 35.74
C VAL Z 37 -34.17 18.23 36.72
N HIS Z 38 -33.06 18.97 36.87
CA HIS Z 38 -31.97 18.54 37.75
C HIS Z 38 -32.45 18.36 39.15
N TYR Z 39 -33.38 19.22 39.56
CA TYR Z 39 -33.97 19.10 40.88
C TYR Z 39 -34.67 17.76 41.11
N LEU Z 40 -35.42 17.35 40.10
CA LEU Z 40 -36.19 16.14 40.17
C LEU Z 40 -35.30 14.95 40.13
N VAL Z 41 -34.25 15.01 39.32
CA VAL Z 41 -33.48 13.82 39.17
C VAL Z 41 -32.83 13.58 40.50
N TRP Z 42 -32.47 14.68 41.16
CA TRP Z 42 -31.79 14.61 42.44
C TRP Z 42 -32.58 13.78 43.42
N THR Z 43 -33.88 13.97 43.36
CA THR Z 43 -34.77 13.37 44.31
C THR Z 43 -34.86 11.89 44.03
N ALA Z 44 -34.49 11.50 42.81
CA ALA Z 44 -34.53 10.12 42.36
C ALA Z 44 -33.24 9.36 42.61
N ARG Z 45 -32.12 10.08 42.58
CA ARG Z 45 -30.79 9.54 42.71
C ARG Z 45 -29.97 10.76 43.14
N PRO Z 46 -29.78 10.96 44.45
CA PRO Z 46 -29.02 12.13 44.90
C PRO Z 46 -27.53 11.91 44.69
N TRP Z 47 -27.00 12.60 43.70
CA TRP Z 47 -25.77 12.14 43.14
C TRP Z 47 -24.50 12.53 43.81
N ILE Z 48 -24.33 13.74 44.34
CA ILE Z 48 -22.99 14.01 44.88
C ILE Z 48 -22.54 13.04 46.01
N ALA Z 49 -23.42 12.70 46.96
CA ALA Z 49 -23.07 11.87 48.15
C ALA Z 49 -22.24 12.60 49.20
N PRO Z 50 -22.64 12.51 50.47
CA PRO Z 50 -21.84 13.10 51.55
C PRO Z 50 -20.55 12.34 51.79
N ILE Z 51 -19.52 13.07 52.25
CA ILE Z 51 -18.16 12.56 52.47
C ILE Z 51 -18.20 11.41 53.45
N PRO Z 52 -17.66 10.25 53.03
CA PRO Z 52 -17.60 8.94 53.73
C PRO Z 52 -16.78 8.92 55.04
N LYS Z 53 -16.65 7.75 55.65
CA LYS Z 53 -16.10 7.67 57.01
C LYS Z 53 -14.61 7.94 57.10
N GLY Z 54 -13.86 7.48 56.09
CA GLY Z 54 -12.43 7.78 55.99
C GLY Z 54 -12.24 9.15 55.37
N TRP Z 55 -12.22 9.14 54.05
CA TRP Z 55 -11.92 10.31 53.23
C TRP Z 55 -10.73 11.13 53.73
N VAL Z 56 -10.92 12.44 53.74
CA VAL Z 56 -9.83 13.45 53.59
C VAL Z 56 -8.96 13.26 52.33
N ALA AA 2 -30.23 45.22 -5.99
CA ALA AA 2 -30.85 44.27 -5.02
C ALA AA 2 -31.46 44.99 -3.80
N ASP AA 3 -32.73 45.40 -3.94
CA ASP AA 3 -33.42 46.27 -2.96
C ASP AA 3 -34.69 45.66 -2.33
N LEU AA 4 -34.87 44.34 -2.48
CA LEU AA 4 -36.09 43.65 -2.03
C LEU AA 4 -35.82 42.36 -1.22
N LYS AA 5 -36.91 41.74 -0.75
CA LYS AA 5 -36.89 40.40 -0.17
C LYS AA 5 -36.67 39.34 -1.29
N PRO AA 6 -37.47 39.40 -2.39
CA PRO AA 6 -37.05 38.69 -3.59
C PRO AA 6 -36.32 39.68 -4.51
N SER AA 7 -35.10 40.06 -4.10
CA SER AA 7 -34.35 41.20 -4.66
C SER AA 7 -33.94 41.12 -6.15
N LEU AA 8 -34.56 42.00 -6.95
CA LEU AA 8 -34.54 41.99 -8.43
C LEU AA 8 -34.88 40.63 -9.06
N THR AA 9 -36.17 40.27 -8.92
CA THR AA 9 -36.78 38.99 -9.36
C THR AA 9 -36.17 37.70 -8.77
N GLY AA 10 -36.44 37.48 -7.48
CA GLY AA 10 -35.97 36.30 -6.73
C GLY AA 10 -36.69 35.02 -7.14
N LEU AA 11 -36.22 33.90 -6.61
CA LEU AA 11 -36.70 32.56 -6.99
C LEU AA 11 -38.03 32.11 -6.33
N THR AA 12 -38.78 33.08 -5.79
CA THR AA 12 -40.15 32.95 -5.20
C THR AA 12 -40.34 32.07 -3.91
N GLU AA 13 -39.71 32.49 -2.80
CA GLU AA 13 -40.08 32.06 -1.44
C GLU AA 13 -40.81 33.23 -0.71
N GLU AA 14 -42.13 33.10 -0.70
CA GLU AA 14 -43.17 33.98 -0.11
C GLU AA 14 -42.85 34.58 1.27
N GLU AA 15 -43.76 35.42 1.78
CA GLU AA 15 -44.05 35.38 3.21
C GLU AA 15 -45.01 34.18 3.53
N ALA AA 16 -44.40 32.97 3.51
CA ALA AA 16 -44.96 31.69 4.01
C ALA AA 16 -44.38 31.36 5.42
N LYS AA 17 -45.32 31.56 6.33
CA LYS AA 17 -45.22 31.40 7.74
C LYS AA 17 -46.49 30.63 8.00
N GLU AA 18 -47.16 30.33 6.90
CA GLU AA 18 -48.05 29.21 6.82
C GLU AA 18 -47.24 27.99 7.24
N PHE AA 19 -46.03 27.82 6.68
CA PHE AA 19 -45.14 26.72 7.06
C PHE AA 19 -44.87 26.68 8.55
N HIS AA 20 -44.49 27.82 9.10
CA HIS AA 20 -44.17 27.91 10.51
C HIS AA 20 -45.36 27.44 11.34
N GLY AA 21 -46.55 27.88 10.97
CA GLY AA 21 -47.80 27.38 11.55
C GLY AA 21 -47.84 25.87 11.78
N ILE AA 22 -47.87 25.12 10.68
CA ILE AA 22 -47.89 23.68 10.77
C ILE AA 22 -46.68 23.14 11.50
N PHE AA 23 -45.49 23.64 11.15
CA PHE AA 23 -44.27 23.11 11.75
C PHE AA 23 -44.37 23.01 13.27
N VAL AA 24 -44.86 24.08 13.88
CA VAL AA 24 -45.00 24.13 15.30
C VAL AA 24 -46.10 23.18 15.81
N THR AA 25 -47.16 23.04 15.04
CA THR AA 25 -48.26 22.18 15.44
C THR AA 25 -47.78 20.75 15.53
N SER AA 26 -47.24 20.28 14.43
CA SER AA 26 -46.81 18.93 14.32
C SER AA 26 -45.68 18.65 15.30
N THR AA 27 -44.80 19.62 15.53
CA THR AA 27 -43.74 19.42 16.52
C THR AA 27 -44.29 19.21 17.93
N VAL AA 28 -45.38 19.89 18.24
CA VAL AA 28 -45.99 19.75 19.53
C VAL AA 28 -46.72 18.43 19.61
N LEU AA 29 -47.38 18.06 18.52
CA LEU AA 29 -48.16 16.86 18.48
C LEU AA 29 -47.34 15.62 18.69
N TYR AA 30 -46.20 15.61 18.02
CA TYR AA 30 -45.19 14.59 18.17
C TYR AA 30 -44.76 14.49 19.63
N LEU AA 31 -44.46 15.63 20.23
CA LEU AA 31 -43.98 15.65 21.59
C LEU AA 31 -45.05 15.28 22.60
N ALA AA 32 -46.29 15.56 22.25
CA ALA AA 32 -47.41 15.26 23.12
C ALA AA 32 -47.59 13.76 23.20
N THR AA 33 -47.71 13.15 22.02
CA THR AA 33 -47.93 11.73 21.92
C THR AA 33 -46.83 11.01 22.69
N ALA AA 34 -45.63 11.55 22.56
CA ALA AA 34 -44.42 11.01 23.17
C ALA AA 34 -44.55 10.85 24.67
N VAL AA 35 -45.20 11.84 25.25
CA VAL AA 35 -45.42 11.87 26.64
C VAL AA 35 -46.37 10.75 26.98
N ILE AA 36 -47.51 10.71 26.29
CA ILE AA 36 -48.56 9.73 26.57
C ILE AA 36 -48.00 8.33 26.55
N VAL AA 37 -47.30 8.08 25.46
CA VAL AA 37 -46.64 6.83 25.24
C VAL AA 37 -45.71 6.49 26.38
N HIS AA 38 -44.85 7.43 26.77
CA HIS AA 38 -43.95 7.17 27.88
C HIS AA 38 -44.69 6.77 29.11
N TYR AA 39 -45.81 7.44 29.37
CA TYR AA 39 -46.63 7.09 30.52
C TYR AA 39 -47.10 5.65 30.47
N LEU AA 40 -47.50 5.24 29.28
CA LEU AA 40 -48.01 3.92 29.05
C LEU AA 40 -46.99 2.86 29.27
N VAL AA 41 -45.80 3.10 28.76
CA VAL AA 41 -44.78 2.12 28.88
C VAL AA 41 -44.47 1.96 30.35
N TRP AA 42 -44.53 3.08 31.07
CA TRP AA 42 -44.12 3.10 32.44
C TRP AA 42 -44.90 2.07 33.19
N THR AA 43 -46.17 1.99 32.85
CA THR AA 43 -47.07 1.04 33.44
C THR AA 43 -46.71 -0.41 33.13
N ALA AA 44 -46.00 -0.65 32.03
CA ALA AA 44 -45.55 -1.99 31.68
C ALA AA 44 -44.15 -2.33 32.21
N ARG AA 45 -43.33 -1.31 32.41
CA ARG AA 45 -41.94 -1.50 32.78
C ARG AA 45 -41.48 -0.25 33.51
N PRO AA 46 -41.74 -0.16 34.81
CA PRO AA 46 -41.38 1.07 35.50
C PRO AA 46 -39.88 1.20 35.64
N TRP AA 47 -39.32 1.99 34.74
CA TRP AA 47 -37.93 1.87 34.47
C TRP AA 47 -36.95 2.54 35.38
N ILE AA 48 -37.21 3.71 35.98
CA ILE AA 48 -36.14 4.27 36.84
C ILE AA 48 -35.82 3.41 38.08
N ALA AA 49 -36.81 2.93 38.85
CA ALA AA 49 -36.53 2.10 40.08
C ALA AA 49 -36.10 2.88 41.28
N PRO AA 50 -36.77 2.69 42.41
CA PRO AA 50 -36.37 3.36 43.65
C PRO AA 50 -34.98 2.92 44.10
N ILE AA 51 -34.32 3.80 44.86
CA ILE AA 51 -32.99 3.56 45.41
C ILE AA 51 -33.00 2.35 46.32
N PRO AA 52 -32.16 1.35 46.01
CA PRO AA 52 -32.02 0.03 46.67
C PRO AA 52 -31.53 0.05 48.13
N LYS AA 53 -31.40 -1.13 48.75
CA LYS AA 53 -31.03 -1.23 50.17
C LYS AA 53 -29.71 -0.58 50.53
N GLY AA 54 -28.67 -0.88 49.76
CA GLY AA 54 -27.32 -0.36 50.01
C GLY AA 54 -27.16 1.08 49.55
N TRP AA 55 -27.05 1.22 48.23
CA TRP AA 55 -26.74 2.48 47.56
C TRP AA 55 -26.06 3.52 48.44
N VAL AA 56 -26.53 4.76 48.33
CA VAL AA 56 -25.71 5.98 48.52
C VAL AA 56 -24.51 6.12 47.55
N ALA BA 2 -40.01 37.60 -12.86
CA ALA BA 2 -40.75 36.58 -12.04
C ALA BA 2 -41.73 37.24 -11.04
N ASP BA 3 -43.03 37.06 -11.28
CA ASP BA 3 -44.11 37.68 -10.48
C ASP BA 3 -45.31 36.75 -10.17
N LEU BA 4 -45.11 35.44 -10.36
CA LEU BA 4 -46.17 34.44 -10.20
C LEU BA 4 -45.75 33.22 -9.35
N LYS BA 5 -46.69 32.29 -9.20
CA LYS BA 5 -46.42 30.95 -8.66
C LYS BA 5 -45.61 30.10 -9.69
N PRO BA 6 -46.11 29.94 -10.95
CA PRO BA 6 -45.23 29.39 -11.98
C PRO BA 6 -44.58 30.54 -12.75
N SER BA 7 -43.80 31.34 -12.02
CA SER BA 7 -43.33 32.67 -12.46
C SER BA 7 -42.51 32.67 -13.75
N LEU BA 8 -43.19 33.09 -14.82
CA LEU BA 8 -42.64 33.13 -16.20
C LEU BA 8 -41.91 31.84 -16.61
N THR BA 9 -42.71 30.78 -16.77
CA THR BA 9 -42.28 29.37 -16.93
C THR BA 9 -41.39 28.82 -15.80
N GLY BA 10 -41.99 28.58 -14.63
CA GLY BA 10 -41.50 27.57 -13.68
C GLY BA 10 -41.78 26.25 -14.39
N LEU BA 11 -40.88 25.27 -14.24
CA LEU BA 11 -40.81 24.06 -15.12
C LEU BA 11 -41.98 23.03 -15.09
N THR BA 12 -43.20 23.54 -14.91
CA THR BA 12 -44.51 22.83 -15.03
C THR BA 12 -44.92 21.77 -13.94
N GLU BA 13 -45.07 22.26 -12.70
CA GLU BA 13 -45.70 21.52 -11.60
C GLU BA 13 -46.90 22.39 -11.08
N GLU BA 14 -48.12 21.94 -11.41
CA GLU BA 14 -49.43 22.57 -11.06
C GLU BA 14 -49.44 23.05 -9.62
N GLU BA 15 -50.43 23.86 -9.27
CA GLU BA 15 -50.90 23.80 -7.90
C GLU BA 15 -51.62 22.43 -7.66
N ALA BA 16 -50.85 21.33 -7.50
CA ALA BA 16 -51.35 19.91 -7.24
C ALA BA 16 -51.36 19.52 -5.74
N LYS BA 17 -52.60 19.44 -5.29
CA LYS BA 17 -53.04 18.99 -3.99
C LYS BA 17 -53.75 17.70 -4.28
N GLU BA 18 -53.82 17.38 -5.56
CA GLU BA 18 -54.27 16.08 -5.97
C GLU BA 18 -53.27 15.08 -5.41
N PHE BA 19 -51.98 15.38 -5.55
CA PHE BA 19 -50.97 14.54 -4.91
C PHE BA 19 -51.15 14.48 -3.42
N HIS BA 20 -51.28 15.64 -2.78
CA HIS BA 20 -51.38 15.71 -1.34
C HIS BA 20 -52.55 14.87 -0.84
N GLY BA 21 -53.66 14.97 -1.57
CA GLY BA 21 -54.85 14.20 -1.27
C GLY BA 21 -54.58 12.72 -1.15
N ILE BA 22 -54.13 12.12 -2.25
CA ILE BA 22 -53.88 10.69 -2.25
C ILE BA 22 -52.80 10.33 -1.25
N PHE BA 23 -51.74 11.13 -1.20
CA PHE BA 23 -50.62 10.85 -0.29
C PHE BA 23 -51.03 10.65 1.16
N VAL BA 24 -51.85 11.57 1.65
CA VAL BA 24 -52.31 11.44 2.99
C VAL BA 24 -53.26 10.25 3.18
N THR BA 25 -54.07 9.97 2.17
CA THR BA 25 -55.00 8.88 2.26
C THR BA 25 -54.25 7.60 2.47
N SER BA 26 -53.33 7.35 1.54
CA SER BA 26 -52.55 6.15 1.59
C SER BA 26 -51.66 6.11 2.83
N THR BA 27 -51.17 7.26 3.30
CA THR BA 27 -50.31 7.19 4.49
C THR BA 27 -51.11 6.85 5.72
N VAL BA 28 -52.40 7.05 5.63
CA VAL BA 28 -53.23 6.74 6.74
C VAL BA 28 -53.68 5.31 6.64
N LEU BA 29 -54.00 4.88 5.43
CA LEU BA 29 -54.40 3.52 5.20
C LEU BA 29 -53.36 2.55 5.66
N TYR BA 30 -52.12 2.85 5.27
CA TYR BA 30 -50.99 2.02 5.57
C TYR BA 30 -50.86 1.88 7.08
N LEU BA 31 -50.95 3.00 7.79
CA LEU BA 31 -50.80 2.94 9.24
C LEU BA 31 -51.98 2.27 9.89
N ALA BA 32 -53.15 2.43 9.30
CA ALA BA 32 -54.34 1.80 9.81
C ALA BA 32 -54.20 0.28 9.74
N THR BA 33 -53.87 -0.22 8.55
CA THR BA 33 -53.71 -1.65 8.34
C THR BA 33 -52.71 -2.21 9.35
N ALA BA 34 -51.60 -1.51 9.48
CA ALA BA 34 -50.58 -1.80 10.48
C ALA BA 34 -51.10 -2.04 11.90
N VAL BA 35 -51.98 -1.17 12.33
CA VAL BA 35 -52.60 -1.35 13.60
C VAL BA 35 -53.28 -2.72 13.62
N ILE BA 36 -54.18 -2.99 12.67
CA ILE BA 36 -55.00 -4.18 12.71
C ILE BA 36 -54.16 -5.44 12.70
N VAL BA 37 -53.23 -5.45 11.77
CA VAL BA 37 -52.22 -6.46 11.73
C VAL BA 37 -51.60 -6.65 13.12
N HIS BA 38 -51.08 -5.57 13.73
CA HIS BA 38 -50.39 -5.68 15.03
C HIS BA 38 -51.21 -6.35 16.07
N TYR BA 39 -52.49 -6.04 16.06
CA TYR BA 39 -53.45 -6.66 16.92
C TYR BA 39 -53.51 -8.19 16.79
N LEU BA 40 -53.48 -8.65 15.54
CA LEU BA 40 -53.60 -10.07 15.27
C LEU BA 40 -52.40 -10.80 15.74
N VAL BA 41 -51.25 -10.22 15.48
CA VAL BA 41 -50.05 -10.89 15.81
C VAL BA 41 -50.02 -11.00 17.31
N TRP BA 42 -50.52 -9.99 18.01
CA TRP BA 42 -50.62 -10.05 19.45
C TRP BA 42 -51.29 -11.33 19.89
N THR BA 43 -52.33 -11.71 19.17
CA THR BA 43 -53.09 -12.88 19.54
C THR BA 43 -52.32 -14.18 19.29
N ALA BA 44 -51.31 -14.09 18.42
CA ALA BA 44 -50.44 -15.21 18.09
C ALA BA 44 -49.32 -15.37 19.08
N ARG BA 45 -48.77 -14.25 19.52
CA ARG BA 45 -47.53 -14.17 20.27
C ARG BA 45 -47.62 -12.87 21.06
N PRO BA 46 -48.17 -12.91 22.27
CA PRO BA 46 -48.30 -11.66 23.02
C PRO BA 46 -46.93 -11.22 23.49
N TRP BA 47 -46.45 -10.18 22.86
CA TRP BA 47 -45.06 -10.00 22.90
C TRP BA 47 -44.49 -9.21 24.02
N ILE BA 48 -45.17 -8.21 24.60
CA ILE BA 48 -44.44 -7.57 25.72
C ILE BA 48 -44.19 -8.49 26.95
N ALA BA 49 -45.22 -9.21 27.43
CA ALA BA 49 -45.12 -10.07 28.64
C ALA BA 49 -45.07 -9.31 29.94
N PRO BA 50 -45.90 -9.70 30.93
CA PRO BA 50 -45.94 -8.95 32.16
C PRO BA 50 -44.69 -9.18 33.01
N ILE BA 51 -44.46 -8.25 33.94
CA ILE BA 51 -43.27 -8.23 34.77
C ILE BA 51 -43.19 -9.48 35.61
N PRO BA 52 -42.07 -10.23 35.48
CA PRO BA 52 -41.75 -11.51 36.14
C PRO BA 52 -41.65 -11.45 37.68
N LYS BA 53 -41.40 -12.59 38.30
CA LYS BA 53 -41.50 -12.73 39.76
C LYS BA 53 -40.49 -11.93 40.56
N GLY BA 54 -39.26 -11.82 40.05
CA GLY BA 54 -38.23 -10.98 40.68
C GLY BA 54 -38.34 -9.55 40.21
N TRP BA 55 -37.76 -9.32 39.04
CA TRP BA 55 -37.64 -7.99 38.44
C TRP BA 55 -37.27 -6.90 39.44
N VAL BA 56 -37.97 -5.79 39.32
CA VAL BA 56 -37.46 -4.43 39.71
C VAL BA 56 -36.11 -4.03 39.07
N ALA CA 2 -45.10 27.93 -23.99
CA ALA CA 2 -45.24 26.69 -23.18
C ALA CA 2 -46.45 26.79 -22.22
N ASP CA 3 -47.56 26.19 -22.64
CA ASP CA 3 -48.86 26.29 -21.95
C ASP CA 3 -49.63 24.94 -21.84
N LEU CA 4 -48.92 23.84 -22.06
CA LEU CA 4 -49.51 22.49 -22.10
C LEU CA 4 -48.82 21.50 -21.17
N LYS CA 5 -49.32 20.27 -21.17
CA LYS CA 5 -48.66 19.11 -20.56
C LYS CA 5 -47.48 18.66 -21.46
N PRO CA 6 -47.71 18.51 -22.79
CA PRO CA 6 -46.56 18.44 -23.70
C PRO CA 6 -46.21 19.85 -24.23
N SER CA 7 -45.87 20.73 -23.30
CA SER CA 7 -45.71 22.18 -23.55
C SER CA 7 -44.60 22.55 -24.54
N LEU CA 8 -45.01 22.76 -25.80
CA LEU CA 8 -44.12 22.96 -26.98
C LEU CA 8 -42.94 21.96 -27.02
N THR CA 9 -43.29 20.71 -27.35
CA THR CA 9 -42.45 19.50 -27.20
C THR CA 9 -42.02 19.22 -25.73
N GLY CA 10 -43.01 19.08 -24.85
CA GLY CA 10 -42.86 18.32 -23.60
C GLY CA 10 -42.69 16.91 -24.13
N LEU CA 11 -41.61 16.24 -23.73
CA LEU CA 11 -40.98 15.18 -24.55
C LEU CA 11 -41.70 13.81 -24.72
N THR CA 12 -42.84 13.87 -25.43
CA THR CA 12 -43.65 12.71 -25.93
C THR CA 12 -44.15 11.63 -24.93
N GLU CA 13 -45.10 12.04 -24.08
CA GLU CA 13 -45.83 11.16 -23.15
C GLU CA 13 -47.28 11.68 -22.98
N GLU CA 14 -48.24 11.01 -23.65
CA GLU CA 14 -49.69 11.33 -23.63
C GLU CA 14 -50.18 11.51 -22.21
N GLU CA 15 -51.38 12.05 -22.04
CA GLU CA 15 -52.19 11.68 -20.89
C GLU CA 15 -52.65 10.18 -21.01
N ALA CA 16 -51.67 9.27 -20.78
CA ALA CA 16 -51.83 7.78 -20.73
C ALA CA 16 -51.87 7.26 -19.28
N LYS CA 17 -53.05 6.72 -19.02
CA LYS CA 17 -53.46 6.15 -17.78
C LYS CA 17 -54.15 4.90 -18.19
N GLU CA 18 -53.85 4.52 -19.42
CA GLU CA 18 -54.01 3.16 -19.86
C GLU CA 18 -52.94 2.40 -19.09
N PHE CA 19 -51.75 2.97 -18.97
CA PHE CA 19 -50.72 2.37 -18.13
C PHE CA 19 -51.22 2.21 -16.71
N HIS CA 20 -51.85 3.24 -16.17
CA HIS CA 20 -52.36 3.18 -14.81
C HIS CA 20 -53.35 2.03 -14.66
N GLY CA 21 -54.26 1.93 -15.65
CA GLY CA 21 -55.26 0.89 -15.70
C GLY CA 21 -54.69 -0.49 -15.53
N ILE CA 22 -53.88 -0.90 -16.50
CA ILE CA 22 -53.23 -2.20 -16.42
C ILE CA 22 -52.40 -2.34 -15.16
N PHE CA 23 -51.54 -1.34 -14.89
CA PHE CA 23 -50.64 -1.42 -13.74
C PHE CA 23 -51.37 -1.84 -12.46
N VAL CA 24 -52.48 -1.19 -12.20
CA VAL CA 24 -53.24 -1.47 -11.01
C VAL CA 24 -53.90 -2.85 -11.09
N THR CA 25 -54.38 -3.21 -12.26
CA THR CA 25 -55.03 -4.49 -12.41
C THR CA 25 -54.09 -5.62 -12.05
N SER CA 26 -52.96 -5.60 -12.73
CA SER CA 26 -52.00 -6.65 -12.60
C SER CA 26 -51.36 -6.65 -11.23
N THR CA 27 -51.23 -5.48 -10.60
CA THR CA 27 -50.71 -5.47 -9.24
C THR CA 27 -51.67 -6.16 -8.30
N VAL CA 28 -52.96 -6.04 -8.56
CA VAL CA 28 -53.93 -6.68 -7.70
C VAL CA 28 -53.93 -8.19 -7.89
N LEU CA 29 -53.94 -8.61 -9.14
CA LEU CA 29 -53.89 -10.01 -9.52
C LEU CA 29 -52.74 -10.80 -8.90
N TYR CA 30 -51.56 -10.20 -8.96
CA TYR CA 30 -50.40 -10.75 -8.32
C TYR CA 30 -50.61 -10.92 -6.82
N LEU CA 31 -51.17 -9.92 -6.15
CA LEU CA 31 -51.34 -10.01 -4.70
C LEU CA 31 -52.44 -10.98 -4.38
N ALA CA 32 -53.41 -11.04 -5.28
CA ALA CA 32 -54.53 -11.93 -5.11
C ALA CA 32 -54.08 -13.36 -5.21
N THR CA 33 -53.38 -13.68 -6.30
CA THR CA 33 -52.83 -15.02 -6.48
C THR CA 33 -52.03 -15.45 -5.24
N ALA CA 34 -51.25 -14.49 -4.74
CA ALA CA 34 -50.41 -14.68 -3.56
C ALA CA 34 -51.16 -15.14 -2.32
N VAL CA 35 -52.34 -14.56 -2.16
CA VAL CA 35 -53.18 -14.89 -1.05
C VAL CA 35 -53.55 -16.35 -1.19
N ILE CA 36 -54.01 -16.74 -2.37
CA ILE CA 36 -54.46 -18.09 -2.59
C ILE CA 36 -53.34 -19.08 -2.34
N VAL CA 37 -52.23 -18.85 -3.02
CA VAL CA 37 -51.04 -19.62 -2.82
C VAL CA 37 -50.77 -19.79 -1.30
N HIS CA 38 -50.71 -18.67 -0.56
CA HIS CA 38 -50.35 -18.76 0.86
C HIS CA 38 -51.27 -19.65 1.60
N TYR CA 39 -52.55 -19.59 1.26
CA TYR CA 39 -53.52 -20.51 1.80
C TYR CA 39 -53.18 -21.99 1.56
N LEU CA 40 -52.78 -22.32 0.34
CA LEU CA 40 -52.47 -23.71 0.02
C LEU CA 40 -51.27 -24.17 0.74
N VAL CA 41 -50.27 -23.33 0.80
CA VAL CA 41 -49.08 -23.75 1.48
C VAL CA 41 -49.44 -24.06 2.91
N TRP CA 42 -50.32 -23.24 3.48
CA TRP CA 42 -50.68 -23.38 4.88
C TRP CA 42 -51.09 -24.81 5.19
N THR CA 43 -51.81 -25.39 4.27
CA THR CA 43 -52.35 -26.72 4.47
C THR CA 43 -51.28 -27.79 4.40
N ALA CA 44 -50.17 -27.47 3.72
CA ALA CA 44 -49.03 -28.37 3.62
C ALA CA 44 -48.14 -28.32 4.81
N ARG CA 45 -48.08 -27.15 5.46
CA ARG CA 45 -47.01 -26.80 6.35
C ARG CA 45 -47.54 -25.59 7.14
N PRO CA 46 -48.33 -25.82 8.19
CA PRO CA 46 -48.88 -24.65 8.89
C PRO CA 46 -47.81 -23.96 9.71
N TRP CA 47 -47.48 -22.75 9.31
CA TRP CA 47 -46.24 -22.27 9.76
C TRP CA 47 -46.17 -21.52 11.03
N ILE CA 48 -47.16 -20.73 11.44
CA ILE CA 48 -46.90 -19.97 12.69
C ILE CA 48 -46.77 -20.82 13.98
N ALA CA 49 -47.59 -21.85 14.17
CA ALA CA 49 -47.66 -22.68 15.42
C ALA CA 49 -48.33 -22.02 16.58
N PRO CA 50 -49.11 -22.80 17.34
CA PRO CA 50 -49.60 -22.34 18.61
C PRO CA 50 -48.45 -22.23 19.63
N ILE CA 51 -48.64 -21.33 20.59
CA ILE CA 51 -47.76 -21.13 21.73
C ILE CA 51 -47.60 -22.43 22.52
N PRO CA 52 -46.33 -22.83 22.75
CA PRO CA 52 -45.97 -24.09 23.43
C PRO CA 52 -46.27 -24.09 24.93
N LYS CA 53 -46.04 -25.22 25.59
CA LYS CA 53 -46.42 -25.39 27.00
C LYS CA 53 -45.72 -24.48 28.01
N GLY CA 54 -44.46 -24.13 27.75
CA GLY CA 54 -43.74 -23.15 28.58
C GLY CA 54 -44.03 -21.73 28.11
N TRP CA 55 -43.31 -21.35 27.06
CA TRP CA 55 -43.34 -20.02 26.47
C TRP CA 55 -43.39 -18.85 27.43
N VAL CA 56 -44.46 -18.07 27.35
CA VAL CA 56 -44.56 -16.71 27.92
C VAL CA 56 -43.40 -15.73 27.60
N ALA DA 2 -43.41 18.87 -32.68
CA ALA DA 2 -44.05 17.53 -32.59
C ALA DA 2 -45.58 17.59 -32.82
N ASP DA 3 -46.03 16.96 -33.91
CA ASP DA 3 -47.45 16.99 -34.34
C ASP DA 3 -48.05 15.64 -34.82
N LEU DA 4 -47.35 14.53 -34.53
CA LEU DA 4 -47.82 13.18 -34.89
C LEU DA 4 -47.66 12.19 -33.72
N LYS DA 5 -48.14 10.96 -33.93
CA LYS DA 5 -47.80 9.82 -33.07
C LYS DA 5 -46.30 9.45 -33.26
N PRO DA 6 -45.83 9.22 -34.52
CA PRO DA 6 -44.38 9.24 -34.74
C PRO DA 6 -43.95 10.64 -35.19
N SER DA 7 -43.93 11.57 -34.23
CA SER DA 7 -43.89 13.01 -34.48
C SER DA 7 -42.62 13.56 -35.14
N LEU DA 8 -42.81 13.96 -36.41
CA LEU DA 8 -41.76 14.47 -37.33
C LEU DA 8 -40.57 13.49 -37.49
N THR DA 9 -40.85 12.38 -38.17
CA THR DA 9 -39.99 11.16 -38.25
C THR DA 9 -39.62 10.59 -36.86
N GLY DA 10 -40.64 10.22 -36.08
CA GLY DA 10 -40.52 9.66 -34.73
C GLY DA 10 -39.63 8.44 -34.73
N LEU DA 11 -38.76 8.35 -33.73
CA LEU DA 11 -37.48 7.59 -33.84
C LEU DA 11 -37.54 6.04 -33.86
N THR DA 12 -38.20 5.53 -34.91
CA THR DA 12 -38.10 4.14 -35.46
C THR DA 12 -38.57 2.94 -34.59
N GLU DA 13 -39.90 2.88 -34.43
CA GLU DA 13 -40.65 1.67 -34.09
C GLU DA 13 -42.13 1.93 -34.46
N GLU DA 14 -42.64 1.17 -35.43
CA GLU DA 14 -44.06 1.19 -35.93
C GLU DA 14 -45.07 1.07 -34.79
N GLU DA 15 -46.35 1.27 -35.10
CA GLU DA 15 -47.39 0.60 -34.32
C GLU DA 15 -47.39 -0.94 -34.64
N ALA DA 16 -46.30 -1.59 -34.18
CA ALA DA 16 -46.03 -3.07 -34.20
C ALA DA 16 -46.24 -3.69 -32.80
N LYS DA 17 -47.37 -4.37 -32.80
CA LYS DA 17 -47.88 -5.23 -31.78
C LYS DA 17 -48.09 -6.55 -32.47
N GLU DA 18 -47.43 -6.68 -33.62
CA GLU DA 18 -47.04 -7.97 -34.13
C GLU DA 18 -46.09 -8.56 -33.11
N PHE DA 19 -45.19 -7.72 -32.58
CA PHE DA 19 -44.33 -8.17 -31.51
C PHE DA 19 -45.11 -8.66 -30.30
N HIS DA 20 -46.08 -7.87 -29.83
CA HIS DA 20 -46.85 -8.23 -28.63
C HIS DA 20 -47.52 -9.57 -28.80
N GLY DA 21 -48.08 -9.79 -29.99
CA GLY DA 21 -48.66 -11.07 -30.38
C GLY DA 21 -47.78 -12.27 -30.14
N ILE DA 22 -46.62 -12.29 -30.81
CA ILE DA 22 -45.67 -13.37 -30.64
C ILE DA 22 -45.17 -13.47 -29.19
N PHE DA 23 -44.74 -12.34 -28.63
CA PHE DA 23 -44.25 -12.31 -27.25
C PHE DA 23 -45.20 -12.97 -26.27
N VAL DA 24 -46.48 -12.66 -26.38
CA VAL DA 24 -47.43 -13.27 -25.48
C VAL DA 24 -47.72 -14.74 -25.77
N THR DA 25 -47.73 -15.12 -27.05
CA THR DA 25 -47.85 -16.51 -27.44
C THR DA 25 -46.75 -17.35 -26.76
N SER DA 26 -45.53 -16.94 -27.04
CA SER DA 26 -44.37 -17.69 -26.63
C SER DA 26 -44.22 -17.67 -25.12
N THR DA 27 -44.69 -16.62 -24.47
CA THR DA 27 -44.60 -16.61 -23.02
C THR DA 27 -45.58 -17.60 -22.39
N VAL DA 28 -46.59 -17.97 -23.14
CA VAL DA 28 -47.57 -18.86 -22.57
C VAL DA 28 -47.18 -20.30 -22.85
N LEU DA 29 -46.65 -20.53 -24.04
CA LEU DA 29 -46.11 -21.82 -24.41
C LEU DA 29 -45.05 -22.31 -23.46
N TYR DA 30 -44.10 -21.43 -23.21
CA TYR DA 30 -43.07 -21.67 -22.25
C TYR DA 30 -43.64 -22.10 -20.91
N LEU DA 31 -44.62 -21.36 -20.43
CA LEU DA 31 -45.16 -21.62 -19.10
C LEU DA 31 -46.04 -22.83 -19.06
N ALA DA 32 -46.65 -23.14 -20.20
CA ALA DA 32 -47.45 -24.33 -20.32
C ALA DA 32 -46.54 -25.52 -20.26
N THR DA 33 -45.54 -25.56 -21.15
CA THR DA 33 -44.62 -26.69 -21.19
C THR DA 33 -44.04 -26.97 -19.79
N ALA DA 34 -43.72 -25.88 -19.11
CA ALA DA 34 -43.21 -25.91 -17.77
C ALA DA 34 -44.08 -26.69 -16.81
N VAL DA 35 -45.37 -26.50 -16.94
CA VAL DA 35 -46.31 -27.16 -16.08
C VAL DA 35 -46.25 -28.66 -16.36
N ILE DA 36 -46.29 -29.00 -17.64
CA ILE DA 36 -46.29 -30.39 -18.05
C ILE DA 36 -45.06 -31.14 -17.55
N VAL DA 37 -43.93 -30.51 -17.80
CA VAL DA 37 -42.67 -30.99 -17.31
C VAL DA 37 -42.74 -31.17 -15.79
N HIS DA 38 -43.20 -30.15 -15.06
CA HIS DA 38 -43.33 -30.30 -13.61
C HIS DA 38 -44.13 -31.51 -13.24
N TYR DA 39 -45.20 -31.76 -13.98
CA TYR DA 39 -46.06 -32.88 -13.66
C TYR DA 39 -45.30 -34.21 -13.75
N LEU DA 40 -44.57 -34.37 -14.84
CA LEU DA 40 -43.82 -35.59 -15.04
C LEU DA 40 -42.82 -35.79 -13.94
N VAL DA 41 -42.14 -34.71 -13.57
CA VAL DA 41 -41.10 -34.84 -12.60
C VAL DA 41 -41.75 -35.32 -11.30
N TRP DA 42 -42.97 -34.84 -11.01
CA TRP DA 42 -43.63 -35.21 -9.78
C TRP DA 42 -43.76 -36.72 -9.64
N THR DA 43 -43.98 -37.35 -10.76
CA THR DA 43 -44.13 -38.77 -10.80
C THR DA 43 -42.81 -39.53 -10.57
N ALA DA 44 -41.70 -38.86 -10.87
CA ALA DA 44 -40.34 -39.41 -10.73
C ALA DA 44 -39.78 -39.26 -9.34
N ARG DA 45 -40.09 -38.13 -8.70
CA ARG DA 45 -39.69 -37.78 -7.35
C ARG DA 45 -40.79 -36.84 -6.87
N PRO DA 46 -41.78 -37.35 -6.12
CA PRO DA 46 -42.78 -36.45 -5.54
C PRO DA 46 -42.13 -35.61 -4.45
N TRP DA 47 -42.02 -34.32 -4.70
CA TRP DA 47 -41.08 -33.61 -3.90
C TRP DA 47 -41.54 -33.04 -2.59
N ILE DA 48 -42.75 -32.51 -2.42
CA ILE DA 48 -43.02 -31.85 -1.10
C ILE DA 48 -42.99 -32.75 0.18
N ALA DA 49 -43.55 -33.97 0.12
CA ALA DA 49 -43.74 -34.85 1.32
C ALA DA 49 -44.80 -34.40 2.29
N PRO DA 50 -45.49 -35.38 2.89
CA PRO DA 50 -46.38 -35.12 4.00
C PRO DA 50 -45.63 -34.71 5.26
N ILE DA 51 -46.33 -34.01 6.14
CA ILE DA 51 -45.83 -33.62 7.45
C ILE DA 51 -45.60 -34.87 8.28
N PRO DA 52 -44.35 -35.08 8.71
CA PRO DA 52 -43.83 -36.20 9.52
C PRO DA 52 -44.46 -36.33 10.91
N LYS DA 53 -44.29 -37.48 11.54
CA LYS DA 53 -44.99 -37.82 12.79
C LYS DA 53 -44.81 -36.85 13.95
N GLY DA 54 -43.59 -36.33 14.13
CA GLY DA 54 -43.33 -35.33 15.18
C GLY DA 54 -43.87 -33.98 14.79
N TRP DA 55 -43.04 -33.26 14.03
CA TRP DA 55 -43.31 -31.93 13.54
C TRP DA 55 -44.01 -31.02 14.55
N VAL DA 56 -45.00 -30.30 14.02
CA VAL DA 56 -45.51 -29.03 14.61
C VAL DA 56 -44.50 -27.87 14.61
N ALA EA 2 -36.96 11.61 -43.65
CA ALA EA 2 -36.59 10.16 -43.55
C ALA EA 2 -37.84 9.25 -43.57
N ASP EA 3 -38.18 8.75 -44.75
CA ASP EA 3 -39.45 8.02 -45.01
C ASP EA 3 -39.34 6.61 -45.66
N LEU EA 4 -38.32 5.86 -45.21
CA LEU EA 4 -38.13 4.44 -45.59
C LEU EA 4 -37.84 3.59 -44.34
N LYS EA 5 -37.62 2.30 -44.54
CA LYS EA 5 -37.16 1.41 -43.46
C LYS EA 5 -35.67 1.66 -43.10
N PRO EA 6 -34.74 1.65 -44.10
CA PRO EA 6 -33.41 2.17 -43.82
C PRO EA 6 -33.37 3.64 -44.27
N SER EA 7 -34.16 4.45 -43.56
CA SER EA 7 -34.63 5.77 -44.05
C SER EA 7 -33.56 6.79 -44.45
N LEU EA 8 -33.43 6.94 -45.77
CA LEU EA 8 -32.46 7.84 -46.45
C LEU EA 8 -30.98 7.58 -46.07
N THR EA 9 -30.41 6.57 -46.75
CA THR EA 9 -29.05 6.00 -46.49
C THR EA 9 -28.79 5.51 -45.04
N GLY EA 10 -29.58 4.51 -44.64
CA GLY EA 10 -29.31 3.74 -43.42
C GLY EA 10 -28.09 2.86 -43.64
N LEU EA 11 -27.57 2.30 -42.54
CA LEU EA 11 -26.32 1.50 -42.58
C LEU EA 11 -26.47 0.05 -43.10
N THR EA 12 -27.66 -0.26 -43.63
CA THR EA 12 -28.04 -1.47 -44.46
C THR EA 12 -28.37 -2.83 -43.79
N GLU EA 13 -29.67 -3.18 -43.82
CA GLU EA 13 -30.18 -4.53 -43.67
C GLU EA 13 -31.56 -4.66 -44.36
N GLU EA 14 -31.57 -5.28 -45.55
CA GLU EA 14 -32.74 -5.58 -46.42
C GLU EA 14 -33.88 -6.27 -45.66
N GLU EA 15 -35.04 -6.41 -46.31
CA GLU EA 15 -35.98 -7.48 -45.91
C GLU EA 15 -35.44 -8.91 -46.24
N ALA EA 16 -34.41 -9.29 -45.44
CA ALA EA 16 -33.73 -10.61 -45.37
C ALA EA 16 -34.27 -11.39 -44.15
N LYS EA 17 -35.06 -12.37 -44.54
CA LYS EA 17 -35.65 -13.38 -43.70
C LYS EA 17 -35.27 -14.66 -44.40
N GLU EA 18 -34.37 -14.50 -45.36
CA GLU EA 18 -33.51 -15.57 -45.81
C GLU EA 18 -32.75 -16.05 -44.57
N PHE EA 19 -32.18 -15.10 -43.81
CA PHE EA 19 -31.55 -15.42 -42.52
C PHE EA 19 -32.48 -16.13 -41.59
N HIS EA 20 -33.70 -15.61 -41.41
CA HIS EA 20 -34.66 -16.22 -40.47
C HIS EA 20 -34.93 -17.67 -40.82
N GLY EA 21 -35.10 -17.95 -42.12
CA GLY EA 21 -35.16 -19.30 -42.63
C GLY EA 21 -34.10 -20.21 -42.04
N ILE EA 22 -32.84 -19.98 -42.44
CA ILE EA 22 -31.75 -20.84 -42.03
C ILE EA 22 -31.57 -20.89 -40.52
N PHE EA 23 -31.61 -19.74 -39.85
CA PHE EA 23 -31.46 -19.70 -38.41
C PHE EA 23 -32.38 -20.70 -37.75
N VAL EA 24 -33.64 -20.70 -38.16
CA VAL EA 24 -34.61 -21.58 -37.53
C VAL EA 24 -34.44 -23.06 -37.92
N THR EA 25 -34.09 -23.30 -39.17
CA THR EA 25 -33.75 -24.63 -39.63
C THR EA 25 -32.66 -25.19 -38.74
N SER EA 26 -31.53 -24.49 -38.75
CA SER EA 26 -30.35 -24.99 -38.08
C SER EA 26 -30.55 -25.08 -36.58
N THR EA 27 -31.32 -24.17 -35.98
CA THR EA 27 -31.57 -24.31 -34.56
C THR EA 27 -32.37 -25.57 -34.25
N VAL EA 28 -33.14 -26.04 -35.21
CA VAL EA 28 -33.95 -27.18 -34.94
C VAL EA 28 -33.19 -28.48 -35.14
N LEU EA 29 -32.34 -28.50 -36.15
CA LEU EA 29 -31.43 -29.61 -36.38
C LEU EA 29 -30.61 -29.93 -35.14
N TYR EA 30 -30.07 -28.87 -34.57
CA TYR EA 30 -29.28 -28.98 -33.39
C TYR EA 30 -30.07 -29.53 -32.24
N LEU EA 31 -31.33 -29.14 -32.11
CA LEU EA 31 -32.11 -29.62 -30.98
C LEU EA 31 -32.54 -31.05 -31.20
N ALA EA 32 -32.74 -31.40 -32.45
CA ALA EA 32 -33.08 -32.76 -32.80
C ALA EA 32 -31.89 -33.65 -32.51
N THR EA 33 -30.74 -33.32 -33.11
CA THR EA 33 -29.54 -34.10 -32.91
C THR EA 33 -29.33 -34.38 -31.42
N ALA EA 34 -29.52 -33.34 -30.63
CA ALA EA 34 -29.45 -33.37 -29.18
C ALA EA 34 -30.35 -34.41 -28.51
N VAL EA 35 -31.55 -34.56 -29.05
CA VAL EA 35 -32.44 -35.58 -28.56
C VAL EA 35 -31.85 -36.95 -28.88
N ILE EA 36 -31.52 -37.16 -30.15
CA ILE EA 36 -31.00 -38.43 -30.60
C ILE EA 36 -29.83 -38.86 -29.73
N VAL EA 37 -28.88 -37.96 -29.59
CA VAL EA 37 -27.75 -38.14 -28.71
C VAL EA 37 -28.18 -38.53 -27.30
N HIS EA 38 -29.13 -37.78 -26.73
CA HIS EA 38 -29.56 -38.02 -25.35
C HIS EA 38 -30.11 -39.39 -25.18
N TYR EA 39 -30.85 -39.85 -26.18
CA TYR EA 39 -31.33 -41.20 -26.20
C TYR EA 39 -30.25 -42.29 -26.10
N LEU EA 40 -29.19 -42.10 -26.87
CA LEU EA 40 -28.07 -43.01 -26.93
C LEU EA 40 -27.37 -43.12 -25.63
N VAL EA 41 -27.02 -41.96 -25.06
CA VAL EA 41 -26.37 -41.92 -23.79
C VAL EA 41 -27.23 -42.64 -22.78
N TRP EA 42 -28.55 -42.42 -22.84
CA TRP EA 42 -29.42 -43.09 -21.91
C TRP EA 42 -29.17 -44.58 -21.86
N THR EA 43 -28.97 -45.17 -23.02
CA THR EA 43 -28.78 -46.61 -23.11
C THR EA 43 -27.47 -47.08 -22.46
N ALA EA 44 -26.48 -46.18 -22.46
CA ALA EA 44 -25.17 -46.41 -21.85
C ALA EA 44 -25.10 -46.20 -20.36
N ARG EA 45 -25.95 -45.31 -19.84
CA ARG EA 45 -25.87 -44.82 -18.47
C ARG EA 45 -27.26 -44.25 -18.19
N PRO EA 46 -28.22 -45.09 -17.84
CA PRO EA 46 -29.57 -44.56 -17.62
C PRO EA 46 -29.60 -43.74 -16.34
N TRP EA 47 -29.71 -42.43 -16.52
CA TRP EA 47 -29.32 -41.58 -15.43
C TRP EA 47 -30.28 -41.21 -14.33
N ILE EA 48 -31.59 -41.09 -14.55
CA ILE EA 48 -32.37 -40.59 -13.40
C ILE EA 48 -32.44 -41.57 -12.20
N ALA EA 49 -32.53 -42.89 -12.45
CA ALA EA 49 -32.72 -43.90 -11.36
C ALA EA 49 -34.14 -43.95 -10.83
N PRO EA 50 -34.64 -45.15 -10.51
CA PRO EA 50 -35.89 -45.28 -9.78
C PRO EA 50 -35.72 -44.93 -8.29
N ILE EA 51 -36.82 -44.50 -7.65
CA ILE EA 51 -36.87 -44.20 -6.23
C ILE EA 51 -36.52 -45.45 -5.43
N PRO EA 52 -35.50 -45.35 -4.56
CA PRO EA 52 -34.95 -46.45 -3.74
C PRO EA 52 -35.87 -46.95 -2.63
N LYS EA 53 -35.48 -48.05 -1.98
CA LYS EA 53 -36.27 -48.67 -0.90
C LYS EA 53 -36.66 -47.75 0.24
N GLY EA 54 -35.69 -46.97 0.75
CA GLY EA 54 -35.94 -45.99 1.81
C GLY EA 54 -36.78 -44.83 1.30
N TRP EA 55 -36.08 -43.87 0.73
CA TRP EA 55 -36.62 -42.57 0.30
C TRP EA 55 -37.74 -41.99 1.15
N VAL EA 56 -38.82 -41.56 0.49
CA VAL EA 56 -39.74 -40.49 0.97
C VAL EA 56 -39.03 -39.17 1.38
N ALA FA 2 -27.05 6.57 -53.38
CA ALA FA 2 -26.62 5.25 -52.87
C ALA FA 2 -27.78 4.23 -52.85
N ASP FA 3 -27.84 3.41 -53.91
CA ASP FA 3 -28.92 2.41 -54.12
C ASP FA 3 -28.41 1.02 -54.55
N LEU FA 4 -27.28 0.60 -53.97
CA LEU FA 4 -26.55 -0.61 -54.38
C LEU FA 4 -25.93 -1.35 -53.18
N LYS FA 5 -25.31 -2.50 -53.45
CA LYS FA 5 -24.43 -3.18 -52.49
C LYS FA 5 -23.10 -2.40 -52.32
N PRO FA 6 -22.35 -2.10 -53.43
CA PRO FA 6 -21.14 -1.29 -53.28
C PRO FA 6 -21.44 0.22 -53.42
N SER FA 7 -22.60 0.63 -52.92
CA SER FA 7 -23.16 1.99 -53.11
C SER FA 7 -22.24 3.10 -52.58
N LEU FA 8 -21.58 3.78 -53.52
CA LEU FA 8 -20.63 4.90 -53.27
C LEU FA 8 -19.54 4.54 -52.25
N THR FA 9 -18.62 3.67 -52.68
CA THR FA 9 -17.56 3.03 -51.84
C THR FA 9 -18.01 2.37 -50.52
N GLY FA 10 -18.67 1.21 -50.64
CA GLY FA 10 -18.80 0.26 -49.53
C GLY FA 10 -17.38 -0.22 -49.22
N LEU FA 11 -17.09 -0.48 -47.94
CA LEU FA 11 -15.69 -0.67 -47.44
C LEU FA 11 -15.03 -2.07 -47.66
N THR FA 12 -15.14 -2.56 -48.90
CA THR FA 12 -14.34 -3.67 -49.49
C THR FA 12 -14.56 -5.14 -49.03
N GLU FA 13 -15.69 -5.70 -49.48
CA GLU FA 13 -15.94 -7.13 -49.54
C GLU FA 13 -16.83 -7.45 -50.76
N GLU FA 14 -16.24 -8.12 -51.77
CA GLU FA 14 -16.92 -8.65 -52.97
C GLU FA 14 -18.20 -9.40 -52.61
N GLU FA 15 -19.08 -9.65 -53.58
CA GLU FA 15 -19.88 -10.88 -53.47
C GLU FA 15 -18.99 -12.13 -53.70
N ALA FA 16 -18.24 -12.46 -52.62
CA ALA FA 16 -17.34 -13.65 -52.45
C ALA FA 16 -17.99 -14.72 -51.52
N LYS FA 17 -18.53 -15.69 -52.25
CA LYS FA 17 -18.94 -16.98 -51.78
C LYS FA 17 -17.81 -17.92 -52.18
N GLU FA 18 -16.72 -17.32 -52.68
CA GLU FA 18 -15.46 -18.02 -52.83
C GLU FA 18 -15.03 -18.44 -51.44
N PHE FA 19 -15.14 -17.52 -50.49
CA PHE FA 19 -14.85 -17.82 -49.10
C PHE FA 19 -15.82 -18.84 -48.51
N HIS FA 20 -17.12 -18.67 -48.76
CA HIS FA 20 -18.05 -19.66 -48.25
C HIS FA 20 -17.68 -21.07 -48.72
N GLY FA 21 -17.29 -21.15 -49.99
CA GLY FA 21 -16.71 -22.34 -50.57
C GLY FA 21 -15.70 -23.06 -49.70
N ILE FA 22 -14.46 -22.59 -49.73
CA ILE FA 22 -13.37 -23.24 -49.00
C ILE FA 22 -13.71 -23.49 -47.52
N PHE FA 23 -14.40 -22.54 -46.89
CA PHE FA 23 -14.65 -22.58 -45.46
C PHE FA 23 -15.44 -23.81 -45.08
N VAL FA 24 -16.50 -24.05 -45.84
CA VAL FA 24 -17.35 -25.18 -45.58
C VAL FA 24 -16.69 -26.50 -45.98
N THR FA 25 -15.90 -26.46 -47.04
CA THR FA 25 -15.07 -27.59 -47.45
C THR FA 25 -14.21 -28.06 -46.27
N SER FA 26 -13.33 -27.18 -45.85
CA SER FA 26 -12.40 -27.50 -44.80
C SER FA 26 -13.08 -27.73 -43.46
N THR FA 27 -14.25 -27.13 -43.22
CA THR FA 27 -14.92 -27.44 -41.95
C THR FA 27 -15.32 -28.90 -41.90
N VAL FA 28 -15.58 -29.45 -43.06
CA VAL FA 28 -16.02 -30.80 -43.10
C VAL FA 28 -14.87 -31.75 -42.96
N LEU FA 29 -13.79 -31.45 -43.67
CA LEU FA 29 -12.58 -32.26 -43.62
C LEU FA 29 -12.07 -32.40 -42.24
N TYR FA 30 -12.15 -31.29 -41.51
CA TYR FA 30 -11.70 -31.23 -40.15
C TYR FA 30 -12.54 -32.15 -39.30
N LEU FA 31 -13.84 -32.13 -39.53
CA LEU FA 31 -14.71 -32.97 -38.73
C LEU FA 31 -14.65 -34.41 -39.18
N ALA FA 32 -14.44 -34.59 -40.47
CA ALA FA 32 -14.28 -35.91 -41.04
C ALA FA 32 -13.10 -36.59 -40.38
N THR FA 33 -11.94 -35.98 -40.54
CA THR FA 33 -10.70 -36.52 -40.03
C THR FA 33 -10.88 -36.94 -38.58
N ALA FA 34 -11.60 -36.09 -37.86
CA ALA FA 34 -11.84 -36.24 -36.46
C ALA FA 34 -12.61 -37.51 -36.15
N VAL FA 35 -13.59 -37.80 -36.98
CA VAL FA 35 -14.38 -38.99 -36.79
C VAL FA 35 -13.48 -40.20 -36.94
N ILE FA 36 -12.75 -40.25 -38.06
CA ILE FA 36 -11.77 -41.31 -38.33
C ILE FA 36 -10.85 -41.54 -37.13
N VAL FA 37 -10.25 -40.46 -36.70
CA VAL FA 37 -9.30 -40.53 -35.64
C VAL FA 37 -9.96 -41.05 -34.37
N HIS FA 38 -11.15 -40.52 -34.05
CA HIS FA 38 -11.88 -41.01 -32.89
C HIS FA 38 -12.11 -42.47 -32.90
N TYR FA 39 -12.35 -43.00 -34.10
CA TYR FA 39 -12.46 -44.42 -34.29
C TYR FA 39 -11.19 -45.23 -33.96
N LEU FA 40 -10.06 -44.76 -34.46
CA LEU FA 40 -8.81 -45.44 -34.19
C LEU FA 40 -8.50 -45.46 -32.73
N VAL FA 41 -8.71 -44.32 -32.07
CA VAL FA 41 -8.43 -44.27 -30.66
C VAL FA 41 -9.30 -45.30 -29.99
N TRP FA 42 -10.58 -45.38 -30.36
CA TRP FA 42 -11.49 -46.31 -29.72
C TRP FA 42 -10.91 -47.71 -29.61
N THR FA 43 -10.24 -48.12 -30.67
CA THR FA 43 -9.65 -49.43 -30.74
C THR FA 43 -8.48 -49.61 -29.77
N ALA FA 44 -7.81 -48.51 -29.45
CA ALA FA 44 -6.68 -48.51 -28.52
C ALA FA 44 -7.08 -48.43 -27.05
N ARG FA 45 -8.18 -47.73 -26.79
CA ARG FA 45 -8.67 -47.51 -25.45
C ARG FA 45 -10.16 -47.34 -25.64
N PRO FA 46 -10.92 -48.42 -25.48
CA PRO FA 46 -12.37 -48.26 -25.60
C PRO FA 46 -12.89 -47.54 -24.37
N TRP FA 47 -13.13 -46.26 -24.55
CA TRP FA 47 -13.24 -45.43 -23.39
C TRP FA 47 -14.52 -45.43 -22.57
N ILE FA 48 -15.74 -45.50 -23.15
CA ILE FA 48 -16.91 -45.29 -22.25
C ILE FA 48 -17.08 -46.39 -21.17
N ALA FA 49 -16.79 -47.64 -21.50
CA ALA FA 49 -17.02 -48.80 -20.58
C ALA FA 49 -18.47 -49.18 -20.40
N PRO FA 50 -18.76 -50.47 -20.26
CA PRO FA 50 -20.08 -50.90 -19.87
C PRO FA 50 -20.34 -50.66 -18.37
N ILE FA 51 -21.62 -50.66 -17.99
CA ILE FA 51 -22.03 -50.46 -16.61
C ILE FA 51 -21.59 -51.65 -15.77
N PRO FA 52 -20.85 -51.36 -14.68
CA PRO FA 52 -20.33 -52.31 -13.68
C PRO FA 52 -21.38 -53.15 -12.98
N LYS FA 53 -20.95 -54.21 -12.28
CA LYS FA 53 -21.84 -55.14 -11.60
C LYS FA 53 -22.76 -54.51 -10.56
N GLY FA 54 -22.25 -53.55 -9.80
CA GLY FA 54 -23.05 -52.82 -8.82
C GLY FA 54 -23.98 -51.84 -9.49
N TRP FA 55 -23.42 -50.67 -9.79
CA TRP FA 55 -24.10 -49.50 -10.36
C TRP FA 55 -25.52 -49.24 -9.95
N VAL FA 56 -26.37 -48.98 -10.94
CA VAL FA 56 -27.62 -48.19 -10.76
C VAL FA 56 -27.44 -46.88 -9.95
N ALA GA 2 -12.62 5.37 -56.57
CA ALA GA 2 -12.04 4.05 -56.19
C ALA GA 2 -12.82 2.86 -56.76
N ASP GA 3 -12.28 2.25 -57.82
CA ASP GA 3 -12.92 1.14 -58.54
C ASP GA 3 -11.96 -0.05 -58.86
N LEU GA 4 -10.91 -0.20 -58.05
CA LEU GA 4 -9.86 -1.21 -58.26
C LEU GA 4 -9.42 -1.85 -56.92
N LYS GA 5 -8.56 -2.88 -57.02
CA LYS GA 5 -7.92 -3.49 -55.85
C LYS GA 5 -6.85 -2.54 -55.22
N PRO GA 6 -5.85 -2.05 -56.03
CA PRO GA 6 -5.07 -0.89 -55.55
C PRO GA 6 -5.60 0.42 -56.15
N SER GA 7 -6.86 0.73 -55.84
CA SER GA 7 -7.57 1.91 -56.35
C SER GA 7 -7.00 3.22 -55.81
N LEU GA 8 -6.49 4.04 -56.74
CA LEU GA 8 -5.86 5.36 -56.47
C LEU GA 8 -4.62 5.26 -55.55
N THR GA 9 -3.64 4.44 -55.98
CA THR GA 9 -2.37 4.13 -55.28
C THR GA 9 -2.49 3.67 -53.80
N GLY GA 10 -2.64 2.35 -53.61
CA GLY GA 10 -2.69 1.74 -52.27
C GLY GA 10 -1.32 1.68 -51.61
N LEU GA 11 -1.29 1.20 -50.36
CA LEU GA 11 -0.05 1.11 -49.56
C LEU GA 11 0.96 0.03 -50.01
N THR GA 12 0.85 -0.39 -51.28
CA THR GA 12 1.69 -1.42 -51.98
C THR GA 12 1.53 -2.89 -51.48
N GLU GA 13 0.27 -3.34 -51.43
CA GLU GA 13 -0.13 -4.73 -51.19
C GLU GA 13 -0.70 -5.31 -52.50
N GLU GA 14 0.22 -5.80 -53.34
CA GLU GA 14 -0.01 -6.41 -54.66
C GLU GA 14 -1.01 -7.57 -54.58
N GLU GA 15 -1.41 -8.09 -55.74
CA GLU GA 15 -1.78 -9.49 -55.85
C GLU GA 15 -0.50 -10.39 -55.83
N ALA GA 16 0.10 -10.49 -54.62
CA ALA GA 16 1.22 -11.42 -54.26
C ALA GA 16 0.70 -12.68 -53.52
N LYS GA 17 0.74 -13.74 -54.32
CA LYS GA 17 0.49 -15.10 -53.93
C LYS GA 17 1.83 -15.78 -54.10
N GLU GA 18 2.87 -14.98 -54.32
CA GLU GA 18 4.25 -15.42 -54.16
C GLU GA 18 4.41 -15.95 -52.73
N PHE GA 19 3.87 -15.16 -51.79
CA PHE GA 19 3.76 -15.57 -50.42
C PHE GA 19 2.96 -16.85 -50.21
N HIS GA 20 1.81 -17.01 -50.86
CA HIS GA 20 1.03 -18.27 -50.73
C HIS GA 20 1.89 -19.41 -51.19
N GLY GA 21 2.64 -19.16 -52.26
CA GLY GA 21 3.64 -20.08 -52.77
C GLY GA 21 4.55 -20.58 -51.68
N ILE GA 22 5.47 -19.73 -51.26
CA ILE GA 22 6.44 -20.10 -50.23
C ILE GA 22 5.75 -20.59 -48.95
N PHE GA 23 4.77 -19.86 -48.46
CA PHE GA 23 4.09 -20.23 -47.21
C PHE GA 23 3.57 -21.66 -47.20
N VAL GA 24 2.88 -22.06 -48.27
CA VAL GA 24 2.31 -23.39 -48.28
C VAL GA 24 3.39 -24.47 -48.43
N THR GA 25 4.41 -24.17 -49.23
CA THR GA 25 5.58 -25.04 -49.36
C THR GA 25 6.12 -25.44 -48.01
N SER GA 26 6.56 -24.42 -47.29
CA SER GA 26 7.17 -24.60 -45.99
C SER GA 26 6.19 -25.05 -44.93
N THR GA 27 4.90 -24.73 -45.05
CA THR GA 27 3.94 -25.40 -44.15
C THR GA 27 3.90 -26.92 -44.33
N VAL GA 28 4.07 -27.37 -45.56
CA VAL GA 28 4.03 -28.78 -45.79
C VAL GA 28 5.32 -29.47 -45.42
N LEU GA 29 6.44 -28.86 -45.78
CA LEU GA 29 7.75 -29.37 -45.40
C LEU GA 29 7.90 -29.69 -43.93
N TYR GA 30 7.43 -28.73 -43.13
CA TYR GA 30 7.48 -28.81 -41.69
C TYR GA 30 6.61 -29.94 -41.21
N LEU GA 31 5.43 -30.05 -41.80
CA LEU GA 31 4.51 -31.09 -41.39
C LEU GA 31 5.02 -32.48 -41.78
N ALA GA 32 5.65 -32.54 -42.95
CA ALA GA 32 6.24 -33.76 -43.42
C ALA GA 32 7.35 -34.18 -42.48
N THR GA 33 8.35 -33.29 -42.29
CA THR GA 33 9.50 -33.60 -41.47
C THR GA 33 9.06 -34.12 -40.12
N ALA GA 34 7.99 -33.51 -39.63
CA ALA GA 34 7.38 -33.86 -38.37
C ALA GA 34 6.90 -35.29 -38.33
N VAL GA 35 6.29 -35.73 -39.42
CA VAL GA 35 5.86 -37.11 -39.53
C VAL GA 35 7.07 -38.03 -39.38
N ILE GA 36 8.10 -37.76 -40.17
CA ILE GA 36 9.25 -38.64 -40.25
C ILE GA 36 9.87 -38.80 -38.90
N VAL GA 37 10.04 -37.69 -38.26
CA VAL GA 37 10.61 -37.64 -36.96
C VAL GA 37 9.76 -38.41 -35.94
N HIS GA 38 8.44 -38.24 -36.02
CA HIS GA 38 7.56 -38.97 -35.14
C HIS GA 38 7.75 -40.46 -35.29
N TYR GA 39 7.87 -40.90 -36.54
CA TYR GA 39 8.11 -42.30 -36.83
C TYR GA 39 9.38 -42.85 -36.19
N LEU GA 40 10.45 -42.07 -36.28
CA LEU GA 40 11.70 -42.44 -35.66
C LEU GA 40 11.58 -42.58 -34.20
N VAL GA 41 10.95 -41.58 -33.57
CA VAL GA 41 10.88 -41.61 -32.14
C VAL GA 41 10.13 -42.87 -31.75
N TRP GA 42 9.07 -43.17 -32.52
CA TRP GA 42 8.27 -44.34 -32.22
C TRP GA 42 9.11 -45.59 -32.02
N THR GA 43 10.11 -45.74 -32.87
CA THR GA 43 10.98 -46.89 -32.82
C THR GA 43 11.87 -46.93 -31.58
N ALA GA 44 12.22 -45.74 -31.09
CA ALA GA 44 12.97 -45.58 -29.85
C ALA GA 44 12.15 -45.79 -28.59
N ARG GA 45 10.93 -45.29 -28.58
CA ARG GA 45 10.10 -45.30 -27.41
C ARG GA 45 8.67 -45.41 -27.93
N PRO GA 46 8.15 -46.62 -28.04
CA PRO GA 46 6.81 -46.73 -28.59
C PRO GA 46 5.77 -46.33 -27.56
N TRP GA 47 5.15 -45.19 -27.81
CA TRP GA 47 4.53 -44.52 -26.72
C TRP GA 47 3.12 -44.88 -26.32
N ILE GA 48 2.24 -45.32 -27.22
CA ILE GA 48 0.88 -45.54 -26.70
C ILE GA 48 0.68 -46.76 -25.76
N ALA GA 49 1.40 -47.87 -25.96
CA ALA GA 49 1.21 -49.12 -25.18
C ALA GA 49 -0.05 -49.88 -25.53
N PRO GA 50 0.00 -51.21 -25.37
CA PRO GA 50 -1.23 -51.98 -25.44
C PRO GA 50 -1.97 -51.97 -24.11
N ILE GA 51 -3.26 -52.36 -24.14
CA ILE GA 51 -4.13 -52.38 -22.95
C ILE GA 51 -3.71 -53.48 -21.99
N PRO GA 52 -3.48 -53.12 -20.72
CA PRO GA 52 -3.05 -53.98 -19.58
C PRO GA 52 -4.01 -55.10 -19.14
N LYS GA 53 -3.51 -56.02 -18.31
CA LYS GA 53 -4.25 -57.23 -17.93
C LYS GA 53 -5.58 -56.98 -17.22
N GLY GA 54 -5.63 -55.94 -16.38
CA GLY GA 54 -6.89 -55.52 -15.75
C GLY GA 54 -7.62 -54.60 -16.70
N TRP GA 55 -7.29 -53.31 -16.58
CA TRP GA 55 -7.99 -52.23 -17.27
C TRP GA 55 -9.48 -52.45 -17.36
N VAL GA 56 -10.01 -52.26 -18.56
CA VAL GA 56 -11.40 -51.77 -18.77
C VAL GA 56 -11.72 -50.45 -18.03
N ALA HA 2 4.56 9.24 -55.99
CA ALA HA 2 5.00 8.05 -55.21
C ALA HA 2 4.27 6.76 -55.64
N ASP HA 3 4.82 6.13 -56.68
CA ASP HA 3 4.22 4.94 -57.33
C ASP HA 3 5.20 3.75 -57.41
N LEU HA 4 6.01 3.60 -56.37
CA LEU HA 4 7.13 2.63 -56.34
C LEU HA 4 7.16 1.88 -54.99
N LYS HA 5 8.07 0.92 -54.86
CA LYS HA 5 8.25 0.13 -53.63
C LYS HA 5 8.87 0.94 -52.45
N PRO HA 6 10.11 1.51 -52.64
CA PRO HA 6 10.56 2.52 -51.66
C PRO HA 6 10.36 3.94 -52.21
N SER HA 7 9.10 4.26 -52.50
CA SER HA 7 8.68 5.40 -53.34
C SER HA 7 9.15 6.79 -52.86
N LEU HA 8 9.97 7.43 -53.71
CA LEU HA 8 10.59 8.76 -53.48
C LEU HA 8 11.36 8.86 -52.14
N THR HA 9 12.50 8.14 -52.09
CA THR HA 9 13.32 7.87 -50.88
C THR HA 9 12.56 7.25 -49.69
N GLY HA 10 12.44 5.92 -49.72
CA GLY HA 10 11.85 5.14 -48.62
C GLY HA 10 12.69 5.20 -47.36
N LEU HA 11 12.04 4.99 -46.20
CA LEU HA 11 12.68 5.11 -44.88
C LEU HA 11 13.69 3.98 -44.54
N THR HA 12 14.88 4.08 -45.16
CA THR HA 12 16.09 3.25 -44.90
C THR HA 12 16.08 1.74 -45.28
N GLU HA 13 15.59 1.42 -46.49
CA GLU HA 13 15.54 0.04 -47.00
C GLU HA 13 15.56 -0.09 -48.55
N GLU HA 14 16.75 -0.35 -49.11
CA GLU HA 14 16.94 -0.69 -50.54
C GLU HA 14 16.23 -2.01 -50.86
N GLU HA 15 15.99 -2.26 -52.14
CA GLU HA 15 15.77 -3.63 -52.62
C GLU HA 15 17.10 -4.42 -52.45
N ALA HA 16 17.29 -4.94 -51.22
CA ALA HA 16 18.55 -5.55 -50.69
C ALA HA 16 18.39 -7.01 -50.19
N LYS HA 17 18.92 -7.91 -51.01
CA LYS HA 17 18.94 -9.34 -50.74
C LYS HA 17 20.38 -9.76 -50.52
N GLU HA 18 21.23 -8.78 -50.28
CA GLU HA 18 22.61 -9.06 -49.93
C GLU HA 18 22.58 -9.57 -48.49
N PHE HA 19 21.72 -8.93 -47.68
CA PHE HA 19 21.43 -9.37 -46.32
C PHE HA 19 20.84 -10.77 -46.29
N HIS HA 20 19.90 -11.02 -47.19
CA HIS HA 20 19.26 -12.33 -47.27
C HIS HA 20 20.27 -13.40 -47.63
N GLY HA 21 21.16 -13.07 -48.56
CA GLY HA 21 22.23 -13.95 -48.96
C GLY HA 21 22.98 -14.44 -47.73
N ILE HA 22 23.55 -13.48 -47.03
CA ILE HA 22 24.36 -13.76 -45.86
C ILE HA 22 23.56 -14.42 -44.75
N PHE HA 23 22.34 -13.92 -44.49
CA PHE HA 23 21.54 -14.39 -43.38
C PHE HA 23 21.20 -15.87 -43.52
N VAL HA 24 20.94 -16.29 -44.75
CA VAL HA 24 20.70 -17.69 -44.99
C VAL HA 24 21.96 -18.54 -44.88
N THR HA 25 23.07 -18.00 -45.34
CA THR HA 25 24.36 -18.69 -45.25
C THR HA 25 24.72 -19.02 -43.80
N SER HA 26 24.67 -17.99 -42.98
CA SER HA 26 25.04 -18.12 -41.60
C SER HA 26 24.03 -18.96 -40.86
N THR HA 27 22.74 -18.84 -41.17
CA THR HA 27 21.77 -19.69 -40.49
C THR HA 27 21.96 -21.17 -40.83
N VAL HA 28 22.53 -21.43 -41.98
CA VAL HA 28 22.81 -22.78 -42.35
C VAL HA 28 24.05 -23.29 -41.66
N LEU HA 29 25.10 -22.47 -41.64
CA LEU HA 29 26.34 -22.84 -40.97
C LEU HA 29 26.15 -23.19 -39.52
N TYR HA 30 25.38 -22.35 -38.85
CA TYR HA 30 25.03 -22.55 -37.48
C TYR HA 30 24.37 -23.90 -37.32
N LEU HA 31 23.37 -24.17 -38.14
CA LEU HA 31 22.64 -25.41 -38.03
C LEU HA 31 23.49 -26.59 -38.40
N ALA HA 32 24.39 -26.36 -39.33
CA ALA HA 32 25.35 -27.37 -39.73
C ALA HA 32 26.26 -27.71 -38.57
N THR HA 33 26.95 -26.70 -38.05
CA THR HA 33 27.93 -26.92 -37.01
C THR HA 33 27.29 -27.69 -35.86
N ALA HA 34 26.04 -27.34 -35.60
CA ALA HA 34 25.23 -27.92 -34.56
C ALA HA 34 25.09 -29.42 -34.72
N VAL HA 35 24.87 -29.83 -35.96
CA VAL HA 35 24.73 -31.23 -36.23
C VAL HA 35 26.01 -31.92 -35.80
N ILE HA 36 27.14 -31.41 -36.26
CA ILE HA 36 28.42 -32.06 -36.03
C ILE HA 36 28.67 -32.22 -34.55
N VAL HA 37 28.50 -31.10 -33.88
CA VAL HA 37 28.67 -31.03 -32.47
C VAL HA 37 27.80 -32.08 -31.78
N HIS HA 38 26.52 -32.20 -32.19
CA HIS HA 38 25.62 -33.15 -31.55
C HIS HA 38 26.13 -34.55 -31.65
N TYR HA 39 26.63 -34.88 -32.84
CA TYR HA 39 27.30 -36.15 -33.09
C TYR HA 39 28.50 -36.43 -32.15
N LEU HA 40 29.32 -35.43 -31.94
CA LEU HA 40 30.42 -35.56 -31.01
C LEU HA 40 29.97 -35.81 -29.61
N VAL HA 41 28.96 -35.08 -29.19
CA VAL HA 41 28.52 -35.27 -27.84
C VAL HA 41 27.94 -36.67 -27.75
N TRP HA 42 27.34 -37.14 -28.83
CA TRP HA 42 26.74 -38.47 -28.77
C TRP HA 42 27.76 -39.49 -28.31
N THR HA 43 28.98 -39.29 -28.77
CA THR HA 43 30.03 -40.24 -28.52
C THR HA 43 30.57 -40.13 -27.10
N ALA HA 44 30.27 -39.02 -26.45
CA ALA HA 44 30.68 -38.76 -25.07
C ALA HA 44 29.67 -39.20 -24.03
N ARG HA 45 28.40 -39.14 -24.41
CA ARG HA 45 27.30 -39.38 -23.48
C ARG HA 45 26.01 -39.73 -24.22
N PRO HA 46 25.96 -40.95 -24.77
CA PRO HA 46 24.89 -41.32 -25.70
C PRO HA 46 23.57 -41.23 -24.98
N TRP HA 47 22.83 -40.19 -25.33
CA TRP HA 47 21.83 -39.82 -24.41
C TRP HA 47 20.49 -40.49 -24.48
N ILE HA 48 19.97 -40.85 -25.66
CA ILE HA 48 18.58 -41.37 -25.58
C ILE HA 48 18.39 -42.71 -24.82
N ALA HA 49 19.36 -43.63 -24.85
CA ALA HA 49 19.26 -44.99 -24.21
C ALA HA 49 18.34 -45.97 -24.90
N PRO HA 50 18.75 -47.24 -24.95
CA PRO HA 50 17.86 -48.34 -25.29
C PRO HA 50 16.76 -48.54 -24.24
N ILE HA 51 15.65 -49.15 -24.65
CA ILE HA 51 14.52 -49.43 -23.78
C ILE HA 51 14.97 -50.49 -22.81
N PRO HA 52 14.86 -50.19 -21.51
CA PRO HA 52 15.31 -51.02 -20.37
C PRO HA 52 14.58 -52.36 -20.23
N LYS HA 53 15.03 -53.20 -19.30
CA LYS HA 53 14.53 -54.59 -19.19
C LYS HA 53 13.04 -54.75 -18.98
N GLY HA 54 12.47 -53.91 -18.11
CA GLY HA 54 11.02 -53.94 -17.85
C GLY HA 54 10.25 -53.16 -18.90
N TRP HA 55 10.16 -51.86 -18.64
CA TRP HA 55 9.51 -50.89 -19.52
C TRP HA 55 8.17 -51.36 -20.08
N VAL HA 56 7.98 -51.08 -21.36
CA VAL HA 56 6.65 -50.83 -21.95
C VAL HA 56 5.78 -49.77 -21.20
N ALA IA 2 18.13 14.82 -52.17
CA ALA IA 2 18.96 13.75 -51.56
C ALA IA 2 18.81 12.43 -52.33
N ASP IA 3 19.91 11.97 -52.95
CA ASP IA 3 19.92 10.78 -53.85
C ASP IA 3 21.16 9.85 -53.76
N LEU IA 4 21.87 9.93 -52.63
CA LEU IA 4 23.16 9.25 -52.44
C LEU IA 4 23.23 8.50 -51.09
N LYS IA 5 24.41 7.92 -50.83
CA LYS IA 5 24.75 7.35 -49.51
C LYS IA 5 24.99 8.49 -48.47
N PRO IA 6 25.90 9.46 -48.75
CA PRO IA 6 26.03 10.62 -47.85
C PRO IA 6 25.25 11.85 -48.36
N SER IA 7 24.03 11.60 -48.86
CA SER IA 7 23.17 12.58 -49.54
C SER IA 7 22.78 13.80 -48.70
N LEU IA 8 23.30 14.96 -49.10
CA LEU IA 8 23.12 16.26 -48.42
C LEU IA 8 23.41 16.21 -46.89
N THR IA 9 24.68 15.96 -46.56
CA THR IA 9 25.15 15.58 -45.21
C THR IA 9 24.38 14.39 -44.58
N GLY IA 10 24.69 13.18 -45.04
CA GLY IA 10 24.50 11.95 -44.26
C GLY IA 10 25.44 12.19 -43.09
N LEU IA 11 24.94 12.02 -41.87
CA LEU IA 11 25.50 12.66 -40.64
C LEU IA 11 26.94 12.26 -40.18
N THR IA 12 27.76 11.84 -41.16
CA THR IA 12 29.24 11.59 -41.08
C THR IA 12 29.74 10.31 -40.35
N GLU IA 13 29.15 9.17 -40.74
CA GLU IA 13 29.77 7.86 -40.60
C GLU IA 13 30.06 7.37 -42.03
N GLU IA 14 31.34 7.48 -42.42
CA GLU IA 14 31.89 7.09 -43.75
C GLU IA 14 31.48 5.66 -44.10
N GLU IA 15 31.57 5.31 -45.39
CA GLU IA 15 31.75 3.91 -45.74
C GLU IA 15 33.09 3.39 -45.16
N ALA IA 16 33.01 3.05 -43.85
CA ALA IA 16 34.09 2.56 -42.97
C ALA IA 16 33.92 1.06 -42.58
N LYS IA 17 34.71 0.27 -43.30
CA LYS IA 17 34.89 -1.15 -43.11
C LYS IA 17 36.28 -1.36 -42.57
N GLU IA 18 36.94 -0.26 -42.24
CA GLU IA 18 38.16 -0.32 -41.48
C GLU IA 18 37.74 -0.89 -40.15
N PHE IA 19 36.56 -0.47 -39.69
CA PHE IA 19 36.00 -0.97 -38.44
C PHE IA 19 35.71 -2.45 -38.50
N HIS IA 20 35.06 -2.88 -39.58
CA HIS IA 20 34.73 -4.29 -39.81
C HIS IA 20 35.97 -5.13 -39.84
N GLY IA 21 36.99 -4.61 -40.52
CA GLY IA 21 38.30 -5.22 -40.54
C GLY IA 21 38.86 -5.51 -39.17
N ILE IA 22 39.04 -4.46 -38.37
CA ILE IA 22 39.62 -4.62 -37.05
C ILE IA 22 38.71 -5.43 -36.15
N PHE IA 23 37.40 -5.18 -36.22
CA PHE IA 23 36.44 -5.92 -35.40
C PHE IA 23 36.50 -7.43 -35.59
N VAL IA 24 36.55 -7.84 -36.84
CA VAL IA 24 36.63 -9.24 -37.14
C VAL IA 24 37.96 -9.85 -36.72
N THR IA 25 39.04 -9.11 -36.91
CA THR IA 25 40.34 -9.58 -36.45
C THR IA 25 40.33 -9.91 -34.97
N SER IA 26 39.97 -8.93 -34.17
CA SER IA 26 39.97 -9.11 -32.76
C SER IA 26 38.96 -10.15 -32.34
N THR IA 27 37.84 -10.29 -33.05
CA THR IA 27 36.85 -11.28 -32.61
C THR IA 27 37.38 -12.70 -32.76
N VAL IA 28 38.21 -12.88 -33.76
CA VAL IA 28 38.80 -14.16 -34.02
C VAL IA 28 39.91 -14.45 -33.01
N LEU IA 29 40.67 -13.43 -32.66
CA LEU IA 29 41.81 -13.57 -31.78
C LEU IA 29 41.41 -14.00 -30.39
N TYR IA 30 40.42 -13.28 -29.88
CA TYR IA 30 39.72 -13.65 -28.67
C TYR IA 30 39.32 -15.12 -28.69
N LEU IA 31 38.72 -15.55 -29.79
CA LEU IA 31 38.23 -16.91 -29.90
C LEU IA 31 39.33 -17.93 -30.02
N ALA IA 32 40.41 -17.52 -30.64
CA ALA IA 32 41.55 -18.37 -30.81
C ALA IA 32 42.19 -18.58 -29.45
N THR IA 33 42.39 -17.47 -28.74
CA THR IA 33 43.04 -17.54 -27.45
C THR IA 33 42.22 -18.43 -26.50
N ALA IA 34 40.90 -18.33 -26.64
CA ALA IA 34 39.95 -19.17 -25.91
C ALA IA 34 40.18 -20.66 -26.08
N VAL IA 35 40.47 -21.02 -27.32
CA VAL IA 35 40.78 -22.38 -27.62
C VAL IA 35 42.04 -22.76 -26.86
N ILE IA 36 43.12 -22.02 -27.09
CA ILE IA 36 44.38 -22.36 -26.48
C ILE IA 36 44.26 -22.55 -24.97
N VAL IA 37 43.63 -21.57 -24.38
CA VAL IA 37 43.37 -21.55 -22.97
C VAL IA 37 42.59 -22.79 -22.54
N HIS IA 38 41.52 -23.13 -23.28
CA HIS IA 38 40.70 -24.29 -22.95
C HIS IA 38 41.52 -25.56 -22.92
N TYR IA 39 42.44 -25.65 -23.86
CA TYR IA 39 43.37 -26.78 -23.91
C TYR IA 39 44.23 -26.93 -22.67
N LEU IA 40 44.79 -25.82 -22.23
CA LEU IA 40 45.65 -25.81 -21.06
C LEU IA 40 44.92 -26.14 -19.82
N VAL IA 41 43.67 -25.71 -19.73
CA VAL IA 41 42.93 -26.00 -18.53
C VAL IA 41 42.72 -27.48 -18.52
N TRP IA 42 42.49 -28.05 -19.71
CA TRP IA 42 42.21 -29.46 -19.83
C TRP IA 42 43.28 -30.28 -19.15
N THR IA 43 44.49 -29.77 -19.23
CA THR IA 43 45.66 -30.49 -18.82
C THR IA 43 45.78 -30.43 -17.33
N ALA IA 44 44.98 -29.55 -16.73
CA ALA IA 44 45.01 -29.28 -15.31
C ALA IA 44 43.84 -29.90 -14.58
N ARG IA 45 42.76 -30.15 -15.32
CA ARG IA 45 41.49 -30.56 -14.75
C ARG IA 45 40.55 -31.09 -15.83
N PRO IA 46 40.83 -32.30 -16.32
CA PRO IA 46 40.18 -32.82 -17.54
C PRO IA 46 38.72 -33.08 -17.29
N TRP IA 47 37.92 -32.11 -17.75
CA TRP IA 47 36.60 -31.99 -17.22
C TRP IA 47 35.51 -32.94 -17.65
N ILE IA 48 35.38 -33.31 -18.92
CA ILE IA 48 34.18 -34.11 -19.26
C ILE IA 48 34.09 -35.53 -18.64
N ALA IA 49 35.23 -36.21 -18.41
CA ALA IA 49 35.26 -37.61 -17.89
C ALA IA 49 34.70 -38.68 -18.81
N PRO IA 50 35.26 -39.89 -18.70
CA PRO IA 50 34.71 -41.02 -19.40
C PRO IA 50 33.49 -41.56 -18.67
N ILE IA 51 32.67 -42.34 -19.39
CA ILE IA 51 31.45 -42.91 -18.84
C ILE IA 51 31.82 -44.00 -17.85
N PRO IA 52 31.30 -43.88 -16.61
CA PRO IA 52 31.55 -44.78 -15.47
C PRO IA 52 30.97 -46.19 -15.63
N LYS IA 53 31.32 -47.09 -14.71
CA LYS IA 53 31.05 -48.52 -14.87
C LYS IA 53 29.60 -48.93 -15.02
N GLY IA 54 28.72 -48.25 -14.28
CA GLY IA 54 27.28 -48.47 -14.45
C GLY IA 54 26.78 -47.70 -15.66
N TRP IA 55 26.54 -46.41 -15.42
CA TRP IA 55 25.86 -45.53 -16.36
C TRP IA 55 24.86 -46.23 -17.27
N VAL IA 56 24.96 -45.91 -18.55
CA VAL IA 56 23.80 -45.91 -19.51
C VAL IA 56 22.58 -45.06 -19.10
N ALA JA 2 28.57 21.48 -44.52
CA ALA JA 2 29.58 20.65 -43.79
C ALA JA 2 30.43 19.82 -44.77
N ASP JA 3 31.74 20.11 -44.80
CA ASP JA 3 32.67 19.57 -45.83
C ASP JA 3 34.06 19.08 -45.33
N LEU JA 4 34.14 18.66 -44.07
CA LEU JA 4 35.38 18.17 -43.44
C LEU JA 4 35.15 16.93 -42.55
N LYS JA 5 36.20 16.50 -41.84
CA LYS JA 5 36.07 15.46 -40.80
C LYS JA 5 35.36 15.99 -39.53
N PRO JA 6 35.90 17.06 -38.88
CA PRO JA 6 35.02 17.85 -38.00
C PRO JA 6 34.42 19.00 -38.81
N SER JA 7 33.42 18.66 -39.61
CA SER JA 7 32.92 19.48 -40.72
C SER JA 7 32.24 20.81 -40.35
N LEU JA 8 32.84 21.91 -40.81
CA LEU JA 8 32.44 23.31 -40.52
C LEU JA 8 32.13 23.56 -39.05
N THR JA 9 33.18 23.54 -38.23
CA THR JA 9 33.13 23.45 -36.75
C THR JA 9 32.34 22.22 -36.24
N GLY JA 10 32.82 21.03 -36.60
CA GLY JA 10 32.42 19.78 -35.96
C GLY JA 10 32.91 19.90 -34.53
N LEU JA 11 32.08 19.44 -33.58
CA LEU JA 11 32.11 19.93 -32.19
C LEU JA 11 33.26 19.45 -31.24
N THR JA 12 34.41 19.14 -31.85
CA THR JA 12 35.80 19.10 -31.25
C THR JA 12 36.40 17.81 -30.63
N GLU JA 13 37.36 17.28 -31.40
CA GLU JA 13 38.50 16.45 -30.96
C GLU JA 13 39.40 16.27 -32.21
N GLU JA 14 40.68 16.65 -32.09
CA GLU JA 14 41.73 16.55 -33.14
C GLU JA 14 41.75 15.16 -33.77
N GLU JA 15 42.36 15.04 -34.95
CA GLU JA 15 42.97 13.75 -35.30
C GLU JA 15 44.13 13.43 -34.31
N ALA JA 16 43.71 12.99 -33.09
CA ALA JA 16 44.52 12.65 -31.89
C ALA JA 16 44.54 11.12 -31.59
N LYS JA 17 45.66 10.56 -32.04
CA LYS JA 17 46.08 9.21 -31.81
C LYS JA 17 47.23 9.30 -30.86
N GLU JA 18 47.46 10.49 -30.33
CA GLU JA 18 48.43 10.65 -29.28
C GLU JA 18 47.79 10.02 -28.06
N PHE JA 19 46.46 10.14 -27.93
CA PHE JA 19 45.72 9.46 -26.87
C PHE JA 19 45.85 7.97 -26.98
N HIS JA 20 45.54 7.46 -28.19
CA HIS JA 20 45.59 6.04 -28.49
C HIS JA 20 46.98 5.44 -28.17
N GLY JA 21 48.04 6.14 -28.56
CA GLY JA 21 49.42 5.76 -28.23
C GLY JA 21 49.67 5.49 -26.76
N ILE JA 22 49.35 6.46 -25.91
CA ILE JA 22 49.46 6.29 -24.48
C ILE JA 22 48.46 5.26 -23.96
N PHE JA 23 47.19 5.39 -24.36
CA PHE JA 23 46.16 4.47 -23.87
C PHE JA 23 46.58 3.02 -23.97
N VAL JA 24 47.15 2.68 -25.11
CA VAL JA 24 47.67 1.37 -25.35
C VAL JA 24 48.90 1.03 -24.50
N THR JA 25 49.78 2.00 -24.28
CA THR JA 25 50.99 1.75 -23.50
C THR JA 25 50.62 1.37 -22.09
N SER JA 26 49.82 2.24 -21.48
CA SER JA 26 49.40 2.03 -20.14
C SER JA 26 48.62 0.73 -20.01
N THR JA 27 47.75 0.42 -20.97
CA THR JA 27 47.03 -0.85 -20.88
C THR JA 27 47.92 -2.07 -20.91
N VAL JA 28 49.06 -1.95 -21.57
CA VAL JA 28 49.94 -3.07 -21.66
C VAL JA 28 50.78 -3.18 -20.41
N LEU JA 29 51.22 -2.03 -19.92
CA LEU JA 29 51.96 -1.94 -18.68
C LEU JA 29 51.21 -2.54 -17.51
N TYR JA 30 49.91 -2.24 -17.46
CA TYR JA 30 49.05 -2.72 -16.43
C TYR JA 30 48.94 -4.23 -16.49
N LEU JA 31 48.81 -4.75 -17.70
CA LEU JA 31 48.68 -6.18 -17.87
C LEU JA 31 49.99 -6.86 -17.62
N ALA JA 32 51.06 -6.23 -18.07
CA ALA JA 32 52.38 -6.71 -17.77
C ALA JA 32 52.55 -6.89 -16.26
N THR JA 33 52.36 -5.79 -15.53
CA THR JA 33 52.60 -5.79 -14.11
C THR JA 33 51.77 -6.88 -13.41
N ALA JA 34 50.53 -7.00 -13.87
CA ALA JA 34 49.63 -8.02 -13.42
C ALA JA 34 50.20 -9.43 -13.49
N VAL JA 35 50.89 -9.70 -14.57
CA VAL JA 35 51.50 -10.98 -14.79
C VAL JA 35 52.58 -11.21 -13.74
N ILE JA 36 53.55 -10.29 -13.68
CA ILE JA 36 54.67 -10.40 -12.76
C ILE JA 36 54.15 -10.66 -11.36
N VAL JA 37 53.19 -9.83 -10.99
CA VAL JA 37 52.54 -9.91 -9.72
C VAL JA 37 51.96 -11.29 -9.52
N HIS JA 38 51.21 -11.79 -10.52
CA HIS JA 38 50.56 -13.07 -10.36
C HIS JA 38 51.53 -14.18 -10.07
N TYR JA 39 52.71 -14.05 -10.69
CA TYR JA 39 53.82 -14.96 -10.48
C TYR JA 39 54.28 -15.00 -9.02
N LEU JA 40 54.44 -13.83 -8.44
CA LEU JA 40 54.91 -13.71 -7.08
C LEU JA 40 53.95 -14.32 -6.15
N VAL JA 41 52.68 -14.07 -6.39
CA VAL JA 41 51.69 -14.56 -5.48
C VAL JA 41 51.77 -16.06 -5.55
N TRP JA 42 52.05 -16.59 -6.74
CA TRP JA 42 52.05 -18.03 -6.94
C TRP JA 42 53.00 -18.69 -5.96
N THR JA 43 54.10 -18.01 -5.71
CA THR JA 43 55.16 -18.51 -4.89
C THR JA 43 54.80 -18.48 -3.40
N ALA JA 44 53.79 -17.69 -3.07
CA ALA JA 44 53.30 -17.50 -1.72
C ALA JA 44 52.17 -18.44 -1.38
N ARG JA 45 51.38 -18.78 -2.40
CA ARG JA 45 50.18 -19.60 -2.29
C ARG JA 45 49.96 -20.17 -3.68
N PRO JA 46 50.51 -21.36 -3.96
CA PRO JA 46 50.28 -21.93 -5.28
C PRO JA 46 48.85 -22.37 -5.37
N TRP JA 47 48.09 -21.68 -6.20
CA TRP JA 47 46.69 -21.81 -6.04
C TRP JA 47 45.96 -22.88 -6.79
N ILE JA 48 46.34 -23.27 -8.00
CA ILE JA 48 45.44 -24.26 -8.64
C ILE JA 48 45.41 -25.65 -7.96
N ALA JA 49 46.58 -26.14 -7.50
CA ALA JA 49 46.75 -27.53 -6.95
C ALA JA 49 46.74 -28.62 -8.00
N PRO JA 50 47.58 -29.64 -7.80
CA PRO JA 50 47.53 -30.87 -8.58
C PRO JA 50 46.25 -31.67 -8.28
N ILE JA 51 45.85 -32.49 -9.25
CA ILE JA 51 44.68 -33.37 -9.13
C ILE JA 51 44.96 -34.41 -8.05
N PRO JA 52 44.06 -34.48 -7.06
CA PRO JA 52 44.15 -35.30 -5.85
C PRO JA 52 44.14 -36.81 -6.07
N LYS JA 53 44.27 -37.58 -4.98
CA LYS JA 53 44.37 -39.04 -5.06
C LYS JA 53 43.19 -39.73 -5.69
N GLY JA 54 41.98 -39.32 -5.32
CA GLY JA 54 40.77 -39.94 -5.87
C GLY JA 54 40.41 -39.36 -7.22
N TRP JA 55 40.06 -38.07 -7.18
CA TRP JA 55 39.49 -37.31 -8.29
C TRP JA 55 38.71 -38.06 -9.36
N VAL JA 56 39.15 -37.93 -10.61
CA VAL JA 56 38.34 -38.24 -11.82
C VAL JA 56 36.92 -37.65 -11.84
N ALA KA 2 36.71 27.38 -36.07
CA ALA KA 2 37.94 26.94 -35.33
C ALA KA 2 39.22 27.13 -36.17
N ASP KA 3 40.02 28.13 -35.78
CA ASP KA 3 41.28 28.48 -36.49
C ASP KA 3 42.52 28.67 -35.58
N LEU KA 4 42.36 28.37 -34.28
CA LEU KA 4 43.43 28.50 -33.27
C LEU KA 4 43.48 27.28 -32.33
N LYS KA 5 44.46 27.29 -31.42
CA LYS KA 5 44.49 26.37 -30.28
C LYS KA 5 43.33 26.68 -29.30
N PRO KA 6 43.24 27.93 -28.79
CA PRO KA 6 42.00 28.29 -28.10
C PRO KA 6 41.08 28.99 -29.10
N SER KA 7 40.59 28.21 -30.06
CA SER KA 7 39.92 28.74 -31.27
C SER KA 7 38.68 29.56 -31.00
N LEU KA 8 38.88 30.89 -31.10
CA LEU KA 8 37.90 31.94 -30.73
C LEU KA 8 37.35 31.71 -29.31
N THR KA 9 38.25 31.91 -28.34
CA THR KA 9 38.14 31.43 -26.93
C THR KA 9 37.68 29.97 -26.73
N GLY KA 10 38.65 29.05 -26.75
CA GLY KA 10 38.54 27.79 -26.01
C GLY KA 10 38.50 28.30 -24.58
N LEU KA 11 37.41 27.96 -23.87
CA LEU KA 11 36.86 28.79 -22.75
C LEU KA 11 37.64 28.94 -21.40
N THR KA 12 38.94 29.26 -21.49
CA THR KA 12 39.89 29.62 -20.37
C THR KA 12 40.41 28.51 -19.40
N GLU KA 13 41.13 27.55 -19.98
CA GLU KA 13 42.10 26.70 -19.30
C GLU KA 13 43.34 26.62 -20.26
N GLU KA 14 44.37 27.41 -19.94
CA GLU KA 14 45.65 27.52 -20.69
C GLU KA 14 46.15 26.18 -21.14
N GLU KA 15 47.13 26.15 -22.04
CA GLU KA 15 48.07 25.03 -22.04
C GLU KA 15 48.92 24.99 -20.72
N ALA KA 16 48.20 24.64 -19.62
CA ALA KA 16 48.68 24.34 -18.26
C ALA KA 16 48.76 22.78 -18.02
N LYS KA 17 50.03 22.37 -18.08
CA LYS KA 17 50.57 21.10 -17.74
C LYS KA 17 51.52 21.38 -16.61
N GLU KA 18 51.35 22.57 -16.06
CA GLU KA 18 51.83 22.88 -14.74
C GLU KA 18 51.00 21.99 -13.83
N PHE KA 19 49.69 21.88 -14.12
CA PHE KA 19 48.85 20.95 -13.38
C PHE KA 19 49.36 19.54 -13.49
N HIS KA 20 49.66 19.11 -14.71
CA HIS KA 20 50.13 17.75 -14.95
C HIS KA 20 51.38 17.47 -14.13
N GLY KA 21 52.32 18.42 -14.16
CA GLY KA 21 53.56 18.34 -13.40
C GLY KA 21 53.37 18.05 -11.92
N ILE KA 22 52.68 18.95 -11.23
CA ILE KA 22 52.38 18.72 -9.84
C ILE KA 22 51.61 17.43 -9.66
N PHE KA 23 50.55 17.25 -10.46
CA PHE KA 23 49.66 16.11 -10.26
C PHE KA 23 50.41 14.81 -10.13
N VAL KA 24 51.37 14.64 -11.03
CA VAL KA 24 52.18 13.45 -11.06
C VAL KA 24 53.10 13.36 -9.85
N THR KA 25 53.69 14.48 -9.47
CA THR KA 25 54.62 14.51 -8.35
C THR KA 25 53.95 14.07 -7.05
N SER KA 26 52.88 14.77 -6.72
CA SER KA 26 52.00 14.40 -5.63
C SER KA 26 51.54 12.96 -5.72
N THR KA 27 51.20 12.47 -6.92
CA THR KA 27 50.71 11.09 -6.99
C THR KA 27 51.79 10.03 -6.75
N VAL KA 28 53.02 10.42 -6.94
CA VAL KA 28 54.09 9.50 -6.71
C VAL KA 28 54.49 9.49 -5.25
N LEU KA 29 54.59 10.67 -4.67
CA LEU KA 29 54.90 10.87 -3.26
C LEU KA 29 53.98 10.07 -2.40
N TYR KA 30 52.69 10.18 -2.72
CA TYR KA 30 51.66 9.43 -2.06
C TYR KA 30 51.95 7.95 -2.14
N LEU KA 31 52.22 7.47 -3.34
CA LEU KA 31 52.46 6.04 -3.57
C LEU KA 31 53.73 5.56 -2.91
N ALA KA 32 54.74 6.41 -2.92
CA ALA KA 32 55.99 6.12 -2.26
C ALA KA 32 55.81 6.01 -0.76
N THR KA 33 55.22 7.05 -0.15
CA THR KA 33 55.05 7.08 1.28
C THR KA 33 54.33 5.82 1.75
N ALA KA 34 53.39 5.39 0.92
CA ALA KA 34 52.62 4.19 1.13
C ALA KA 34 53.48 2.94 1.21
N VAL KA 35 54.53 2.91 0.41
CA VAL KA 35 55.45 1.80 0.43
C VAL KA 35 56.11 1.78 1.80
N ILE KA 36 56.68 2.91 2.19
CA ILE KA 36 57.45 3.00 3.42
C ILE KA 36 56.65 2.53 4.61
N VAL KA 37 55.51 3.17 4.75
CA VAL KA 37 54.50 2.79 5.67
C VAL KA 37 54.20 1.29 5.66
N HIS KA 38 53.91 0.74 4.49
CA HIS KA 38 53.59 -0.68 4.40
C HIS KA 38 54.72 -1.51 4.97
N TYR KA 39 55.94 -1.04 4.78
CA TYR KA 39 57.12 -1.72 5.28
C TYR KA 39 57.26 -1.69 6.81
N LEU KA 40 56.90 -0.57 7.40
CA LEU KA 40 56.96 -0.45 8.84
C LEU KA 40 55.92 -1.33 9.43
N VAL KA 41 54.75 -1.34 8.84
CA VAL KA 41 53.69 -2.05 9.46
C VAL KA 41 54.03 -3.52 9.45
N TRP KA 42 54.74 -3.96 8.40
CA TRP KA 42 55.17 -5.37 8.26
C TRP KA 42 55.89 -5.78 9.51
N THR KA 43 56.60 -4.82 10.08
CA THR KA 43 57.44 -5.12 11.21
C THR KA 43 56.64 -5.23 12.49
N ALA KA 44 55.41 -4.74 12.46
CA ALA KA 44 54.52 -4.79 13.61
C ALA KA 44 53.60 -5.97 13.57
N ARG KA 45 53.22 -6.37 12.36
CA ARG KA 45 52.25 -7.41 12.11
C ARG KA 45 52.59 -7.95 10.71
N PRO KA 46 53.47 -8.95 10.62
CA PRO KA 46 53.88 -9.45 9.30
C PRO KA 46 52.75 -10.29 8.72
N TRP KA 47 52.08 -9.71 7.75
CA TRP KA 47 50.75 -10.17 7.51
C TRP KA 47 50.57 -11.34 6.60
N ILE KA 48 51.42 -11.61 5.61
CA ILE KA 48 51.00 -12.78 4.80
C ILE KA 48 51.04 -14.17 5.51
N ALA KA 49 52.13 -14.48 6.22
CA ALA KA 49 52.34 -15.83 6.84
C ALA KA 49 52.84 -16.87 5.88
N PRO KA 50 53.78 -17.69 6.33
CA PRO KA 50 54.25 -18.82 5.56
C PRO KA 50 53.18 -19.90 5.49
N ILE KA 51 53.25 -20.72 4.45
CA ILE KA 51 52.29 -21.82 4.23
C ILE KA 51 52.38 -22.85 5.34
N PRO KA 52 51.25 -23.12 6.01
CA PRO KA 52 51.06 -24.03 7.16
C PRO KA 52 51.47 -25.49 6.94
N LYS KA 53 51.55 -26.26 8.04
CA LYS KA 53 52.02 -27.66 8.01
C LYS KA 53 51.25 -28.63 7.14
N GLY KA 54 49.93 -28.44 7.06
CA GLY KA 54 49.09 -29.22 6.13
C GLY KA 54 49.08 -28.55 4.77
N TRP KA 55 48.13 -27.62 4.64
CA TRP KA 55 47.84 -26.92 3.40
C TRP KA 55 47.76 -27.82 2.18
N VAL KA 56 48.35 -27.35 1.10
CA VAL KA 56 47.91 -27.66 -0.30
C VAL KA 56 46.44 -27.32 -0.62
N ALA LA 2 33.09 47.56 -13.96
CA ALA LA 2 33.43 46.96 -12.64
C ALA LA 2 34.92 46.55 -12.54
N ASP LA 3 35.75 47.49 -12.06
CA ASP LA 3 37.23 47.32 -12.03
C ASP LA 3 37.88 47.37 -10.62
N LEU LA 4 37.09 47.07 -9.59
CA LEU LA 4 37.52 47.15 -8.18
C LEU LA 4 36.95 46.00 -7.33
N LYS LA 5 37.29 46.02 -6.03
CA LYS LA 5 36.59 45.24 -5.01
C LYS LA 5 35.21 45.88 -4.71
N PRO LA 6 35.18 47.21 -4.37
CA PRO LA 6 33.87 47.89 -4.31
C PRO LA 6 33.44 48.45 -5.68
N SER LA 7 33.61 47.63 -6.72
CA SER LA 7 33.50 48.03 -8.13
C SER LA 7 32.18 48.66 -8.57
N LEU LA 8 32.21 50.00 -8.68
CA LEU LA 8 31.07 50.84 -9.10
C LEU LA 8 29.76 50.53 -8.34
N THR LA 9 29.67 51.07 -7.11
CA THR LA 9 28.63 50.75 -6.11
C THR LA 9 28.56 49.24 -5.73
N GLY LA 10 29.71 48.71 -5.25
CA GLY LA 10 29.79 47.37 -4.64
C GLY LA 10 28.96 47.40 -3.38
N LEU LA 11 28.03 46.44 -3.24
CA LEU LA 11 26.87 46.57 -2.34
C LEU LA 11 27.10 46.27 -0.83
N THR LA 12 27.87 47.17 -0.21
CA THR LA 12 28.07 47.29 1.27
C THR LA 12 28.83 46.17 2.06
N GLU LA 13 30.12 46.03 1.72
CA GLU LA 13 31.11 45.30 2.54
C GLU LA 13 32.52 45.90 2.31
N GLU LA 14 32.84 46.96 3.08
CA GLU LA 14 34.16 47.63 3.17
C GLU LA 14 35.28 46.61 3.18
N GLU LA 15 36.51 47.05 3.01
CA GLU LA 15 37.62 46.29 3.59
C GLU LA 15 37.57 46.34 5.15
N ALA LA 16 36.61 45.56 5.72
CA ALA LA 16 36.33 45.34 7.19
C ALA LA 16 37.02 44.05 7.75
N LYS LA 17 38.06 44.37 8.51
CA LYS LA 17 38.87 43.46 9.28
C LYS LA 17 38.68 43.92 10.69
N GLU LA 18 37.67 44.77 10.83
CA GLU LA 18 37.05 45.04 12.10
C GLU LA 18 36.46 43.71 12.51
N PHE LA 19 35.68 43.09 11.62
CA PHE LA 19 35.13 41.77 11.90
C PHE LA 19 36.20 40.74 12.20
N HIS LA 20 37.25 40.70 11.37
CA HIS LA 20 38.31 39.74 11.60
C HIS LA 20 38.82 39.82 13.04
N GLY LA 21 39.12 41.04 13.47
CA GLY LA 21 39.63 41.32 14.80
C GLY LA 21 38.83 40.68 15.91
N ILE LA 22 37.56 41.05 15.98
CA ILE LA 22 36.71 40.53 17.01
C ILE LA 22 36.59 39.02 16.86
N PHE LA 23 36.37 38.57 15.63
CA PHE LA 23 36.12 37.15 15.38
C PHE LA 23 37.21 36.31 16.00
N VAL LA 24 38.44 36.74 15.78
CA VAL LA 24 39.58 35.98 16.20
C VAL LA 24 39.81 36.10 17.70
N THR LA 25 39.54 37.26 18.25
CA THR LA 25 39.66 37.43 19.68
C THR LA 25 38.73 36.47 20.40
N SER LA 26 37.47 36.56 20.05
CA SER LA 26 36.46 35.85 20.75
C SER LA 26 36.60 34.37 20.48
N THR LA 27 37.19 34.00 19.33
CA THR LA 27 37.44 32.58 19.11
C THR LA 27 38.53 32.07 20.05
N VAL LA 28 39.45 32.93 20.40
CA VAL LA 28 40.48 32.53 21.31
C VAL LA 28 39.98 32.47 22.73
N LEU LA 29 39.28 33.52 23.16
CA LEU LA 29 38.67 33.57 24.47
C LEU LA 29 37.90 32.34 24.82
N TYR LA 30 37.07 31.93 23.86
CA TYR LA 30 36.25 30.76 23.99
C TYR LA 30 37.10 29.51 24.19
N LEU LA 31 38.18 29.37 23.44
CA LEU LA 31 39.02 28.20 23.58
C LEU LA 31 39.83 28.27 24.86
N ALA LA 32 40.18 29.47 25.25
CA ALA LA 32 40.96 29.66 26.45
C ALA LA 32 40.10 29.32 27.65
N THR LA 33 38.90 29.90 27.71
CA THR LA 33 37.95 29.61 28.78
C THR LA 33 37.90 28.10 28.96
N ALA LA 34 37.67 27.42 27.83
CA ALA LA 34 37.52 25.98 27.75
C ALA LA 34 38.65 25.20 28.43
N VAL LA 35 39.86 25.70 28.20
CA VAL LA 35 41.03 25.13 28.79
C VAL LA 35 40.89 25.23 30.30
N ILE LA 36 40.61 26.43 30.79
CA ILE LA 36 40.54 26.63 32.22
C ILE LA 36 39.47 25.75 32.86
N VAL LA 37 38.30 25.82 32.28
CA VAL LA 37 37.20 25.00 32.70
C VAL LA 37 37.66 23.56 32.73
N HIS LA 38 38.26 23.09 31.63
CA HIS LA 38 38.63 21.68 31.49
C HIS LA 38 39.51 21.23 32.62
N TYR LA 39 40.45 22.10 32.99
CA TYR LA 39 41.35 21.89 34.09
C TYR LA 39 40.64 21.67 35.42
N LEU LA 40 39.65 22.52 35.65
CA LEU LA 40 38.90 22.50 36.88
C LEU LA 40 38.14 21.24 37.01
N VAL LA 41 37.58 20.80 35.90
CA VAL LA 41 36.81 19.58 35.95
C VAL LA 41 37.75 18.46 36.32
N TRP LA 42 38.99 18.55 35.83
CA TRP LA 42 39.93 17.46 36.00
C TRP LA 42 40.14 17.18 37.47
N THR LA 43 40.11 18.26 38.23
CA THR LA 43 40.41 18.21 39.63
C THR LA 43 39.27 17.55 40.40
N ALA LA 44 38.09 17.59 39.78
CA ALA LA 44 36.89 17.03 40.37
C ALA LA 44 36.61 15.60 39.99
N ARG LA 45 37.19 15.19 38.86
CA ARG LA 45 36.96 13.90 38.24
C ARG LA 45 38.12 13.72 37.28
N PRO LA 46 39.23 13.14 37.73
CA PRO LA 46 40.33 12.96 36.78
C PRO LA 46 39.99 11.86 35.79
N TRP LA 47 39.67 12.28 34.60
CA TRP LA 47 38.97 11.39 33.76
C TRP LA 47 39.75 10.40 32.90
N ILE LA 48 41.02 10.64 32.52
CA ILE LA 48 41.61 9.56 31.70
C ILE LA 48 41.93 8.27 32.47
N ALA LA 49 42.59 8.36 33.63
CA ALA LA 49 42.94 7.16 34.48
C ALA LA 49 44.18 6.41 34.05
N PRO LA 50 45.04 6.08 35.01
CA PRO LA 50 46.27 5.39 34.68
C PRO LA 50 46.02 3.91 34.36
N ILE LA 51 46.93 3.33 33.58
CA ILE LA 51 46.71 2.00 33.00
C ILE LA 51 46.74 0.92 34.04
N PRO LA 52 45.66 0.12 34.10
CA PRO LA 52 45.33 -0.86 35.17
C PRO LA 52 46.25 -2.08 35.29
N LYS LA 53 46.00 -2.91 36.31
CA LYS LA 53 46.84 -4.07 36.66
C LYS LA 53 47.08 -5.07 35.54
N GLY LA 54 46.02 -5.41 34.80
CA GLY LA 54 46.14 -6.32 33.65
C GLY LA 54 46.57 -5.60 32.39
N TRP LA 55 45.58 -5.00 31.74
CA TRP LA 55 45.75 -4.34 30.46
C TRP LA 55 46.80 -4.99 29.56
N VAL LA 56 47.67 -4.15 29.04
CA VAL LA 56 48.42 -4.40 27.79
C VAL LA 56 47.57 -4.68 26.52
N ALA MA 2 24.52 51.88 -3.65
CA ALA MA 2 24.95 51.91 -2.22
C ALA MA 2 26.32 52.60 -2.03
N ASP MA 3 26.29 53.89 -1.67
CA ASP MA 3 27.50 54.72 -1.59
C ASP MA 3 27.64 55.51 -0.26
N LEU MA 4 26.76 55.24 0.70
CA LEU MA 4 26.66 56.03 1.92
C LEU MA 4 26.57 55.22 3.22
N LYS MA 5 26.53 55.95 4.34
CA LYS MA 5 26.13 55.40 5.64
C LYS MA 5 24.61 55.06 5.64
N PRO MA 6 23.72 56.01 5.22
CA PRO MA 6 22.38 55.56 4.82
C PRO MA 6 22.32 55.34 3.29
N SER MA 7 22.90 54.21 2.85
CA SER MA 7 23.30 53.99 1.45
C SER MA 7 22.20 54.03 0.36
N LEU MA 8 22.14 55.18 -0.32
CA LEU MA 8 21.06 55.62 -1.24
C LEU MA 8 19.63 55.42 -0.69
N THR MA 9 19.28 56.25 0.30
CA THR MA 9 18.11 56.09 1.20
C THR MA 9 17.93 54.65 1.78
N GLY MA 10 18.87 54.28 2.65
CA GLY MA 10 18.97 52.93 3.25
C GLY MA 10 17.73 52.52 4.02
N LEU MA 11 17.29 51.27 3.78
CA LEU MA 11 16.03 50.74 4.34
C LEU MA 11 16.16 50.26 5.80
N THR MA 12 15.65 51.09 6.71
CA THR MA 12 15.56 50.88 8.20
C THR MA 12 16.80 50.30 8.94
N GLU MA 13 17.78 51.20 9.17
CA GLU MA 13 18.83 51.03 10.19
C GLU MA 13 19.90 52.15 10.24
N GLU MA 14 19.70 53.10 11.16
CA GLU MA 14 20.69 54.14 11.55
C GLU MA 14 21.98 53.43 11.94
N GLU MA 15 23.09 54.16 12.03
CA GLU MA 15 24.16 53.73 12.93
C GLU MA 15 23.63 53.79 14.40
N ALA MA 16 22.82 52.76 14.75
CA ALA MA 16 22.08 52.58 16.03
C ALA MA 16 22.73 51.41 16.85
N LYS MA 17 23.53 51.88 17.81
CA LYS MA 17 24.28 51.09 18.73
C LYS MA 17 23.64 51.24 20.09
N GLU MA 18 22.46 51.85 20.09
CA GLU MA 18 21.64 51.91 21.26
C GLU MA 18 21.26 50.48 21.53
N PHE MA 19 20.88 49.74 20.48
CA PHE MA 19 20.57 48.33 20.65
C PHE MA 19 21.75 47.54 21.18
N HIS MA 20 22.94 47.79 20.64
CA HIS MA 20 24.14 47.09 21.11
C HIS MA 20 24.32 47.28 22.61
N GLY MA 21 24.19 48.53 23.06
CA GLY MA 21 24.19 48.85 24.48
C GLY MA 21 23.29 47.94 25.30
N ILE MA 22 22.01 47.94 24.95
CA ILE MA 22 21.00 47.14 25.62
C ILE MA 22 21.36 45.66 25.66
N PHE MA 23 21.60 45.09 24.49
CA PHE MA 23 21.73 43.66 24.32
C PHE MA 23 22.89 43.09 25.11
N VAL MA 24 24.00 43.81 25.10
CA VAL MA 24 25.20 43.43 25.84
C VAL MA 24 24.99 43.50 27.35
N THR MA 25 24.30 44.54 27.80
CA THR MA 25 24.01 44.72 29.20
C THR MA 25 23.07 43.62 29.66
N SER MA 26 21.94 43.52 28.98
CA SER MA 26 20.95 42.52 29.31
C SER MA 26 21.50 41.10 29.21
N THR MA 27 22.40 40.81 28.27
CA THR MA 27 23.03 39.48 28.24
C THR MA 27 23.89 39.20 29.48
N VAL MA 28 24.53 40.25 30.00
CA VAL MA 28 25.39 40.12 31.15
C VAL MA 28 24.57 39.97 32.40
N LEU MA 29 23.51 40.76 32.53
CA LEU MA 29 22.70 40.75 33.73
C LEU MA 29 22.00 39.44 33.90
N TYR MA 30 21.45 38.96 32.78
CA TYR MA 30 20.87 37.65 32.70
C TYR MA 30 21.89 36.64 33.18
N LEU MA 31 23.08 36.67 32.60
CA LEU MA 31 24.13 35.74 33.01
C LEU MA 31 24.57 35.89 34.46
N ALA MA 32 24.51 37.12 34.96
CA ALA MA 32 24.95 37.40 36.30
C ALA MA 32 23.96 36.83 37.28
N THR MA 33 22.68 37.14 37.03
CA THR MA 33 21.64 36.72 37.95
C THR MA 33 21.60 35.22 38.02
N ALA MA 34 21.79 34.60 36.87
CA ALA MA 34 21.89 33.17 36.73
C ALA MA 34 22.92 32.56 37.67
N VAL MA 35 24.10 33.19 37.71
CA VAL MA 35 25.14 32.84 38.66
C VAL MA 35 24.60 32.83 40.09
N ILE MA 36 23.92 33.90 40.46
CA ILE MA 36 23.37 34.04 41.79
C ILE MA 36 22.40 32.93 42.15
N VAL MA 37 21.45 32.69 41.26
CA VAL MA 37 20.53 31.58 41.40
C VAL MA 37 21.36 30.34 41.66
N HIS MA 38 22.30 30.07 40.74
CA HIS MA 38 23.12 28.87 40.85
C HIS MA 38 23.78 28.72 42.21
N TYR MA 39 24.36 29.81 42.71
CA TYR MA 39 25.04 29.80 43.99
C TYR MA 39 24.10 29.34 45.06
N LEU MA 40 22.89 29.87 44.95
CA LEU MA 40 21.89 29.57 45.90
C LEU MA 40 21.55 28.12 45.88
N VAL MA 41 21.28 27.57 44.69
CA VAL MA 41 20.89 26.18 44.64
C VAL MA 41 21.97 25.33 45.27
N TRP MA 42 23.23 25.73 45.06
CA TRP MA 42 24.36 24.97 45.53
C TRP MA 42 24.24 24.70 47.01
N THR MA 43 23.73 25.68 47.72
CA THR MA 43 23.68 25.59 49.14
C THR MA 43 22.61 24.62 49.64
N ALA MA 44 21.62 24.36 48.80
CA ALA MA 44 20.59 23.36 49.07
C ALA MA 44 21.00 21.95 48.69
N ARG MA 45 21.57 21.83 47.50
CA ARG MA 45 21.93 20.57 46.93
C ARG MA 45 23.32 20.78 46.32
N PRO MA 46 24.38 20.51 47.10
CA PRO MA 46 25.69 20.67 46.51
C PRO MA 46 25.91 19.57 45.49
N TRP MA 47 25.79 19.92 44.22
CA TRP MA 47 25.51 18.91 43.26
C TRP MA 47 26.61 18.08 42.69
N ILE MA 48 27.84 18.57 42.55
CA ILE MA 48 28.83 17.71 41.87
C ILE MA 48 29.24 16.44 42.68
N ALA MA 49 29.39 16.56 44.01
CA ALA MA 49 29.89 15.49 44.93
C ALA MA 49 31.36 15.21 44.83
N PRO MA 50 31.98 14.92 45.98
CA PRO MA 50 33.39 14.54 45.98
C PRO MA 50 33.57 13.10 45.49
N ILE MA 51 34.74 12.81 44.93
CA ILE MA 51 35.08 11.49 44.38
C ILE MA 51 34.97 10.45 45.47
N PRO MA 52 34.09 9.46 45.25
CA PRO MA 52 33.68 8.39 46.20
C PRO MA 52 34.79 7.39 46.57
N LYS MA 53 34.47 6.45 47.47
CA LYS MA 53 35.45 5.51 48.04
C LYS MA 53 36.36 4.78 47.05
N GLY MA 54 35.76 4.08 46.08
CA GLY MA 54 36.48 3.29 45.07
C GLY MA 54 36.92 4.15 43.90
N TRP MA 55 35.91 4.69 43.22
CA TRP MA 55 36.06 5.41 41.97
C TRP MA 55 37.25 5.03 41.09
N VAL MA 56 38.15 5.98 40.83
CA VAL MA 56 39.13 5.89 39.72
C VAL MA 56 38.60 5.45 38.32
N SER NA 1 -14.51 25.08 55.19
CA SER NA 1 -13.36 24.12 55.18
C SER NA 1 -12.06 24.73 54.60
N ASP NA 2 -12.19 25.73 53.71
CA ASP NA 2 -11.10 26.55 53.11
C ASP NA 2 -10.34 27.19 54.25
N TRP NA 3 -9.52 26.43 54.98
CA TRP NA 3 -8.89 27.05 56.14
C TRP NA 3 -7.38 27.06 56.09
N ASN NA 4 -6.88 28.30 56.05
CA ASN NA 4 -5.80 28.74 55.19
C ASN NA 4 -5.70 27.92 53.90
N LEU NA 5 -6.85 27.48 53.38
CA LEU NA 5 -6.87 27.02 51.99
C LEU NA 5 -7.79 27.87 51.09
N TRP NA 6 -7.35 29.12 51.10
CA TRP NA 6 -7.76 30.27 50.33
C TRP NA 6 -7.13 30.25 48.96
N VAL NA 7 -6.18 29.35 48.80
CA VAL NA 7 -5.37 29.17 47.60
C VAL NA 7 -6.16 29.35 46.29
N PRO NA 8 -7.30 28.61 46.12
CA PRO NA 8 -8.06 28.76 44.87
C PRO NA 8 -8.80 30.09 44.76
N LEU NA 9 -9.35 30.58 45.87
CA LEU NA 9 -10.00 31.90 45.91
C LEU NA 9 -9.01 33.02 45.57
N GLY NA 10 -7.78 32.88 46.08
CA GLY NA 10 -6.65 33.74 45.74
C GLY NA 10 -6.35 33.76 44.24
N ILE NA 11 -6.22 32.59 43.64
CA ILE NA 11 -5.91 32.52 42.23
C ILE NA 11 -7.10 32.96 41.37
N LEU NA 12 -8.32 32.62 41.80
CA LEU NA 12 -9.50 32.92 41.02
C LEU NA 12 -9.95 34.35 41.21
N GLY NA 13 -9.72 34.83 42.44
CA GLY NA 13 -10.26 36.10 42.90
C GLY NA 13 -9.45 37.28 42.46
N ILE NA 14 -8.14 37.24 42.73
CA ILE NA 14 -7.30 38.38 42.45
C ILE NA 14 -7.49 38.84 41.00
N PRO NA 15 -7.30 37.94 40.02
CA PRO NA 15 -7.40 38.43 38.63
C PRO NA 15 -8.79 38.88 38.23
N THR NA 16 -9.81 38.27 38.84
CA THR NA 16 -11.19 38.71 38.66
C THR NA 16 -11.32 40.20 38.98
N ILE NA 17 -10.61 40.64 40.02
CA ILE NA 17 -10.67 42.01 40.48
C ILE NA 17 -9.88 42.92 39.57
N TRP NA 18 -8.64 42.56 39.28
CA TRP NA 18 -7.91 43.44 38.43
C TRP NA 18 -8.40 43.45 36.97
N ILE NA 19 -9.03 42.37 36.52
CA ILE NA 19 -9.68 42.38 35.20
C ILE NA 19 -10.86 43.35 35.21
N ALA NA 20 -11.58 43.35 36.33
CA ALA NA 20 -12.65 44.29 36.58
C ALA NA 20 -12.22 45.73 36.35
N LEU NA 21 -11.03 46.05 36.82
CA LEU NA 21 -10.66 47.44 37.04
C LEU NA 21 -9.88 48.09 35.93
N THR NA 22 -9.10 47.28 35.25
CA THR NA 22 -8.12 47.77 34.32
C THR NA 22 -8.74 48.14 32.98
N TYR NA 23 -9.79 47.45 32.57
CA TYR NA 23 -10.26 47.60 31.20
C TYR NA 23 -11.61 48.29 31.12
N ARG NA 24 -11.79 49.27 32.01
CA ARG NA 24 -12.97 50.15 32.03
C ARG NA 24 -12.78 51.32 31.07
N SER OA 1 -33.86 16.36 48.74
CA SER OA 1 -32.65 15.61 49.25
C SER OA 1 -31.32 16.41 49.14
N ASP OA 2 -31.26 17.43 48.27
CA ASP OA 2 -30.10 18.34 48.05
C ASP OA 2 -29.73 18.99 49.37
N TRP OA 3 -29.08 18.28 50.30
CA TRP OA 3 -28.87 18.97 51.57
C TRP OA 3 -27.43 19.33 51.91
N ASN OA 4 -27.26 20.65 52.02
CA ASN OA 4 -26.17 21.44 51.41
C ASN OA 4 -25.61 20.81 50.12
N LEU OA 5 -26.44 20.19 49.28
CA LEU OA 5 -25.96 19.97 47.90
C LEU OA 5 -26.72 20.70 46.74
N TRP OA 6 -26.49 22.00 46.83
CA TRP OA 6 -26.94 23.09 46.00
C TRP OA 6 -25.96 23.35 44.91
N VAL OA 7 -24.85 22.65 44.97
CA VAL OA 7 -23.78 22.74 44.00
C VAL OA 7 -24.30 22.83 42.55
N PRO OA 8 -25.09 21.81 42.13
CA PRO OA 8 -25.47 21.85 40.72
C PRO OA 8 -26.47 22.96 40.46
N LEU OA 9 -27.37 23.22 41.41
CA LEU OA 9 -28.29 24.34 41.34
C LEU OA 9 -27.56 25.64 41.20
N GLY OA 10 -26.53 25.81 42.02
CA GLY OA 10 -25.66 26.96 41.98
C GLY OA 10 -25.04 27.12 40.60
N ILE OA 11 -24.35 26.09 40.13
CA ILE OA 11 -23.75 26.19 38.82
C ILE OA 11 -24.80 26.48 37.75
N LEU OA 12 -25.91 25.76 37.77
CA LEU OA 12 -26.91 25.87 36.72
C LEU OA 12 -27.71 27.15 36.79
N GLY OA 13 -28.00 27.54 38.03
CA GLY OA 13 -28.93 28.61 38.32
C GLY OA 13 -28.32 29.97 38.18
N ILE OA 14 -27.13 30.14 38.73
CA ILE OA 14 -26.55 31.47 38.73
C ILE OA 14 -26.51 32.05 37.32
N PRO OA 15 -25.85 31.35 36.39
CA PRO OA 15 -25.68 31.91 35.06
C PRO OA 15 -27.00 32.20 34.43
N THR OA 16 -27.96 31.31 34.65
CA THR OA 16 -29.28 31.46 34.07
C THR OA 16 -29.81 32.86 34.37
N ILE OA 17 -29.54 33.33 35.58
CA ILE OA 17 -30.03 34.60 36.02
C ILE OA 17 -29.32 35.76 35.34
N TRP OA 18 -28.01 35.79 35.39
CA TRP OA 18 -27.34 36.90 34.79
C TRP OA 18 -27.39 36.85 33.26
N ILE OA 19 -27.65 35.68 32.69
CA ILE OA 19 -27.88 35.61 31.26
C ILE OA 19 -29.17 36.33 30.96
N ALA OA 20 -30.15 36.10 31.82
CA ALA OA 20 -31.42 36.80 31.74
C ALA OA 20 -31.27 38.33 31.73
N LEU OA 21 -30.30 38.85 32.46
CA LEU OA 21 -30.32 40.27 32.77
C LEU OA 21 -29.35 41.14 31.99
N THR OA 22 -28.27 40.51 31.53
CA THR OA 22 -27.17 41.19 30.86
C THR OA 22 -27.52 41.49 29.42
N TYR OA 23 -28.27 40.61 28.78
CA TYR OA 23 -28.50 40.77 27.37
C TYR OA 23 -29.95 41.11 27.12
N ARG OA 24 -30.33 42.30 27.58
CA ARG OA 24 -31.66 42.84 27.41
C ARG OA 24 -31.64 44.16 26.62
N SER PA 1 -48.90 3.19 37.39
CA SER PA 1 -47.65 2.85 38.14
C SER PA 1 -46.62 3.99 38.26
N ASP PA 2 -46.65 5.00 37.36
CA ASP PA 2 -45.66 6.14 37.37
C ASP PA 2 -45.77 6.87 38.69
N TRP PA 3 -45.13 6.30 39.72
CA TRP PA 3 -45.22 6.87 41.05
C TRP PA 3 -43.91 7.20 41.66
N ASN PA 4 -43.93 8.39 42.25
CA ASN PA 4 -42.79 9.14 42.76
C ASN PA 4 -41.90 9.64 41.66
N LEU PA 5 -41.96 8.96 40.48
CA LEU PA 5 -41.06 9.22 39.29
C LEU PA 5 -41.66 9.78 37.95
N TRP PA 6 -41.72 11.11 38.01
CA TRP PA 6 -42.29 12.07 37.10
C TRP PA 6 -41.16 12.68 36.37
N VAL PA 7 -39.96 12.25 36.73
CA VAL PA 7 -38.73 12.64 36.08
C VAL PA 7 -38.91 12.76 34.54
N PRO PA 8 -39.28 11.64 33.86
CA PRO PA 8 -39.30 11.73 32.42
C PRO PA 8 -40.45 12.64 31.95
N LEU PA 9 -41.58 12.57 32.65
CA LEU PA 9 -42.70 13.45 32.40
C LEU PA 9 -42.32 14.91 32.41
N GLY PA 10 -41.57 15.31 33.44
CA GLY PA 10 -41.05 16.67 33.54
C GLY PA 10 -40.12 16.97 32.38
N ILE PA 11 -39.23 16.04 32.10
CA ILE PA 11 -38.26 16.30 31.08
C ILE PA 11 -38.97 16.40 29.74
N LEU PA 12 -39.93 15.52 29.50
CA LEU PA 12 -40.62 15.53 28.22
C LEU PA 12 -41.61 16.68 28.13
N GLY PA 13 -42.37 16.83 29.22
CA GLY PA 13 -43.52 17.71 29.29
C GLY PA 13 -43.20 19.18 29.27
N ILE PA 14 -42.36 19.60 30.20
CA ILE PA 14 -42.08 21.02 30.34
C ILE PA 14 -41.77 21.70 29.00
N PRO PA 15 -40.74 21.21 28.27
CA PRO PA 15 -40.40 21.83 27.00
C PRO PA 15 -41.57 21.84 26.05
N THR PA 16 -42.33 20.75 26.06
CA THR PA 16 -43.47 20.61 25.17
C THR PA 16 -44.37 21.83 25.29
N ILE PA 17 -44.50 22.33 26.51
CA ILE PA 17 -45.38 23.44 26.78
C ILE PA 17 -44.78 24.75 26.35
N TRP PA 18 -43.57 25.03 26.79
CA TRP PA 18 -42.99 26.29 26.41
C TRP PA 18 -42.62 26.35 24.93
N ILE PA 19 -42.47 25.20 24.26
CA ILE PA 19 -42.32 25.21 22.81
C ILE PA 19 -43.63 25.63 22.18
N ALA PA 20 -44.72 25.15 22.77
CA ALA PA 20 -46.06 25.55 22.36
C ALA PA 20 -46.21 27.07 22.39
N LEU PA 21 -45.78 27.68 23.49
CA LEU PA 21 -46.21 29.02 23.79
C LEU PA 21 -45.31 30.13 23.31
N THR PA 22 -44.03 29.80 23.14
CA THR PA 22 -43.05 30.78 22.77
C THR PA 22 -43.13 31.14 21.31
N TYR PA 23 -43.49 30.18 20.48
CA TYR PA 23 -43.35 30.42 19.05
C TYR PA 23 -44.68 30.50 18.36
N ARG PA 24 -45.48 31.48 18.77
CA ARG PA 24 -46.75 31.76 18.13
C ARG PA 24 -46.68 33.06 17.32
N SER QA 1 -56.66 -9.47 24.14
CA SER QA 1 -55.38 -10.10 24.62
C SER QA 1 -54.27 -9.10 25.07
N ASP QA 2 -54.22 -7.90 24.46
CA ASP QA 2 -53.39 -6.75 24.94
C ASP QA 2 -53.90 -6.46 26.36
N TRP QA 3 -53.14 -6.86 27.39
CA TRP QA 3 -53.67 -6.65 28.73
C TRP QA 3 -52.96 -5.66 29.62
N ASN QA 4 -53.59 -4.48 29.67
CA ASN QA 4 -52.91 -3.20 29.64
C ASN QA 4 -51.67 -3.27 28.78
N LEU QA 5 -51.69 -4.10 27.72
CA LEU QA 5 -50.64 -3.91 26.73
C LEU QA 5 -51.16 -3.42 25.35
N TRP QA 6 -51.71 -2.23 25.54
CA TRP QA 6 -52.16 -1.23 24.61
C TRP QA 6 -51.00 -0.39 24.19
N VAL QA 7 -49.85 -0.62 24.82
CA VAL QA 7 -48.62 0.05 24.50
C VAL QA 7 -48.43 0.25 22.98
N PRO QA 8 -48.44 -0.86 22.18
CA PRO QA 8 -48.06 -0.61 20.81
C PRO QA 8 -49.21 0.09 20.08
N LEU QA 9 -50.45 -0.23 20.46
CA LEU QA 9 -51.63 0.44 19.93
C LEU QA 9 -51.58 1.92 20.19
N GLY QA 10 -51.13 2.28 21.40
CA GLY QA 10 -50.89 3.67 21.78
C GLY QA 10 -49.90 4.32 20.84
N ILE QA 11 -48.76 3.68 20.68
CA ILE QA 11 -47.76 4.25 19.80
C ILE QA 11 -48.21 4.24 18.35
N LEU QA 12 -48.92 3.20 17.92
CA LEU QA 12 -49.34 3.10 16.54
C LEU QA 12 -50.53 3.98 16.22
N GLY QA 13 -51.48 3.96 17.15
CA GLY QA 13 -52.79 4.53 16.92
C GLY QA 13 -52.83 6.04 17.00
N ILE QA 14 -52.22 6.58 18.05
CA ILE QA 14 -52.35 7.98 18.31
C ILE QA 14 -51.98 8.79 17.08
N PRO QA 15 -50.72 8.64 16.61
CA PRO QA 15 -50.29 9.50 15.51
C PRO QA 15 -51.17 9.28 14.30
N THR QA 16 -51.59 8.03 14.11
CA THR QA 16 -52.41 7.68 12.98
C THR QA 16 -53.59 8.63 12.87
N ILE QA 17 -54.10 9.04 14.03
CA ILE QA 17 -55.27 9.88 14.05
C ILE QA 17 -54.92 11.31 13.78
N TRP QA 18 -53.89 11.81 14.43
CA TRP QA 18 -53.57 13.20 14.18
C TRP QA 18 -53.00 13.41 12.79
N ILE QA 19 -52.45 12.37 12.19
CA ILE QA 19 -51.95 12.46 10.83
C ILE QA 19 -53.13 12.55 9.91
N ALA QA 20 -54.18 11.85 10.28
CA ALA QA 20 -55.48 12.02 9.64
C ALA QA 20 -55.97 13.47 9.62
N LEU QA 21 -55.84 14.16 10.75
CA LEU QA 21 -56.63 15.36 10.99
C LEU QA 21 -55.91 16.66 10.79
N THR QA 22 -54.59 16.59 10.81
CA THR QA 22 -53.80 17.80 10.82
C THR QA 22 -53.54 18.27 9.41
N TYR QA 23 -53.52 17.34 8.47
CA TYR QA 23 -53.18 17.72 7.12
C TYR QA 23 -54.37 17.51 6.21
N ARG QA 24 -55.36 18.38 6.37
CA ARG QA 24 -56.62 18.30 5.63
C ARG QA 24 -56.92 19.56 4.80
N SER RA 1 -56.03 -25.60 8.63
CA SER RA 1 -55.03 -25.50 9.73
C SER RA 1 -54.86 -24.05 10.29
N ASP RA 2 -55.14 -23.04 9.42
CA ASP RA 2 -55.09 -21.57 9.71
C ASP RA 2 -56.02 -21.24 10.86
N TRP RA 3 -55.69 -21.67 12.08
CA TRP RA 3 -56.71 -21.53 13.10
C TRP RA 3 -56.36 -20.57 14.21
N ASN RA 4 -57.20 -19.55 14.26
CA ASN RA 4 -56.81 -18.15 14.42
C ASN RA 4 -55.41 -17.87 13.95
N LEU RA 5 -54.96 -18.53 12.88
CA LEU RA 5 -53.79 -17.96 12.17
C LEU RA 5 -54.07 -17.48 10.71
N TRP RA 6 -54.76 -16.35 10.78
CA TRP RA 6 -55.29 -15.50 9.75
C TRP RA 6 -54.33 -14.38 9.66
N VAL RA 7 -53.36 -14.40 10.55
CA VAL RA 7 -52.29 -13.43 10.58
C VAL RA 7 -51.81 -13.09 9.16
N PRO RA 8 -51.33 -14.12 8.39
CA PRO RA 8 -50.77 -13.78 7.09
C PRO RA 8 -51.87 -13.31 6.15
N LEU RA 9 -53.00 -14.01 6.14
CA LEU RA 9 -54.15 -13.61 5.36
C LEU RA 9 -54.50 -12.15 5.53
N GLY RA 10 -54.56 -11.69 6.78
CA GLY RA 10 -54.80 -10.30 7.13
C GLY RA 10 -53.76 -9.37 6.55
N ILE RA 11 -52.50 -9.65 6.89
CA ILE RA 11 -51.41 -8.88 6.34
C ILE RA 11 -51.47 -8.83 4.81
N LEU RA 12 -51.78 -9.95 4.17
CA LEU RA 12 -51.78 -10.00 2.70
C LEU RA 12 -53.04 -9.42 2.11
N GLY RA 13 -54.16 -9.78 2.72
CA GLY RA 13 -55.49 -9.50 2.19
C GLY RA 13 -55.90 -8.06 2.31
N ILE RA 14 -55.70 -7.50 3.49
CA ILE RA 14 -56.16 -6.15 3.71
C ILE RA 14 -55.65 -5.17 2.65
N PRO RA 15 -54.32 -5.03 2.50
CA PRO RA 15 -53.83 -4.02 1.55
C PRO RA 15 -54.30 -4.30 0.15
N THR RA 16 -54.43 -5.60 -0.16
CA THR RA 16 -54.83 -6.03 -1.48
C THR RA 16 -56.14 -5.33 -1.83
N ILE RA 17 -57.02 -5.26 -0.84
CA ILE RA 17 -58.34 -4.70 -1.03
C ILE RA 17 -58.27 -3.20 -1.21
N TRP RA 18 -57.62 -2.52 -0.28
CA TRP RA 18 -57.64 -1.08 -0.42
C TRP RA 18 -56.79 -0.61 -1.58
N ILE RA 19 -55.84 -1.43 -2.04
CA ILE RA 19 -55.11 -1.08 -3.23
C ILE RA 19 -56.05 -1.11 -4.41
N ALA RA 20 -56.95 -2.08 -4.37
CA ALA RA 20 -58.03 -2.14 -5.35
C ALA RA 20 -58.82 -0.83 -5.47
N LEU RA 21 -59.08 -0.20 -4.34
CA LEU RA 21 -60.15 0.77 -4.28
C LEU RA 21 -59.74 2.23 -4.22
N THR RA 22 -58.48 2.46 -3.92
CA THR RA 22 -57.98 3.79 -3.70
C THR RA 22 -57.56 4.37 -5.03
N TYR RA 23 -57.18 3.50 -5.95
CA TYR RA 23 -56.68 3.95 -7.22
C TYR RA 23 -57.61 3.37 -8.27
N ARG RA 24 -58.77 3.99 -8.35
CA ARG RA 24 -59.85 3.57 -9.25
C ARG RA 24 -60.11 4.65 -10.30
N SER SA 1 -50.71 -38.57 -8.73
CA SER SA 1 -49.55 -38.51 -7.77
C SER SA 1 -49.55 -37.23 -6.90
N ASP SA 2 -49.71 -36.06 -7.53
CA ASP SA 2 -49.91 -34.76 -6.82
C ASP SA 2 -51.10 -34.90 -5.87
N TRP SA 3 -50.84 -35.20 -4.59
CA TRP SA 3 -51.96 -35.43 -3.69
C TRP SA 3 -52.09 -34.53 -2.48
N ASN SA 4 -53.07 -33.63 -2.59
CA ASN SA 4 -53.26 -32.39 -1.79
C ASN SA 4 -52.08 -31.45 -1.95
N LEU SA 5 -51.16 -31.85 -2.84
CA LEU SA 5 -49.90 -31.13 -3.13
C LEU SA 5 -49.83 -30.65 -4.62
N TRP SA 6 -50.94 -29.96 -4.90
CA TRP SA 6 -51.30 -29.10 -6.02
C TRP SA 6 -50.63 -27.76 -5.92
N VAL SA 7 -50.11 -27.46 -4.72
CA VAL SA 7 -49.24 -26.31 -4.45
C VAL SA 7 -48.44 -25.79 -5.67
N PRO SA 8 -47.54 -26.64 -6.29
CA PRO SA 8 -46.73 -26.14 -7.42
C PRO SA 8 -47.58 -25.74 -8.62
N LEU SA 9 -48.56 -26.59 -8.95
CA LEU SA 9 -49.51 -26.36 -10.06
C LEU SA 9 -50.32 -25.10 -9.85
N GLY SA 10 -50.68 -24.85 -8.59
CA GLY SA 10 -51.32 -23.60 -8.19
C GLY SA 10 -50.44 -22.38 -8.41
N ILE SA 11 -49.20 -22.47 -7.92
CA ILE SA 11 -48.28 -21.35 -8.02
C ILE SA 11 -47.92 -21.09 -9.49
N LEU SA 12 -47.72 -22.17 -10.27
CA LEU SA 12 -47.35 -22.12 -11.69
C LEU SA 12 -48.55 -21.79 -12.57
N GLY SA 13 -49.65 -22.48 -12.28
CA GLY SA 13 -50.88 -22.44 -13.05
C GLY SA 13 -51.63 -21.12 -13.01
N ILE SA 14 -51.92 -20.63 -11.81
CA ILE SA 14 -52.77 -19.43 -11.68
C ILE SA 14 -52.26 -18.21 -12.47
N PRO SA 15 -50.97 -17.82 -12.28
CA PRO SA 15 -50.42 -16.74 -13.12
C PRO SA 15 -50.41 -17.07 -14.59
N THR SA 16 -50.14 -18.34 -14.94
CA THR SA 16 -50.12 -18.73 -16.36
C THR SA 16 -51.43 -18.40 -17.07
N ILE SA 17 -52.54 -18.51 -16.33
CA ILE SA 17 -53.86 -18.24 -16.88
C ILE SA 17 -54.14 -16.75 -16.97
N TRP SA 18 -53.90 -16.02 -15.88
CA TRP SA 18 -54.14 -14.59 -15.95
C TRP SA 18 -53.12 -13.83 -16.79
N ILE SA 19 -51.92 -14.41 -17.01
CA ILE SA 19 -50.96 -13.85 -17.99
C ILE SA 19 -51.55 -14.00 -19.39
N ALA SA 20 -52.18 -15.14 -19.61
CA ALA SA 20 -52.90 -15.41 -20.85
C ALA SA 20 -53.97 -14.35 -21.13
N LEU SA 21 -54.70 -13.94 -20.09
CA LEU SA 21 -55.96 -13.23 -20.30
C LEU SA 21 -55.95 -11.71 -20.15
N THR SA 22 -55.02 -11.19 -19.34
CA THR SA 22 -54.94 -9.76 -19.04
C THR SA 22 -54.33 -8.98 -20.20
N TYR SA 23 -53.44 -9.65 -20.93
CA TYR SA 23 -52.67 -8.96 -21.94
C TYR SA 23 -53.02 -9.53 -23.31
N ARG SA 24 -54.23 -9.19 -23.75
CA ARG SA 24 -54.74 -9.63 -25.04
C ARG SA 24 -55.01 -8.44 -25.95
N SER TA 1 -34.44 -48.69 -22.18
CA SER TA 1 -34.20 -48.44 -20.72
C SER TA 1 -35.02 -47.25 -20.16
N ASP TA 2 -35.23 -46.21 -21.00
CA ASP TA 2 -35.96 -44.96 -20.65
C ASP TA 2 -37.41 -45.29 -20.28
N TRP TA 3 -37.65 -45.63 -19.00
CA TRP TA 3 -38.98 -46.13 -18.62
C TRP TA 3 -39.67 -45.42 -17.47
N ASN TA 4 -40.83 -44.87 -17.82
CA ASN TA 4 -41.39 -43.62 -17.30
C ASN TA 4 -40.34 -42.62 -16.87
N LEU TA 5 -39.17 -42.68 -17.53
CA LEU TA 5 -38.23 -41.56 -17.40
C LEU TA 5 -37.95 -40.89 -18.77
N TRP TA 6 -39.09 -40.62 -19.42
CA TRP TA 6 -39.34 -39.68 -20.53
C TRP TA 6 -39.01 -38.27 -20.18
N VAL TA 7 -39.01 -37.96 -18.89
CA VAL TA 7 -38.66 -36.66 -18.34
C VAL TA 7 -37.73 -35.79 -19.23
N PRO TA 8 -36.46 -36.27 -19.55
CA PRO TA 8 -35.61 -35.44 -20.43
C PRO TA 8 -36.19 -35.25 -21.83
N LEU TA 9 -36.80 -36.29 -22.39
CA LEU TA 9 -37.47 -36.20 -23.70
C LEU TA 9 -38.65 -35.25 -23.69
N GLY TA 10 -39.32 -35.14 -22.54
CA GLY TA 10 -40.36 -34.13 -22.33
C GLY TA 10 -39.79 -32.73 -22.39
N ILE TA 11 -38.73 -32.51 -21.63
CA ILE TA 11 -38.13 -31.19 -21.58
C ILE TA 11 -37.43 -30.84 -22.89
N LEU TA 12 -36.74 -31.80 -23.49
CA LEU TA 12 -35.99 -31.58 -24.73
C LEU TA 12 -36.93 -31.54 -25.92
N GLY TA 13 -37.92 -32.43 -25.89
CA GLY TA 13 -38.85 -32.61 -27.00
C GLY TA 13 -39.90 -31.53 -27.17
N ILE TA 14 -40.68 -31.25 -26.13
CA ILE TA 14 -41.81 -30.34 -26.27
C ILE TA 14 -41.39 -29.02 -26.93
N PRO TA 15 -40.40 -28.31 -26.35
CA PRO TA 15 -39.99 -27.05 -26.97
C PRO TA 15 -39.47 -27.20 -28.40
N THR TA 16 -38.75 -28.29 -28.66
CA THR TA 16 -38.22 -28.55 -29.99
C THR TA 16 -39.36 -28.47 -31.02
N ILE TA 17 -40.55 -28.86 -30.60
CA ILE TA 17 -41.72 -28.93 -31.48
C ILE TA 17 -42.34 -27.56 -31.67
N TRP TA 18 -42.71 -26.90 -30.58
CA TRP TA 18 -43.35 -25.61 -30.74
C TRP TA 18 -42.39 -24.51 -31.23
N ILE TA 19 -41.07 -24.67 -31.04
CA ILE TA 19 -40.08 -23.76 -31.65
C ILE TA 19 -40.12 -23.94 -33.16
N ALA TA 20 -40.31 -25.18 -33.60
CA ALA TA 20 -40.47 -25.48 -35.00
C ALA TA 20 -41.74 -24.87 -35.60
N LEU TA 21 -42.78 -24.69 -34.78
CA LEU TA 21 -44.10 -24.37 -35.31
C LEU TA 21 -44.64 -22.95 -35.10
N THR TA 22 -44.08 -22.27 -34.09
CA THR TA 22 -44.46 -20.89 -33.76
C THR TA 22 -43.76 -19.89 -34.68
N TYR TA 23 -42.57 -20.24 -35.11
CA TYR TA 23 -41.78 -19.31 -35.88
C TYR TA 23 -41.55 -19.86 -37.27
N ARG TA 24 -42.60 -19.74 -38.07
CA ARG TA 24 -42.54 -20.13 -39.47
C ARG TA 24 -42.84 -18.93 -40.36
N SER UA 1 -14.85 -52.64 -31.92
CA SER UA 1 -14.93 -52.52 -30.42
C SER UA 1 -16.12 -51.66 -29.94
N ASP UA 2 -16.44 -50.59 -30.69
CA ASP UA 2 -17.60 -49.69 -30.45
C ASP UA 2 -18.89 -50.51 -30.38
N TRP UA 3 -19.26 -51.02 -29.21
CA TRP UA 3 -20.45 -51.87 -29.16
C TRP UA 3 -21.57 -51.43 -28.24
N ASN UA 4 -22.67 -51.09 -28.92
CA ASN UA 4 -23.56 -49.97 -28.58
C ASN UA 4 -22.85 -48.83 -27.86
N LEU UA 5 -21.59 -48.59 -28.24
CA LEU UA 5 -20.95 -47.32 -27.87
C LEU UA 5 -20.54 -46.53 -29.12
N TRP UA 6 -21.59 -46.33 -29.90
CA TRP UA 6 -21.75 -45.46 -31.05
C TRP UA 6 -21.82 -44.03 -30.65
N VAL UA 7 -22.26 -43.79 -29.41
CA VAL UA 7 -22.35 -42.49 -28.73
C VAL UA 7 -21.47 -41.35 -29.32
N PRO UA 8 -20.10 -41.51 -29.29
CA PRO UA 8 -19.27 -40.42 -29.81
C PRO UA 8 -19.41 -40.25 -31.32
N LEU UA 9 -19.53 -41.36 -32.06
CA LEU UA 9 -19.83 -41.30 -33.49
C LEU UA 9 -21.13 -40.57 -33.74
N GLY UA 10 -22.14 -40.89 -32.94
CA GLY UA 10 -23.42 -40.20 -32.95
C GLY UA 10 -23.26 -38.71 -32.80
N ILE UA 11 -22.65 -38.29 -31.71
CA ILE UA 11 -22.43 -36.87 -31.49
C ILE UA 11 -21.57 -36.22 -32.59
N LEU UA 12 -20.46 -36.85 -32.95
CA LEU UA 12 -19.50 -36.30 -33.91
C LEU UA 12 -20.04 -36.35 -35.32
N GLY UA 13 -20.75 -37.44 -35.61
CA GLY UA 13 -21.14 -37.80 -36.96
C GLY UA 13 -22.36 -37.05 -37.44
N ILE UA 14 -23.42 -37.08 -36.64
CA ILE UA 14 -24.70 -36.51 -37.06
C ILE UA 14 -24.55 -35.07 -37.56
N PRO UA 15 -24.01 -34.16 -36.72
CA PRO UA 15 -23.84 -32.77 -37.15
C PRO UA 15 -22.94 -32.65 -38.35
N THR UA 16 -21.91 -33.49 -38.41
CA THR UA 16 -21.00 -33.49 -39.54
C THR UA 16 -21.76 -33.65 -40.87
N ILE UA 17 -22.86 -34.40 -40.85
CA ILE UA 17 -23.65 -34.63 -42.04
C ILE UA 17 -24.53 -33.43 -42.37
N TRP UA 18 -25.34 -33.01 -41.40
CA TRP UA 18 -26.20 -31.86 -41.65
C TRP UA 18 -25.45 -30.52 -41.77
N ILE UA 19 -24.19 -30.48 -41.33
CA ILE UA 19 -23.33 -29.33 -41.64
C ILE UA 19 -22.98 -29.37 -43.12
N ALA UA 20 -22.68 -30.58 -43.59
CA ALA UA 20 -22.38 -30.77 -45.00
C ALA UA 20 -23.55 -30.39 -45.89
N LEU UA 21 -24.78 -30.56 -45.39
CA LEU UA 21 -25.94 -30.52 -46.26
C LEU UA 21 -26.84 -29.28 -46.20
N THR UA 22 -26.79 -28.54 -45.09
CA THR UA 22 -27.64 -27.38 -44.90
C THR UA 22 -27.07 -26.17 -45.61
N TYR UA 23 -25.75 -26.07 -45.67
CA TYR UA 23 -25.11 -24.89 -46.21
C TYR UA 23 -24.41 -25.20 -47.52
N ARG UA 24 -25.23 -25.32 -48.56
CA ARG UA 24 -24.78 -25.58 -49.92
C ARG UA 24 -25.11 -24.40 -50.83
N SER VA 1 7.27 -50.79 -35.12
CA SER VA 1 6.57 -51.06 -33.82
C SER VA 1 5.13 -50.49 -33.74
N ASP VA 2 4.83 -49.48 -34.59
CA ASP VA 2 3.47 -48.87 -34.76
C ASP VA 2 2.46 -49.95 -35.14
N TRP VA 3 1.90 -50.65 -34.15
CA TRP VA 3 1.12 -51.85 -34.46
C TRP VA 3 -0.28 -51.88 -33.93
N ASN VA 4 -1.21 -51.79 -34.89
CA ASN VA 4 -2.43 -50.97 -34.80
C ASN VA 4 -2.22 -49.81 -33.85
N LEU VA 5 -1.00 -49.29 -33.82
CA LEU VA 5 -0.74 -48.02 -33.16
C LEU VA 5 -0.30 -46.93 -34.15
N TRP VA 6 -1.23 -46.82 -35.10
CA TRP VA 6 -1.28 -45.97 -36.29
C TRP VA 6 -1.74 -44.59 -35.92
N VAL VA 7 -2.40 -44.51 -34.78
CA VAL VA 7 -3.02 -43.31 -34.22
C VAL VA 7 -2.28 -41.98 -34.49
N PRO VA 8 -0.97 -41.86 -34.13
CA PRO VA 8 -0.28 -40.58 -34.37
C PRO VA 8 -0.05 -40.29 -35.85
N LEU VA 9 0.20 -41.33 -36.65
CA LEU VA 9 0.35 -41.18 -38.11
C LEU VA 9 -0.97 -40.79 -38.74
N GLY VA 10 -2.05 -41.38 -38.22
CA GLY VA 10 -3.41 -41.00 -38.56
C GLY VA 10 -3.68 -39.52 -38.29
N ILE VA 11 -3.41 -39.10 -37.07
CA ILE VA 11 -3.69 -37.71 -36.73
C ILE VA 11 -2.75 -36.74 -37.49
N LEU VA 12 -1.47 -37.08 -37.55
CA LEU VA 12 -0.46 -36.20 -38.16
C LEU VA 12 -0.58 -36.18 -39.68
N GLY VA 13 -0.81 -37.37 -40.23
CA GLY VA 13 -0.79 -37.59 -41.67
C GLY VA 13 -2.02 -37.10 -42.42
N ILE VA 14 -3.20 -37.45 -41.93
CA ILE VA 14 -4.43 -37.14 -42.68
C ILE VA 14 -4.51 -35.63 -42.97
N PRO VA 15 -4.48 -34.77 -41.93
CA PRO VA 15 -4.45 -33.33 -42.20
C PRO VA 15 -3.32 -32.91 -43.13
N THR VA 16 -2.14 -33.52 -42.97
CA THR VA 16 -0.96 -33.17 -43.77
C THR VA 16 -1.24 -33.28 -45.28
N ILE VA 17 -2.10 -34.25 -45.62
CA ILE VA 17 -2.48 -34.53 -47.00
C ILE VA 17 -3.54 -33.55 -47.50
N TRP VA 18 -4.68 -33.46 -46.81
CA TRP VA 18 -5.70 -32.52 -47.24
C TRP VA 18 -5.25 -31.03 -47.14
N ILE VA 19 -4.29 -30.72 -46.27
CA ILE VA 19 -3.66 -29.40 -46.29
C ILE VA 19 -2.94 -29.18 -47.61
N ALA VA 20 -2.28 -30.23 -48.08
CA ALA VA 20 -1.51 -30.17 -49.31
C ALA VA 20 -2.36 -29.88 -50.55
N LEU VA 21 -3.61 -30.34 -50.53
CA LEU VA 21 -4.42 -30.42 -51.75
C LEU VA 21 -5.61 -29.49 -51.82
N THR VA 22 -6.02 -28.97 -50.67
CA THR VA 22 -7.19 -28.10 -50.59
C THR VA 22 -6.78 -26.66 -50.83
N TYR VA 23 -5.54 -26.31 -50.46
CA TYR VA 23 -5.07 -24.95 -50.68
C TYR VA 23 -3.83 -24.97 -51.56
N ARG VA 24 -4.07 -25.04 -52.87
CA ARG VA 24 -3.00 -24.99 -53.86
C ARG VA 24 -2.96 -23.65 -54.58
N SER WA 1 29.04 -44.36 -33.08
CA SER WA 1 28.28 -44.85 -31.88
C SER WA 1 26.78 -44.54 -31.91
N ASP WA 2 26.37 -43.50 -32.64
CA ASP WA 2 24.96 -43.13 -32.84
C ASP WA 2 24.22 -44.31 -33.49
N TRP WA 3 23.68 -45.22 -32.67
CA TRP WA 3 23.11 -46.47 -33.19
C TRP WA 3 21.69 -46.79 -32.80
N ASN WA 4 20.91 -47.10 -33.83
CA ASN WA 4 19.53 -46.63 -34.07
C ASN WA 4 19.12 -45.34 -33.42
N LEU WA 5 20.07 -44.59 -32.85
CA LEU WA 5 19.63 -43.28 -32.37
C LEU WA 5 20.10 -42.04 -33.17
N TRP WA 6 19.28 -41.84 -34.20
CA TRP WA 6 19.44 -41.01 -35.37
C TRP WA 6 18.42 -39.95 -35.18
N VAL WA 7 17.59 -40.18 -34.17
CA VAL WA 7 16.51 -39.29 -33.77
C VAL WA 7 16.93 -37.81 -33.78
N PRO WA 8 18.04 -37.45 -33.06
CA PRO WA 8 18.42 -36.05 -33.05
C PRO WA 8 18.96 -35.62 -34.40
N LEU WA 9 19.65 -36.53 -35.09
CA LEU WA 9 20.18 -36.24 -36.43
C LEU WA 9 19.07 -35.99 -37.44
N GLY WA 10 18.01 -36.76 -37.31
CA GLY WA 10 16.82 -36.59 -38.12
C GLY WA 10 16.20 -35.24 -37.85
N ILE WA 11 15.93 -34.96 -36.58
CA ILE WA 11 15.30 -33.70 -36.24
C ILE WA 11 16.19 -32.53 -36.63
N LEU WA 12 17.48 -32.61 -36.34
CA LEU WA 12 18.42 -31.51 -36.61
C LEU WA 12 18.71 -31.35 -38.10
N GLY WA 13 18.88 -32.49 -38.77
CA GLY WA 13 19.38 -32.50 -40.13
C GLY WA 13 18.40 -32.18 -41.22
N ILE WA 14 17.21 -32.77 -41.15
CA ILE WA 14 16.25 -32.63 -42.22
C ILE WA 14 15.90 -31.17 -42.45
N PRO WA 15 15.53 -30.43 -41.39
CA PRO WA 15 15.24 -29.04 -41.64
C PRO WA 15 16.46 -28.28 -42.15
N THR WA 16 17.65 -28.61 -41.64
CA THR WA 16 18.86 -27.92 -42.09
C THR WA 16 19.01 -27.95 -43.61
N ILE WA 17 18.55 -29.04 -44.21
CA ILE WA 17 18.61 -29.25 -45.64
C ILE WA 17 17.54 -28.41 -46.36
N TRP WA 18 16.29 -28.58 -45.98
CA TRP WA 18 15.25 -27.89 -46.69
C TRP WA 18 15.27 -26.40 -46.40
N ILE WA 19 15.90 -26.00 -45.30
CA ILE WA 19 16.14 -24.59 -45.08
C ILE WA 19 17.13 -24.10 -46.10
N ALA WA 20 18.15 -24.91 -46.38
CA ALA WA 20 19.13 -24.58 -47.39
C ALA WA 20 18.54 -24.41 -48.80
N LEU WA 21 17.43 -25.10 -49.06
CA LEU WA 21 16.97 -25.28 -50.43
C LEU WA 21 15.71 -24.53 -50.83
N THR WA 22 14.95 -24.09 -49.83
CA THR WA 22 13.69 -23.43 -50.08
C THR WA 22 13.92 -21.93 -50.17
N TYR WA 23 14.98 -21.44 -49.55
CA TYR WA 23 15.16 -20.01 -49.45
C TYR WA 23 16.45 -19.52 -50.10
N ARG WA 24 16.43 -19.52 -51.43
CA ARG WA 24 17.56 -19.04 -52.22
C ARG WA 24 17.12 -17.92 -53.16
N SER XA 1 45.95 -35.15 -22.41
CA SER XA 1 44.77 -35.73 -21.67
C SER XA 1 43.45 -35.74 -22.48
N ASP XA 2 43.27 -34.71 -23.33
CA ASP XA 2 42.04 -34.45 -24.14
C ASP XA 2 41.83 -35.58 -25.16
N TRP XA 3 41.31 -36.73 -24.73
CA TRP XA 3 41.24 -37.87 -25.67
C TRP XA 3 39.87 -38.51 -25.86
N ASN XA 4 39.52 -38.60 -27.16
CA ASN XA 4 38.20 -38.25 -27.72
C ASN XA 4 37.37 -37.37 -26.86
N LEU XA 5 38.01 -36.44 -26.14
CA LEU XA 5 37.23 -35.33 -25.61
C LEU XA 5 37.63 -33.93 -26.15
N TRP XA 6 37.22 -33.84 -27.41
CA TRP XA 6 37.46 -32.87 -28.43
C TRP XA 6 36.18 -32.12 -28.61
N VAL XA 7 35.12 -32.67 -28.05
CA VAL XA 7 33.86 -31.98 -27.80
C VAL XA 7 34.01 -30.45 -27.66
N PRO XA 8 34.82 -29.94 -26.66
CA PRO XA 8 34.90 -28.48 -26.46
C PRO XA 8 35.61 -27.78 -27.62
N LEU XA 9 36.67 -28.40 -28.14
CA LEU XA 9 37.43 -27.86 -29.26
C LEU XA 9 36.59 -27.84 -30.51
N GLY XA 10 35.71 -28.84 -30.64
CA GLY XA 10 34.72 -28.89 -31.72
C GLY XA 10 33.78 -27.70 -31.65
N ILE XA 11 33.16 -27.55 -30.50
CA ILE XA 11 32.23 -26.46 -30.32
C ILE XA 11 32.93 -25.10 -30.44
N LEU XA 12 34.12 -24.96 -29.84
CA LEU XA 12 34.83 -23.68 -29.85
C LEU XA 12 35.50 -23.41 -31.19
N GLY XA 13 35.93 -24.49 -31.82
CA GLY XA 13 36.84 -24.44 -32.96
C GLY XA 13 36.17 -24.27 -34.29
N ILE XA 14 35.09 -25.01 -34.53
CA ILE XA 14 34.43 -24.93 -35.82
C ILE XA 14 33.94 -23.50 -36.11
N PRO XA 15 33.14 -22.91 -35.20
CA PRO XA 15 32.60 -21.60 -35.52
C PRO XA 15 33.70 -20.61 -35.76
N THR XA 16 34.79 -20.76 -35.03
CA THR XA 16 35.94 -19.87 -35.09
C THR XA 16 36.46 -19.77 -36.53
N ILE XA 17 36.45 -20.90 -37.24
CA ILE XA 17 36.94 -20.96 -38.62
C ILE XA 17 35.92 -20.39 -39.60
N TRP XA 18 34.67 -20.80 -39.50
CA TRP XA 18 33.69 -20.20 -40.36
C TRP XA 18 33.36 -18.74 -40.04
N ILE XA 19 33.60 -18.28 -38.81
CA ILE XA 19 33.51 -16.83 -38.53
C ILE XA 19 34.63 -16.10 -39.25
N ALA XA 20 35.82 -16.67 -39.17
CA ALA XA 20 36.96 -16.16 -39.90
C ALA XA 20 36.71 -15.97 -41.40
N LEU XA 21 35.87 -16.83 -42.00
CA LEU XA 21 35.83 -16.95 -43.46
C LEU XA 21 34.59 -16.41 -44.17
N THR XA 22 33.46 -16.43 -43.48
CA THR XA 22 32.20 -15.96 -44.01
C THR XA 22 32.17 -14.44 -44.08
N TYR XA 23 32.89 -13.78 -43.17
CA TYR XA 23 32.79 -12.33 -43.08
C TYR XA 23 34.14 -11.71 -43.30
N ARG XA 24 34.47 -11.53 -44.58
CA ARG XA 24 35.66 -10.79 -44.98
C ARG XA 24 35.32 -9.72 -46.01
N SER YA 1 56.95 -22.46 -8.68
CA SER YA 1 55.95 -23.48 -8.23
C SER YA 1 54.83 -23.79 -9.28
N ASP YA 2 54.65 -22.90 -10.28
CA ASP YA 2 53.69 -23.02 -11.43
C ASP YA 2 53.98 -24.29 -12.22
N TRP YA 3 53.64 -25.49 -11.75
CA TRP YA 3 54.17 -26.58 -12.52
C TRP YA 3 53.24 -27.43 -13.34
N ASN YA 4 53.44 -27.29 -14.64
CA ASN YA 4 52.38 -27.11 -15.62
C ASN YA 4 51.15 -26.40 -15.06
N LEU YA 5 51.38 -25.43 -14.17
CA LEU YA 5 50.29 -24.48 -13.92
C LEU YA 5 50.64 -23.02 -14.24
N TRP YA 6 51.11 -22.96 -15.47
CA TRP YA 6 51.13 -21.88 -16.42
C TRP YA 6 49.77 -21.40 -16.85
N VAL YA 7 48.73 -22.13 -16.48
CA VAL YA 7 47.37 -21.79 -16.85
C VAL YA 7 47.07 -20.28 -16.72
N PRO YA 8 47.29 -19.69 -15.51
CA PRO YA 8 47.05 -18.25 -15.35
C PRO YA 8 47.92 -17.40 -16.25
N LEU YA 9 49.21 -17.77 -16.39
CA LEU YA 9 50.15 -17.01 -17.24
C LEU YA 9 49.76 -17.06 -18.70
N GLY YA 10 49.23 -18.20 -19.11
CA GLY YA 10 48.66 -18.37 -20.42
C GLY YA 10 47.48 -17.45 -20.63
N ILE YA 11 46.47 -17.58 -19.79
CA ILE YA 11 45.32 -16.72 -19.92
C ILE YA 11 45.69 -15.23 -19.84
N LEU YA 12 46.61 -14.87 -18.94
CA LEU YA 12 46.97 -13.48 -18.78
C LEU YA 12 47.84 -13.00 -19.93
N GLY YA 13 48.79 -13.85 -20.31
CA GLY YA 13 49.90 -13.49 -21.18
C GLY YA 13 49.56 -13.38 -22.64
N ILE YA 14 48.79 -14.35 -23.12
CA ILE YA 14 48.45 -14.40 -24.52
C ILE YA 14 47.76 -13.12 -25.01
N PRO YA 15 46.61 -12.77 -24.40
CA PRO YA 15 45.94 -11.54 -24.81
C PRO YA 15 46.84 -10.33 -24.67
N THR YA 16 47.72 -10.38 -23.67
CA THR YA 16 48.61 -9.27 -23.40
C THR YA 16 49.39 -8.95 -24.66
N ILE YA 17 49.84 -9.98 -25.35
CA ILE YA 17 50.68 -9.82 -26.51
C ILE YA 17 49.90 -9.33 -27.72
N TRP YA 18 48.81 -10.00 -28.06
CA TRP YA 18 48.08 -9.56 -29.22
C TRP YA 18 47.37 -8.22 -29.02
N ILE YA 19 47.18 -7.79 -27.78
CA ILE YA 19 46.67 -6.45 -27.51
C ILE YA 19 47.76 -5.45 -27.85
N ALA YA 20 48.99 -5.83 -27.57
CA ALA YA 20 50.14 -5.04 -27.96
C ALA YA 20 50.21 -4.87 -29.47
N LEU YA 21 49.84 -5.89 -30.23
CA LEU YA 21 50.26 -5.97 -31.62
C LEU YA 21 49.23 -5.61 -32.67
N THR YA 22 47.98 -5.87 -32.31
CA THR YA 22 46.82 -5.60 -33.13
C THR YA 22 46.56 -4.10 -33.23
N TYR YA 23 46.99 -3.34 -32.22
CA TYR YA 23 46.56 -1.96 -32.11
C TYR YA 23 47.70 -0.96 -32.18
N ARG YA 24 48.62 -1.23 -33.09
CA ARG YA 24 49.74 -0.34 -33.37
C ARG YA 24 49.46 0.56 -34.58
N SER ZA 1 62.50 -8.22 6.88
CA SER ZA 1 61.39 -8.98 7.53
C SER ZA 1 60.36 -9.59 6.54
N ASP ZA 2 60.05 -8.87 5.45
CA ASP ZA 2 59.29 -9.41 4.29
C ASP ZA 2 60.06 -10.64 3.82
N TRP ZA 3 59.51 -11.84 4.01
CA TRP ZA 3 60.34 -13.00 3.71
C TRP ZA 3 60.05 -13.92 2.54
N ASN ZA 4 60.64 -13.55 1.40
CA ASN ZA 4 60.00 -13.60 0.08
C ASN ZA 4 58.55 -13.11 0.17
N LEU ZA 5 58.25 -12.23 1.12
CA LEU ZA 5 56.93 -11.58 1.08
C LEU ZA 5 57.03 -10.06 0.81
N TRP ZA 6 57.72 -9.92 -0.30
CA TRP ZA 6 57.83 -8.83 -1.20
C TRP ZA 6 56.62 -8.70 -2.09
N VAL ZA 7 55.72 -9.66 -2.05
CA VAL ZA 7 54.42 -9.56 -2.69
C VAL ZA 7 53.81 -8.13 -2.64
N PRO ZA 8 53.59 -7.54 -1.42
CA PRO ZA 8 52.96 -6.20 -1.43
C PRO ZA 8 53.90 -5.13 -1.97
N LEU ZA 9 55.20 -5.26 -1.65
CA LEU ZA 9 56.23 -4.39 -2.20
C LEU ZA 9 56.23 -4.39 -3.71
N GLY ZA 10 56.16 -5.59 -4.28
CA GLY ZA 10 56.02 -5.79 -5.71
C GLY ZA 10 54.78 -5.12 -6.25
N ILE ZA 11 53.63 -5.48 -5.68
CA ILE ZA 11 52.37 -4.90 -6.15
C ILE ZA 11 52.38 -3.37 -6.02
N LEU ZA 12 52.82 -2.86 -4.88
CA LEU ZA 12 52.81 -1.41 -4.63
C LEU ZA 12 53.89 -0.72 -5.44
N GLY ZA 13 55.05 -1.37 -5.47
CA GLY ZA 13 56.26 -0.78 -6.01
C GLY ZA 13 56.26 -0.61 -7.51
N ILE ZA 14 55.96 -1.68 -8.23
CA ILE ZA 14 56.13 -1.68 -9.67
C ILE ZA 14 55.38 -0.54 -10.38
N PRO ZA 15 54.05 -0.45 -10.17
CA PRO ZA 15 53.32 0.62 -10.85
C PRO ZA 15 53.82 1.98 -10.43
N THR ZA 16 54.21 2.12 -9.16
CA THR ZA 16 54.80 3.36 -8.68
C THR ZA 16 55.84 3.86 -9.68
N ILE ZA 17 56.70 2.96 -10.16
CA ILE ZA 17 57.84 3.32 -10.97
C ILE ZA 17 57.42 3.64 -12.39
N TRP ZA 18 56.60 2.80 -13.00
CA TRP ZA 18 56.20 3.12 -14.35
C TRP ZA 18 55.16 4.22 -14.42
N ILE ZA 19 54.50 4.54 -13.31
CA ILE ZA 19 53.63 5.71 -13.25
C ILE ZA 19 54.51 6.94 -13.28
N ALA ZA 20 55.64 6.83 -12.60
CA ALA ZA 20 56.66 7.86 -12.65
C ALA ZA 20 57.11 8.11 -14.07
N LEU ZA 21 57.32 7.04 -14.82
CA LEU ZA 21 58.13 7.16 -16.01
C LEU ZA 21 57.41 7.35 -17.33
N THR ZA 22 56.16 6.93 -17.36
CA THR ZA 22 55.37 6.96 -18.58
C THR ZA 22 54.78 8.34 -18.82
N TYR ZA 23 54.60 9.12 -17.78
CA TYR ZA 23 53.92 10.39 -17.94
C TYR ZA 23 54.82 11.55 -17.55
N ARG ZA 24 55.78 11.84 -18.41
CA ARG ZA 24 56.71 12.95 -18.22
C ARG ZA 24 56.63 13.94 -19.38
N SER AB 1 57.09 4.78 25.31
CA SER AB 1 56.50 3.42 25.08
C SER AB 1 56.50 3.02 23.58
N ASP AB 2 56.45 4.02 22.69
CA ASP AB 2 56.36 3.92 21.19
C ASP AB 2 57.56 3.13 20.65
N TRP AB 3 57.65 1.82 20.90
CA TRP AB 3 58.93 1.18 20.61
C TRP AB 3 58.96 0.12 19.52
N ASN AB 4 59.78 0.40 18.51
CA ASN AB 4 59.39 0.20 17.10
C ASN AB 4 57.91 0.15 16.90
N LEU AB 5 57.17 0.99 17.65
CA LEU AB 5 55.88 1.41 17.11
C LEU AB 5 55.79 2.96 16.88
N TRP AB 6 56.48 3.31 15.79
CA TRP AB 6 56.64 4.58 15.11
C TRP AB 6 55.69 4.59 13.97
N VAL AB 7 55.11 3.42 13.72
CA VAL AB 7 54.07 3.26 12.72
C VAL AB 7 53.11 4.46 12.56
N PRO AB 8 52.45 4.91 13.66
CA PRO AB 8 51.57 6.07 13.51
C PRO AB 8 52.34 7.33 13.15
N LEU AB 9 53.49 7.55 13.79
CA LEU AB 9 54.33 8.71 13.48
C LEU AB 9 54.77 8.72 12.03
N GLY AB 10 54.98 7.52 11.48
CA GLY AB 10 55.33 7.36 10.08
C GLY AB 10 54.22 7.86 9.21
N ILE AB 11 53.06 7.24 9.37
CA ILE AB 11 51.91 7.58 8.56
C ILE AB 11 51.51 9.06 8.74
N LEU AB 12 51.68 9.61 9.93
CA LEU AB 12 51.28 10.99 10.20
C LEU AB 12 52.32 11.99 9.76
N GLY AB 13 53.57 11.65 10.02
CA GLY AB 13 54.68 12.58 9.83
C GLY AB 13 55.16 12.76 8.40
N ILE AB 14 55.31 11.65 7.70
CA ILE AB 14 55.91 11.72 6.39
C ILE AB 14 55.13 12.70 5.50
N PRO AB 15 53.81 12.49 5.35
CA PRO AB 15 52.99 13.40 4.54
C PRO AB 15 53.12 14.81 5.02
N THR AB 16 53.15 14.98 6.34
CA THR AB 16 53.26 16.30 6.90
C THR AB 16 54.41 17.07 6.28
N ILE AB 17 55.54 16.39 6.10
CA ILE AB 17 56.75 17.02 5.59
C ILE AB 17 56.65 17.32 4.11
N TRP AB 18 56.28 16.34 3.31
CA TRP AB 18 56.24 16.60 1.90
C TRP AB 18 55.06 17.49 1.52
N ILE AB 19 54.07 17.61 2.41
CA ILE AB 19 53.02 18.60 2.18
C ILE AB 19 53.62 19.98 2.38
N ALA AB 20 54.52 20.08 3.35
CA ALA AB 20 55.27 21.29 3.53
C ALA AB 20 55.94 21.73 2.24
N LEU AB 21 56.72 20.84 1.66
CA LEU AB 21 57.75 21.24 0.70
C LEU AB 21 57.34 21.27 -0.77
N THR AB 22 56.41 20.39 -1.12
CA THR AB 22 55.93 20.25 -2.49
C THR AB 22 55.12 21.45 -2.92
N TYR AB 23 54.46 22.11 -1.99
CA TYR AB 23 53.55 23.15 -2.38
C TYR AB 23 54.00 24.53 -1.92
N ARG AB 24 55.22 24.88 -2.32
CA ARG AB 24 55.79 26.16 -1.99
C ARG AB 24 56.01 26.99 -3.25
N SER BB 1 30.09 26.76 50.21
CA SER BB 1 29.79 25.29 50.05
C SER BB 1 30.44 24.65 48.80
N ASP BB 2 30.58 25.43 47.71
CA ASP BB 2 31.35 25.05 46.51
C ASP BB 2 32.79 24.79 46.94
N TRP BB 3 33.17 23.54 47.18
CA TRP BB 3 34.55 23.34 47.67
C TRP BB 3 35.52 22.64 46.75
N ASN BB 4 36.35 23.48 46.13
CA ASN BB 4 36.91 23.31 44.79
C ASN BB 4 35.88 22.75 43.82
N LEU BB 5 34.62 23.14 44.07
CA LEU BB 5 33.54 22.93 43.11
C LEU BB 5 32.99 24.31 42.70
N TRP BB 6 33.98 24.99 42.13
CA TRP BB 6 34.04 26.29 41.52
C TRP BB 6 33.72 26.13 40.07
N VAL BB 7 33.69 24.87 39.65
CA VAL BB 7 33.40 24.44 38.30
C VAL BB 7 32.22 25.17 37.61
N PRO BB 8 31.02 25.22 38.27
CA PRO BB 8 29.91 25.94 37.61
C PRO BB 8 30.15 27.45 37.54
N LEU BB 9 30.75 28.00 38.59
CA LEU BB 9 31.10 29.43 38.70
C LEU BB 9 32.16 29.79 37.67
N GLY BB 10 33.11 28.88 37.48
CA GLY BB 10 34.07 28.96 36.40
C GLY BB 10 33.39 28.99 35.04
N ILE BB 11 32.54 28.01 34.78
CA ILE BB 11 31.89 27.96 33.47
C ILE BB 11 30.97 29.18 33.24
N LEU BB 12 30.19 29.55 34.25
CA LEU BB 12 29.18 30.60 34.06
C LEU BB 12 29.80 31.98 34.16
N GLY BB 13 30.82 32.08 35.00
CA GLY BB 13 31.43 33.34 35.41
C GLY BB 13 32.44 33.86 34.43
N ILE BB 14 33.29 32.99 33.91
CA ILE BB 14 34.37 33.43 33.03
C ILE BB 14 33.84 34.16 31.79
N PRO BB 15 32.92 33.52 31.01
CA PRO BB 15 32.34 34.18 29.84
C PRO BB 15 31.64 35.47 30.21
N THR BB 16 30.94 35.46 31.34
CA THR BB 16 30.22 36.62 31.82
C THR BB 16 31.14 37.85 31.88
N ILE BB 17 32.38 37.65 32.32
CA ILE BB 17 33.36 38.72 32.43
C ILE BB 17 33.92 39.11 31.06
N TRP BB 18 34.34 38.14 30.26
CA TRP BB 18 34.87 38.51 28.96
C TRP BB 18 33.79 38.97 27.94
N ILE BB 19 32.53 38.59 28.15
CA ILE BB 19 31.43 39.20 27.38
C ILE BB 19 31.37 40.66 27.74
N ALA BB 20 31.44 40.93 29.05
CA ALA BB 20 31.45 42.29 29.59
C ALA BB 20 32.46 43.21 28.94
N LEU BB 21 33.59 42.67 28.50
CA LEU BB 21 34.73 43.49 28.17
C LEU BB 21 35.12 43.52 26.71
N THR BB 22 34.66 42.55 25.95
CA THR BB 22 35.06 42.44 24.57
C THR BB 22 34.18 43.32 23.70
N TYR BB 23 32.93 43.52 24.10
CA TYR BB 23 32.01 44.25 23.26
C TYR BB 23 31.53 45.49 23.99
N ARG BB 24 32.45 46.44 24.10
CA ARG BB 24 32.17 47.77 24.60
C ARG BB 24 32.47 48.79 23.50
FE HEC CB . -19.05 -45.01 43.24
CHA HEC CB . -17.02 -47.63 43.65
CHB HEC CB . -20.26 -45.42 46.41
CHC HEC CB . -20.90 -42.17 42.91
CHD HEC CB . -18.03 -44.67 40.02
NA HEC CB . -18.73 -46.28 44.72
C1A HEC CB . -17.88 -47.33 44.66
C2A HEC CB . -18.05 -48.12 45.81
C3A HEC CB . -18.95 -47.50 46.60
C4A HEC CB . -19.34 -46.32 45.94
CMA HEC CB . -19.40 -48.00 47.94
CAA HEC CB . -17.36 -49.42 46.14
CBA HEC CB . -18.17 -50.54 45.46
CGA HEC CB . -18.08 -51.77 46.31
O1A HEC CB . -17.27 -52.68 46.03
O2A HEC CB . -18.81 -51.88 47.32
NB HEC CB . -20.37 -43.99 44.45
C1B HEC CB . -20.68 -44.31 45.70
C2B HEC CB . -21.57 -43.35 46.22
C3B HEC CB . -21.76 -42.41 45.26
C4B HEC CB . -20.95 -42.86 44.11
CMB HEC CB . -22.16 -43.41 47.59
CAB HEC CB . -22.58 -41.20 45.25
CBB HEC CB . -22.84 -40.51 46.34
NC HEC CB . -19.44 -43.68 41.71
C1C HEC CB . -20.22 -42.60 41.78
C2C HEC CB . -20.26 -41.97 40.51
C3C HEC CB . -19.43 -42.68 39.67
C4C HEC CB . -18.90 -43.74 40.47
CMC HEC CB . -21.07 -40.73 40.17
CAC HEC CB . -19.14 -42.44 38.22
CBC HEC CB . -19.01 -41.26 37.59
ND HEC CB . -17.84 -45.93 42.11
C1D HEC CB . -17.49 -45.64 40.85
C2D HEC CB . -16.46 -46.56 40.35
C3D HEC CB . -16.19 -47.39 41.37
C4D HEC CB . -17.05 -46.96 42.46
CMD HEC CB . -15.83 -46.59 38.97
CAD HEC CB . -15.17 -48.51 41.37
CBD HEC CB . -13.86 -47.86 41.82
CGD HEC CB . -12.66 -48.77 41.87
O1D HEC CB . -11.58 -48.35 42.37
O2D HEC CB . -12.71 -49.94 41.43
FE HEC DB . -14.30 -38.25 31.69
CHA HEC DB . -16.30 -39.63 29.35
CHB HEC DB . -16.08 -39.76 34.15
CHC HEC DB . -11.95 -37.23 34.01
CHD HEC DB . -12.72 -36.47 29.35
NA HEC DB . -15.90 -39.42 31.74
C1A HEC DB . -16.59 -39.87 30.65
C2A HEC DB . -17.72 -40.59 31.09
C3A HEC DB . -17.65 -40.63 32.45
C4A HEC DB . -16.49 -39.94 32.84
CMA HEC DB . -18.64 -41.33 33.37
CAA HEC DB . -18.79 -41.23 30.26
CBA HEC DB . -20.10 -40.45 30.39
CGA HEC DB . -21.03 -40.59 29.20
O1A HEC DB . -22.25 -40.35 29.34
O2A HEC DB . -20.63 -40.91 28.07
NB HEC DB . -14.07 -38.44 33.74
C1B HEC DB . -14.88 -39.13 34.53
C2B HEC DB . -14.38 -39.11 35.86
C3B HEC DB . -13.21 -38.40 35.85
C4B HEC DB . -13.03 -37.99 34.45
CMB HEC DB . -15.02 -39.74 37.07
CAB HEC DB . -12.34 -38.13 37.02
CBB HEC DB . -11.91 -39.11 37.86
NC HEC DB . -12.65 -37.01 31.68
C1C HEC DB . -11.80 -36.76 32.71
C2C HEC DB . -10.79 -35.91 32.22
C3C HEC DB . -11.01 -35.70 30.88
C4C HEC DB . -12.18 -36.42 30.57
CMC HEC DB . -9.65 -35.34 32.99
CAC HEC DB . -10.21 -34.92 29.94
CBC HEC DB . -8.90 -34.81 30.10
ND HEC DB . -14.50 -38.09 29.82
C1D HEC DB . -13.72 -37.34 29.02
C2D HEC DB . -14.09 -37.49 27.63
C3D HEC DB . -15.09 -38.36 27.60
C4D HEC DB . -15.32 -38.75 29.00
CMD HEC DB . -13.48 -36.79 26.45
CAD HEC DB . -15.74 -38.80 26.30
CBD HEC DB . -17.07 -38.13 26.13
CGD HEC DB . -18.07 -39.15 26.55
O1D HEC DB . -17.74 -40.37 26.63
O2D HEC DB . -19.23 -38.79 26.82
FE HEC EB . 3.98 -22.45 17.42
CHA HEC EB . 5.98 -24.91 16.34
CHB HEC EB . 4.20 -20.87 14.36
CHC HEC EB . 1.51 -20.26 18.35
CHD HEC EB . 4.09 -23.69 20.57
NA HEC EB . 4.94 -22.79 15.71
C1A HEC EB . 5.70 -23.90 15.47
C2A HEC EB . 6.23 -23.82 14.14
C3A HEC EB . 5.73 -22.68 13.57
C4A HEC EB . 4.91 -22.05 14.55
CMA HEC EB . 6.00 -22.20 12.18
CAA HEC EB . 7.13 -24.83 13.49
CBA HEC EB . 8.60 -24.43 13.69
CGA HEC EB . 9.54 -25.46 13.12
O1A HEC EB . 9.42 -25.88 11.95
O2A HEC EB . 10.50 -25.86 13.81
NB HEC EB . 3.02 -20.83 16.52
C1B HEC EB . 3.23 -20.42 15.26
C2B HEC EB . 2.33 -19.36 15.00
C3B HEC EB . 1.59 -19.19 16.13
C4B HEC EB . 2.04 -20.16 17.09
CMB HEC EB . 2.25 -18.53 13.73
CAB HEC EB . 0.49 -18.26 16.35
CBB HEC EB . -0.50 -18.36 15.45
NC HEC EB . 2.99 -22.02 19.18
C1C HEC EB . 2.05 -21.07 19.35
C2C HEC EB . 1.74 -21.00 20.74
C3C HEC EB . 2.48 -21.99 21.39
C4C HEC EB . 3.23 -22.64 20.36
CMC HEC EB . 0.79 -20.07 21.43
CAC HEC EB . 2.42 -22.28 22.84
CBC HEC EB . 1.26 -22.37 23.51
ND HEC EB . 4.84 -23.92 18.25
C1D HEC EB . 4.74 -24.30 19.53
C2D HEC EB . 5.52 -25.51 19.77
C3D HEC EB . 6.03 -25.86 18.59
C4D HEC EB . 5.59 -24.85 17.65
CMD HEC EB . 5.68 -26.26 21.07
CAD HEC EB . 6.90 -27.05 18.32
CBD HEC EB . 6.10 -28.36 18.48
CGD HEC EB . 6.93 -29.61 18.21
O1D HEC EB . 6.42 -30.60 17.64
O2D HEC EB . 8.15 -29.71 18.53
FE HEC FB . -2.17 -27.19 29.08
CHA HEC FB . -0.68 -25.25 31.41
CHB HEC FB . -0.66 -25.40 26.61
CHC HEC FB . -3.44 -29.33 26.74
CHD HEC FB . -3.84 -28.87 31.49
NA HEC FB . -0.94 -25.64 29.02
C1A HEC FB . -0.38 -25.02 30.11
C2A HEC FB . 0.48 -23.99 29.68
C3A HEC FB . 0.47 -24.03 28.31
C4A HEC FB . -0.39 -25.07 27.91
CMA HEC FB . 1.26 -23.15 27.37
CAA HEC FB . 1.27 -23.07 30.58
CBA HEC FB . 0.85 -21.60 30.49
CGA HEC FB . 1.51 -20.76 31.56
O1A HEC FB . 2.56 -21.12 32.16
O2A HEC FB . 1.00 -19.65 31.86
NB HEC FB . -2.08 -27.33 27.03
C1B HEC FB . -1.39 -26.51 26.24
C2B HEC FB . -1.50 -26.94 24.88
C3B HEC FB . -2.28 -28.06 24.91
C4B HEC FB . -2.63 -28.31 26.33
CMB HEC FB . -0.88 -26.31 23.63
CAB HEC FB . -2.61 -28.89 23.73
CBB HEC FB . -1.57 -29.46 23.08
NC HEC FB . -3.47 -28.79 29.11
C1C HEC FB . -3.85 -29.52 28.05
C2C HEC FB . -4.73 -30.51 28.51
C3C HEC FB . -4.86 -30.41 29.89
C4C HEC FB . -4.02 -29.32 30.23
CMC HEC FB . -5.42 -31.54 27.63
CAC HEC FB . -5.68 -31.25 30.81
CBC HEC FB . -5.75 -32.59 30.78
ND HEC FB . -2.25 -27.06 30.98
C1D HEC FB . -2.96 -27.85 31.80
C2D HEC FB . -2.76 -27.48 33.21
C3D HEC FB . -1.89 -26.46 33.22
C4D HEC FB . -1.59 -26.22 31.79
CMD HEC FB . -3.40 -28.10 34.41
CAD HEC FB . -1.44 -25.75 34.49
CBD HEC FB . 0.02 -25.88 34.85
CGD HEC FB . 0.55 -24.54 35.33
O1D HEC FB . 1.37 -23.88 34.65
O2D HEC FB . 0.15 -24.09 36.43
MG BCB GB . 1.86 -4.82 6.15
CHA BCB GB . 1.24 -1.69 7.42
CHB BCB GB . 1.83 -3.44 2.97
CHC BCB GB . 2.29 -8.06 4.95
CHD BCB GB . 2.25 -6.15 9.43
NA BCB GB . 1.56 -2.97 5.35
C1A BCB GB . 1.30 -1.87 5.97
C2A BCB GB . 1.09 -0.72 5.07
C3A BCB GB . 1.65 -1.18 3.77
C4A BCB GB . 1.68 -2.64 4.03
CMA BCB GB . 0.68 -0.80 2.67
CAA BCB GB . 1.79 0.55 5.47
CBA BCB GB . 3.29 0.45 5.57
CGA BCB GB . 3.69 1.46 6.64
O1A BCB GB . 3.10 1.53 7.70
O2A BCB GB . 4.79 2.38 6.36
NB BCB GB . 2.07 -5.59 4.25
C1B BCB GB . 1.90 -4.89 3.03
C2B BCB GB . 2.02 -5.81 1.91
C3B BCB GB . 2.16 -7.12 2.55
C4B BCB GB . 2.16 -6.98 3.99
CMB BCB GB . 1.91 -5.47 0.47
CAB BCB GB . 2.23 -8.42 1.89
OBB BCB GB . 2.07 -9.46 2.52
CBB BCB GB . 2.46 -8.32 0.43
NC BCB GB . 2.14 -6.67 6.96
C1C BCB GB . 2.36 -7.87 6.39
C2C BCB GB . 2.63 -9.12 7.12
C3C BCB GB . 2.63 -8.41 8.37
C4C BCB GB . 2.32 -7.00 8.26
CMC BCB GB . 1.34 -9.90 7.12
CAC BCB GB . 2.90 -9.10 9.67
CBC BCB GB . 3.23 -10.57 9.82
ND BCB GB . 1.78 -4.08 8.01
C1D BCB GB . 1.83 -4.77 9.27
C2D BCB GB . 1.64 -3.79 10.34
C3D BCB GB . 1.36 -2.60 9.54
C4D BCB GB . 1.43 -2.84 8.25
CMD BCB GB . 1.58 -3.88 11.84
CAD BCB GB . 1.06 -1.20 9.64
OBD BCB GB . 0.85 -0.68 10.77
CBD BCB GB . 0.92 -0.55 8.29
CGD BCB GB . -0.54 -0.40 8.17
O1D BCB GB . -0.99 0.53 7.55
O2D BCB GB . -1.38 -1.41 8.83
CED BCB GB . -2.77 -1.54 8.58
C1 BCB GB . 5.47 3.05 7.42
C2 BCB GB . 6.09 4.34 6.93
C3 BCB GB . 6.16 5.43 7.69
C4 BCB GB . 5.60 5.44 9.09
C5 BCB GB . 6.75 6.71 7.14
C6 BCB GB . 8.24 6.89 7.41
C7 BCB GB . 8.67 8.07 6.53
C8 BCB GB . 9.07 9.34 7.29
C9 BCB GB . 7.92 10.32 7.45
C10 BCB GB . 10.20 10.08 6.58
C11 BCB GB . 11.49 9.33 6.72
C12 BCB GB . 12.67 10.18 6.26
C13 BCB GB . 13.96 9.42 6.54
C14 BCB GB . 14.26 9.25 8.03
C15 BCB GB . 15.05 10.22 5.87
C16 BCB GB . 16.24 9.33 5.72
C17 BCB GB . 16.49 9.30 4.23
C18 BCB GB . 17.82 9.92 3.81
C19 BCB GB . 18.41 10.90 4.83
C20 BCB GB . 17.64 10.62 2.47
MG BCB HB . 10.76 0.75 6.85
CHA BCB HB . 12.39 -1.32 4.62
CHB BCB HB . 13.38 3.01 6.39
CHC BCB HB . 9.19 2.76 9.17
CHD BCB HB . 8.04 -1.56 7.11
NA BCB HB . 12.53 0.81 5.81
C1A BCB HB . 12.97 -0.02 4.91
C2A BCB HB . 14.18 0.44 4.18
C3A BCB HB . 14.70 1.53 5.07
C4A BCB HB . 13.47 1.81 5.85
CMA BCB HB . 15.74 1.02 6.07
CAA BCB HB . 13.75 0.95 2.83
CBA BCB HB . 12.94 2.25 2.85
CGA BCB HB . 12.53 2.78 1.47
O1A BCB HB . 13.17 2.49 0.47
O2A BCB HB . 11.36 3.67 1.31
NB BCB HB . 11.19 2.59 7.64
C1B BCB HB . 12.37 3.38 7.38
C2B BCB HB . 12.22 4.72 7.99
C3B BCB HB . 10.97 4.64 8.79
C4B BCB HB . 10.47 3.25 8.68
CMB BCB HB . 13.17 5.87 7.90
CAB BCB HB . 10.50 5.74 9.67
OBB BCB HB . 10.93 6.89 9.59
CBB BCB HB . 9.47 5.42 10.68
NC BCB HB . 9.03 0.65 7.91
C1C BCB HB . 8.52 1.51 8.81
C2C BCB HB . 7.25 1.28 9.52
C3C BCB HB . 6.99 0.03 8.80
C4C BCB HB . 8.06 -0.32 7.89
CMC BCB HB . 7.56 0.88 10.94
CAC BCB HB . 5.82 -0.87 8.98
CBC BCB HB . 4.62 -0.67 9.89
ND BCB HB . 10.29 -1.03 5.96
C1D BCB HB . 9.21 -1.95 6.33
C2D BCB HB . 9.44 -3.20 5.59
C3D BCB HB . 10.73 -2.91 4.91
C4D BCB HB . 11.21 -1.74 5.29
CMD BCB HB . 8.67 -4.47 5.55
CAD BCB HB . 11.80 -3.49 4.09
OBD BCB HB . 11.80 -4.68 3.61
CBD BCB HB . 12.85 -2.46 3.84
CGD BCB HB . 14.14 -2.90 4.30
O1D BCB HB . 15.08 -2.64 3.61
O2D BCB HB . 14.31 -3.66 5.50
CED BCB HB . 15.50 -4.43 5.64
C1 BCB HB . 11.11 4.56 0.19
C2 BCB HB . 12.13 5.66 0.11
C3 BCB HB . 13.18 5.75 -0.75
C4 BCB HB . 13.52 4.77 -1.85
C5 BCB HB . 14.05 6.97 -0.62
C6 BCB HB . 15.31 6.64 0.19
C7 BCB HB . 15.05 6.18 1.62
C8 BCB HB . 16.20 5.32 2.12
C9 BCB HB . 16.24 4.01 1.37
C10 BCB HB . 16.04 5.03 3.59
C11 BCB HB . 17.12 5.77 4.36
C12 BCB HB . 16.92 5.49 5.85
C13 BCB HB . 18.26 5.17 6.51
C14 BCB HB . 18.79 3.83 5.99
C15 BCB HB . 18.22 5.10 8.05
C16 BCB HB . 17.87 6.38 8.82
C17 BCB HB . 18.62 7.66 8.44
C18 BCB HB . 20.06 7.71 8.94
C19 BCB HB . 20.17 7.62 10.46
C20 BCB HB . 20.77 8.94 8.36
C1 BPB IB . 14.56 15.39 7.40
C2 BPB IB . 15.37 14.26 8.02
C3 BPB IB . 16.51 13.66 7.55
C4 BPB IB . 17.17 14.05 6.26
C5 BPB IB . 17.16 12.56 8.36
C6 BPB IB . 16.42 12.32 9.68
C7 BPB IB . 17.39 11.90 10.75
C8 BPB IB . 16.54 11.82 12.01
C9 BPB IB . 16.73 13.10 12.79
NA BPB IB . 10.60 11.09 2.34
NB BPB IB . 9.42 8.40 2.61
NC BPB IB . 6.57 9.04 1.48
ND BPB IB . 7.72 11.47 1.14
C10 BPB IB . 16.83 10.62 12.92
C11 BPB IB . 17.15 9.32 12.20
C12 BPB IB . 15.89 8.60 11.73
C13 BPB IB . 15.26 7.69 12.78
C14 BPB IB . 13.81 8.11 12.84
C15 BPB IB . 15.53 6.18 12.54
C16 BPB IB . 14.55 5.46 11.59
C17 BPB IB . 15.24 4.38 10.75
C18 BPB IB . 14.75 2.94 10.97
C19 BPB IB . 15.65 1.83 10.37
C1A BPB IB . 10.78 12.29 2.00
O1A BPB IB . 12.63 13.69 6.22
C1B BPB IB . 10.71 8.18 2.99
C1C BPB IB . 6.35 7.82 1.97
C1D BPB IB . 6.49 11.82 0.62
O1D BPB IB . 11.79 15.65 0.60
C20 BPB IB . 13.38 2.72 10.38
C2A BPB IB . 12.19 12.73 2.21
O2A BPB IB . 14.34 15.23 6.02
C2B BPB IB . 10.92 6.82 3.55
C2C BPB IB . 4.93 7.39 1.73
C2D BPB IB . 6.37 13.23 0.19
O2D BPB IB . 11.00 14.28 -1.09
C3A BPB IB . 12.88 11.40 2.46
C3B BPB IB . 9.56 6.25 3.45
C3C BPB IB . 4.43 8.49 0.85
C3D BPB IB . 7.72 13.70 0.53
C4A BPB IB . 11.74 10.47 2.58
C4B BPB IB . 8.70 7.28 2.88
C4C BPB IB . 5.53 9.48 0.94
C4D BPB IB . 8.40 12.68 1.06
CAA BPB IB . 12.17 13.70 3.38
CAB BPB IB . 9.10 4.90 3.88
CAC BPB IB . 3.07 9.07 1.25
CAD BPB IB . 8.54 14.91 0.52
CBA BPB IB . 13.53 13.88 4.02
CBB BPB IB . 7.74 4.50 3.39
OBB BPB IB . 9.81 4.19 4.59
CBC BPB IB . 1.96 8.05 1.09
CBD BPB IB . 9.84 14.59 1.11
OBD BPB IB . 8.18 16.05 0.07
CED BPB IB . 12.09 13.44 -1.39
CGA BPB IB . 13.44 14.23 5.49
CGD BPB IB . 10.94 14.88 0.21
CHA BPB IB . 9.73 13.15 1.41
CHB BPB IB . 11.85 9.17 2.88
CHC BPB IB . 7.25 7.05 2.61
CHD BPB IB . 5.39 10.87 0.49
CMA BPB IB . 13.73 11.10 1.23
CMB BPB IB . 12.20 6.24 4.07
CMC BPB IB . 4.88 6.07 0.96
CMD BPB IB . 5.31 14.06 -0.46
C51 UQ9 JB . -10.09 18.31 -0.66
C49 UQ9 JB . -9.20 17.22 -0.06
C50 UQ9 JB . -7.69 17.44 0.05
C48 UQ9 JB . -9.83 15.90 0.43
C47 UQ9 JB . -8.84 14.89 1.01
C46 UQ9 JB . -8.63 13.74 0.02
C44 UQ9 JB . -9.66 12.63 0.29
C45 UQ9 JB . -11.01 12.65 -0.41
C43 UQ9 JB . -9.33 11.51 1.28
C42 UQ9 JB . -10.45 10.49 1.46
C41 UQ9 JB . -10.37 9.89 2.85
C39 UQ9 JB . -10.70 8.40 2.78
C40 UQ9 JB . -10.75 7.56 4.06
C38 UQ9 JB . -10.97 7.75 1.42
C37 UQ9 JB . -11.28 6.25 1.45
C36 UQ9 JB . -11.82 5.85 0.08
C34 UQ9 JB . -12.07 4.34 0.04
C35 UQ9 JB . -12.52 3.68 -1.28
C33 UQ9 JB . -11.86 3.48 1.27
C32 UQ9 JB . -12.14 1.98 1.07
C31 UQ9 JB . -11.26 1.44 -0.06
C29 UQ9 JB . -11.53 -0.06 -0.25
C30 UQ9 JB . -12.48 -0.78 0.71
C28 UQ9 JB . -10.87 -0.83 -1.39
C27 UQ9 JB . -9.94 -0.03 -2.30
C26 UQ9 JB . -10.10 -0.49 -3.75
C24 UQ9 JB . -9.22 0.35 -4.67
C25 UQ9 JB . -7.78 -0.08 -4.96
C23 UQ9 JB . -9.77 1.60 -5.35
C22 UQ9 JB . -8.77 2.33 -6.25
C21 UQ9 JB . -9.50 3.17 -7.30
C19 UQ9 JB . -9.22 2.58 -8.68
C20 UQ9 JB . -9.75 1.19 -9.02
C18 UQ9 JB . -8.41 3.37 -9.70
C17 UQ9 JB . -8.20 2.67 -11.04
C16 UQ9 JB . -7.67 3.65 -12.08
C14 UQ9 JB . -6.39 3.08 -12.70
C15 UQ9 JB . -5.54 2.11 -11.89
C13 UQ9 JB . -5.98 3.46 -14.12
C12 UQ9 JB . -6.89 4.43 -14.86
C11 UQ9 JB . -6.04 5.43 -15.64
C9 UQ9 JB . -6.15 5.16 -17.12
C10 UQ9 JB . -7.34 4.37 -17.66
C8 UQ9 JB . -5.06 5.65 -18.08
C7 UQ9 JB . -3.93 6.42 -17.40
C6 UQ9 JB . -3.47 7.54 -18.10
C1 UQ9 JB . -2.12 7.84 -18.00
C1M UQ9 JB . -1.31 7.00 -17.24
C2 UQ9 JB . -1.49 8.92 -18.63
O2 UQ9 JB . -0.78 9.71 -17.68
C3 UQ9 JB . -2.37 9.73 -19.33
O3 UQ9 JB . -1.84 10.80 -19.98
C3M UQ9 JB . -2.48 12.01 -19.56
C4 UQ9 JB . -3.72 9.46 -19.47
O4 UQ9 JB . -4.48 10.31 -20.21
C4M UQ9 JB . -3.99 10.34 -21.55
C5 UQ9 JB . -4.30 8.38 -18.85
O5 UQ9 JB . -5.50 8.16 -18.96
FE FE KB . 3.38 13.13 -14.99
S SO4 LB . 13.92 5.24 -25.52
O1 SO4 LB . 12.95 5.95 -24.63
O2 SO4 LB . 14.90 6.27 -25.94
O3 SO4 LB . 13.27 4.63 -26.74
O4 SO4 LB . 14.60 4.22 -24.69
S SO4 MB . -8.64 29.97 -5.84
O1 SO4 MB . -9.76 29.92 -4.87
O2 SO4 MB . -8.42 31.38 -6.26
O3 SO4 MB . -7.40 29.48 -5.19
O4 SO4 MB . -8.96 29.14 -7.01
S SO4 NB . -4.66 -7.22 -33.04
O1 SO4 NB . -5.36 -7.61 -31.79
O2 SO4 NB . -4.35 -5.77 -33.01
O3 SO4 NB . -5.50 -7.53 -34.23
O4 SO4 NB . -3.38 -7.99 -33.09
S SO4 OB . -24.04 9.88 -14.14
O1 SO4 OB . -25.24 10.28 -13.37
O2 SO4 OB . -22.84 10.42 -13.47
O3 SO4 OB . -23.96 8.41 -14.22
O4 SO4 OB . -24.11 10.45 -15.51
MG BCB PB . -3.33 -10.33 -4.37
CHA BCB PB . -5.17 -8.47 -2.16
CHB BCB PB . -5.96 -10.14 -6.57
CHC BCB PB . -1.36 -12.35 -6.43
CHD BCB PB . -0.54 -10.23 -2.19
NA BCB PB . -5.19 -9.53 -4.36
C1A BCB PB . -5.71 -8.73 -3.47
C2A BCB PB . -6.99 -8.10 -3.88
C3A BCB PB . -7.40 -9.03 -4.98
C4A BCB PB . -6.11 -9.64 -5.35
CMA BCB PB . -8.23 -10.15 -4.35
CAA BCB PB . -6.76 -6.67 -4.34
CBA BCB PB . -6.05 -6.56 -5.68
CGA BCB PB . -5.37 -5.20 -5.89
O1A BCB PB . -5.67 -4.27 -5.15
O2A BCB PB . -4.37 -5.00 -6.97
NB BCB PB . -3.67 -11.11 -6.22
C1B BCB PB . -4.84 -10.96 -7.00
C2B BCB PB . -4.55 -11.45 -8.35
C3B BCB PB . -3.21 -12.09 -8.25
C4B BCB PB . -2.66 -11.95 -6.88
CMB BCB PB . -5.44 -11.43 -9.52
CAB BCB PB . -2.58 -12.78 -9.40
OBB BCB PB . -3.20 -13.14 -10.38
CBB BCB PB . -1.14 -13.00 -9.25
NC BCB PB . -1.43 -11.13 -4.35
C1C BCB PB . -0.73 -11.85 -5.23
C2C BCB PB . 0.66 -12.36 -5.09
C3C BCB PB . 0.80 -11.62 -3.86
C4C BCB PB . -0.43 -10.94 -3.45
CMC BCB PB . 0.51 -13.81 -4.62
CAC BCB PB . 2.04 -11.64 -3.06
CBC BCB PB . 3.33 -12.32 -3.43
ND BCB PB . -2.96 -9.45 -2.58
C1D BCB PB . -1.82 -9.71 -1.70
C2D BCB PB . -2.12 -9.07 -0.41
C3D BCB PB . -3.48 -8.58 -0.62
C4D BCB PB . -3.88 -8.93 -1.81
CMD BCB PB . -1.38 -8.95 0.85
CAD BCB PB . -4.65 -7.93 0.03
OBD BCB PB . -4.70 -7.49 1.24
CBD BCB PB . -5.73 -7.79 -1.00
CGD BCB PB . -6.97 -8.39 -0.56
O1D BCB PB . -7.90 -7.68 -0.26
O2D BCB PB . -7.10 -9.77 -0.38
CED BCB PB . -7.78 -10.12 0.81
C1 BCB PB . -4.27 -3.90 -7.90
C2 BCB PB . -5.56 -3.75 -8.70
C3 BCB PB . -5.61 -3.34 -9.98
C4 BCB PB . -4.28 -3.03 -10.62
C5 BCB PB . -6.94 -3.23 -10.73
C6 BCB PB . -7.27 -1.82 -11.29
C7 BCB PB . -7.18 -1.60 -12.84
C8 BCB PB . -8.45 -1.04 -13.55
C9 BCB PB . -9.65 -1.97 -13.29
C10 BCB PB . -8.27 -0.77 -15.08
C11 BCB PB . -9.25 0.22 -15.76
C12 BCB PB . -10.58 -0.35 -16.34
C13 BCB PB . -11.67 0.63 -16.87
C14 BCB PB . -12.23 1.60 -15.83
C15 BCB PB . -12.84 -0.12 -17.55
C16 BCB PB . -13.51 0.58 -18.76
C17 BCB PB . -14.83 -0.05 -19.29
C18 BCB PB . -14.77 -0.54 -20.76
C19 BCB PB . -15.97 -0.21 -21.67
C20 BCB PB . -14.46 -2.03 -20.79
MG BCB QB . 5.78 -9.25 1.01
CHA BCB QB . 6.68 -10.22 -2.19
CHB BCB QB . 5.49 -6.04 -0.11
CHC BCB QB . 5.54 -8.39 4.38
CHD BCB QB . 5.22 -12.60 1.92
NA BCB QB . 6.13 -8.27 -0.73
C1A BCB QB . 6.51 -8.78 -1.87
C2A BCB QB . 6.53 -7.83 -3.02
C3A BCB QB . 5.90 -6.61 -2.44
C4A BCB QB . 5.85 -6.97 -0.98
CMA BCB QB . 6.78 -5.44 -2.74
CAA BCB QB . 5.52 -8.56 -3.85
CBA BCB QB . 5.51 -8.05 -5.24
CGA BCB QB . 4.14 -7.44 -5.36
O1A BCB QB . 4.07 -6.23 -5.36
O2A BCB QB . 2.93 -8.26 -5.49
NB BCB QB . 5.54 -7.50 1.97
C1B BCB QB . 5.52 -6.23 1.33
C2B BCB QB . 5.30 -5.19 2.33
C3B BCB QB . 5.31 -5.92 3.60
C4B BCB QB . 5.48 -7.33 3.38
CMB BCB QB . 5.19 -3.73 2.07
CAB BCB QB . 5.25 -5.36 4.95
OBB BCB QB . 5.46 -6.09 5.92
CBB BCB QB . 4.98 -3.89 4.98
NC BCB QB . 5.47 -10.24 2.77
C1C BCB QB . 5.34 -9.79 4.04
C2C BCB QB . 5.05 -10.66 5.20
C3C BCB QB . 4.94 -11.84 4.35
C4C BCB QB . 5.22 -11.57 2.94
CMC BCB QB . 6.42 -10.83 5.81
CAC BCB QB . 4.60 -13.21 4.85
CBC BCB QB . 4.33 -13.54 6.30
ND BCB QB . 5.90 -11.04 0.03
C1D BCB QB . 5.82 -12.36 0.63
C2D BCB QB . 6.11 -13.32 -0.44
C3D BCB QB . 6.52 -12.42 -1.54
C4D BCB QB . 6.38 -11.17 -1.19
CMD BCB QB . 6.20 -14.79 -0.49
CAD BCB QB . 6.93 -12.35 -2.93
OBD BCB QB . 7.22 -13.37 -3.59
CBD BCB QB . 7.11 -10.97 -3.39
CGD BCB QB . 8.55 -10.75 -3.31
O1D BCB QB . 8.98 -9.66 -3.62
O2D BCB QB . 9.43 -11.79 -2.80
CED BCB QB . 10.86 -11.67 -2.79
C1 BCB QB . 1.76 -7.82 -6.21
C2 BCB QB . 1.90 -7.92 -7.72
C3 BCB QB . 1.65 -9.04 -8.41
C4 BCB QB . 1.20 -10.31 -7.74
C5 BCB QB . 1.82 -9.03 -9.91
C6 BCB QB . 0.44 -9.14 -10.53
C7 BCB QB . 0.47 -8.71 -11.98
C8 BCB QB . -0.48 -9.58 -12.82
C9 BCB QB . -0.23 -9.33 -14.30
C10 BCB QB . -1.91 -9.24 -12.39
C11 BCB QB . -2.93 -9.32 -13.50
C12 BCB QB . -3.70 -10.57 -13.22
C13 BCB QB . -4.79 -10.69 -14.27
C14 BCB QB . -5.79 -9.55 -14.12
C15 BCB QB . -5.35 -12.12 -14.26
C16 BCB QB . -6.75 -12.31 -13.68
C17 BCB QB . -6.83 -13.75 -13.15
C18 BCB QB . -7.86 -14.60 -13.89
C19 BCB QB . -8.50 -15.54 -12.88
C20 BCB QB . -7.26 -15.34 -15.10
C1 BPB RB . -6.54 -11.10 -19.13
C2 BPB RB . -8.01 -11.40 -19.43
C3 BPB RB . -8.95 -11.89 -18.57
C4 BPB RB . -8.61 -12.25 -17.14
C5 BPB RB . -10.36 -12.11 -19.12
C6 BPB RB . -11.52 -11.44 -18.37
C7 BPB RB . -12.80 -12.28 -18.46
C8 BPB RB . -14.07 -11.69 -17.81
C9 BPB RB . -13.82 -11.11 -16.40
NA BPB RB . -2.87 -5.60 -14.69
NB BPB RB . -2.18 -5.53 -11.94
NC BPB RB . 0.80 -4.48 -12.22
ND BPB RB . -0.07 -4.08 -14.71
C10 BPB RB . -15.31 -12.64 -17.85
C11 BPB RB . -15.32 -14.02 -17.15
C12 BPB RB . -16.72 -14.64 -16.88
C13 BPB RB . -16.91 -16.12 -17.31
C14 BPB RB . -17.29 -17.03 -16.15
C15 BPB RB . -17.99 -16.32 -18.38
C16 BPB RB . -17.81 -15.59 -19.71
C17 BPB RB . -18.98 -14.62 -19.95
C18 BPB RB . -18.56 -13.15 -19.95
C19 BPB RB . -19.03 -12.39 -18.70
C1A BPB RB . -2.92 -5.29 -15.93
O1A BPB RB . -4.08 -9.63 -18.49
C1B BPB RB . -3.45 -6.04 -11.87
C1C BPB RB . 0.83 -4.92 -10.98
C1D BPB RB . 1.10 -3.37 -14.87
O1D BPB RB . -3.50 -3.30 -19.42
C20 BPB RB . -19.03 -12.41 -21.20
C2A BPB RB . -4.20 -5.76 -16.58
O2A BPB RB . -6.29 -9.69 -19.17
C2B BPB RB . -3.77 -6.63 -10.56
C2C BPB RB . 2.16 -4.68 -10.36
C2D BPB RB . 1.28 -2.84 -16.24
O2D BPB RB . -3.46 -2.26 -17.38
C3A BPB RB . -5.08 -5.64 -15.36
C3B BPB RB . -2.53 -6.46 -9.83
C3C BPB RB . 2.59 -3.48 -11.18
C3D BPB RB . 0.06 -3.30 -16.88
C4A BPB RB . -4.12 -5.76 -14.24
C4B BPB RB . -1.61 -5.78 -10.74
C4C BPB RB . 1.79 -3.73 -12.43
C4D BPB RB . -0.65 -3.99 -15.99
CAA BPB RB . -4.11 -7.19 -17.09
CAB BPB RB . -2.27 -6.95 -8.46
CAC BPB RB . 4.08 -3.35 -11.46
CAD BPB RB . -0.66 -3.31 -18.15
CBA BPB RB . -5.20 -7.55 -18.11
CBB BPB RB . -1.19 -6.20 -7.75
OBB BPB RB . -2.90 -7.92 -7.99
CBC BPB RB . 4.87 -2.81 -10.28
CBD BPB RB . -1.90 -4.09 -18.02
OBD BPB RB . -0.31 -2.77 -19.23
CED BPB RB . -3.80 -1.03 -17.97
CGA BPB RB . -5.13 -9.00 -18.58
CGD BPB RB . -3.01 -3.22 -18.32
CHA BPB RB . -1.89 -4.48 -16.60
CHB BPB RB . -4.46 -5.96 -12.97
CHC BPB RB . -0.22 -5.45 -10.33
CHD BPB RB . 2.07 -3.17 -13.76
CMA BPB RB . -5.60 -4.21 -15.38
CMB BPB RB . -5.01 -7.26 -10.09
CMC BPB RB . 1.97 -4.31 -8.91
CMD BPB RB . 2.34 -2.02 -16.89
N1 LDA SB . 29.16 -11.61 4.59
O1 LDA SB . 29.04 -12.68 5.22
CM1 LDA SB . 30.49 -11.64 3.95
CM2 LDA SB . 28.16 -11.56 3.51
C1 LDA SB . 29.02 -10.48 5.58
C2 LDA SB . 28.90 -9.05 5.03
C3 LDA SB . 27.48 -8.45 5.04
C4 LDA SB . 26.85 -8.19 3.67
C5 LDA SB . 25.59 -9.06 3.60
C6 LDA SB . 24.33 -8.26 3.93
C7 LDA SB . 22.98 -9.00 3.88
C8 LDA SB . 21.81 -8.05 3.58
C9 LDA SB . 20.50 -8.22 4.40
C10 LDA SB . 19.75 -6.89 4.66
C11 LDA SB . 18.74 -6.32 3.61
C12 LDA SB . 18.67 -4.79 3.32
C5 MQ9 TB . 9.45 15.67 -9.14
C5M MQ9 TB . 8.84 14.75 -8.13
C4 MQ9 TB . 8.59 16.25 -10.19
O4 MQ9 TB . 7.37 15.98 -10.28
C3 MQ9 TB . 9.17 17.18 -11.16
C2 MQ9 TB . 10.61 17.50 -11.07
C1 MQ9 TB . 11.43 16.91 -10.02
O1 MQ9 TB . 12.63 17.22 -9.97
C6 MQ9 TB . 10.87 15.97 -9.03
C3A MQ9 TB . 8.35 17.73 -12.14
C3B MQ9 TB . 8.94 18.60 -13.09
C3C MQ9 TB . 10.31 18.91 -13.01
C3D MQ9 TB . 11.16 18.37 -12.00
C7 MQ9 TB . 11.71 15.42 -7.90
C8 MQ9 TB . 12.33 14.06 -8.11
C9 MQ9 TB . 13.61 13.81 -8.49
C10 MQ9 TB . 14.65 14.83 -8.84
C11 MQ9 TB . 14.10 12.39 -8.62
C12 MQ9 TB . 13.39 11.71 -7.48
C13 MQ9 TB . 14.34 11.12 -6.51
C14 MQ9 TB . 13.78 10.53 -5.46
C15 MQ9 TB . 12.28 10.50 -5.31
C16 MQ9 TB . 14.65 9.86 -4.45
C17 MQ9 TB . 14.24 10.23 -3.04
C18 MQ9 TB . 15.01 11.50 -2.83
C19 MQ9 TB . 16.12 11.57 -2.09
C20 MQ9 TB . 16.68 10.36 -1.39
C21 MQ9 TB . 16.71 12.97 -2.02
C22 MQ9 TB . 17.74 13.22 -0.93
C23 MQ9 TB . 17.07 13.49 0.38
C24 MQ9 TB . 17.39 14.49 1.20
C25 MQ9 TB . 16.62 14.58 2.48
C26 MQ9 TB . 18.48 15.53 0.93
C27 MQ9 TB . 19.35 15.69 2.19
C28 MQ9 TB . 19.77 17.13 2.38
C29 MQ9 TB . 19.80 17.85 3.53
C30 MQ9 TB . 19.38 17.26 4.85
C31 MQ9 TB . 20.29 19.27 3.40
C32 MQ9 TB . 19.66 20.48 4.11
C33 MQ9 TB . 20.87 21.38 4.01
C34 MQ9 TB . 20.97 22.71 4.17
C35 MQ9 TB . 19.71 23.50 4.48
C36 MQ9 TB . 22.35 23.34 3.99
C37 MQ9 TB . 23.29 23.47 5.22
C38 MQ9 TB . 22.94 24.59 6.25
C39 MQ9 TB . 23.71 25.59 6.84
C40 MQ9 TB . 23.07 26.52 7.85
C41 MQ9 TB . 25.20 25.77 6.49
C42 MQ9 TB . 25.88 27.07 6.97
C43 MQ9 TB . 26.68 27.86 5.92
C44 MQ9 TB . 27.91 27.67 5.34
C45 MQ9 TB . 28.81 26.48 5.62
C46 MQ9 TB . 28.29 28.76 4.35
C47 MQ9 TB . 29.73 28.92 3.90
C48 MQ9 TB . 29.84 28.48 2.44
C49 MQ9 TB . 29.72 29.23 1.30
C50 MQ9 TB . 29.88 28.52 -0.02
C51 MQ9 TB . 29.43 30.73 1.33
C1 NS5 UB . -16.85 -12.32 -13.10
CM1 NS5 UB . -16.88 -11.72 -14.51
CM2 NS5 UB . -18.10 -13.18 -12.92
C2 NS5 UB . -15.57 -13.13 -12.76
C3 NS5 UB . -14.26 -12.36 -12.46
C4 NS5 UB . -13.78 -12.37 -10.99
C5 NS5 UB . -12.56 -13.24 -10.66
C6 NS5 UB . -11.17 -12.63 -10.49
C7 NS5 UB . -12.87 -14.55 -10.50
C8 NS5 UB . -11.91 -15.65 -10.17
C9 NS5 UB . -12.28 -16.19 -8.81
C10 NS5 UB . -11.24 -15.87 -7.75
C11 NS5 UB . -11.76 -15.62 -6.36
C12 NS5 UB . -9.92 -15.84 -8.02
C13 NS5 UB . -8.84 -15.55 -7.07
C14 NS5 UB . -7.69 -15.35 -7.69
C15 NS5 UB . -6.34 -15.01 -7.17
C16 NS5 UB . -6.19 -14.00 -6.07
C17 NS5 UB . -5.31 -15.60 -7.81
C18 NS5 UB . -3.90 -15.37 -7.51
C19 NS5 UB . -2.83 -16.07 -7.90
C20 NS5 UB . -2.64 -17.31 -8.66
C21 NS5 UB . -1.49 -17.50 -9.34
C22 NS5 UB . -0.43 -16.45 -9.37
C23 NS5 UB . -1.23 -18.75 -10.10
C24 NS5 UB . -0.35 -18.80 -11.11
C25 NS5 UB . -0.12 -20.07 -11.85
C26 NS5 UB . 0.68 -20.19 -12.92
C27 NS5 UB . 1.42 -19.03 -13.57
C28 NS5 UB . 0.76 -21.51 -13.55
C29 NS5 UB . 1.79 -21.98 -14.24
C30 NS5 UB . 1.53 -23.30 -14.79
C31 NS5 UB . 1.63 -23.59 -16.10
C32 NS5 UB . 2.05 -22.56 -17.11
C33 NS5 UB . 1.24 -24.96 -16.57
C34 NS5 UB . 2.33 -25.76 -17.24
C35 NS5 UB . 1.81 -27.18 -17.33
C36 NS5 UB . 2.54 -28.22 -17.80
CM3 NS5 UB . 3.95 -28.07 -18.31
CM4 NS5 UB . 1.92 -29.60 -17.81
N1 LDA VB . 22.48 12.40 -6.94
O1 LDA VB . 21.75 12.79 -7.86
CM1 LDA VB . 23.87 12.33 -7.46
CM2 LDA VB . 22.51 13.44 -5.89
C1 LDA VB . 22.01 11.09 -6.36
C2 LDA VB . 20.53 10.70 -6.51
C3 LDA VB . 20.08 9.61 -5.51
C4 LDA VB . 18.80 8.85 -5.90
C5 LDA VB . 18.33 7.72 -4.95
C6 LDA VB . 18.40 6.32 -5.58
C7 LDA VB . 17.41 5.31 -4.96
C8 LDA VB . 18.08 4.08 -4.33
C9 LDA VB . 17.24 2.79 -4.43
C10 LDA VB . 16.35 2.49 -3.22
C11 LDA VB . 15.76 1.07 -3.15
C12 LDA VB . 16.10 0.30 -1.86
S SO4 WB . 24.99 18.70 -9.97
O1 SO4 WB . 24.46 19.79 -9.13
O2 SO4 WB . 26.25 19.09 -10.63
O3 SO4 WB . 24.03 18.35 -11.05
O4 SO4 WB . 25.20 17.49 -9.13
S SO4 XB . 9.63 38.17 -24.71
O1 SO4 XB . 10.26 39.12 -23.77
O2 SO4 XB . 8.31 38.69 -25.14
O3 SO4 XB . 9.46 36.86 -24.04
O4 SO4 XB . 10.51 37.99 -25.89
S SO4 YB . 29.38 10.28 -14.14
O1 SO4 YB . 28.41 11.40 -14.12
O2 SO4 YB . 30.62 10.67 -14.85
O3 SO4 YB . 28.77 9.13 -14.87
O4 SO4 YB . 29.69 9.89 -12.75
MG BCB ZB . 40.16 13.89 21.10
CHA BCB ZB . 41.66 15.33 18.36
CHB BCB ZB . 37.84 16.42 20.99
CHC BCB ZB . 38.82 12.58 24.06
CHD BCB ZB . 42.60 11.22 21.17
NA BCB ZB . 39.82 15.53 19.94
C1A BCB ZB . 40.49 15.98 18.91
C2A BCB ZB . 40.06 17.31 18.32
C3A BCB ZB . 38.94 17.65 19.23
C4A BCB ZB . 38.86 16.46 20.14
CMA BCB ZB . 39.21 18.93 19.97
CAA BCB ZB . 39.28 17.15 17.04
CBA BCB ZB . 39.80 17.89 15.82
CGA BCB ZB . 39.37 17.14 14.57
O1A BCB ZB . 39.50 15.92 14.56
O2A BCB ZB . 38.86 17.77 13.34
NB BCB ZB . 38.55 14.38 22.28
C1B BCB ZB . 37.73 15.55 22.15
C2B BCB ZB . 36.61 15.53 23.12
C3B BCB ZB . 36.93 14.42 24.02
C4B BCB ZB . 38.18 13.80 23.54
CMB BCB ZB . 35.48 16.51 23.20
CAB BCB ZB . 36.14 13.94 25.19
OBB BCB ZB . 36.48 12.93 25.78
CBB BCB ZB . 34.87 14.65 25.56
NC BCB ZB . 40.56 12.28 22.32
C1C BCB ZB . 39.97 11.86 23.49
C2C BCB ZB . 40.40 10.64 24.26
C3C BCB ZB . 41.47 10.39 23.31
C4C BCB ZB . 41.56 11.35 22.21
CMC BCB ZB . 40.93 10.94 25.66
CAC BCB ZB . 42.37 9.24 23.39
CBC BCB ZB . 42.18 8.29 24.53
ND BCB ZB . 41.71 13.31 19.94
C1D BCB ZB . 42.74 12.30 20.20
C2D BCB ZB . 43.70 12.39 19.10
C3D BCB ZB . 43.22 13.64 18.40
C4D BCB ZB . 42.17 14.17 19.00
CMD BCB ZB . 44.87 11.56 18.74
CAD BCB ZB . 43.54 14.54 17.31
OBD BCB ZB . 44.51 14.35 16.52
CBD BCB ZB . 42.54 15.64 17.20
CGD BCB ZB . 43.21 16.96 17.18
O1D BCB ZB . 43.12 17.73 16.23
O2D BCB ZB . 44.09 17.31 18.24
CED BCB ZB . 45.31 17.84 17.75
C1 BCB ZB . 37.48 18.10 13.09
C2 BCB ZB . 37.19 19.36 12.28
C3 BCB ZB . 38.04 20.34 11.85
C4 BCB ZB . 39.54 20.36 12.09
C5 BCB ZB . 37.42 21.45 11.04
C6 BCB ZB . 38.18 22.79 11.06
C7 BCB ZB . 39.06 23.05 9.83
C8 BCB ZB . 38.28 23.71 8.70
C9 BCB ZB . 38.49 22.86 7.46
C10 BCB ZB . 38.75 25.15 8.50
C11 BCB ZB . 37.63 26.14 8.13
C12 BCB ZB . 37.21 26.98 9.32
C13 BCB ZB . 36.72 28.39 8.94
C14 BCB ZB . 36.94 29.41 10.06
C15 BCB ZB . 35.25 28.43 8.50
C16 BCB ZB . 34.27 27.65 9.37
C17 BCB ZB . 33.58 26.62 8.46
C18 BCB ZB . 32.04 26.67 8.38
C19 BCB ZB . 31.50 27.95 7.75
C20 BCB ZB . 31.40 26.37 9.73
MG BCB AC . 44.45 8.96 15.28
CHA BCB AC . 42.64 11.87 14.65
CHB BCB AC . 45.80 9.35 12.17
CHC BCB AC . 46.14 5.96 15.90
CHD BCB AC . 42.81 8.54 18.38
NA BCB AC . 44.40 10.37 13.81
C1A BCB AC . 43.74 11.51 13.79
C2A BCB AC . 43.88 12.35 12.58
C3A BCB AC . 44.49 11.35 11.66
C4A BCB AC . 44.95 10.28 12.60
CMA BCB AC . 43.37 10.92 10.74
CAA BCB AC . 44.76 13.53 12.85
CBA BCB AC . 45.48 13.90 11.57
CGA BCB AC . 44.50 14.13 10.44
O1A BCB AC . 43.37 14.53 10.71
O2A BCB AC . 44.85 13.90 9.03
NB BCB AC . 45.83 7.88 14.23
C1B BCB AC . 46.14 8.09 12.84
C2B BCB AC . 47.09 7.03 12.37
C3B BCB AC . 47.17 6.07 13.48
C4B BCB AC . 46.31 6.56 14.57
CMB BCB AC . 47.74 6.95 11.03
CAB BCB AC . 47.91 4.80 13.53
OBB BCB AC . 48.03 4.25 14.61
CBB BCB AC . 48.51 4.21 12.30
NC BCB AC . 44.50 7.56 16.79
C1C BCB AC . 45.22 6.43 16.95
C2C BCB AC . 45.11 5.55 18.14
C3C BCB AC . 44.15 6.43 18.79
C4C BCB AC . 43.80 7.57 17.97
CMC BCB AC . 44.34 4.31 17.69
CAC BCB AC . 43.59 6.22 20.16
CBC BCB AC . 43.87 5.07 21.12
ND BCB AC . 43.13 10.05 16.35
C1D BCB AC . 42.32 9.55 17.46
C2D BCB AC . 41.18 10.46 17.60
C3D BCB AC . 41.35 11.37 16.44
C4D BCB AC . 42.36 10.97 15.73
CMD BCB AC . 40.07 10.56 18.59
CAD BCB AC . 40.74 12.48 15.72
OBD BCB AC . 39.68 13.05 16.11
CBD BCB AC . 41.58 12.89 14.56
CGD BCB AC . 40.88 12.90 13.29
O1D BCB AC . 40.23 11.94 12.98
O2D BCB AC . 40.92 14.03 12.42
CED BCB AC . 39.70 14.32 11.74
C1 BCB AC . 45.95 13.12 8.50
C2 BCB AC . 46.28 13.61 7.09
C3 BCB AC . 47.38 13.32 6.34
C4 BCB AC . 48.50 12.44 6.82
C5 BCB AC . 47.55 13.91 4.95
C6 BCB AC . 46.50 13.39 3.98
C7 BCB AC . 46.98 12.20 3.15
C8 BCB AC . 47.58 12.57 1.78
C9 BCB AC . 49.07 12.81 1.98
C10 BCB AC . 46.79 13.68 1.01
C11 BCB AC . 47.57 14.88 0.44
C12 BCB AC . 46.60 15.98 0.00
C13 BCB AC . 46.88 17.38 0.56
C14 BCB AC . 45.78 17.89 1.48
C15 BCB AC . 46.99 18.31 -0.64
C16 BCB AC . 48.09 19.37 -0.51
C17 BCB AC . 47.52 20.76 -0.16
C18 BCB AC . 47.02 21.69 -1.28
C19 BCB AC . 45.66 21.28 -1.82
C20 BCB AC . 48.01 21.96 -2.42
C39 NS0 BC . 40.21 3.68 11.44
C38 NS0 BC . 38.99 4.60 11.33
C40 NS0 BC . 37.77 4.34 12.20
C37 NS0 BC . 39.00 5.74 10.34
C36 NS0 BC . 40.26 5.87 9.53
C35 NS0 BC . 39.88 5.79 8.06
C33 NS0 BC . 40.75 6.73 7.26
C34 NS0 BC . 41.70 6.19 6.21
C32 NS0 BC . 40.67 8.22 7.49
C31 NS0 BC . 41.61 9.02 6.60
C30 NS0 BC . 41.49 10.51 6.86
C28 NS0 BC . 42.37 11.45 6.05
C29 NS0 BC . 43.34 10.94 5.00
C27 NS0 BC . 42.23 12.92 6.36
C26 NS0 BC . 43.07 13.93 5.59
C25 NS0 BC . 42.70 15.29 6.11
C23 NS0 BC . 43.36 16.54 5.56
C24 NS0 BC . 44.41 16.48 4.46
C22 NS0 BC . 42.91 17.85 6.17
C21 NS0 BC . 43.53 19.13 5.66
C20 NS0 BC . 42.96 20.34 6.37
C19 NS0 BC . 43.51 21.67 5.93
C17 NS0 BC . 42.90 22.85 6.68
C18 NS0 BC . 41.84 22.62 7.75
C16 NS0 BC . 43.35 24.26 6.35
C15 NS0 BC . 42.69 25.37 7.14
C14 NS0 BC . 43.17 26.76 6.77
C12 NS0 BC . 42.54 27.88 7.56
C13 NS0 BC . 41.47 27.58 8.61
C11 NS0 BC . 42.94 29.30 7.24
C10 NS0 BC . 42.74 29.48 5.74
C9 NS0 BC . 42.23 30.89 5.42
C7 NS0 BC . 43.32 31.95 5.36
C8 NS0 BC . 44.79 31.56 5.61
C NS0 BC . 42.97 33.39 5.03
CA NS0 BC . 43.31 33.65 3.56
CB NS0 BC . 42.23 34.53 2.93
CG NS0 BC . 42.57 34.79 1.47
CD2 NS0 BC . 41.28 35.02 0.69
CD1 NS0 BC . 43.44 36.03 1.37
MG BCB CC . -3.16 26.68 39.56
CHA BCB CC . -1.71 29.68 38.38
CHB BCB CC . -5.66 27.11 37.26
CHC BCB CC . -4.57 23.79 40.95
CHD BCB CC . -0.54 26.32 41.94
NA BCB CC . -3.61 28.07 38.12
C1A BCB CC . -2.92 29.13 37.77
C2A BCB CC . -3.49 29.94 36.65
C3A BCB CC . -4.86 29.33 36.55
C4A BCB CC . -4.73 28.08 37.39
CMA BCB CC . -5.85 30.31 37.09
CAA BCB CC . -2.73 29.69 35.36
CBA BCB CC . -2.54 31.01 34.65
CGA BCB CC . -1.50 30.85 33.55
O1A BCB CC . -0.50 30.19 33.76
O2A BCB CC . -1.60 31.49 32.23
NB BCB CC . -4.85 25.61 39.10
C1B BCB CC . -5.85 25.97 38.15
C2B BCB CC . -6.81 24.84 38.05
C3B BCB CC . -6.46 23.92 39.17
C4B BCB CC . -5.28 24.48 39.89
CMB BCB CC . -7.94 24.76 37.10
CAB BCB CC . -7.16 22.67 39.56
OBB BCB CC . -6.63 21.88 40.33
CBB BCB CC . -8.47 22.34 38.97
NC BCB CC . -2.69 25.32 41.04
C1C BCB CC . -3.31 24.21 41.54
C2C BCB CC . -2.83 23.32 42.64
C3C BCB CC . -1.67 24.19 42.82
C4C BCB CC . -1.61 25.33 41.90
CMC BCB CC . -3.73 23.32 43.88
CAC BCB CC . -0.63 23.87 43.84
CBC BCB CC . -0.73 22.64 44.71
ND BCB CC . -1.48 27.71 39.97
C1D BCB CC . -0.60 27.52 41.12
C2D BCB CC . 0.43 28.58 41.05
C3D BCB CC . -0.07 29.43 39.95
C4D BCB CC . -1.19 28.94 39.49
CMD BCB CC . 1.65 28.92 41.83
CAD BCB CC . 0.17 30.66 39.23
OBD BCB CC . 1.17 31.39 39.48
CBD BCB CC . -0.83 30.87 38.13
CGD BCB CC . -1.38 32.27 38.21
O1D BCB CC . -0.90 33.22 37.59
O2D BCB CC . -2.47 32.55 39.09
CED BCB CC . -3.30 33.63 38.68
C1 BCB CC . -2.27 30.95 31.09
C2 BCB CC . -2.48 31.98 29.97
C3 BCB CC . -2.57 33.33 30.04
C4 BCB CC . -2.45 34.15 31.31
C5 BCB CC . -2.80 34.08 28.74
C6 BCB CC . -3.76 35.28 28.84
C7 BCB CC . -3.11 36.61 28.47
C8 BCB CC . -3.10 36.86 26.97
C9 BCB CC . -1.67 36.93 26.46
C10 BCB CC . -3.86 38.14 26.63
C11 BCB CC . -4.75 38.01 25.39
C12 BCB CC . -6.21 37.78 25.79
C13 BCB CC . -7.19 37.63 24.62
C14 BCB CC . -8.58 38.03 25.09
C15 BCB CC . -7.14 36.19 24.09
C16 BCB CC . -7.54 36.06 22.62
C17 BCB CC . -6.36 36.21 21.65
C18 BCB CC . -6.32 35.22 20.46
C19 BCB CC . -7.40 35.46 19.38
C20 BCB CC . -6.17 33.75 20.87
MG BCB DC . -19.21 21.17 36.73
CHA BCB DC . -18.37 24.46 36.07
CHB BCB DC . -21.08 21.14 33.83
CHC BCB DC . -20.18 17.96 37.70
CHD BCB DC . -17.19 21.26 39.73
NA BCB DC . -19.64 22.48 35.25
C1A BCB DC . -19.20 23.71 35.13
C2A BCB DC . -19.67 24.44 33.93
C3A BCB DC . -20.65 23.49 33.36
C4A BCB DC . -20.47 22.27 34.20
CMA BCB DC . -22.01 24.09 33.57
CAA BCB DC . -18.52 24.52 32.96
CBA BCB DC . -18.57 25.88 32.34
CGA BCB DC . -17.32 25.99 31.53
O1A BCB DC . -16.24 26.11 32.10
O2A BCB DC . -17.43 25.93 30.06
NB BCB DC . -20.43 19.76 35.84
C1B BCB DC . -21.23 19.96 34.67
C2B BCB DC . -21.86 18.68 34.31
C3B BCB DC . -21.58 17.80 35.47
C4B BCB DC . -20.70 18.50 36.45
CMB BCB DC . -22.69 18.47 33.11
CAB BCB DC . -22.06 16.40 35.64
OBB BCB DC . -21.99 15.83 36.71
CBB BCB DC . -22.59 15.69 34.46
NC BCB DC . -18.81 19.88 38.29
C1C BCB DC . -19.27 18.63 38.61
C2C BCB DC . -18.87 17.82 39.80
C3C BCB DC . -18.02 18.90 40.26
C4C BCB DC . -18.01 20.08 39.39
CMC BCB DC . -20.00 17.63 40.80
CAC BCB DC . -17.22 18.79 41.48
CBC BCB DC . -17.29 17.52 42.27
ND BCB DC . -17.98 22.48 37.60
C1D BCB DC . -17.36 22.45 38.93
C2D BCB DC . -16.65 23.73 39.16
C3D BCB DC . -17.10 24.51 37.99
C4D BCB DC . -17.87 23.78 37.22
CMD BCB DC . -15.79 24.28 40.24
CAD BCB DC . -17.06 25.81 37.37
OBD BCB DC . -16.37 26.75 37.86
CBD BCB DC . -17.78 25.81 36.06
CGD BCB DC . -18.61 27.00 35.88
O1D BCB DC . -18.39 27.80 34.98
O2D BCB DC . -19.63 27.33 36.80
CED BCB DC . -19.66 28.72 37.12
C1 BCB DC . -16.45 26.47 29.16
C2 BCB DC . -17.09 27.07 27.93
C3 BCB DC . -17.67 28.29 27.92
C4 BCB DC . -17.73 29.17 29.16
C5 BCB DC . -18.25 28.70 26.57
C6 BCB DC . -19.12 29.95 26.50
C7 BCB DC . -18.33 31.27 26.51
C8 BCB DC . -18.12 31.86 25.13
C9 BCB DC . -16.71 32.44 25.07
C10 BCB DC . -19.18 32.92 24.86
C11 BCB DC . -19.63 33.04 23.40
C12 BCB DC . -20.65 31.95 23.01
C13 BCB DC . -21.70 32.40 21.97
C14 BCB DC . -22.85 31.40 21.90
C15 BCB DC . -21.11 32.72 20.58
C16 BCB DC . -20.04 31.78 20.01
C17 BCB DC . -20.53 31.08 18.75
C18 BCB DC . -19.59 29.94 18.31
C19 BCB DC . -19.32 29.98 16.81
C20 BCB DC . -20.15 28.60 18.79
MG BCB EC . -32.30 12.62 30.10
CHA BCB EC . -32.08 16.07 29.63
CHB BCB EC . -33.40 12.36 26.78
CHC BCB EC . -32.74 9.24 30.76
CHD BCB EC . -31.03 12.96 33.46
NA BCB EC . -32.64 13.90 28.54
C1A BCB EC . -32.50 15.20 28.52
C2A BCB EC . -32.83 15.87 27.22
C3A BCB EC . -33.41 14.74 26.43
C4A BCB EC . -33.12 13.56 27.31
CMA BCB EC . -34.90 14.91 26.24
CAA BCB EC . -31.57 16.25 26.48
CBA BCB EC . -31.73 17.58 25.82
CGA BCB EC . -30.35 18.19 25.79
O1A BCB EC . -29.74 18.20 26.85
O2A BCB EC . -29.70 18.82 24.61
NB BCB EC . -32.94 11.07 28.92
C1B BCB EC . -33.44 11.13 27.57
C2B BCB EC . -33.61 9.76 27.07
C3B BCB EC . -33.42 8.87 28.24
C4B BCB EC . -33.00 9.71 29.41
CMB BCB EC . -33.99 9.46 25.68
CAB BCB EC . -33.52 7.38 28.26
OBB BCB EC . -33.32 6.76 29.29
CBB BCB EC . -33.79 6.65 27.00
NC BCB EC . -31.97 11.36 31.68
C1C BCB EC . -32.19 10.04 31.84
C2C BCB EC . -31.91 9.25 33.06
C3C BCB EC . -31.42 10.43 33.74
C4C BCB EC . -31.47 11.65 32.93
CMC BCB EC . -33.23 8.88 33.72
CAC BCB EC . -30.88 10.38 35.11
CBC BCB EC . -30.85 9.06 35.86
ND BCB EC . -31.62 14.13 31.21
C1D BCB EC . -31.28 14.15 32.64
C2D BCB EC . -30.96 15.55 33.02
C3D BCB EC . -31.32 16.26 31.78
C4D BCB EC . -31.70 15.43 30.85
CMD BCB EC . -30.50 16.23 34.25
CAD BCB EC . -31.38 17.59 31.20
OBD BCB EC . -31.06 18.62 31.85
CBD BCB EC . -31.84 17.55 29.78
CGD BCB EC . -33.02 18.46 29.64
O1D BCB EC . -32.94 19.69 29.61
O2D BCB EC . -34.32 17.88 29.52
CED BCB EC . -35.08 18.40 28.43
C1 BCB EC . -29.52 18.24 23.29
C2 BCB EC . -29.68 19.19 22.10
C3 BCB EC . -30.20 20.45 22.02
C4 BCB EC . -30.73 21.22 23.21
C5 BCB EC . -30.19 21.10 20.65
C6 BCB EC . -31.51 21.74 20.19
C7 BCB EC . -31.48 23.28 20.21
C8 BCB EC . -30.92 23.99 18.97
C9 BCB EC . -29.80 24.94 19.38
C10 BCB EC . -32.00 24.78 18.23
C11 BCB EC . -31.99 24.55 16.71
C12 BCB EC . -33.37 24.81 16.08
C13 BCB EC . -33.85 23.86 14.96
C14 BCB EC . -34.26 22.46 15.45
C15 BCB EC . -32.91 23.87 13.73
C16 BCB EC . -31.92 22.73 13.47
C17 BCB EC . -30.59 23.32 12.97
C18 BCB EC . -29.80 22.62 11.85
C19 BCB EC . -30.43 22.68 10.45
C20 BCB EC . -29.29 21.20 12.19
MG BCB FC . -41.16 1.96 20.22
CHA BCB FC . -41.59 5.39 19.87
CHB BCB FC . -41.43 1.72 16.78
CHC BCB FC . -40.85 -1.51 20.67
CHD BCB FC . -40.90 2.29 23.79
NA BCB FC . -41.40 3.25 18.67
C1A BCB FC . -41.50 4.56 18.69
C2A BCB FC . -41.64 5.26 17.38
C3A BCB FC . -41.86 4.11 16.48
C4A BCB FC . -41.57 2.93 17.35
CMA BCB FC . -43.32 4.17 16.12
CAA BCB FC . -40.36 5.97 17.02
CBA BCB FC . -40.73 7.32 16.44
CGA BCB FC . -39.46 8.11 16.20
O1A BCB FC . -38.95 8.70 17.15
O2A BCB FC . -38.85 8.17 14.86
NB BCB FC . -41.10 0.38 18.90
C1B BCB FC . -41.33 0.44 17.50
C2B BCB FC . -41.08 -0.89 16.91
C3B BCB FC . -40.93 -1.81 18.07
C4B BCB FC . -40.96 -1.00 19.31
CMB BCB FC . -41.10 -1.18 15.46
CAB BCB FC . -40.68 -3.30 18.05
OBB BCB FC . -40.33 -3.93 19.07
CBB BCB FC . -40.75 -4.01 16.73
NC BCB FC . -40.89 0.67 21.82
C1C BCB FC . -40.84 -0.69 21.88
C2C BCB FC . -40.70 -1.46 23.14
C3C BCB FC . -40.72 -0.25 23.92
C4C BCB FC . -40.85 0.97 23.15
CMC BCB FC . -41.94 -2.24 23.49
CAC BCB FC . -40.58 -0.26 25.40
CBC BCB FC . -40.40 -1.57 26.12
ND BCB FC . -41.09 3.49 21.50
C1D BCB FC . -41.19 3.45 22.96
C2D BCB FC . -41.32 4.83 23.43
C3D BCB FC . -41.51 5.57 22.15
C4D BCB FC . -41.42 4.75 21.14
CMD BCB FC . -41.38 5.43 24.80
CAD BCB FC . -41.77 6.88 21.56
OBD BCB FC . -41.87 7.95 22.22
CBD BCB FC . -41.74 6.84 20.08
CGD BCB FC . -42.89 7.55 19.50
O1D BCB FC . -42.72 8.57 18.86
O2D BCB FC . -44.22 7.14 19.78
CED BCB FC . -45.11 8.21 20.11
C1 BCB FC . -37.86 9.13 14.46
C2 BCB FC . -38.15 9.77 13.11
C3 BCB FC . -39.19 10.58 12.86
C4 BCB FC . -40.21 10.94 13.92
C5 BCB FC . -39.32 11.14 11.45
C6 BCB FC . -40.52 12.07 11.21
C7 BCB FC . -40.29 13.58 11.40
C8 BCB FC . -39.72 14.28 10.16
C9 BCB FC . -38.87 15.47 10.59
C10 BCB FC . -40.79 14.74 9.18
C11 BCB FC . -40.45 14.33 7.75
C12 BCB FC . -41.52 14.80 6.75
C13 BCB FC . -41.80 13.93 5.50
C14 BCB FC . -42.24 12.47 5.79
C15 BCB FC . -40.68 14.07 4.46
C16 BCB FC . -39.45 13.16 4.57
C17 BCB FC . -38.17 13.97 4.31
C18 BCB FC . -37.02 13.27 3.55
C19 BCB FC . -36.90 13.71 2.10
C20 BCB FC . -36.98 11.73 3.67
MG BCB GC . -44.71 -9.55 8.33
CHA BCB GC . -45.90 -6.30 7.93
CHB BCB GC . -43.91 -9.52 5.01
CHC BCB GC . -43.87 -12.92 8.71
CHD BCB GC . -45.35 -9.44 11.85
NA BCB GC . -44.88 -8.23 6.79
C1A BCB GC . -45.37 -7.02 6.77
C2A BCB GC . -45.41 -6.33 5.45
C3A BCB GC . -44.96 -7.40 4.52
C4A BCB GC . -44.56 -8.48 5.49
CMA BCB GC . -46.10 -7.79 3.61
CAA BCB GC . -44.33 -5.30 5.35
CBA BCB GC . -44.86 -3.97 4.91
CGA BCB GC . -43.64 -3.07 5.00
O1A BCB GC . -42.84 -3.27 5.88
O2A BCB GC . -43.41 -1.95 4.07
NB BCB GC . -43.96 -10.97 7.09
C1B BCB GC . -43.79 -10.82 5.68
C2B BCB GC . -43.15 -12.02 5.10
C3B BCB GC . -43.15 -13.01 6.18
C4B BCB GC . -43.73 -12.36 7.37
CMB BCB GC . -42.71 -12.16 3.70
CAB BCB GC . -42.65 -14.42 6.12
OBB BCB GC . -42.58 -15.11 7.13
CBB BCB GC . -42.13 -14.93 4.82
NC BCB GC . -44.60 -10.88 9.89
C1C BCB GC . -44.26 -12.21 9.93
C2C BCB GC . -44.22 -13.06 11.15
C3C BCB GC . -44.66 -11.94 11.96
C4C BCB GC . -44.90 -10.69 11.22
CMC BCB GC . -45.23 -14.21 11.21
CAC BCB GC . -44.83 -12.07 13.41
CBC BCB GC . -44.57 -13.36 14.13
ND BCB GC . -45.38 -8.14 9.63
C1D BCB GC . -45.76 -8.31 11.03
C2D BCB GC . -46.26 -7.00 11.47
C3D BCB GC . -46.31 -6.24 10.17
C4D BCB GC . -45.90 -6.98 9.18
CMD BCB GC . -46.72 -6.48 12.78
CAD BCB GC . -46.71 -4.97 9.58
OBD BCB GC . -47.20 -4.02 10.24
CBD BCB GC . -46.43 -4.91 8.11
CGD BCB GC . -47.69 -4.58 7.40
O1D BCB GC . -48.12 -3.43 7.29
O2D BCB GC . -48.43 -5.62 6.79
CED BCB GC . -48.91 -5.33 5.48
C1 BCB GC . -42.12 -1.59 3.53
C2 BCB GC . -42.21 -0.78 2.24
C3 BCB GC . -43.26 -0.08 1.74
C4 BCB GC . -44.60 0.06 2.44
C5 BCB GC . -43.02 0.63 0.43
C6 BCB GC . -44.27 1.07 -0.34
C7 BCB GC . -44.65 2.54 -0.07
C8 BCB GC . -43.92 3.54 -0.96
C9 BCB GC . -43.44 4.67 -0.05
C10 BCB GC . -44.85 4.06 -2.05
C11 BCB GC . -44.17 4.14 -3.43
C12 BCB GC . -44.61 3.00 -4.34
C13 BCB GC . -44.22 3.20 -5.80
C14 BCB GC . -45.31 2.67 -6.72
C15 BCB GC . -42.88 2.50 -6.09
C16 BCB GC . -41.75 3.51 -6.20
C17 BCB GC . -40.52 2.89 -6.85
C18 BCB GC . -39.30 3.78 -6.69
C19 BCB GC . -38.96 4.51 -8.00
C20 BCB GC . -38.09 2.99 -6.19
MG BCB HC . -42.51 -20.68 -4.42
CHA BCB HC . -44.32 -17.71 -4.92
CHB BCB HC . -41.05 -20.18 -7.50
CHC BCB HC . -41.01 -23.83 -3.97
CHD BCB HC . -43.92 -21.04 -1.18
NA BCB HC . -42.61 -19.27 -5.89
C1A BCB HC . -43.39 -18.20 -5.96
C2A BCB HC . -43.30 -17.39 -7.20
C3A BCB HC . -42.36 -18.20 -8.03
C4A BCB HC . -41.98 -19.30 -7.09
CMA BCB HC . -43.19 -18.73 -9.15
CAA BCB HC . -42.70 -16.08 -6.78
CBA BCB HC . -43.18 -14.80 -7.41
CGA BCB HC . -41.96 -13.88 -7.40
O1A BCB HC . -40.85 -14.39 -7.28
O2A BCB HC . -42.01 -12.40 -7.56
NB BCB HC . -41.19 -21.78 -5.55
C1B BCB HC . -40.73 -21.47 -6.86
C2B BCB HC . -39.67 -22.45 -7.26
C3B BCB HC . -39.69 -23.52 -6.23
C4B BCB HC . -40.70 -23.13 -5.23
CMB BCB HC . -38.85 -22.38 -8.49
CAB BCB HC . -38.81 -24.72 -6.12
OBB BCB HC . -38.87 -25.49 -5.19
CBB BCB HC . -37.72 -24.91 -7.11
NC BCB HC . -42.42 -22.10 -2.93
C1C BCB HC . -41.86 -23.33 -2.87
C2C BCB HC . -41.93 -24.24 -1.69
C3C BCB HC . -42.76 -23.29 -0.97
C4C BCB HC . -43.07 -22.08 -1.73
CMC BCB HC . -42.76 -25.48 -1.92
CAC BCB HC . -43.25 -23.50 0.41
CBC BCB HC . -42.92 -24.74 1.17
ND BCB HC . -43.73 -19.55 -3.27
C1D BCB HC . -44.37 -19.96 -2.03
C2D BCB HC . -45.29 -18.89 -1.64
C3D BCB HC . -45.23 -18.03 -2.85
C4D BCB HC . -44.44 -18.55 -3.78
CMD BCB HC . -46.14 -18.66 -0.44
CAD BCB HC . -45.81 -16.84 -3.45
OBD BCB HC . -46.65 -16.15 -2.79
CBD BCB HC . -45.22 -16.53 -4.78
CGD BCB HC . -46.31 -16.38 -5.80
O1D BCB HC . -46.94 -15.34 -6.00
O2D BCB HC . -46.66 -17.51 -6.61
CED BCB HC . -46.93 -17.24 -7.99
C1 BCB HC . -40.87 -11.60 -7.92
C2 BCB HC . -40.79 -11.10 -9.36
C3 BCB HC . -41.84 -10.84 -10.19
C4 BCB HC . -43.28 -11.01 -9.81
C5 BCB HC . -41.58 -10.33 -11.57
C6 BCB HC . -41.78 -8.81 -11.54
C7 BCB HC . -42.84 -8.30 -12.49
C8 BCB HC . -42.44 -6.90 -12.91
C9 BCB HC . -43.03 -5.86 -11.97
C10 BCB HC . -42.93 -6.64 -14.33
C11 BCB HC . -41.77 -6.64 -15.34
C12 BCB HC . -42.30 -6.32 -16.75
C13 BCB HC . -41.66 -7.04 -17.96
C14 BCB HC . -41.59 -8.58 -17.86
C15 BCB HC . -40.36 -6.39 -18.44
C16 BCB HC . -39.08 -6.65 -17.65
C17 BCB HC . -38.55 -5.32 -17.08
C18 BCB HC . -37.03 -5.08 -17.16
C19 BCB HC . -36.63 -4.16 -18.33
C20 BCB HC . -36.20 -6.38 -17.14
MG BCB IC . -34.07 -29.60 -16.15
CHA BCB IC . -36.40 -27.26 -17.18
CHB BCB IC . -31.97 -28.42 -18.60
CHC BCB IC . -31.89 -32.17 -15.22
CHD BCB IC . -36.28 -30.72 -13.54
NA BCB IC . -34.16 -28.18 -17.62
C1A BCB IC . -35.14 -27.37 -17.90
C2A BCB IC . -34.94 -26.47 -19.08
C3A BCB IC . -33.60 -26.89 -19.57
C4A BCB IC . -33.21 -27.93 -18.55
CMA BCB IC . -33.73 -27.46 -20.95
CAA BCB IC . -34.77 -25.09 -18.48
CBA BCB IC . -35.41 -23.98 -19.24
CGA BCB IC . -34.50 -22.78 -19.12
O1A BCB IC . -33.29 -22.98 -19.09
O2A BCB IC . -35.04 -21.42 -19.06
NB BCB IC . -32.20 -30.16 -16.77
C1B BCB IC . -31.50 -29.62 -17.90
C2B BCB IC . -30.16 -30.20 -17.99
C3B BCB IC . -30.16 -31.30 -17.01
C4B BCB IC . -31.49 -31.33 -16.36
CMB BCB IC . -29.13 -29.76 -18.96
CAB BCB IC . -29.09 -32.28 -16.71
OBB BCB IC . -29.34 -33.31 -16.11
CBB BCB IC . -27.70 -32.02 -17.09
NC BCB IC . -34.03 -31.08 -14.72
C1C BCB IC . -33.13 -32.06 -14.45
C2C BCB IC . -33.28 -33.06 -13.36
C3C BCB IC . -34.57 -32.51 -12.97
C4C BCB IC . -34.99 -31.37 -13.78
CMC BCB IC . -33.48 -34.47 -13.90
CAC BCB IC . -35.37 -32.98 -11.83
CBC BCB IC . -34.90 -34.14 -10.99
ND BCB IC . -35.89 -29.04 -15.45
C1D BCB IC . -36.76 -29.71 -14.47
C2D BCB IC . -37.99 -28.92 -14.41
C3D BCB IC . -37.79 -27.97 -15.51
C4D BCB IC . -36.68 -28.21 -16.15
CMD BCB IC . -39.21 -28.94 -13.57
CAD BCB IC . -38.44 -26.91 -16.22
OBD BCB IC . -39.58 -26.47 -15.90
CBD BCB IC . -37.56 -26.36 -17.27
CGD BCB IC . -38.26 -26.27 -18.56
O1D BCB IC . -38.27 -25.22 -19.17
O2D BCB IC . -39.02 -27.35 -19.09
CED BCB IC . -40.16 -26.88 -19.80
C1 BCB IC . -34.20 -20.27 -18.91
C2 BCB IC . -33.86 -19.52 -20.20
C3 BCB IC . -34.74 -19.05 -21.12
C4 BCB IC . -36.23 -19.18 -20.95
C5 BCB IC . -34.15 -18.32 -22.31
C6 BCB IC . -34.90 -18.35 -23.65
C7 BCB IC . -35.95 -17.25 -23.86
C8 BCB IC . -35.45 -15.82 -24.12
C9 BCB IC . -36.06 -14.96 -23.03
C10 BCB IC . -35.94 -15.32 -25.47
C11 BCB IC . -34.90 -14.58 -26.31
C12 BCB IC . -34.31 -15.50 -27.38
C13 BCB IC . -33.53 -14.77 -28.49
C14 BCB IC . -33.73 -15.46 -29.84
C15 BCB IC . -32.05 -14.75 -28.13
C16 BCB IC . -31.62 -13.40 -27.58
C17 BCB IC . -30.14 -13.44 -27.28
C18 BCB IC . -29.65 -12.16 -26.59
C19 BCB IC . -29.21 -11.09 -27.61
C20 BCB IC . -28.54 -12.49 -25.60
MG BCB JC . -20.47 -34.74 -25.05
CHA BCB JC . -22.97 -32.89 -26.58
CHB BCB JC . -18.17 -32.90 -26.81
CHC BCB JC . -18.04 -36.90 -23.67
CHD BCB JC . -22.91 -36.57 -23.19
NA BCB JC . -20.52 -33.22 -26.42
C1A BCB JC . -21.57 -32.61 -26.92
C2A BCB JC . -21.32 -31.55 -27.97
C3A BCB JC . -19.83 -31.64 -28.09
C4A BCB JC . -19.46 -32.67 -27.06
CMA BCB JC . -19.50 -32.13 -29.45
CAA BCB JC . -21.64 -30.17 -27.41
CBA BCB JC . -22.32 -29.16 -28.32
CGA BCB JC . -22.35 -27.77 -27.65
O1A BCB JC . -22.38 -27.73 -26.44
O2A BCB JC . -22.42 -26.47 -28.36
NB BCB JC . -18.43 -34.82 -25.16
C1B BCB JC . -17.64 -34.03 -26.04
C2B BCB JC . -16.22 -34.28 -25.77
C3B BCB JC . -16.20 -35.45 -24.88
C4B BCB JC . -17.59 -35.86 -24.62
CMB BCB JC . -15.07 -33.54 -26.37
CAB BCB JC . -14.94 -36.06 -24.37
OBB BCB JC . -13.89 -35.49 -24.49
CBB BCB JC . -14.94 -37.33 -23.64
NC BCB JC . -20.44 -36.33 -23.73
C1C BCB JC . -19.44 -37.15 -23.28
C2C BCB JC . -19.62 -38.27 -22.31
C3C BCB JC . -21.04 -38.03 -22.27
C4C BCB JC . -21.50 -36.93 -23.11
CMC BCB JC . -19.36 -39.63 -22.91
CAC BCB JC . -21.98 -38.79 -21.44
CBC BCB JC . -21.48 -39.91 -20.58
ND BCB JC . -22.48 -34.67 -24.85
C1D BCB JC . -23.35 -35.63 -24.19
C2D BCB JC . -24.73 -35.20 -24.44
C3D BCB JC . -24.51 -34.12 -25.44
C4D BCB JC . -23.24 -34.01 -25.73
CMD BCB JC . -26.06 -35.68 -23.98
CAD BCB JC . -25.22 -33.15 -26.28
OBD BCB JC . -26.47 -33.06 -26.35
CBD BCB JC . -24.26 -32.34 -27.06
CGD BCB JC . -24.47 -32.68 -28.48
O1D BCB JC . -24.52 -33.82 -28.86
O2D BCB JC . -24.68 -31.64 -29.43
CED BCB JC . -26.01 -31.59 -29.95
C1 BCB JC . -21.63 -25.26 -28.14
C2 BCB JC . -21.73 -24.22 -29.27
C3 BCB JC . -22.45 -24.24 -30.45
C4 BCB JC . -23.33 -25.39 -30.87
C5 BCB JC . -22.40 -23.07 -31.44
C6 BCB JC . -23.77 -22.63 -32.03
C7 BCB JC . -23.94 -21.18 -32.54
C8 BCB JC . -23.08 -20.95 -33.79
C9 BCB JC . -21.81 -20.21 -33.42
C10 BCB JC . -23.78 -20.21 -34.94
C11 BCB JC . -22.84 -19.34 -35.81
C12 BCB JC . -22.02 -20.05 -36.93
C13 BCB JC . -20.53 -19.68 -37.12
C14 BCB JC . -19.58 -20.85 -36.81
C15 BCB JC . -20.12 -18.35 -36.44
C16 BCB JC . -19.19 -18.45 -35.23
C17 BCB JC . -19.51 -17.33 -34.25
C18 BCB JC . -18.30 -16.69 -33.55
C19 BCB JC . -17.95 -15.33 -34.18
C20 BCB JC . -17.09 -17.62 -33.43
MG BCB KC . -4.21 -35.70 -30.15
CHA BCB KC . -6.50 -34.33 -32.34
CHB BCB KC . -2.00 -33.21 -31.03
CHC BCB KC . -1.84 -37.40 -28.22
CHD BCB KC . -6.60 -38.24 -29.15
NA BCB KC . -4.23 -34.11 -31.40
C1A BCB KC . -5.19 -33.70 -32.17
C2A BCB KC . -4.95 -32.44 -32.94
C3A BCB KC . -3.51 -32.19 -32.63
C4A BCB KC . -3.20 -33.25 -31.62
CMA BCB KC . -2.75 -32.37 -33.91
CAA BCB KC . -5.73 -31.28 -32.35
CBA BCB KC . -6.38 -30.49 -33.47
CGA BCB KC . -7.01 -29.21 -32.93
O1A BCB KC . -8.18 -29.27 -32.59
O2A BCB KC . -6.26 -27.95 -32.83
NB BCB KC . -2.26 -35.32 -29.64
C1B BCB KC . -1.44 -34.26 -30.17
C2B BCB KC . -0.16 -34.23 -29.46
C3B BCB KC . -0.12 -35.48 -28.67
C4B BCB KC . -1.39 -36.20 -28.92
CMB BCB KC . 0.89 -33.20 -29.61
CAB BCB KC . 0.96 -35.97 -27.78
OBB BCB KC . 0.73 -36.77 -26.89
CBB BCB KC . 2.32 -35.37 -27.91
NC BCB KC . -4.19 -37.39 -28.95
C1C BCB KC . -3.18 -37.97 -28.25
C2C BCB KC . -3.31 -39.19 -27.41
C3C BCB KC . -4.70 -39.32 -27.76
C4C BCB KC . -5.20 -38.28 -28.66
CMC BCB KC . -2.52 -40.36 -27.96
CAC BCB KC . -5.54 -40.40 -27.19
CBC BCB KC . -4.89 -41.39 -26.25
ND BCB KC . -6.15 -36.10 -30.56
C1D BCB KC . -6.94 -37.30 -30.22
C2D BCB KC . -8.23 -37.14 -30.88
C3D BCB KC . -8.00 -35.93 -31.71
C4D BCB KC . -6.75 -35.52 -31.60
CMD BCB KC . -9.49 -37.96 -30.84
CAD BCB KC . -8.59 -35.08 -32.75
OBD BCB KC . -9.76 -35.21 -33.20
CBD BCB KC . -7.69 -33.97 -33.13
CGD BCB KC . -7.58 -33.88 -34.61
O1D BCB KC . -8.35 -33.23 -35.32
O2D BCB KC . -6.56 -34.63 -35.25
CED BCB KC . -7.09 -35.70 -36.00
C1 BCB KC . -6.85 -26.65 -32.61
C2 BCB KC . -7.49 -26.15 -33.88
C3 BCB KC . -6.87 -25.53 -34.90
C4 BCB KC . -5.37 -25.29 -34.79
C5 BCB KC . -7.74 -25.12 -36.08
C6 BCB KC . -7.09 -24.23 -37.14
C7 BCB KC . -8.11 -23.64 -38.12
C8 BCB KC . -8.16 -22.11 -38.08
C9 BCB KC . -9.54 -21.81 -37.54
C10 BCB KC . -7.85 -21.44 -39.46
C11 BCB KC . -7.03 -20.13 -39.39
C12 BCB KC . -5.86 -19.99 -40.37
C13 BCB KC . -4.51 -19.31 -39.97
C14 BCB KC . -3.28 -20.14 -40.40
C15 BCB KC . -4.33 -18.95 -38.49
C16 BCB KC . -3.76 -17.55 -38.22
C17 BCB KC . -4.81 -16.59 -37.63
C18 BCB KC . -4.43 -15.67 -36.43
C19 BCB KC . -3.73 -14.37 -36.86
C20 BCB KC . -3.78 -16.36 -35.21
MG BCB LC . 12.59 -32.54 -29.94
CHA BCB LC . 10.76 -31.42 -32.67
CHB BCB LC . 14.23 -29.50 -29.98
CHC BCB LC . 14.64 -33.83 -27.46
CHD BCB LC . 10.70 -35.56 -29.84
NA BCB LC . 12.55 -30.82 -31.08
C1A BCB LC . 11.79 -30.55 -32.12
C2A BCB LC . 12.04 -29.23 -32.78
C3A BCB LC . 13.28 -28.78 -32.07
C4A BCB LC . 13.38 -29.77 -30.96
CMA BCB LC . 14.51 -28.83 -32.93
CAA BCB LC . 10.89 -28.31 -32.39
CBA BCB LC . 10.49 -27.36 -33.49
CGA BCB LC . 9.12 -26.78 -33.18
O1A BCB LC . 8.30 -27.46 -32.57
O2A BCB LC . 8.68 -25.44 -33.61
NB BCB LC . 14.15 -31.77 -28.84
C1B BCB LC . 14.79 -30.52 -29.08
C2B BCB LC . 15.84 -30.29 -28.08
C3B BCB LC . 15.95 -31.57 -27.35
C4B BCB LC . 14.97 -32.51 -27.95
CMB BCB LC . 16.61 -29.03 -27.93
CAB BCB LC . 16.92 -31.89 -26.25
OBB BCB LC . 17.44 -32.96 -26.14
CBB BCB LC . 17.18 -30.85 -25.21
NC BCB LC . 12.67 -34.25 -28.84
C1C BCB LC . 13.55 -34.68 -27.91
C2C BCB LC . 13.45 -35.99 -27.18
C3C BCB LC . 12.27 -36.36 -27.98
C4C BCB LC . 11.86 -35.35 -28.94
CMC BCB LC . 14.62 -36.93 -27.48
CAC BCB LC . 11.54 -37.62 -27.76
CBC BCB LC . 12.11 -38.54 -26.71
ND BCB LC . 11.01 -33.26 -30.97
C1D BCB LC . 10.48 -34.62 -30.93
C2D BCB LC . 9.44 -34.69 -31.94
C3D BCB LC . 9.60 -33.38 -32.63
C4D BCB LC . 10.60 -32.71 -32.12
CMD BCB LC . 8.45 -35.77 -32.27
CAD BCB LC . 9.13 -32.58 -33.75
OBD BCB LC . 8.19 -32.93 -34.52
CBD BCB LC . 9.79 -31.26 -33.78
CGD BCB LC . 10.28 -30.86 -35.12
O1D BCB LC . 9.71 -30.00 -35.75
O2D BCB LC . 11.37 -31.57 -35.70
CED BCB LC . 11.11 -32.12 -36.98
C1 BCB LC . 8.86 -24.22 -32.87
C2 BCB LC . 8.54 -23.00 -33.71
C3 BCB LC . 8.73 -22.87 -35.05
C4 BCB LC . 9.30 -23.94 -35.93
C5 BCB LC . 8.31 -21.57 -35.69
C6 BCB LC . 9.13 -21.15 -36.92
C7 BCB LC . 8.22 -20.84 -38.11
C8 BCB LC . 7.77 -19.37 -38.16
C9 BCB LC . 6.26 -19.41 -38.29
C10 BCB LC . 8.45 -18.63 -39.30
C11 BCB LC . 8.95 -17.22 -38.99
C12 BCB LC . 10.48 -17.21 -38.84
C13 BCB LC . 11.21 -15.87 -39.05
C14 BCB LC . 12.71 -16.09 -39.26
C15 BCB LC . 10.94 -14.79 -37.97
C16 BCB LC . 11.16 -15.16 -36.48
C17 BCB LC . 11.40 -13.95 -35.57
C18 BCB LC . 10.12 -13.41 -34.90
C19 BCB LC . 9.93 -11.91 -35.21
C20 BCB LC . 10.11 -13.69 -33.40
MG BCB MC . 27.74 -26.33 -25.01
CHA BCB MC . 26.44 -25.36 -28.12
CHB BCB MC . 28.74 -23.10 -24.55
CHC BCB MC . 29.36 -27.47 -22.11
CHD BCB MC . 26.49 -29.62 -25.44
NA BCB MC . 27.64 -24.60 -26.08
C1A BCB MC . 27.13 -24.38 -27.28
C2A BCB MC . 27.30 -23.00 -27.83
C3A BCB MC . 28.15 -22.35 -26.78
C4A BCB MC . 28.21 -23.42 -25.73
CMA BCB MC . 29.49 -22.02 -27.36
CAA BCB MC . 25.96 -22.31 -27.74
CBA BCB MC . 25.60 -21.69 -29.06
CGA BCB MC . 24.23 -21.09 -28.93
O1A BCB MC . 23.27 -21.83 -29.08
O2A BCB MC . 24.06 -19.67 -28.62
NB BCB MC . 28.82 -25.40 -23.54
C1B BCB MC . 29.25 -24.04 -23.56
C2B BCB MC . 29.94 -23.72 -22.29
C3B BCB MC . 30.13 -25.02 -21.59
C4B BCB MC . 29.54 -26.06 -22.46
CMB BCB MC . 30.41 -22.36 -21.90
CAB BCB MC . 30.85 -25.27 -20.30
OBB BCB MC . 31.36 -26.32 -20.04
CBB BCB MC . 30.92 -24.20 -19.27
NC BCB MC . 27.85 -28.10 -23.95
C1C BCB MC . 28.55 -28.45 -22.85
C2C BCB MC . 28.55 -29.81 -22.23
C3C BCB MC . 27.70 -30.31 -23.28
C4C BCB MC . 27.34 -29.31 -24.30
CMC BCB MC . 29.93 -30.48 -22.30
CAC BCB MC . 27.22 -31.70 -23.30
CBC BCB MC . 27.64 -32.64 -22.20
ND BCB MC . 26.61 -27.24 -26.41
C1D BCB MC . 26.33 -28.66 -26.53
C2D BCB MC . 25.59 -28.86 -27.77
C3D BCB MC . 25.66 -27.50 -28.38
C4D BCB MC . 26.38 -26.70 -27.64
CMD BCB MC . 24.94 -30.07 -28.36
CAD BCB MC . 25.33 -26.73 -29.56
OBD BCB MC . 24.70 -27.20 -30.55
CBD BCB MC . 25.76 -25.32 -29.45
CGD BCB MC . 26.56 -25.00 -30.66
O1D BCB MC . 26.04 -24.74 -31.75
O2D BCB MC . 27.98 -25.01 -30.57
CED BCB MC . 28.65 -23.92 -31.21
C1 BCB MC . 22.92 -18.83 -28.96
C2 BCB MC . 23.14 -18.18 -30.31
C3 BCB MC . 23.56 -16.93 -30.51
C4 BCB MC . 23.87 -16.02 -29.35
C5 BCB MC . 23.70 -16.51 -31.97
C6 BCB MC . 24.04 -15.04 -32.26
C7 BCB MC . 23.57 -14.59 -33.64
C8 BCB MC . 22.66 -13.35 -33.62
C9 BCB MC . 21.26 -13.77 -34.04
C10 BCB MC . 23.20 -12.24 -34.52
C11 BCB MC . 23.78 -11.09 -33.69
C12 BCB MC . 24.26 -9.87 -34.49
C13 BCB MC . 25.62 -9.19 -34.14
C14 BCB MC . 26.88 -10.07 -34.24
C15 BCB MC . 25.67 -8.32 -32.86
C16 BCB MC . 25.32 -8.93 -31.49
C17 BCB MC . 24.74 -7.87 -30.54
C18 BCB MC . 23.21 -7.82 -30.49
C19 BCB MC . 22.62 -6.66 -31.29
C20 BCB MC . 22.71 -7.79 -29.05
MG BCB NC . 39.53 -17.75 -16.01
CHA BCB NC . 38.95 -16.87 -19.33
CHB BCB NC . 39.80 -14.36 -15.32
CHC BCB NC . 40.33 -18.70 -12.75
CHD BCB NC . 39.20 -21.21 -16.81
NA BCB NC . 39.41 -15.99 -17.06
C1A BCB NC . 39.17 -15.82 -18.34
C2A BCB NC . 39.19 -14.41 -18.83
C3A BCB NC . 39.64 -13.66 -17.64
C4A BCB NC . 39.65 -14.73 -16.60
CMA BCB NC . 41.03 -13.21 -17.94
CAA BCB NC . 37.77 -13.97 -19.09
CBA BCB NC . 37.69 -13.30 -20.43
CGA BCB NC . 36.22 -13.09 -20.73
O1A BCB NC . 35.59 -14.02 -21.23
O2A BCB NC . 35.59 -11.80 -20.42
NB BCB NC . 39.94 -16.70 -14.28
C1B BCB NC . 40.08 -15.27 -14.19
C2B BCB NC . 40.18 -14.89 -12.78
C3B BCB NC . 40.36 -16.15 -12.04
C4B BCB NC . 40.34 -17.26 -13.03
CMB BCB NC . 40.20 -13.49 -12.28
CAB BCB NC . 40.53 -16.19 -10.56
OBB BCB NC . 41.18 -17.35 -9.93
CBB BCB NC . 40.09 -15.33 -9.83
NC BCB NC . 39.70 -19.51 -14.97
C1C BCB NC . 40.04 -19.79 -13.69
C2C BCB NC . 40.11 -21.18 -13.10
C3C BCB NC . 39.77 -21.77 -14.37
C4C BCB NC . 39.56 -20.79 -15.45
CMC BCB NC . 41.53 -21.59 -12.76
CAC BCB NC . 39.59 -23.23 -14.57
CBC BCB NC . 39.79 -24.22 -13.46
ND BCB NC . 39.08 -18.79 -17.67
C1D BCB NC . 39.16 -20.23 -17.88
C2D BCB NC . 38.84 -20.48 -19.31
C3D BCB NC . 38.78 -19.10 -19.82
C4D BCB NC . 39.06 -18.23 -18.89
CMD BCB NC . 38.65 -21.72 -20.14
CAD BCB NC . 38.62 -18.34 -21.04
OBD BCB NC . 38.38 -18.87 -22.17
CBD BCB NC . 38.66 -16.89 -20.79
CGD BCB NC . 39.64 -16.29 -21.72
O1D BCB NC . 39.26 -15.79 -22.79
O2D BCB NC . 41.03 -16.34 -21.45
CED BCB NC . 41.84 -15.78 -22.48
C1 BCB NC . 34.37 -11.29 -20.99
C2 BCB NC . 34.47 -9.81 -21.31
C3 BCB NC . 34.96 -9.33 -22.47
C4 BCB NC . 35.42 -10.30 -23.53
C5 BCB NC . 35.00 -7.81 -22.65
C6 BCB NC . 35.78 -7.20 -23.82
C7 BCB NC . 35.09 -7.12 -25.21
C8 BCB NC . 34.33 -5.84 -25.57
C9 BCB NC . 33.23 -6.27 -26.51
C10 BCB NC . 35.18 -4.79 -26.29
C11 BCB NC . 35.51 -3.59 -25.38
C12 BCB NC . 35.80 -2.28 -26.12
C13 BCB NC . 36.40 -1.05 -25.36
C14 BCB NC . 37.72 -0.61 -26.00
C15 BCB NC . 36.57 -1.13 -23.83
C16 BCB NC . 35.34 -0.86 -22.94
C17 BCB NC . 34.51 0.40 -23.25
C18 BCB NC . 33.02 0.10 -23.48
C19 BCB NC . 32.64 0.15 -24.96
C20 BCB NC . 32.14 1.02 -22.66
MG BCB OC . 46.13 -7.23 -4.23
CHA BCB OC . 46.35 -6.37 -7.60
CHB BCB OC . 45.45 -3.95 -3.56
CHC BCB OC . 46.21 -8.12 -0.82
CHD BCB OC . 46.70 -10.70 -4.97
NA BCB OC . 45.97 -5.52 -5.32
C1A BCB OC . 46.04 -5.35 -6.62
C2A BCB OC . 45.86 -3.94 -7.10
C3A BCB OC . 45.86 -3.18 -5.81
C4A BCB OC . 45.77 -4.28 -4.81
CMA BCB OC . 47.15 -2.45 -5.71
CAA BCB OC . 44.50 -3.72 -7.72
CBA BCB OC . 44.68 -3.05 -9.05
CGA BCB OC . 43.38 -3.15 -9.84
O1A BCB OC . 42.81 -4.23 -9.91
O2A BCB OC . 42.80 -2.01 -10.56
NB BCB OC . 45.83 -6.20 -2.48
C1B BCB OC . 45.58 -4.81 -2.39
C2B BCB OC . 45.12 -4.48 -1.01
C3B BCB OC . 45.40 -5.70 -0.21
C4B BCB OC . 45.93 -6.72 -1.14
CMB BCB OC . 44.62 -3.14 -0.60
CAB BCB OC . 45.17 -5.95 1.25
OBB BCB OC . 45.18 -7.07 1.74
CBB BCB OC . 44.85 -4.81 2.13
NC BCB OC . 46.36 -8.97 -3.13
C1C BCB OC . 46.38 -9.20 -1.79
C2C BCB OC . 46.58 -10.53 -1.15
C3C BCB OC . 46.68 -11.17 -2.45
C4C BCB OC . 46.56 -10.25 -3.58
CMC BCB OC . 47.97 -10.65 -0.50
CAC BCB OC . 46.85 -12.63 -2.58
CBC BCB OC . 46.91 -13.50 -1.34
ND BCB OC . 46.35 -8.30 -5.91
C1D BCB OC . 46.79 -9.70 -6.03
C2D BCB OC . 46.95 -9.95 -7.45
C3D BCB OC . 46.77 -8.59 -8.03
C4D BCB OC . 46.57 -7.70 -7.09
CMD BCB OC . 47.26 -11.18 -8.22
CAD BCB OC . 46.81 -7.83 -9.28
OBD BCB OC . 47.05 -8.39 -10.38
CBD BCB OC . 46.51 -6.40 -9.08
CGD BCB OC . 47.62 -5.62 -9.70
O1D BCB OC . 47.55 -5.17 -10.84
O2D BCB OC . 48.82 -5.39 -8.97
CED BCB OC . 49.41 -4.12 -9.21
C1 BCB OC . 41.47 -1.49 -10.41
C2 BCB OC . 41.31 -0.08 -10.99
C3 BCB OC . 42.15 0.60 -11.81
C4 BCB OC . 43.46 0.07 -12.33
C5 BCB OC . 41.70 1.99 -12.23
C6 BCB OC . 42.72 2.77 -13.07
C7 BCB OC . 42.44 2.71 -14.57
C8 BCB OC . 41.63 3.88 -15.11
C9 BCB OC . 40.72 3.35 -16.20
C10 BCB OC . 42.53 4.98 -15.68
C11 BCB OC . 41.99 6.39 -15.48
C12 BCB OC . 42.58 7.04 -14.23
C13 BCB OC . 42.10 8.46 -13.96
C14 BCB OC . 43.18 9.19 -13.17
C15 BCB OC . 40.76 8.45 -13.21
C16 BCB OC . 39.80 9.53 -13.73
C17 BCB OC . 38.48 9.00 -14.31
C18 BCB OC . 37.19 9.30 -13.51
C19 BCB OC . 36.88 10.79 -13.32
C20 BCB OC . 37.10 8.60 -12.14
MG BCB PC . 46.24 3.73 8.81
CHA BCB PC . 47.27 4.80 5.74
CHB BCB PC . 44.66 6.75 9.16
CHC BCB PC . 45.46 2.70 12.11
CHD BCB PC . 47.91 0.55 8.36
NA BCB PC . 45.99 5.43 7.70
C1A BCB PC . 46.43 5.70 6.50
C2A BCB PC . 46.04 7.03 5.88
C3A BCB PC . 45.40 7.68 7.04
C4A BCB PC . 45.36 6.56 8.05
CMA BCB PC . 46.33 8.81 7.35
CAA BCB PC . 44.92 6.88 4.88
CBA BCB PC . 44.85 7.93 3.78
CGA BCB PC . 44.14 7.38 2.54
O1A BCB PC . 44.01 6.18 2.42
O2A BCB PC . 43.64 8.20 1.42
NB BCB PC . 45.17 4.57 10.35
C1B BCB PC . 44.66 5.90 10.35
C2B BCB PC . 43.83 6.10 11.55
C3B BCB PC . 44.08 4.94 12.43
C4B BCB PC . 45.00 4.04 11.69
CMB BCB PC . 43.01 7.32 11.78
CAB BCB PC . 43.52 4.63 13.77
OBB BCB PC . 43.70 3.55 14.32
CBB BCB PC . 42.65 5.62 14.42
NC BCB PC . 46.55 2.04 9.97
C1C BCB PC . 46.22 1.75 11.27
C2C BCB PC . 46.57 0.49 11.97
C3C BCB PC . 47.26 0.00 10.78
C4C BCB PC . 47.25 0.91 9.65
CMC BCB PC . 47.56 0.70 13.10
CAC BCB PC . 47.89 -1.34 10.69
CBC BCB PC . 47.87 -2.30 11.83
ND BCB PC . 47.25 2.82 7.32
C1D BCB PC . 48.03 1.58 7.34
C2D BCB PC . 48.65 1.46 6.01
C3D BCB PC . 48.31 2.79 5.42
C4D BCB PC . 47.64 3.54 6.27
CMD BCB PC . 49.48 0.44 5.30
CAD BCB PC . 48.54 3.59 4.24
OBD BCB PC . 49.17 3.18 3.24
CBD BCB PC . 47.80 4.87 4.37
CGD BCB PC . 48.53 6.08 4.03
O1D BCB PC . 48.03 6.83 3.22
O2D BCB PC . 49.83 6.37 4.54
CED BCB PC . 50.76 6.79 3.52
C1 BCB PC . 42.31 8.75 1.31
C2 BCB PC . 42.22 10.11 0.59
C3 BCB PC . 43.24 10.94 0.23
C4 BCB PC . 44.70 10.69 0.49
C5 BCB PC . 42.93 12.23 -0.49
C6 BCB PC . 43.62 12.34 -1.86
C7 BCB PC . 43.01 13.33 -2.85
C8 BCB PC . 43.68 14.69 -2.70
C9 BCB PC . 43.33 15.31 -1.34
C10 BCB PC . 43.35 15.60 -3.89
C11 BCB PC . 42.33 16.71 -3.58
C12 BCB PC . 42.93 18.12 -3.43
C13 BCB PC . 42.40 19.06 -2.32
C14 BCB PC . 42.88 18.76 -0.88
C15 BCB PC . 40.90 19.36 -2.43
C16 BCB PC . 39.95 18.37 -1.74
C17 BCB PC . 38.87 18.00 -2.74
C18 BCB PC . 37.42 18.32 -2.32
C19 BCB PC . 36.91 19.63 -2.94
C20 BCB PC . 37.19 18.24 -0.81
MG BCB QC . 29.10 22.06 31.18
CHA BCB QC . 31.01 23.87 28.89
CHB BCB QC . 26.38 24.08 30.38
CHC BCB QC . 27.36 20.41 33.73
CHD BCB QC . 31.90 19.98 31.93
NA BCB QC . 28.74 23.59 29.89
C1A BCB QC . 29.59 24.19 29.09
C2A BCB QC . 29.07 25.30 28.25
C3A BCB QC . 27.67 25.40 28.76
C4A BCB QC . 27.56 24.27 29.75
CMA BCB QC . 27.51 26.74 29.41
CAA BCB QC . 29.09 24.86 26.81
CBA BCB QC . 29.56 25.94 25.85
CGA BCB QC . 28.44 26.02 24.84
O1A BCB QC . 27.29 25.98 25.26
O2A BCB QC . 28.70 26.15 23.39
NB BCB QC . 27.17 22.19 31.89
C1B BCB QC . 26.17 23.17 31.52
C2B BCB QC . 24.89 22.87 32.22
C3B BCB QC . 25.21 21.82 33.22
C4B BCB QC . 26.65 21.50 33.05
CMB BCB QC . 23.60 23.56 32.05
CAB BCB QC . 24.31 21.12 34.20
OBB BCB QC . 24.70 20.10 34.78
CBB BCB QC . 22.90 21.55 34.39
NC BCB QC . 29.50 20.54 32.51
C1C BCB QC . 28.75 19.99 33.48
C2C BCB QC . 29.21 18.89 34.39
C3C BCB QC . 30.52 18.87 33.75
C4C BCB QC . 30.67 19.86 32.68
CMC BCB QC . 29.37 19.40 35.81
CAC BCB QC . 31.58 17.91 34.14
CBC BCB QC . 31.37 16.91 35.24
ND BCB QC . 30.99 21.90 30.47
C1D BCB QC . 32.07 21.09 31.00
C2D BCB QC . 33.26 21.38 30.18
C3D BCB QC . 32.75 22.51 29.37
C4D BCB QC . 31.53 22.83 29.69
CMD BCB QC . 34.66 20.83 30.12
CAD BCB QC . 33.19 23.47 28.38
OBD BCB QC . 34.35 23.46 27.90
CBD BCB QC . 32.08 24.36 27.97
CGD BCB QC . 32.51 25.80 28.04
O1D BCB QC . 33.21 26.32 27.17
O2D BCB QC . 32.07 26.64 29.11
CED BCB QC . 31.45 27.87 28.72
C1 BCB QC . 27.68 26.25 22.36
C2 BCB QC . 27.42 27.64 21.75
C3 BCB QC . 28.14 28.78 21.84
C4 BCB QC . 29.44 28.95 22.59
C5 BCB QC . 27.67 30.02 21.13
C6 BCB QC . 28.46 30.12 19.83
C7 BCB QC . 28.82 31.54 19.43
C8 BCB QC . 28.08 31.91 18.15
C9 BCB QC . 28.70 31.25 16.92
C10 BCB QC . 28.05 33.43 17.97
C11 BCB QC . 26.72 34.00 18.44
C12 BCB QC . 26.50 35.42 17.91
C13 BCB QC . 25.03 35.84 17.80
C14 BCB QC . 24.14 35.43 18.99
C15 BCB QC . 24.44 35.49 16.42
C16 BCB QC . 24.27 34.01 16.04
C17 BCB QC . 23.22 33.77 14.94
C18 BCB QC . 21.81 33.40 15.45
C19 BCB QC . 20.84 34.45 14.95
C20 BCB QC . 21.62 33.22 16.96
C51 UQ9 RC . 7.12 16.64 21.58
C49 UQ9 RC . 7.37 15.17 21.22
C50 UQ9 RC . 8.14 14.81 19.96
C48 UQ9 RC . 6.85 14.05 22.13
C47 UQ9 RC . 7.19 12.64 21.67
C46 UQ9 RC . 8.48 12.18 22.35
C44 UQ9 RC . 8.29 10.75 22.86
C45 UQ9 RC . 7.42 9.79 22.07
C43 UQ9 RC . 8.94 10.31 24.17
C42 UQ9 RC . 9.81 11.37 24.86
C41 UQ9 RC . 8.94 12.23 25.77
C39 UQ9 RC . 9.33 12.01 27.24
C40 UQ9 RC . 9.62 10.60 27.73
C38 UQ9 RC . 9.41 13.20 28.19
C37 UQ9 RC . 9.78 12.86 29.64
C36 UQ9 RC . 11.28 13.07 29.89
C34 UQ9 RC . 11.63 14.54 29.78
C35 UQ9 RC . 10.88 15.56 30.64
C33 UQ9 RC . 12.71 15.00 28.80
C32 UQ9 RC . 12.95 16.50 28.77
C31 UQ9 RC . 12.68 17.03 27.34
C29 UQ9 RC . 11.31 17.72 27.29
C30 UQ9 RC . 10.24 17.37 28.33
C28 UQ9 RC . 11.02 18.75 26.20
C27 UQ9 RC . 12.14 19.03 25.21
C26 UQ9 RC . 11.72 20.23 24.35
C24 UQ9 RC . 11.90 19.91 22.87
C25 UQ9 RC . 12.97 18.92 22.43
C23 UQ9 RC . 11.01 20.59 21.82
C22 UQ9 RC . 11.28 20.20 20.37
C21 UQ9 RC . 10.35 19.06 19.96
C19 UQ9 RC . 9.69 19.33 18.60
C20 UQ9 RC . 8.66 18.35 18.06
C18 UQ9 RC . 10.06 20.58 17.80
C17 UQ9 RC . 9.34 20.74 16.45
C16 UQ9 RC . 8.91 22.19 16.25
C14 UQ9 RC . 10.07 23.02 15.72
C15 UQ9 RC . 10.65 22.73 14.35
C13 UQ9 RC . 10.64 24.16 16.57
C12 UQ9 RC . 11.81 24.94 15.96
C11 UQ9 RC . 13.15 24.33 16.40
C9 UQ9 RC . 13.39 24.58 17.88
C10 UQ9 RC . 12.23 25.05 18.77
C8 UQ9 RC . 14.77 24.39 18.48
C7 UQ9 RC . 15.86 23.92 17.53
C6 UQ9 RC . 17.10 24.51 17.78
C1 UQ9 RC . 17.72 24.40 19.03
C1M UQ9 RC . 17.07 23.71 20.04
C2 UQ9 RC . 18.99 24.92 19.32
O2 UQ9 RC . 18.93 25.78 20.45
C3 UQ9 RC . 19.57 25.61 18.26
O3 UQ9 RC . 20.79 26.15 18.48
C3M UQ9 RC . 20.83 27.55 18.17
C4 UQ9 RC . 18.99 25.71 17.01
O4 UQ9 RC . 19.64 26.41 16.03
C4M UQ9 RC . 20.96 25.96 15.80
C5 UQ9 RC . 17.74 25.18 16.75
O5 UQ9 RC . 17.22 25.29 15.64
MG BCB SC . 13.98 27.17 37.74
CHA BCB SC . 15.92 29.41 35.85
CHB BCB SC . 11.17 28.42 36.17
CHC BCB SC . 12.11 25.10 39.90
CHD BCB SC . 16.95 25.85 39.25
NA BCB SC . 13.59 28.60 36.33
C1A BCB SC . 14.45 29.40 35.69
C2A BCB SC . 13.86 30.39 34.74
C3A BCB SC . 12.41 30.16 34.98
C4A BCB SC . 12.36 28.99 35.90
CMA BCB SC . 11.83 31.33 35.71
CAA BCB SC . 14.18 29.92 33.34
CBA BCB SC . 14.81 30.90 32.36
CGA BCB SC . 14.27 30.59 30.95
O1A BCB SC . 13.28 29.86 30.84
O2A BCB SC . 14.84 31.13 29.70
NB BCB SC . 11.97 26.79 37.95
C1B BCB SC . 10.90 27.45 37.23
C2B BCB SC . 9.64 26.72 37.50
C3B BCB SC . 9.96 25.77 38.61
C4B BCB SC . 11.40 25.94 38.95
CMB BCB SC . 8.33 26.96 36.85
CAB BCB SC . 9.06 24.80 39.30
OBB BCB SC . 9.50 24.07 40.17
CBB BCB SC . 7.65 24.66 38.85
NC BCB SC . 14.40 25.77 39.20
C1C BCB SC . 13.59 25.04 40.02
C2C BCB SC . 14.05 24.07 41.04
C3C BCB SC . 15.44 24.39 40.76
C4C BCB SC . 15.62 25.39 39.71
CMC BCB SC . 13.67 24.44 42.45
CAC BCB SC . 16.50 23.66 41.49
CBC BCB SC . 16.19 22.63 42.54
ND BCB SC . 15.98 27.50 37.52
C1D BCB SC . 17.09 27.00 38.35
C2D BCB SC . 18.34 27.65 37.88
C3D BCB SC . 17.80 28.62 36.90
C4D BCB SC . 16.49 28.58 36.87
CMD BCB SC . 19.79 27.55 38.20
CAD BCB SC . 18.20 29.70 35.98
OBD BCB SC . 19.40 30.10 35.85
CBD BCB SC . 17.01 30.28 35.30
CGD BCB SC . 16.91 31.68 35.83
O1D BCB SC . 17.16 32.64 35.12
O2D BCB SC . 16.63 31.91 37.27
CED BCB SC . 15.49 31.50 38.09
C1 BCB SC . 14.07 31.30 28.48
C2 BCB SC . 14.02 32.72 27.92
C3 BCB SC . 14.14 33.93 28.51
C4 BCB SC . 14.33 34.20 29.99
C5 BCB SC . 14.03 35.18 27.66
C6 BCB SC . 15.31 35.51 26.88
C7 BCB SC . 15.18 36.86 26.19
C8 BCB SC . 14.79 36.84 24.71
C9 BCB SC . 16.01 36.58 23.84
C10 BCB SC . 14.09 38.14 24.35
C11 BCB SC . 13.03 37.99 23.26
C12 BCB SC . 12.63 39.32 22.59
C13 BCB SC . 11.12 39.55 22.37
C14 BCB SC . 10.29 39.00 23.55
C15 BCB SC . 10.67 39.06 20.97
C16 BCB SC . 9.17 38.89 20.74
C17 BCB SC . 8.85 37.49 20.17
C18 BCB SC . 7.46 36.84 20.41
C19 BCB SC . 6.31 37.66 19.82
C20 BCB SC . 7.18 36.39 21.85
MG BCB TC . 5.59 28.04 39.75
CHA BCB TC . 3.45 29.23 37.31
CHB BCB TC . 7.97 30.20 38.45
CHC BCB TC . 7.72 26.75 42.15
CHD BCB TC . 3.19 25.69 40.83
NA BCB TC . 5.64 29.50 38.33
C1A BCB TC . 4.68 29.93 37.58
C2A BCB TC . 5.01 31.07 36.69
C3A BCB TC . 6.51 31.00 36.71
C4A BCB TC . 6.75 30.17 37.92
CMA BCB TC . 7.03 30.33 35.45
CAA BCB TC . 4.50 32.37 37.26
CBA BCB TC . 4.20 33.29 36.08
CGA BCB TC . 5.45 33.69 35.31
O1A BCB TC . 5.66 33.18 34.23
O2A BCB TC . 6.40 34.70 35.80
NB BCB TC . 7.52 28.50 40.29
C1B BCB TC . 8.46 29.23 39.46
C2B BCB TC . 9.84 29.07 39.96
C3B BCB TC . 9.71 28.05 41.04
C4B BCB TC . 8.31 27.64 41.13
CMB BCB TC . 11.04 29.75 39.41
CAB BCB TC . 10.74 27.47 41.91
OBB BCB TC . 10.41 26.73 42.82
CBB BCB TC . 12.15 27.87 41.75
NC BCB TC . 5.49 26.57 41.18
C1C BCB TC . 6.39 26.14 42.09
C2C BCB TC . 6.20 25.07 43.07
C3C BCB TC . 4.84 24.86 42.61
C4C BCB TC . 4.47 25.74 41.52
CMC BCB TC . 7.10 23.93 42.66
CAC BCB TC . 3.95 23.85 43.24
CBC BCB TC . 4.39 22.95 44.39
ND BCB TC . 3.69 27.66 39.27
C1D BCB TC . 2.98 26.45 39.61
C2D BCB TC . 1.81 26.40 38.70
C3D BCB TC . 2.07 27.52 37.77
C4D BCB TC . 3.20 28.07 38.08
CMD BCB TC . 0.66 25.47 38.60
CAD BCB TC . 1.56 28.20 36.57
OBD BCB TC . 0.50 27.87 35.93
CBD BCB TC . 2.44 29.37 36.23
CGD BCB TC . 2.91 29.27 34.83
O1D BCB TC . 3.12 28.20 34.33
O2D BCB TC . 3.07 30.44 34.01
CED BCB TC . 2.85 30.30 32.59
C1 BCB TC . 7.39 34.53 36.84
C2 BCB TC . 8.71 35.07 36.32
C3 BCB TC . 9.61 35.86 36.96
C4 BCB TC . 9.41 36.34 38.38
C5 BCB TC . 10.89 36.30 36.26
C6 BCB TC . 10.93 36.06 34.75
C7 BCB TC . 10.75 37.35 33.95
C8 BCB TC . 10.71 37.23 32.42
C9 BCB TC . 11.92 36.50 31.83
C10 BCB TC . 10.60 38.64 31.84
C11 BCB TC . 9.57 38.80 30.72
C12 BCB TC . 8.55 39.90 31.04
C13 BCB TC . 8.45 41.00 29.97
C14 BCB TC . 8.07 42.33 30.64
C15 BCB TC . 7.48 40.60 28.86
C16 BCB TC . 7.75 41.28 27.51
C17 BCB TC . 7.94 40.29 26.36
C18 BCB TC . 7.05 40.59 25.15
C19 BCB TC . 6.78 39.31 24.35
C20 BCB TC . 7.58 41.72 24.26
C39 NS0 UC . 9.85 23.88 35.02
C38 NS0 UC . 8.95 24.11 33.82
C40 NS0 UC . 7.80 23.15 33.54
C37 NS0 UC . 9.19 25.29 32.91
C36 NS0 UC . 10.38 26.15 33.33
C35 NS0 UC . 10.98 26.83 32.11
C33 NS0 UC . 10.95 28.32 32.38
C34 NS0 UC . 12.08 28.99 33.16
C32 NS0 UC . 9.77 29.13 31.89
C31 NS0 UC . 9.79 30.61 32.22
C30 NS0 UC . 8.56 31.31 31.68
C28 NS0 UC . 8.43 32.81 31.92
C29 NS0 UC . 9.49 33.60 32.67
C27 NS0 UC . 7.19 33.47 31.38
C26 NS0 UC . 6.99 34.97 31.57
C25 NS0 UC . 5.69 35.37 30.93
C23 NS0 UC . 5.25 36.82 31.00
C24 NS0 UC . 6.10 37.86 31.70
C22 NS0 UC . 3.92 37.16 30.33
C21 NS0 UC . 3.45 38.60 30.38
C20 NS0 UC . 2.11 38.76 29.67
C19 NS0 UC . 1.53 40.17 29.64
C17 NS0 UC . 0.19 40.28 28.92
C18 NS0 UC . -0.45 39.04 28.30
C16 NS0 UC . -0.50 41.63 28.82
C15 NS0 UC . -1.83 41.60 28.08
C14 NS0 UC . -2.52 42.95 27.97
C12 NS0 UC . -3.85 42.90 27.24
C13 NS0 UC . -4.36 41.58 26.67
C11 NS0 UC . -4.64 44.18 27.04
C10 NS0 UC . -3.80 45.13 26.19
C9 NS0 UC . -4.70 46.04 25.36
C7 NS0 UC . -5.02 47.38 26.02
C8 NS0 UC . -4.43 47.70 27.40
C NS0 UC . -5.90 48.39 25.30
CA NS0 UC . -5.12 49.00 24.15
CB NS0 UC . -5.20 48.06 22.95
CG NS0 UC . -4.55 48.73 21.74
CD2 NS0 UC . -4.99 48.03 20.45
CD1 NS0 UC . -4.98 50.20 21.70
MG BCB VC . -11.48 24.69 39.16
CHA BCB VC . -13.18 25.38 36.21
CHB BCB VC . -9.69 27.55 38.59
CHC BCB VC . -9.59 23.80 41.99
CHD BCB VC . -13.31 21.72 39.59
NA BCB VC . -11.51 26.19 37.80
C1A BCB VC . -12.30 26.37 36.79
C2A BCB VC . -12.10 27.58 35.99
C3A BCB VC . -10.73 27.97 36.46
C4A BCB VC . -10.62 27.19 37.72
CMA BCB VC . -9.74 27.52 35.42
CAA BCB VC . -13.17 28.59 36.29
CBA BCB VC . -12.77 30.01 35.94
CGA BCB VC . -11.93 30.10 34.68
O1A BCB VC . -12.17 29.38 33.74
O2A BCB VC . -10.80 31.03 34.57
NB BCB VC . -9.94 25.59 40.17
C1B BCB VC . -9.17 26.70 39.66
C2B BCB VC . -8.04 26.99 40.56
C3B BCB VC . -8.05 25.87 41.53
C4B BCB VC . -9.15 24.95 41.21
CMB BCB VC . -7.10 28.15 40.43
CAB BCB VC . -7.11 25.62 42.64
OBB BCB VC . -7.37 24.71 43.40
CBB BCB VC . -5.93 26.51 42.79
NC BCB VC . -11.45 23.13 40.52
C1C BCB VC . -10.69 22.88 41.62
C2C BCB VC . -10.84 21.69 42.49
C3C BCB VC . -11.96 21.20 41.72
C4C BCB VC . -12.27 22.05 40.57
CMC BCB VC . -9.65 20.81 42.21
CAC BCB VC . -12.72 19.96 42.04
CBC BCB VC . -12.43 19.05 43.21
ND BCB VC . -13.01 23.83 38.19
C1D BCB VC . -13.42 22.45 38.33
C2D BCB VC . -14.26 22.10 37.16
C3D BCB VC . -14.11 23.32 36.32
C4D BCB VC . -13.29 24.16 36.91
CMD BCB VC . -15.02 20.88 36.81
CAD BCB VC . -14.44 23.93 35.01
OBD BCB VC . -15.17 23.41 34.10
CBD BCB VC . -13.89 25.32 34.93
CGD BCB VC . -13.08 25.50 33.72
O1D BCB VC . -12.42 24.57 33.33
O2D BCB VC . -13.10 26.72 32.97
CED BCB VC . -12.74 26.66 31.58
C1 BCB VC . -10.20 31.62 35.73
C2 BCB VC . -9.13 32.63 35.34
C3 BCB VC . -8.80 33.74 36.03
C4 BCB VC . -9.47 34.13 37.33
C5 BCB VC . -7.69 34.64 35.52
C6 BCB VC . -7.74 34.91 34.03
C7 BCB VC . -6.44 34.50 33.34
C8 BCB VC . -5.35 35.57 33.27
C9 BCB VC . -4.44 35.46 34.50
C10 BCB VC . -5.89 37.01 33.06
C11 BCB VC . -5.22 37.89 32.00
C12 BCB VC . -5.92 37.98 30.65
C13 BCB VC . -7.38 38.46 30.63
C14 BCB VC . -8.31 37.31 30.24
C15 BCB VC . -7.54 39.64 29.68
C16 BCB VC . -8.81 40.48 29.87
C17 BCB VC . -9.75 40.39 28.67
C18 BCB VC . -9.81 41.56 27.66
C19 BCB VC . -8.79 41.39 26.52
C20 BCB VC . -9.73 42.99 28.20
C39 NS0 WC . -5.51 21.80 35.87
C38 NS0 WC . -5.65 21.64 34.37
C40 NS0 WC . -6.04 20.29 33.77
C37 NS0 WC . -5.41 22.83 33.45
C36 NS0 WC . -5.03 24.11 34.16
C35 NS0 WC . -4.04 24.87 33.28
C33 NS0 WC . -4.40 26.34 33.31
C34 NS0 WC . -3.50 27.35 34.03
C32 NS0 WC . -5.67 26.83 32.63
C31 NS0 WC . -5.92 28.31 32.74
C30 NS0 WC . -7.19 28.74 32.04
C28 NS0 WC . -7.54 30.21 32.08
C29 NS0 WC . -6.66 31.23 32.80
C27 NS0 WC . -8.82 30.63 31.40
C26 NS0 WC . -9.24 32.09 31.40
C25 NS0 WC . -10.54 32.19 30.63
C23 NS0 WC . -11.20 33.54 30.46
C24 NS0 WC . -10.61 34.82 31.05
C22 NS0 WC . -12.50 33.55 29.69
C21 NS0 WC . -13.19 34.88 29.50
C20 NS0 WC . -14.48 34.73 28.70
C19 NS0 WC . -15.25 36.01 28.46
C17 NS0 WC . -16.52 35.78 27.66
C18 NS0 WC . -16.89 34.38 27.19
C16 NS0 WC . -17.40 36.96 27.32
C15 NS0 WC . -18.63 36.63 26.51
C14 NS0 WC . -19.46 37.87 26.23
C12 NS0 WC . -20.72 37.63 25.43
C13 NS0 WC . -21.09 36.25 24.95
C11 NS0 WC . -21.58 38.83 25.09
C10 NS0 WC . -20.69 39.82 24.36
C9 NS0 WC . -21.27 40.12 22.99
C7 NS0 WC . -22.15 41.36 22.95
C8 NS0 WC . -22.35 42.17 24.23
C NS0 WC . -22.79 41.79 21.65
CA NS0 WC . -22.26 43.16 21.24
CB NS0 WC . -21.53 43.02 19.92
CG NS0 WC . -20.92 44.38 19.56
CD2 NS0 WC . -20.63 44.41 18.05
CD1 NS0 WC . -21.92 45.47 19.90
MG BCB XC . -26.37 17.53 34.32
CHA BCB XC . -27.51 18.04 31.08
CHB BCB XC . -25.05 20.67 34.21
CHC BCB XC . -25.14 16.87 37.54
CHD BCB XC . -27.46 14.19 34.21
NA BCB XC . -26.41 19.08 33.01
C1A BCB XC . -27.00 19.15 31.85
C2A BCB XC . -26.83 20.42 31.09
C3A BCB XC . -25.81 21.11 31.94
C4A BCB XC . -25.76 20.24 33.16
CMA BCB XC . -24.48 21.09 31.20
CAA BCB XC . -28.12 21.16 30.80
CBA BCB XC . -28.00 22.65 31.04
CGA BCB XC . -27.03 23.31 30.08
O1A BCB XC . -26.62 22.73 29.08
O2A BCB XC . -26.57 24.66 30.32
NB BCB XC . -25.35 18.65 35.70
C1B BCB XC . -24.67 19.89 35.39
C2B BCB XC . -23.87 20.33 36.53
C3B BCB XC . -23.91 19.19 37.48
C4B BCB XC . -24.72 18.12 36.89
CMB BCB XC . -23.13 21.61 36.63
CAB BCB XC . -23.29 19.06 38.80
OBB BCB XC . -23.69 18.14 39.49
CBB BCB XC . -22.35 20.10 39.34
NC BCB XC . -26.30 15.91 35.60
C1C BCB XC . -25.83 15.76 36.87
C2C BCB XC . -25.94 14.50 37.66
C3C BCB XC . -26.65 13.83 36.60
C4C BCB XC . -26.83 14.68 35.42
CMC BCB XC . -24.59 13.82 37.71
CAC BCB XC . -27.13 12.44 36.70
CBC BCB XC . -26.91 11.61 37.94
ND BCB XC . -27.40 16.40 32.99
C1D BCB XC . -27.47 14.96 32.99
C2D BCB XC . -27.94 14.54 31.66
C3D BCB XC . -27.91 15.81 30.88
C4D BCB XC . -27.46 16.76 31.69
CMD BCB XC . -28.33 13.21 31.11
CAD BCB XC . -28.11 16.44 29.56
OBD BCB XC . -28.49 15.84 28.50
CBD BCB XC . -27.87 17.90 29.64
CGD BCB XC . -26.83 18.41 28.73
O1D BCB XC . -25.78 17.87 28.68
O2D BCB XC . -27.07 19.55 27.88
CED BCB XC . -26.53 19.52 26.55
C1 BCB XC . -25.35 24.97 30.97
C2 BCB XC . -25.05 26.43 30.68
C3 BCB XC . -24.79 27.42 31.58
C4 BCB XC . -24.79 27.18 33.07
C5 BCB XC . -24.50 28.83 31.13
C6 BCB XC . -23.39 28.91 30.10
C7 BCB XC . -22.01 28.92 30.74
C8 BCB XC . -21.27 30.26 30.57
C9 BCB XC . -21.61 31.14 31.77
C10 BCB XC . -21.46 30.90 29.18
C11 BCB XC . -21.84 32.38 29.13
C12 BCB XC . -22.30 32.77 27.72
C13 BCB XC . -23.80 33.02 27.63
C14 BCB XC . -24.54 31.71 27.42
C15 BCB XC . -24.10 34.06 26.55
C16 BCB XC . -25.02 33.62 25.39
C17 BCB XC . -24.91 34.54 24.17
C18 BCB XC . -26.01 35.59 23.96
C19 BCB XC . -25.41 36.97 23.72
C20 BCB XC . -27.09 35.68 25.05
C39 NS0 YC . -19.07 15.97 33.00
C38 NS0 YC . -19.16 15.73 31.50
C40 NS0 YC . -19.11 14.30 30.96
C37 NS0 YC . -19.28 16.90 30.54
C36 NS0 YC . -19.30 18.27 31.20
C35 NS0 YC . -18.25 19.13 30.52
C33 NS0 YC . -18.74 20.57 30.45
C34 NS0 YC . -18.07 21.65 31.28
C32 NS0 YC . -19.91 20.92 29.57
C31 NS0 YC . -20.30 22.38 29.59
C30 NS0 YC . -21.49 22.66 28.68
C28 NS0 YC . -22.00 24.09 28.59
C29 NS0 YC . -21.38 25.23 29.38
C27 NS0 YC . -23.18 24.32 27.67
C26 NS0 YC . -23.77 25.71 27.52
C25 NS0 YC . -24.92 25.60 26.53
C23 NS0 YC . -25.72 26.81 26.15
C24 NS0 YC . -25.44 28.18 26.74
C22 NS0 YC . -26.85 26.57 25.16
C21 NS0 YC . -27.72 27.72 24.74
C20 NS0 YC . -28.79 27.28 23.74
C19 NS0 YC . -29.70 28.39 23.24
C17 NS0 YC . -30.76 27.94 22.25
C18 NS0 YC . -30.85 26.49 21.81
C16 NS0 YC . -31.72 28.96 21.68
C15 NS0 YC . -32.74 28.41 20.69
C14 NS0 YC . -33.69 29.45 20.15
C12 NS0 YC . -34.71 28.91 19.17
C13 NS0 YC . -34.71 27.43 18.81
C11 NS0 YC . -35.72 29.87 18.55
C10 NS0 YC . -34.97 31.12 18.12
C9 NS0 YC . -35.39 31.51 16.71
C7 NS0 YC . -36.24 32.78 16.61
C8 NS0 YC . -36.61 33.55 17.87
C NS0 YC . -36.71 33.27 15.24
CA NS0 YC . -35.97 34.56 14.88
CB NS0 YC . -35.55 34.50 13.41
CG NS0 YC . -35.20 35.90 12.93
CD2 NS0 YC . -34.91 35.88 11.43
CD1 NS0 YC . -36.38 36.82 13.19
MG BCB ZC . -37.69 7.67 25.81
CHA BCB ZC . -38.14 8.14 22.43
CHB BCB ZC . -37.14 11.11 26.03
CHC BCB ZC . -37.11 7.11 29.16
CHD BCB ZC . -37.95 4.13 25.42
NA BCB ZC . -37.78 9.28 24.57
C1A BCB ZC . -38.11 9.29 23.32
C2A BCB ZC . -38.10 10.60 22.65
C3A BCB ZC . -37.34 11.42 23.65
C4A BCB ZC . -37.41 10.55 24.86
CMA BCB ZC . -35.93 11.60 23.16
CAA BCB ZC . -39.50 11.07 22.40
CBA BCB ZC . -39.59 12.57 22.44
CGA BCB ZC . -38.56 13.18 21.51
O1A BCB ZC . -38.14 12.57 20.55
O2A BCB ZC . -38.04 14.52 21.74
NB BCB ZC . -37.29 8.93 27.37
C1B BCB ZC . -36.90 10.33 27.26
C2B BCB ZC . -36.60 10.85 28.61
C3B BCB ZC . -36.60 9.66 29.48
C4B BCB ZC . -36.88 8.46 28.66
CMB BCB ZC . -36.31 12.28 28.93
CAB BCB ZC . -36.30 9.59 30.91
OBB BCB ZC . -36.58 8.56 31.52
CBB BCB ZC . -35.73 10.80 31.58
NC BCB ZC . -37.56 6.03 27.03
C1C BCB ZC . -37.37 5.92 28.36
C2C BCB ZC . -37.33 4.65 29.12
C3C BCB ZC . -37.65 3.87 27.94
C4C BCB ZC . -37.75 4.69 26.75
CMC BCB ZC . -35.85 4.41 29.41
CAC BCB ZC . -37.81 2.40 27.99
CBC BCB ZC . -37.66 1.61 29.27
ND BCB ZC . -38.11 6.42 24.28
C1D BCB ZC . -37.86 4.99 24.24
C2D BCB ZC . -37.86 4.60 22.83
C3D BCB ZC . -37.94 5.90 22.14
C4D BCB ZC . -37.95 6.86 23.01
CMD BCB ZC . -37.75 3.30 22.14
CAD BCB ZC . -37.94 6.56 20.82
OBD BCB ZC . -37.88 5.93 19.72
CBD BCB ZC . -38.09 8.02 20.97
CGD BCB ZC . -36.97 8.71 20.33
O1D BCB ZC . -35.88 8.21 20.37
O2D BCB ZC . -37.18 9.93 19.61
CED BCB ZC . -36.42 10.17 18.41
C1 BCB ZC . -37.75 15.07 23.03
C2 BCB ZC . -37.42 16.53 22.79
C3 BCB ZC . -37.80 17.57 23.57
C4 BCB ZC . -38.63 17.35 24.81
C5 BCB ZC . -37.37 18.96 23.17
C6 BCB ZC . -36.01 19.31 23.79
C7 BCB ZC . -35.96 20.81 24.05
C8 BCB ZC . -34.97 21.51 23.13
C9 BCB ZC . -34.27 22.62 23.89
C10 BCB ZC . -35.62 21.97 21.81
C11 BCB ZC . -36.24 23.37 21.77
C12 BCB ZC . -35.99 24.04 20.41
C13 BCB ZC . -37.10 23.81 19.39
C14 BCB ZC . -36.62 22.90 18.25
C15 BCB ZC . -37.53 25.17 18.83
C16 BCB ZC . -39.00 25.26 18.39
C17 BCB ZC . -39.24 25.11 16.88
C18 BCB ZC . -38.83 26.24 15.91
C19 BCB ZC . -37.40 26.03 15.38
C20 BCB ZC . -39.06 27.66 16.43
C39 NS0 AD . -29.70 7.89 26.28
C38 NS0 AD . -29.45 7.64 24.81
C40 NS0 AD . -28.75 6.35 24.35
C37 NS0 AD . -29.87 8.66 23.78
C36 NS0 AD . -30.55 9.90 24.35
C35 NS0 AD . -29.53 11.03 24.35
C33 NS0 AD . -30.24 12.35 24.17
C34 NS0 AD . -29.97 13.50 25.12
C32 NS0 AD . -31.23 12.54 23.04
C31 NS0 AD . -31.88 13.90 22.97
C30 NS0 AD . -32.85 14.01 21.81
C28 NS0 AD . -33.58 15.34 21.63
C29 NS0 AD . -33.34 16.52 22.56
C27 NS0 AD . -34.56 15.41 20.46
C26 NS0 AD . -35.34 16.68 20.16
C25 NS0 AD . -36.21 16.41 18.94
C23 NS0 AD . -37.13 17.47 18.37
C24 NS0 AD . -37.24 18.86 18.98
C22 NS0 AD . -37.94 17.07 17.16
C21 NS0 AD . -38.88 18.09 16.54
C20 NS0 AD . -39.60 17.53 15.33
C19 NS0 AD . -40.57 18.47 14.64
C17 NS0 AD . -41.28 17.88 13.44
C18 NS0 AD . -41.01 16.44 13.00
C16 NS0 AD . -42.26 18.73 12.65
C15 NS0 AD . -42.90 18.02 11.47
C14 NS0 AD . -43.89 18.89 10.71
C12 NS0 AD . -44.55 18.19 9.54
C13 NS0 AD . -44.18 16.76 9.18
C11 NS0 AD . -45.52 18.98 8.67
C10 NS0 AD . -44.71 20.14 8.08
C9 NS0 AD . -45.19 20.45 6.67
C7 NS0 AD . -46.35 21.43 6.60
C8 NS0 AD . -46.94 22.01 7.89
C NS0 AD . -46.92 21.84 5.25
CA NS0 AD . -46.62 23.32 5.02
CB NS0 AD . -45.55 23.45 3.93
CG NS0 AD . -45.25 24.94 3.70
CD2 NS0 AD . -44.25 25.08 2.57
CD1 NS0 AD . -46.56 25.66 3.32
MG BCB BD . -44.07 -3.73 14.79
CHA BCB BD . -43.83 -3.08 11.39
CHB BCB BD . -44.53 -0.36 15.23
CHC BCB BD . -44.13 -4.42 18.22
CHD BCB BD . -43.49 -7.16 14.23
NA BCB BD . -44.25 -2.09 13.59
C1A BCB BD . -44.25 -2.03 12.29
C2A BCB BD . -44.40 -0.68 11.70
C3A BCB BD . -44.22 0.19 12.90
C4A BCB BD . -44.34 -0.81 13.99
CMA BCB BD . -42.81 0.77 12.87
CAA BCB BD . -45.70 -0.50 10.96
CBA BCB BD . -46.16 0.94 11.04
CGA BCB BD . -45.18 1.90 10.42
O1A BCB BD . -44.38 1.52 9.59
O2A BCB BD . -45.19 3.33 10.79
NB BCB BD . -44.38 -2.57 16.45
C1B BCB BD . -44.34 -1.13 16.45
C2B BCB BD . -44.39 -0.61 17.81
C3B BCB BD . -44.26 -1.82 18.66
C4B BCB BD . -44.15 -3.01 17.80
CMB BCB BD . -44.50 0.84 18.16
CAB BCB BD . -44.25 -1.88 20.12
OBB BCB BD . -44.41 -2.96 20.64
CBB BCB BD . -44.17 -0.62 20.92
NC BCB BD . -43.88 -5.41 15.98
C1C BCB BD . -43.96 -5.58 17.33
C2C BCB BD . -43.81 -6.91 17.98
C3C BCB BD . -43.68 -7.60 16.72
C4C BCB BD . -43.70 -6.69 15.59
CMC BCB BD . -42.43 -6.97 18.57
CAC BCB BD . -43.55 -9.07 16.58
CBC BCB BD . -43.51 -10.05 17.71
ND BCB BD . -43.81 -4.89 13.16
C1D BCB BD . -43.28 -6.24 13.15
C2D BCB BD . -42.92 -6.54 11.77
C3D BCB BD . -43.10 -5.23 11.10
C4D BCB BD . -43.52 -4.34 11.97
CMD BCB BD . -42.41 -7.77 11.13
CAD BCB BD . -42.98 -4.51 9.83
OBD BCB BD . -42.56 -5.04 8.75
CBD BCB BD . -43.48 -3.11 9.97
CGD BCB BD . -42.49 -2.12 9.54
O1D BCB BD . -41.31 -2.29 9.81
O2D BCB BD . -42.92 -1.00 8.75
CED BCB BD . -41.96 -0.49 7.82
C1 BCB BD . -44.84 3.88 12.06
C2 BCB BD . -45.09 5.38 12.01
C3 BCB BD . -45.98 6.05 12.78
C4 BCB BD . -46.83 5.30 13.77
C5 BCB BD . -46.22 7.55 12.71
C6 BCB BD . -45.08 8.38 12.11
C7 BCB BD . -44.14 8.88 13.22
C8 BCB BD . -44.11 10.39 13.46
C9 BCB BD . -45.33 10.80 14.30
C10 BCB BD . -43.88 11.21 12.18
C11 BCB BD . -44.69 12.49 11.96
C12 BCB BD . -44.64 12.93 10.50
C13 BCB BD . -45.89 12.58 9.66
C14 BCB BD . -45.90 11.12 9.22
C15 BCB BD . -45.92 13.50 8.44
C16 BCB BD . -47.11 13.28 7.50
C17 BCB BD . -46.76 13.73 6.08
C18 BCB BD . -47.25 15.15 5.80
C19 BCB BD . -47.99 15.23 4.46
C20 BCB BD . -46.09 16.14 5.79
C39 NS0 CD . -37.10 -1.47 16.89
C38 NS0 CD . -36.32 -1.43 15.58
C40 NS0 CD . -35.44 -2.62 15.19
C37 NS0 CD . -36.40 -0.22 14.67
C36 NS0 CD . -37.30 0.89 15.17
C35 NS0 CD . -36.65 2.24 14.88
C33 NS0 CD . -37.77 3.24 14.63
C34 NS0 CD . -38.24 4.17 15.75
C32 NS0 CD . -38.44 3.27 13.29
C31 NS0 CD . -39.56 4.29 13.13
C30 NS0 CD . -40.13 4.23 11.74
C28 NS0 CD . -41.27 5.18 11.40
C29 NS0 CD . -41.82 6.17 12.41
C27 NS0 CD . -41.82 5.08 9.98
C26 NS0 CD . -42.94 6.01 9.57
C25 NS0 CD . -43.30 5.70 8.14
C23 NS0 CD . -44.42 6.48 7.48
C24 NS0 CD . -45.18 7.57 8.23
C22 NS0 CD . -44.71 6.12 6.04
C21 NS0 CD . -45.81 6.87 5.33
C20 NS0 CD . -45.96 6.37 3.90
C19 NS0 CD . -47.03 7.04 3.06
C17 NS0 CD . -47.09 6.47 1.65
C18 NS0 CD . -46.13 5.36 1.25
C16 NS0 CD . -48.09 7.01 0.64
C15 NS0 CD . -48.02 6.35 -0.71
C14 NS0 CD . -49.04 6.89 -1.71
C12 NS0 CD . -48.98 6.22 -3.07
C13 NS0 CD . -47.98 5.12 -3.35
C11 NS0 CD . -49.94 6.68 -4.16
C10 NS0 CD . -49.87 8.21 -4.19
C9 NS0 CD . -49.75 8.69 -5.63
C7 NS0 CD . -50.96 9.48 -6.12
C8 NS0 CD . -52.14 9.73 -5.18
C NS0 CD . -50.99 10.04 -7.54
CA NS0 CD . -50.93 11.56 -7.47
CB NS0 CD . -49.89 12.07 -8.47
CG NS0 CD . -49.98 13.58 -8.57
CD2 NS0 CD . -48.72 14.11 -9.25
CD1 NS0 CD . -51.21 13.97 -9.40
MG BCB DD . -44.83 -15.38 2.15
CHA BCB DD . -43.92 -14.43 -1.04
CHB BCB DD . -46.02 -12.19 2.55
CHC BCB DD . -45.70 -16.34 5.38
CHD BCB DD . -43.25 -18.53 1.75
NA BCB DD . -45.09 -13.73 0.97
C1A BCB DD . -44.78 -13.57 -0.28
C2A BCB DD . -45.07 -12.26 -0.88
C3A BCB DD . -45.29 -11.46 0.37
C4A BCB DD . -45.50 -12.53 1.38
CMA BCB DD . -44.03 -10.65 0.69
CAA BCB DD . -46.21 -12.30 -1.86
CBA BCB DD . -47.00 -11.02 -1.87
CGA BCB DD . -46.11 -9.85 -2.23
O1A BCB DD . -45.09 -10.03 -2.87
O2A BCB DD . -46.45 -8.48 -1.85
NB BCB DD . -45.81 -14.44 3.68
C1B BCB DD . -46.03 -13.01 3.76
C2B BCB DD . -46.57 -12.64 5.07
C3B BCB DD . -46.46 -13.86 5.87
C4B BCB DD . -45.88 -14.93 5.04
CMB BCB DD . -47.04 -11.28 5.45
CAB BCB DD . -46.83 -14.09 7.25
OBB BCB DD . -46.91 -15.25 7.60
CBB BCB DD . -47.18 -12.94 8.14
NC BCB DD . -44.55 -17.05 3.30
C1C BCB DD . -44.98 -17.35 4.56
C2C BCB DD . -44.72 -18.62 5.24
C3C BCB DD . -44.07 -19.18 4.09
C4C BCB DD . -43.96 -18.23 2.98
CMC BCB DD . -43.65 -18.31 6.28
CAC BCB DD . -43.54 -20.57 4.08
CBC BCB DD . -43.66 -21.48 5.26
ND BCB DD . -43.89 -16.35 0.63
C1D BCB DD . -43.04 -17.51 0.75
C2D BCB DD . -42.27 -17.57 -0.51
C3D BCB DD . -42.62 -16.29 -1.18
C4D BCB DD . -43.45 -15.62 -0.43
CMD BCB DD . -41.32 -18.57 -1.03
CAD BCB DD . -42.38 -15.45 -2.37
OBD BCB DD . -41.59 -15.73 -3.33
CBD BCB DD . -43.23 -14.23 -2.33
CGD BCB DD . -42.38 -13.07 -2.40
O1D BCB DD . -41.37 -13.06 -1.74
O2D BCB DD . -42.74 -11.99 -3.26
CED BCB DD . -41.66 -11.26 -3.86
C1 BCB DD . -46.64 -8.06 -0.50
C2 BCB DD . -47.30 -6.69 -0.51
C3 BCB DD . -48.54 -6.39 -0.02
C4 BCB DD . -49.42 -7.44 0.60
C5 BCB DD . -49.11 -4.98 -0.06
C6 BCB DD . -48.09 -3.88 -0.35
C7 BCB DD . -47.42 -3.35 0.92
C8 BCB DD . -47.69 -1.86 1.22
C9 BCB DD . -49.01 -1.74 1.97
C10 BCB DD . -47.51 -0.91 -0.01
C11 BCB DD . -48.77 -0.27 -0.62
C12 BCB DD . -48.50 0.81 -1.67
C13 BCB DD . -48.53 0.22 -3.09
C14 BCB DD . -47.11 0.18 -3.66
C15 BCB DD . -49.51 1.02 -3.95
C16 BCB DD . -49.48 0.76 -5.46
C17 BCB DD . -48.98 2.02 -6.18
C18 BCB DD . -49.95 2.64 -7.19
C19 BCB DD . -49.19 3.40 -8.27
C20 BCB DD . -50.89 3.63 -6.55
C39 NS0 ED . -39.26 -12.10 6.09
C38 NS0 ED . -38.06 -11.79 5.20
C40 NS0 ED . -36.76 -12.56 5.35
C37 NS0 ED . -38.16 -10.69 4.15
C36 NS0 ED . -39.49 -9.97 4.10
C35 NS0 ED . -39.30 -8.60 4.73
C33 NS0 ED . -40.40 -7.67 4.25
C34 NS0 ED . -41.11 -6.76 5.23
C32 NS0 ED . -40.77 -7.66 2.79
C31 NS0 ED . -41.88 -6.71 2.39
C30 NS0 ED . -42.17 -6.78 0.92
C28 NS0 ED . -43.25 -5.88 0.35
C29 NS0 ED . -44.05 -4.92 1.23
C27 NS0 ED . -43.51 -5.99 -1.13
C26 NS0 ED . -44.58 -5.15 -1.81
C25 NS0 ED . -44.57 -5.51 -3.28
C23 NS0 ED . -45.51 -4.84 -4.26
C24 NS0 ED . -46.52 -3.78 -3.82
C22 NS0 ED . -45.41 -5.28 -5.71
C21 NS0 ED . -46.33 -4.64 -6.71
C20 NS0 ED . -46.10 -5.20 -8.11
C19 NS0 ED . -46.99 -4.61 -9.19
C17 NS0 ED . -46.73 -5.18 -10.57
C18 NS0 ED . -45.66 -6.25 -10.77
C16 NS0 ED . -47.53 -4.68 -11.75
C15 NS0 ED . -47.19 -5.32 -13.09
C14 NS0 ED . -48.04 -4.78 -14.23
C12 NS0 ED . -47.74 -5.39 -15.59
C13 NS0 ED . -46.66 -6.44 -15.74
C11 NS0 ED . -48.52 -4.90 -16.80
C10 NS0 ED . -48.27 -3.39 -16.86
C9 NS0 ED . -47.98 -2.94 -18.29
C7 NS0 ED . -49.22 -2.69 -19.14
C8 NS0 ED . -50.61 -2.92 -18.54
C NS0 ED . -49.08 -2.21 -20.57
CA NS0 ED . -49.51 -0.75 -20.64
CB NS0 ED . -48.67 0.00 -21.68
CG NS0 ED . -48.44 1.44 -21.22
CD2 NS0 ED . -46.97 1.80 -21.43
CD1 NS0 ED . -49.31 2.38 -22.04
MG BCB FD . -39.65 -25.73 -10.57
CHA BCB FD . -38.26 -24.24 -13.37
CHB BCB FD . -41.70 -22.96 -10.37
CHC BCB FD . -41.08 -27.27 -7.79
CHD BCB FD . -37.22 -28.30 -10.62
NA BCB FD . -40.04 -24.10 -11.73
C1A BCB FD . -39.52 -23.78 -12.87
C2A BCB FD . -40.09 -22.60 -13.52
C3A BCB FD . -40.73 -21.94 -12.34
C4A BCB FD . -40.86 -23.08 -11.40
CMA BCB FD . -39.78 -20.86 -11.82
CAA BCB FD . -41.06 -22.97 -14.59
CBA BCB FD . -41.29 -21.82 -15.56
CGA BCB FD . -40.92 -20.42 -15.07
O1A BCB FD . -39.74 -20.12 -14.97
O2A BCB FD . -41.91 -19.40 -14.77
NB BCB FD . -41.24 -25.23 -9.34
C1B BCB FD . -41.83 -23.92 -9.25
C2B BCB FD . -42.76 -23.86 -8.09
C3B BCB FD . -42.56 -25.10 -7.36
C4B BCB FD . -41.54 -25.89 -8.08
CMB BCB FD . -43.64 -22.70 -7.75
CAB BCB FD . -43.19 -25.55 -6.11
OBB BCB FD . -43.08 -26.72 -5.81
CBB BCB FD . -43.98 -24.61 -5.28
NC BCB FD . -39.25 -27.40 -9.44
C1C BCB FD . -39.91 -27.94 -8.37
C2C BCB FD . -39.48 -29.18 -7.68
C3C BCB FD . -38.41 -29.41 -8.63
C4C BCB FD . -38.28 -28.35 -9.63
CMC BCB FD . -38.84 -28.69 -6.39
CAC BCB FD . -37.51 -30.58 -8.56
CBC BCB FD . -37.63 -31.67 -7.54
ND BCB FD . -38.16 -26.26 -11.81
C1D BCB FD . -37.05 -27.15 -11.49
C2D BCB FD . -35.95 -26.83 -12.43
C3D BCB FD . -36.47 -25.64 -13.14
C4D BCB FD . -37.66 -25.32 -12.65
CMD BCB FD . -34.63 -27.43 -12.71
CAD BCB FD . -36.15 -24.62 -14.17
OBD BCB FD . -35.08 -24.58 -14.83
CBD BCB FD . -37.30 -23.69 -14.37
CGD BCB FD . -36.89 -22.28 -14.24
O1D BCB FD . -36.36 -21.89 -13.25
O2D BCB FD . -37.06 -21.38 -15.34
CED BCB FD . -36.08 -20.36 -15.50
C1 BCB FD . -42.79 -19.35 -13.64
C2 BCB FD . -43.53 -18.01 -13.70
C3 BCB FD . -44.85 -17.81 -13.47
C4 BCB FD . -45.77 -18.98 -13.14
C5 BCB FD . -45.49 -16.44 -13.55
C6 BCB FD . -44.58 -15.22 -13.37
C7 BCB FD . -44.67 -14.58 -11.98
C8 BCB FD . -45.46 -13.26 -11.83
C9 BCB FD . -46.96 -13.60 -11.70
C10 BCB FD . -45.10 -12.13 -12.84
C11 BCB FD . -46.21 -11.23 -13.42
C12 BCB FD . -45.75 -10.26 -14.50
C13 BCB FD . -45.46 -10.83 -15.90
C14 BCB FD . -43.94 -10.97 -16.09
C15 BCB FD . -46.04 -9.95 -17.01
C16 BCB FD . -46.28 -10.62 -18.38
C17 BCB FD . -45.38 -10.07 -19.51
C18 BCB FD . -45.72 -8.77 -20.30
C19 BCB FD . -44.90 -7.59 -19.81
C20 BCB FD . -47.18 -8.34 -20.48
C39 NS0 GD . -37.00 -22.04 -6.27
C38 NS0 GD . -35.70 -21.36 -5.88
C40 NS0 GD . -34.63 -22.12 -5.11
C37 NS0 GD . -35.46 -19.91 -6.26
C36 NS0 GD . -36.62 -19.28 -7.02
C35 NS0 GD . -36.81 -17.85 -6.55
C33 NS0 GD . -38.02 -17.27 -7.28
C34 NS0 GD . -39.23 -16.81 -6.50
C32 NS0 GD . -37.99 -17.18 -8.79
C31 NS0 GD . -39.24 -16.61 -9.45
C30 NS0 GD . -39.06 -16.59 -10.95
C28 NS0 GD . -40.18 -16.05 -11.84
C29 NS0 GD . -41.48 -15.53 -11.27
C27 NS0 GD . -39.92 -16.08 -13.32
C26 NS0 GD . -40.98 -15.57 -14.28
C25 NS0 GD . -40.43 -15.71 -15.69
C23 NS0 GD . -41.25 -15.28 -16.88
C24 NS0 GD . -42.65 -14.69 -16.73
C22 NS0 GD . -40.61 -15.46 -18.25
C21 NS0 GD . -41.39 -15.06 -19.48
C20 NS0 GD . -40.59 -15.32 -20.75
C19 NS0 GD . -41.26 -14.95 -22.04
C17 NS0 GD . -40.44 -15.23 -23.29
C18 NS0 GD . -39.04 -15.83 -23.18
C16 NS0 GD . -41.01 -14.89 -24.65
C15 NS0 GD . -40.12 -15.18 -25.83
C14 NS0 GD . -40.77 -14.82 -27.15
C12 NS0 GD . -39.91 -15.13 -28.36
C13 NS0 GD . -38.52 -15.71 -28.17
C11 NS0 GD . -40.44 -14.77 -29.74
C10 NS0 GD . -40.76 -13.28 -29.73
C9 NS0 GD . -40.21 -12.59 -30.97
C7 NS0 GD . -41.23 -12.41 -32.10
C8 NS0 GD . -42.67 -12.89 -31.91
C NS0 GD . -40.80 -11.75 -33.40
CA NS0 GD . -41.42 -10.35 -33.51
CB NS0 GD . -40.31 -9.30 -33.47
CG NS0 GD . -40.87 -7.92 -33.81
CD2 NS0 GD . -39.72 -6.98 -34.12
CD1 NS0 GD . -41.79 -8.03 -35.03
MG BCB HD . -28.27 -32.96 -21.24
CHA BCB HD . -26.53 -30.88 -23.39
CHB BCB HD . -30.99 -30.90 -21.69
CHC BCB HD . -29.94 -35.06 -19.03
CHD BCB HD . -25.32 -34.80 -20.56
NA BCB HD . -28.72 -31.37 -22.41
C1A BCB HD . -27.96 -30.78 -23.28
C2A BCB HD . -28.55 -29.67 -24.05
C3A BCB HD . -29.77 -29.41 -23.23
C4A BCB HD . -29.86 -30.64 -22.38
CMA BCB HD . -29.50 -28.14 -22.44
CAA BCB HD . -28.80 -30.13 -25.47
CBA BCB HD . -30.00 -29.43 -26.03
CGA BCB HD . -29.78 -27.94 -25.91
O1A BCB HD . -28.67 -27.47 -26.12
O2A BCB HD . -30.87 -27.02 -25.54
NB BCB HD . -30.22 -33.02 -20.55
C1B BCB HD . -31.17 -31.93 -20.65
C2B BCB HD . -32.36 -32.22 -19.81
C3B BCB HD . -32.01 -33.43 -19.06
C4B BCB HD . -30.65 -33.84 -19.43
CMB BCB HD . -33.61 -31.42 -19.69
CAB BCB HD . -32.83 -34.12 -18.05
OBB BCB HD . -32.46 -35.21 -17.67
CBB BCB HD . -34.10 -33.50 -17.56
NC BCB HD . -27.78 -34.58 -20.05
C1C BCB HD . -28.52 -35.36 -19.23
C2C BCB HD . -27.99 -36.52 -18.49
C3C BCB HD . -26.67 -36.35 -19.05
C4C BCB HD . -26.57 -35.20 -19.93
CMC BCB HD . -27.91 -36.19 -17.02
CAC BCB HD . -25.54 -37.26 -18.75
CBC BCB HD . -25.66 -38.44 -17.80
ND BCB HD . -26.38 -32.94 -21.94
C1D BCB HD . -25.22 -33.56 -21.33
C2D BCB HD . -24.02 -32.95 -21.92
C3D BCB HD . -24.61 -31.85 -22.70
C4D BCB HD . -25.91 -31.85 -22.55
CMD BCB HD . -22.57 -33.18 -21.81
CAD BCB HD . -24.26 -30.73 -23.57
OBD BCB HD . -23.07 -30.41 -23.87
CBD BCB HD . -25.51 -30.07 -24.07
CGD BCB HD . -25.50 -28.62 -23.83
O1D BCB HD . -25.06 -28.16 -22.80
O2D BCB HD . -25.94 -27.73 -24.85
CED BCB HD . -25.25 -26.48 -24.91
C1 BCB HD . -32.19 -27.42 -25.16
C2 BCB HD . -33.09 -26.22 -25.40
C3 BCB HD . -34.39 -26.26 -25.77
C4 BCB HD . -35.16 -27.55 -26.01
C5 BCB HD . -35.10 -24.94 -25.94
C6 BCB HD . -35.56 -24.44 -24.58
C7 BCB HD . -36.71 -23.47 -24.72
C8 BCB HD . -36.23 -22.07 -24.38
C9 BCB HD . -37.14 -21.49 -23.30
C10 BCB HD . -36.10 -21.20 -25.65
C11 BCB HD . -37.34 -20.55 -26.30
C12 BCB HD . -36.99 -19.35 -27.16
C13 BCB HD . -36.13 -19.65 -28.41
C14 BCB HD . -34.70 -19.10 -28.26
C15 BCB HD . -36.83 -19.09 -29.65
C16 BCB HD . -36.19 -19.42 -31.01
C17 BCB HD . -35.73 -18.16 -31.75
C18 BCB HD . -36.86 -17.38 -32.46
C19 BCB HD . -36.52 -17.01 -33.89
C20 BCB HD . -37.20 -16.12 -31.68
C39 NS0 ID . -28.02 -28.68 -15.30
C38 NS0 ID . -27.10 -27.49 -15.37
C40 NS0 ID . -25.76 -27.52 -14.64
C37 NS0 ID . -27.49 -26.25 -16.17
C36 NS0 ID . -28.85 -26.29 -16.85
C35 NS0 ID . -29.41 -24.88 -16.84
C33 NS0 ID . -30.31 -24.68 -18.05
C34 NS0 ID . -31.82 -24.79 -17.91
C32 NS0 ID . -29.69 -24.40 -19.41
C31 NS0 ID . -30.70 -24.24 -20.53
C30 NS0 ID . -30.03 -23.95 -21.86
C28 NS0 ID . -30.92 -23.77 -23.07
C29 NS0 ID . -32.44 -23.88 -22.97
C27 NS0 ID . -30.24 -23.49 -24.40
C26 NS0 ID . -31.08 -23.31 -25.65
C25 NS0 ID . -30.14 -23.03 -26.81
C23 NS0 ID . -30.69 -22.81 -28.20
C24 NS0 ID . -32.18 -22.84 -28.48
C22 NS0 ID . -29.68 -22.55 -29.30
C21 NS0 ID . -30.19 -22.31 -30.71
C20 NS0 ID . -29.04 -22.07 -31.67
C19 NS0 ID . -29.42 -21.82 -33.13
C17 NS0 ID . -28.22 -21.58 -34.03
C18 NS0 ID . -26.81 -21.60 -33.46
C16 NS0 ID . -28.42 -21.31 -35.51
C15 NS0 ID . -27.13 -21.09 -36.28
C14 NS0 ID . -27.30 -20.82 -37.76
C12 NS0 ID . -25.99 -20.60 -38.49
C13 NS0 ID . -24.68 -20.68 -37.72
C11 NS0 ID . -25.98 -20.32 -39.98
C10 NS0 ID . -27.39 -19.90 -40.39
C9 NS0 ID . -27.44 -18.39 -40.67
C7 NS0 ID . -26.95 -17.99 -42.05
C8 NS0 ID . -26.44 -19.05 -43.02
C NS0 ID . -26.96 -16.53 -42.48
CA NS0 ID . -27.80 -16.38 -43.74
CB NS0 ID . -27.34 -15.14 -44.50
CG NS0 ID . -28.14 -13.93 -44.02
CD2 NS0 ID . -27.18 -12.80 -43.63
CD1 NS0 ID . -29.07 -13.46 -45.13
MG BCB JD . -12.85 -36.24 -28.47
CHA BCB JD . -11.14 -33.69 -30.07
CHB BCB JD . -15.78 -34.78 -29.55
CHC BCB JD . -14.48 -38.82 -26.83
CHD BCB JD . -9.82 -37.42 -27.05
NA BCB JD . -13.36 -34.67 -29.67
C1A BCB JD . -12.54 -33.87 -30.33
C2A BCB JD . -13.18 -32.84 -31.16
C3A BCB JD . -14.59 -32.90 -30.63
C4A BCB JD . -14.61 -34.20 -29.89
CMA BCB JD . -14.90 -31.69 -29.74
CAA BCB JD . -13.01 -33.29 -32.58
CBA BCB JD . -14.09 -32.72 -33.48
CGA BCB JD . -14.34 -31.28 -33.12
O1A BCB JD . -13.38 -30.55 -32.98
O2A BCB JD . -15.69 -30.74 -32.93
NB BCB JD . -14.85 -36.79 -28.32
C1B BCB JD . -15.96 -35.93 -28.65
C2B BCB JD . -17.22 -36.54 -28.20
C3B BCB JD . -16.81 -37.71 -27.41
C4B BCB JD . -15.32 -37.75 -27.38
CMB BCB JD . -18.60 -36.04 -28.43
CAB BCB JD . -17.70 -38.65 -26.69
OBB BCB JD . -17.20 -39.66 -26.22
CBB BCB JD . -19.17 -38.43 -26.63
NC BCB JD . -12.32 -37.79 -27.23
C1C BCB JD . -13.04 -38.78 -26.65
C2C BCB JD . -12.45 -39.88 -25.81
C3C BCB JD . -11.10 -39.38 -25.99
C4C BCB JD . -11.06 -38.16 -26.82
CMC BCB JD . -12.80 -39.72 -24.34
CAC BCB JD . -9.93 -40.06 -25.39
CBC BCB JD . -9.99 -41.31 -24.52
ND BCB JD . -10.90 -35.74 -28.63
C1D BCB JD . -9.83 -36.14 -27.73
C2D BCB JD . -8.70 -35.21 -27.99
C3D BCB JD . -9.29 -34.24 -28.91
C4D BCB JD . -10.54 -34.52 -29.09
CMD BCB JD . -7.31 -35.10 -27.53
CAD BCB JD . -9.01 -33.01 -29.62
OBD BCB JD . -7.88 -32.43 -29.59
CBD BCB JD . -10.21 -32.60 -30.43
CGD BCB JD . -10.67 -31.27 -30.06
O1D BCB JD . -10.65 -30.95 -28.90
O2D BCB JD . -11.08 -30.34 -31.05
CED BCB JD . -10.70 -28.99 -30.81
C1 BCB JD . -16.95 -31.45 -33.08
C2 BCB JD . -17.94 -30.62 -33.91
C3 BCB JD . -19.27 -30.79 -34.09
C4 BCB JD . -20.07 -31.93 -33.49
C5 BCB JD . -20.05 -29.85 -34.98
C6 BCB JD . -20.13 -28.42 -34.46
C7 BCB JD . -20.97 -28.28 -33.19
C8 BCB JD . -22.49 -28.15 -33.35
C9 BCB JD . -23.12 -29.52 -33.14
C10 BCB JD . -22.97 -27.51 -34.66
C11 BCB JD . -23.12 -25.98 -34.56
C12 BCB JD . -23.30 -25.33 -35.94
C13 BCB JD . -22.00 -25.10 -36.72
C14 BCB JD . -21.02 -24.22 -35.95
C15 BCB JD . -22.33 -24.52 -38.11
C16 BCB JD . -21.15 -24.38 -39.07
C17 BCB JD . -21.00 -22.93 -39.59
C18 BCB JD . -21.62 -22.65 -40.97
C19 BCB JD . -20.77 -21.71 -41.80
C20 BCB JD . -23.01 -22.05 -40.89
C39 NS0 KD . -15.18 -32.47 -21.66
C38 NS0 KD . -14.33 -31.20 -21.68
C40 NS0 KD . -13.33 -30.91 -20.56
C37 NS0 KD . -14.44 -30.24 -22.86
C36 NS0 KD . -15.46 -30.64 -23.90
C35 NS0 KD . -16.73 -29.85 -23.58
C33 NS0 KD . -17.45 -29.56 -24.89
C34 NS0 KD . -18.96 -29.74 -24.98
C32 NS0 KD . -16.68 -29.08 -26.09
C31 NS0 KD . -17.53 -28.84 -27.32
C30 NS0 KD . -16.70 -28.37 -28.50
C28 NS0 KD . -17.41 -28.09 -29.81
C29 NS0 KD . -18.92 -28.27 -29.93
C27 NS0 KD . -16.57 -27.63 -30.96
C26 NS0 KD . -17.23 -27.33 -32.29
C25 NS0 KD . -16.12 -26.90 -33.24
C23 NS0 KD . -16.43 -26.51 -34.67
C24 NS0 KD . -17.84 -26.54 -35.24
C22 NS0 KD . -15.24 -26.10 -35.51
C21 NS0 KD . -15.47 -25.70 -36.95
C20 NS0 KD . -14.15 -25.33 -37.61
C19 NS0 KD . -14.21 -24.90 -39.07
C17 NS0 KD . -12.85 -24.55 -39.63
C18 NS0 KD . -11.61 -24.63 -38.75
C16 NS0 KD . -12.72 -24.09 -41.07
C15 NS0 KD . -11.32 -23.74 -41.52
C14 NS0 KD . -11.26 -23.30 -42.97
C12 NS0 KD . -9.87 -22.97 -43.50
C13 NS0 KD . -8.64 -23.05 -42.60
C11 NS0 KD . -9.75 -22.48 -44.93
C10 NS0 KD . -10.68 -21.28 -45.03
C9 NS0 KD . -10.01 -20.12 -45.78
C7 NS0 KD . -9.83 -20.36 -47.28
C8 NS0 KD . -10.31 -21.66 -47.92
C NS0 KD . -9.20 -19.27 -48.13
CA NS0 KD . -10.30 -18.55 -48.91
CB NS0 KD . -9.81 -17.19 -49.39
CG NS0 KD . -10.97 -16.19 -49.33
CD2 NS0 KD . -10.63 -15.07 -48.36
CD1 NS0 KD . -11.20 -15.61 -50.72
MG BCB LD . 4.19 -35.08 -31.03
CHA BCB LD . 5.56 -32.01 -31.91
CHB BCB LD . 1.42 -34.26 -32.93
CHC BCB LD . 2.93 -38.17 -30.08
CHD BCB LD . 6.93 -35.68 -28.85
NA BCB LD . 3.64 -33.54 -32.26
C1A BCB LD . 4.34 -32.47 -32.56
C2A BCB LD . 3.70 -31.51 -33.46
C3A BCB LD . 2.31 -32.06 -33.54
C4A BCB LD . 2.44 -33.39 -32.88
CMA BCB LD . 1.34 -31.14 -32.82
CAA BCB LD . 4.51 -31.63 -34.72
CBA BCB LD . 3.65 -31.51 -35.96
CGA BCB LD . 2.96 -30.19 -35.86
O1A BCB LD . 3.54 -29.32 -35.24
O2A BCB LD . 1.64 -29.94 -36.44
NB BCB LD . 2.45 -36.08 -31.55
C1B BCB LD . 1.29 -35.49 -32.15
C2B BCB LD . 0.19 -36.46 -32.10
C3B BCB LD . 0.68 -37.55 -31.25
C4B BCB LD . 2.06 -37.26 -30.83
CMB BCB LD . -1.16 -36.33 -32.69
CAB BCB LD . -0.05 -38.75 -30.84
OBB BCB LD . 0.53 -39.54 -30.11
CBB BCB LD . -1.45 -38.99 -31.33
NC BCB LD . 4.77 -36.60 -29.79
C1C BCB LD . 4.22 -37.80 -29.50
C2C BCB LD . 4.77 -38.78 -28.54
C3C BCB LD . 5.96 -37.98 -28.32
C4C BCB LD . 5.91 -36.70 -29.04
CMC BCB LD . 3.95 -38.73 -27.25
CAC BCB LD . 7.09 -38.43 -27.44
CBC BCB LD . 7.09 -39.75 -26.72
ND BCB LD . 5.90 -34.13 -30.57
C1D BCB LD . 6.77 -34.38 -29.43
C2D BCB LD . 7.68 -33.24 -29.31
C3D BCB LD . 7.15 -32.31 -30.31
C4D BCB LD . 6.10 -32.82 -30.87
CMD BCB LD . 8.83 -32.93 -28.46
CAD BCB LD . 7.31 -30.97 -30.88
OBD BCB LD . 8.22 -30.17 -30.51
CBD BCB LD . 6.30 -30.72 -31.95
CGD BCB LD . 5.45 -29.54 -31.71
O1D BCB LD . 5.08 -29.27 -30.60
O2D BCB LD . 5.10 -28.68 -32.79
CED BCB LD . 4.87 -27.33 -32.40
C1 BCB LD . 0.50 -30.81 -36.49
C2 BCB LD . -0.64 -30.07 -37.20
C3 BCB LD . -1.51 -30.57 -38.12
C4 BCB LD . -1.46 -32.00 -38.60
C5 BCB LD . -2.58 -29.65 -38.70
C6 BCB LD . -3.68 -29.38 -37.67
C7 BCB LD . -5.07 -29.50 -38.27
C8 BCB LD . -5.64 -28.12 -38.55
C9 BCB LD . -6.95 -27.98 -37.79
C10 BCB LD . -5.77 -27.95 -40.07
C11 BCB LD . -6.51 -26.73 -40.64
C12 BCB LD . -5.75 -25.42 -40.51
C13 BCB LD . -4.55 -25.25 -41.43
C14 BCB LD . -3.29 -25.10 -40.59
C15 BCB LD . -4.81 -24.08 -42.37
C16 BCB LD . -4.01 -24.10 -43.69
C17 BCB LD . -3.23 -22.79 -43.88
C18 BCB LD . -3.58 -21.93 -45.12
C19 BCB LD . -5.07 -21.61 -45.27
C20 BCB LD . -3.02 -22.50 -46.42
C39 NS0 MD . -0.72 -32.58 -25.62
C38 NS0 MD . -0.28 -31.15 -25.33
C40 NS0 MD . 0.44 -30.80 -24.03
C37 NS0 MD . -0.57 -30.06 -26.36
C36 NS0 MD . -1.31 -30.54 -27.61
C35 NS0 MD . -2.55 -29.67 -27.78
C33 NS0 MD . -2.85 -29.51 -29.27
C34 NS0 MD . -4.12 -30.08 -29.86
C32 NS0 MD . -1.88 -28.75 -30.15
C31 NS0 MD . -2.27 -28.65 -31.62
C30 NS0 MD . -1.23 -27.88 -32.41
C28 NS0 MD . -1.47 -27.68 -33.90
C29 NS0 MD . -2.71 -28.23 -34.58
C27 NS0 MD . -0.41 -26.92 -34.67
C26 NS0 MD . -0.56 -26.67 -36.16
C25 NS0 MD . 0.65 -25.89 -36.63
C23 NS0 MD . 0.77 -25.50 -38.10
C24 NS0 MD . -0.30 -25.86 -39.11
C22 NS0 MD . 2.01 -24.72 -38.50
C21 NS0 MD . 2.17 -24.30 -39.95
C20 NS0 MD . 3.47 -23.53 -40.15
C19 NS0 MD . 3.78 -23.03 -41.55
C17 NS0 MD . 5.09 -22.27 -41.61
C18 NS0 MD . 5.92 -22.10 -40.35
C16 NS0 MD . 5.60 -21.69 -42.92
C15 NS0 MD . 6.93 -20.96 -42.80
C14 NS0 MD . 7.45 -20.37 -44.10
C12 NS0 MD . 8.79 -19.65 -43.98
C13 NS0 MD . 9.51 -19.55 -42.63
C11 NS0 MD . 9.41 -19.01 -45.22
C10 NS0 MD . 8.27 -18.35 -46.00
C9 NS0 MD . 8.43 -16.83 -45.94
C7 NS0 MD . 8.68 -16.18 -47.29
C8 NS0 MD . 8.76 -17.04 -48.55
C NS0 MD . 8.84 -14.67 -47.40
CA NS0 MD . 8.11 -14.20 -48.65
CB NS0 MD . 7.62 -12.77 -48.45
CG NS0 MD . 6.25 -12.54 -49.10
CD2 NS0 MD . 6.28 -11.22 -49.87
CD1 NS0 MD . 5.88 -13.69 -50.06
MG BCB ND . 20.56 -30.17 -28.35
CHA BCB ND . 21.44 -26.82 -28.68
CHB BCB ND . 18.25 -29.66 -30.83
CHC BCB ND . 19.79 -33.55 -27.94
CHD BCB ND . 22.67 -30.48 -25.54
NA BCB ND . 20.07 -28.65 -29.61
C1A BCB ND . 20.62 -27.46 -29.67
C2A BCB ND . 20.11 -26.59 -30.73
C3A BCB ND . 18.92 -27.36 -31.21
C4A BCB ND . 19.09 -28.66 -30.52
CMA BCB ND . 17.70 -26.66 -30.69
CAA BCB ND . 21.18 -26.36 -31.78
CBA BCB ND . 20.57 -25.96 -33.11
CGA BCB ND . 19.41 -24.98 -33.00
O1A BCB ND . 19.41 -24.14 -32.10
O2A BCB ND . 18.27 -24.97 -33.93
NB BCB ND . 19.25 -31.42 -29.34
C1B BCB ND . 18.19 -30.99 -30.20
C2B BCB ND . 17.34 -32.13 -30.58
C3B BCB ND . 17.85 -33.21 -29.71
C4B BCB ND . 19.00 -32.75 -28.87
CMB BCB ND . 16.21 -32.09 -31.56
CAB BCB ND . 17.30 -34.57 -29.65
OBB BCB ND . 17.91 -35.41 -29.02
CBB BCB ND . 16.04 -34.85 -30.38
NC BCB ND . 21.06 -31.69 -27.04
C1C BCB ND . 20.74 -33.01 -26.96
C2C BCB ND . 21.28 -33.96 -25.95
C3C BCB ND . 22.12 -32.95 -25.36
C4C BCB ND . 21.97 -31.66 -26.01
CMC BCB ND . 20.26 -34.30 -24.88
CAC BCB ND . 23.04 -33.25 -24.22
CBC BCB ND . 23.21 -34.60 -23.54
ND BCB ND . 21.85 -28.96 -27.40
C1D BCB ND . 22.43 -29.17 -26.09
C2D BCB ND . 23.01 -27.88 -25.63
C3D BCB ND . 22.53 -26.95 -26.67
C4D BCB ND . 21.87 -27.62 -27.57
CMD BCB ND . 23.77 -27.50 -24.42
CAD BCB ND . 22.54 -25.55 -27.12
OBD BCB ND . 23.09 -24.61 -26.47
CBD BCB ND . 21.85 -25.42 -28.44
CGD BCB ND . 20.76 -24.43 -28.42
O1D BCB ND . 20.07 -24.33 -27.46
O2D BCB ND . 20.55 -23.53 -29.50
CED BCB ND . 20.04 -22.24 -29.14
C1 BCB ND . 17.49 -26.11 -34.29
C2 BCB ND . 16.45 -25.79 -35.35
C3 BCB ND . 16.23 -26.52 -36.47
C4 BCB ND . 17.04 -27.75 -36.81
C5 BCB ND . 15.18 -26.17 -37.49
C6 BCB ND . 14.59 -24.77 -37.37
C7 BCB ND . 13.15 -24.84 -36.83
C8 BCB ND . 12.02 -24.93 -37.86
C9 BCB ND . 11.53 -26.37 -37.95
C10 BCB ND . 12.38 -24.37 -39.24
C11 BCB ND . 11.38 -23.39 -39.84
C12 BCB ND . 11.75 -21.92 -39.61
C13 BCB ND . 13.00 -21.44 -40.35
C14 BCB ND . 13.88 -20.64 -39.37
C15 BCB ND . 12.61 -20.62 -41.57
C16 BCB ND . 13.72 -20.53 -42.64
C17 BCB ND . 14.34 -19.13 -42.77
C18 BCB ND . 13.60 -18.19 -43.72
C19 BCB ND . 14.56 -17.55 -44.73
C20 BCB ND . 12.85 -17.11 -42.96
C39 NS0 OD . 13.38 -29.20 -23.85
C38 NS0 OD . 13.90 -27.77 -23.80
C40 NS0 OD . 14.49 -27.20 -22.52
C37 NS0 OD . 13.85 -26.90 -25.05
C36 NS0 OD . 13.25 -27.58 -26.26
C35 NS0 OD . 12.05 -26.74 -26.71
C33 NS0 OD . 12.19 -26.55 -28.21
C34 NS0 OD . 11.38 -27.41 -29.17
C32 NS0 OD . 13.16 -25.53 -28.73
C31 NS0 OD . 13.24 -25.42 -30.25
C30 NS0 OD . 14.23 -24.37 -30.65
C28 NS0 OD . 14.43 -24.13 -32.13
C29 NS0 OD . 13.67 -24.92 -33.19
C27 NS0 OD . 15.44 -23.06 -32.51
C26 NS0 OD . 15.69 -22.77 -33.98
C25 NS0 OD . 16.74 -21.67 -34.06
C23 NS0 OD . 17.18 -21.18 -35.42
C24 NS0 OD . 16.61 -21.76 -36.70
C22 NS0 OD . 18.23 -20.08 -35.42
C21 NS0 OD . 18.72 -19.55 -36.74
C20 NS0 OD . 19.75 -18.47 -36.54
C19 NS0 OD . 20.33 -17.82 -37.78
C17 NS0 OD . 21.35 -16.74 -37.46
C18 NS0 OD . 21.67 -16.42 -36.01
C16 NS0 OD . 22.05 -15.99 -38.57
C15 NS0 OD . 23.04 -14.94 -38.08
C14 NS0 OD . 23.73 -14.18 -39.19
C12 NS0 OD . 24.74 -13.14 -38.71
C13 NS0 OD . 24.96 -12.91 -37.20
C11 NS0 OD . 25.49 -12.30 -39.72
C10 NS0 OD . 24.43 -11.61 -40.59
C9 NS0 OD . 24.91 -10.21 -40.97
C7 NS0 OD . 25.45 -10.08 -42.39
C8 NS0 OD . 25.48 -11.31 -43.30
C NS0 OD . 25.96 -8.74 -42.90
CA NS0 OD . 25.10 -8.27 -44.07
CB NS0 OD . 24.16 -7.16 -43.61
CG NS0 OD . 23.90 -6.20 -44.76
CD2 NS0 OD . 23.28 -4.91 -44.23
CD1 NS0 OD . 25.22 -5.89 -45.48
MG BCB PD . 34.47 -22.68 -21.38
CHA BCB PD . 34.78 -19.24 -21.49
CHB BCB PD . 32.83 -22.47 -24.38
CHC BCB PD . 34.33 -26.14 -21.20
CHD BCB PD . 35.83 -22.73 -18.08
NA BCB PD . 34.07 -21.22 -22.72
C1A BCB PD . 34.42 -19.96 -22.68
C2A BCB PD . 34.07 -19.14 -23.84
C3A BCB PD . 33.02 -20.02 -24.42
C4A BCB PD . 33.32 -21.36 -23.83
CMA BCB PD . 31.63 -19.53 -24.02
CAA BCB PD . 35.21 -18.99 -24.77
CBA BCB PD . 34.96 -17.68 -25.49
CGA BCB PD . 33.60 -17.63 -26.15
O1A BCB PD . 32.77 -16.90 -25.66
O2A BCB PD . 33.26 -18.41 -27.34
NB BCB PD . 33.75 -24.09 -22.69
C1B BCB PD . 32.89 -23.81 -23.80
C2B BCB PD . 32.43 -25.06 -24.38
C3B BCB PD . 32.89 -26.11 -23.42
C4B BCB PD . 33.68 -25.48 -22.34
CMB BCB PD . 31.62 -25.15 -25.62
CAB BCB PD . 32.66 -27.57 -23.52
OBB BCB PD . 33.34 -28.26 -22.77
CBB BCB PD . 31.68 -28.13 -24.52
NC BCB PD . 34.93 -24.13 -19.97
C1C BCB PD . 34.86 -25.48 -20.02
C2C BCB PD . 35.28 -26.39 -18.92
C3C BCB PD . 35.73 -25.29 -18.09
C4C BCB PD . 35.51 -23.98 -18.74
CMC BCB PD . 34.03 -26.96 -18.31
CAC BCB PD . 36.36 -25.49 -16.76
CBC BCB PD . 36.54 -26.86 -16.16
ND BCB PD . 35.28 -21.33 -20.12
C1D BCB PD . 35.48 -21.46 -18.69
C2D BCB PD . 35.60 -20.10 -18.13
C3D BCB PD . 35.25 -19.24 -19.26
C4D BCB PD . 35.05 -20.00 -20.30
CMD BCB PD . 35.89 -19.56 -16.79
CAD BCB PD . 35.10 -17.85 -19.71
OBD BCB PD . 35.24 -16.83 -18.95
CBD BCB PD . 34.80 -17.79 -21.17
CGD BCB PD . 33.56 -17.09 -21.39
O1D BCB PD . 32.67 -17.23 -20.59
O2D BCB PD . 33.40 -16.19 -22.50
CED BCB PD . 32.49 -15.09 -22.28
C1 BCB PD . 31.90 -18.75 -27.64
C2 BCB PD . 31.35 -18.39 -29.03
C3 BCB PD . 31.60 -19.01 -30.23
C4 BCB PD . 32.55 -20.17 -30.43
C5 BCB PD . 30.88 -18.44 -31.44
C6 BCB PD . 29.69 -19.35 -31.73
C7 BCB PD . 28.89 -18.85 -32.93
C8 BCB PD . 27.68 -18.03 -32.48
C9 BCB PD . 26.54 -18.96 -32.08
C10 BCB PD . 27.18 -16.97 -33.49
C11 BCB PD . 28.00 -16.70 -34.76
C12 BCB PD . 27.66 -15.35 -35.38
C13 BCB PD . 28.76 -14.32 -35.14
C14 BCB PD . 28.45 -13.46 -33.91
C15 BCB PD . 28.97 -13.48 -36.41
C16 BCB PD . 30.20 -12.57 -36.42
C17 BCB PD . 29.79 -11.10 -36.59
C18 BCB PD . 29.96 -10.61 -38.02
C19 BCB PD . 30.72 -9.29 -38.08
C20 BCB PD . 28.62 -10.45 -38.72
C39 NS0 QD . 27.16 -23.66 -19.52
C38 NS0 QD . 26.86 -22.30 -18.92
C40 NS0 QD . 26.74 -22.16 -17.41
C37 NS0 QD . 26.65 -21.09 -19.81
C36 NS0 QD . 26.78 -21.34 -21.30
C35 NS0 QD . 25.51 -20.87 -22.00
C33 NS0 QD . 25.81 -20.51 -23.44
C34 NS0 QD . 25.21 -21.32 -24.58
C32 NS0 QD . 26.72 -19.34 -23.75
C31 NS0 QD . 26.97 -19.05 -25.22
C30 NS0 QD . 27.90 -17.86 -25.36
C28 NS0 QD . 28.28 -17.39 -26.75
C29 NS0 QD . 27.77 -18.08 -28.01
C27 NS0 QD . 29.21 -16.20 -26.82
C26 NS0 QD . 29.64 -15.69 -28.19
C25 NS0 QD . 30.55 -14.50 -27.98
C23 NS0 QD . 31.13 -13.79 -29.18
C24 NS0 QD . 30.82 -14.22 -30.61
C22 NS0 QD . 32.04 -12.62 -28.87
C21 NS0 QD . 32.67 -11.85 -30.01
C20 NS0 QD . 33.54 -10.71 -29.48
C19 NS0 QD . 34.21 -9.85 -30.53
C17 NS0 QD . 35.06 -8.74 -29.93
C18 NS0 QD . 35.15 -8.58 -28.43
C16 NS0 QD . 35.81 -7.79 -30.85
C15 NS0 QD . 36.62 -6.73 -30.15
C14 NS0 QD . 37.34 -5.80 -31.12
C12 NS0 QD . 38.17 -4.72 -30.45
C13 NS0 QD . 38.21 -4.62 -28.92
C11 NS0 QD . 38.93 -3.74 -31.31
C10 NS0 QD . 37.98 -3.31 -32.44
C9 NS0 QD . 37.97 -1.79 -32.60
C7 NS0 QD . 38.74 -1.27 -33.80
C8 NS0 QD . 39.47 -2.25 -34.72
C NS0 QD . 38.79 0.22 -34.09
CA NS0 QD . 37.56 0.63 -34.90
CB NS0 QD . 37.79 1.99 -35.53
CG NS0 QD . 36.52 2.45 -36.24
CD2 NS0 QD . 35.62 3.18 -35.24
CD1 NS0 QD . 36.90 3.40 -37.38
MG BCB RD . 43.92 -12.96 -10.55
CHA BCB RD . 43.54 -9.54 -10.60
CHB BCB RD . 43.24 -12.97 -13.90
CHC BCB RD . 44.33 -16.42 -10.37
CHD BCB RD . 44.27 -12.89 -6.99
NA BCB RD . 43.64 -11.55 -11.98
C1A BCB RD . 43.66 -10.26 -11.83
C2A BCB RD . 43.45 -9.46 -13.06
C3A BCB RD . 42.98 -10.51 -14.00
C4A BCB RD . 43.32 -11.79 -13.27
CMA BCB RD . 41.48 -10.30 -14.15
CAA BCB RD . 44.74 -8.76 -13.38
CBA BCB RD . 44.84 -8.38 -14.82
CGA BCB RD . 43.53 -7.88 -15.34
O1A BCB RD . 42.91 -7.05 -14.69
O2A BCB RD . 42.95 -8.37 -16.59
NB BCB RD . 43.85 -14.44 -11.97
C1B BCB RD . 43.39 -14.30 -13.31
C2B BCB RD . 43.44 -15.60 -14.00
C3B BCB RD . 43.75 -16.58 -12.94
C4B BCB RD . 43.98 -15.86 -11.68
CMB BCB RD . 43.14 -15.83 -15.44
CAB BCB RD . 43.89 -18.05 -13.09
OBB BCB RD . 44.44 -18.63 -12.18
CBB BCB RD . 43.43 -18.78 -14.34
NC BCB RD . 44.20 -14.37 -9.06
C1C BCB RD . 44.38 -15.71 -9.09
C2C BCB RD . 44.66 -16.54 -7.90
C3C BCB RD . 44.66 -15.40 -7.01
C4C BCB RD . 44.39 -14.16 -7.70
CMC BCB RD . 43.41 -17.29 -7.49
CAC BCB RD . 44.90 -15.54 -5.55
CBC BCB RD . 45.17 -16.87 -4.85
ND BCB RD . 44.04 -11.53 -9.13
C1D BCB RD . 43.86 -11.69 -7.70
C2D BCB RD . 43.54 -10.37 -7.14
C3D BCB RD . 43.40 -9.54 -8.36
C4D BCB RD . 43.61 -10.29 -9.40
CMD BCB RD . 43.34 -9.87 -5.78
CAD BCB RD . 43.06 -8.19 -8.83
OBD BCB RD . 42.77 -7.20 -8.10
CBD BCB RD . 43.16 -8.14 -10.31
CGD BCB RD . 41.93 -7.68 -10.93
O1D BCB RD . 40.88 -8.08 -10.55
O2D BCB RD . 41.99 -6.72 -11.99
CED BCB RD . 40.87 -5.85 -12.09
C1 BCB RD . 43.46 -9.38 -17.46
C2 BCB RD . 42.87 -9.02 -18.81
C3 BCB RD . 43.19 -9.50 -20.01
C4 BCB RD . 44.28 -10.55 -20.15
C5 BCB RD . 42.41 -8.91 -21.19
C6 BCB RD . 41.35 -9.91 -21.65
C7 BCB RD . 41.24 -9.96 -23.17
C8 BCB RD . 40.13 -9.02 -23.63
C9 BCB RD . 38.78 -9.50 -23.14
C10 BCB RD . 40.21 -8.84 -25.16
C11 BCB RD . 39.50 -7.60 -25.72
C12 BCB RD . 40.03 -6.31 -25.07
C13 BCB RD . 40.45 -5.21 -26.02
C14 BCB RD . 41.16 -5.77 -27.26
C15 BCB RD . 41.25 -4.18 -25.21
C16 BCB RD . 42.17 -3.23 -25.97
C17 BCB RD . 41.50 -1.91 -26.38
C18 BCB RD . 41.73 -1.55 -27.85
C19 BCB RD . 42.96 -0.68 -28.04
C20 BCB RD . 40.52 -0.83 -28.44
C39 NS0 SD . 36.46 -15.48 -11.03
C38 NS0 SD . 35.99 -14.09 -10.63
C40 NS0 SD . 35.55 -13.81 -9.20
C37 NS0 SD . 35.93 -12.98 -11.65
C36 NS0 SD . 36.38 -13.38 -13.05
C35 NS0 SD . 35.29 -12.99 -14.04
C33 NS0 SD . 35.94 -12.49 -15.32
C34 NS0 SD . 35.95 -13.36 -16.56
C32 NS0 SD . 36.61 -11.15 -15.33
C31 NS0 SD . 37.25 -10.75 -16.65
C30 NS0 SD . 37.89 -9.38 -16.57
C28 NS0 SD . 38.58 -8.82 -17.80
C29 NS0 SD . 38.65 -9.57 -19.11
C27 NS0 SD . 39.19 -7.44 -17.65
C26 NS0 SD . 39.90 -6.78 -18.81
C25 NS0 SD . 40.39 -5.43 -18.31
C23 NS0 SD . 41.15 -4.50 -19.23
C24 NS0 SD . 41.46 -4.87 -20.67
C22 NS0 SD . 41.61 -3.18 -18.63
C21 NS0 SD . 42.36 -2.23 -19.53
C20 NS0 SD . 42.75 -0.95 -18.81
C19 NS0 SD . 43.51 0.05 -19.65
C17 NS0 SD . 43.88 1.32 -18.90
C18 NS0 SD . 43.47 1.50 -17.44
C16 NS0 SD . 44.64 2.41 -19.62
C15 NS0 SD . 44.95 3.64 -18.77
C14 NS0 SD . 45.71 4.69 -19.53
C12 NS0 SD . 46.06 5.92 -18.72
C13 NS0 SD . 45.62 6.06 -17.27
C11 NS0 SD . 46.80 7.06 -19.41
C10 NS0 SD . 45.98 7.40 -20.66
C9 NS0 SD . 45.74 8.89 -20.76
C7 NS0 SD . 46.83 9.67 -21.47
C8 NS0 SD . 48.05 8.92 -22.04
C NS0 SD . 46.72 11.18 -21.65
CA NS0 SD . 46.72 11.51 -23.14
CB NS0 SD . 45.27 11.64 -23.62
CG NS0 SD . 45.20 12.44 -24.92
CD2 NS0 SD . 43.92 13.28 -24.91
CD1 NS0 SD . 46.41 13.37 -25.07
MG BCB TD . 47.45 -1.87 2.16
CHA BCB TD . 46.30 1.38 1.90
CHB BCB TD . 47.85 -1.83 -1.26
CHC BCB TD . 48.63 -5.09 2.50
CHD BCB TD . 46.66 -1.93 5.62
NA BCB TD . 47.29 -0.48 0.67
C1A BCB TD . 46.99 0.78 0.78
C2A BCB TD . 47.03 1.57 -0.45
C3A BCB TD . 47.02 0.46 -1.47
C4A BCB TD . 47.42 -0.72 -0.65
CMA BCB TD . 45.60 0.36 -1.98
CAA BCB TD . 48.27 2.42 -0.44
CBA BCB TD . 48.62 2.80 -1.86
CGA BCB TD . 47.43 3.27 -2.65
O1A BCB TD . 46.58 3.92 -2.07
O2A BCB TD . 47.27 2.99 -4.10
NB BCB TD . 48.21 -3.22 0.84
C1B BCB TD . 48.10 -3.12 -0.60
C2B BCB TD . 48.58 -4.39 -1.22
C3B BCB TD . 48.79 -5.31 -0.11
C4B BCB TD . 48.49 -4.59 1.14
CMB BCB TD . 48.72 -4.64 -2.67
CAB BCB TD . 49.19 -6.73 -0.14
OBB BCB TD . 49.29 -7.35 0.90
CBB BCB TD . 49.48 -7.40 -1.45
NC BCB TD . 47.62 -3.22 3.70
C1C BCB TD . 48.15 -4.45 3.73
C2C BCB TD . 48.21 -5.32 4.93
C3C BCB TD . 47.66 -4.28 5.78
C4C BCB TD . 47.32 -3.07 5.02
CMC BCB TD . 47.12 -6.37 4.77
CAC BCB TD . 47.48 -4.45 7.25
CBC BCB TD . 47.87 -5.70 8.00
ND BCB TD . 46.80 -0.52 3.50
C1D BCB TD . 46.21 -0.82 4.79
C2D BCB TD . 45.45 0.36 5.21
C3D BCB TD . 45.47 1.19 3.99
C4D BCB TD . 46.16 0.58 3.05
CMD BCB TD . 44.72 0.70 6.44
CAD BCB TD . 44.99 2.45 3.41
OBD BCB TD . 44.25 3.28 4.04
CBD BCB TD . 45.53 2.63 2.04
CGD BCB TD . 44.43 2.87 1.09
O1D BCB TD . 43.33 2.41 1.31
O2D BCB TD . 44.61 3.74 -0.04
CED BCB TD . 43.49 4.56 -0.42
C1 BCB TD . 47.81 1.87 -4.81
C2 BCB TD . 47.94 2.16 -6.31
C3 BCB TD . 48.93 1.68 -7.11
C4 BCB TD . 50.05 0.81 -6.58
C5 BCB TD . 49.02 2.02 -8.60
C6 BCB TD . 47.70 2.30 -9.30
C7 BCB TD . 47.10 1.06 -9.97
C8 BCB TD . 47.08 1.05 -11.51
C9 BCB TD . 48.42 0.56 -12.08
C10 BCB TD . 46.49 2.35 -12.15
C11 BCB TD . 47.41 3.15 -13.09
C12 BCB TD . 46.75 4.42 -13.60
C13 BCB TD . 47.26 5.68 -12.89
C14 BCB TD . 46.20 6.24 -11.93
C15 BCB TD . 47.68 6.69 -13.95
C16 BCB TD . 48.57 7.85 -13.48
C17 BCB TD . 47.83 9.20 -13.47
C18 BCB TD . 47.61 10.01 -14.77
C19 BCB TD . 46.18 9.85 -15.29
C20 BCB TD . 48.60 9.82 -15.92
C39 NS0 UD . 41.17 -6.06 -0.22
C38 NS0 UD . 40.32 -4.80 -0.02
C40 NS0 UD . 39.36 -4.72 1.15
C37 NS0 UD . 40.45 -3.63 -0.99
C36 NS0 UD . 41.44 -3.84 -2.12
C35 NS0 UD . 40.69 -3.74 -3.44
C33 NS0 UD . 41.52 -2.95 -4.45
C34 NS0 UD . 42.10 -3.64 -5.66
C32 NS0 UD . 41.78 -1.48 -4.24
C31 NS0 UD . 42.62 -0.84 -5.34
C30 NS0 UD . 42.85 0.64 -5.10
C28 NS0 UD . 43.67 1.40 -6.12
C29 NS0 UD . 44.26 0.71 -7.34
C27 NS0 UD . 43.91 2.87 -5.86
C26 NS0 UD . 44.73 3.71 -6.82
C25 NS0 UD . 44.77 5.13 -6.30
C23 NS0 UD . 45.52 6.20 -7.06
C24 NS0 UD . 46.24 5.91 -8.37
C22 NS0 UD . 45.51 7.60 -6.46
C21 NS0 UD . 46.24 8.71 -7.18
C20 NS0 UD . 46.11 10.02 -6.42
C19 NS0 UD . 46.80 11.22 -7.04
C17 NS0 UD . 46.64 12.51 -6.24
C18 NS0 UD . 45.84 12.52 -4.94
C16 NS0 UD . 47.28 13.79 -6.74
C15 NS0 UD . 47.02 14.99 -5.84
C14 NS0 UD . 47.66 16.28 -6.32
C12 NS0 UD . 47.40 17.46 -5.41
C13 NS0 UD . 46.57 17.29 -4.15
C11 NS0 UD . 47.96 18.83 -5.80
C10 NS0 UD . 47.78 18.95 -7.31
C9 NS0 UD . 47.27 20.34 -7.68
C7 NS0 UD . 48.36 21.32 -8.11
C8 NS0 UD . 49.82 20.86 -8.15
C NS0 UD . 48.01 22.74 -8.52
CA NS0 UD . 48.38 22.94 -9.99
CB NS0 UD . 47.73 24.23 -10.51
CG NS0 UD . 47.18 24.00 -11.91
CD2 NS0 UD . 45.66 23.99 -11.86
CD1 NS0 UD . 47.64 25.13 -12.82
MG BCB VD . 35.60 18.32 26.77
CHA BCB VD . 33.43 20.77 25.63
CHB BCB VD . 37.65 19.12 24.15
CHC BCB VD . 37.66 15.66 27.85
CHD BCB VD . 33.39 17.51 29.39
NA BCB VD . 35.61 19.71 25.27
C1A BCB VD . 34.75 20.66 25.04
C2A BCB VD . 35.00 21.51 23.87
C3A BCB VD . 36.11 20.76 23.20
C4A BCB VD . 36.50 19.79 24.27
CMA BCB VD . 35.57 20.07 21.96
CAA BCB VD . 35.35 22.90 24.34
CBA BCB VD . 36.47 23.46 23.48
CGA BCB VD . 36.07 23.57 22.03
O1A BCB VD . 34.93 23.46 21.65
O2A BCB VD . 37.10 23.83 21.03
NB BCB VD . 37.42 17.59 26.14
C1B BCB VD . 38.04 17.93 24.89
C2B BCB VD . 39.25 17.13 24.69
C3B BCB VD . 39.23 16.11 25.75
C4B BCB VD . 38.03 16.35 26.60
CMB BCB VD . 40.21 17.28 23.58
CAB BCB VD . 40.22 15.05 26.01
OBB BCB VD . 40.17 14.54 27.11
CBB BCB VD . 41.29 14.70 24.99
NC BCB VD . 35.56 16.91 28.26
C1C BCB VD . 36.44 15.93 28.64
C2C BCB VD . 36.20 15.03 29.81
C3C BCB VD . 34.97 15.70 30.18
C4C BCB VD . 34.62 16.77 29.25
CMC BCB VD . 35.80 13.69 29.23
CAC BCB VD . 34.12 15.36 31.35
CBC BCB VD . 34.45 14.25 32.32
ND BCB VD . 33.86 19.06 27.44
C1D BCB VD . 32.94 18.39 28.34
C2D BCB VD . 31.63 19.07 28.21
C3D BCB VD . 31.87 19.99 27.08
C4D BCB VD . 33.09 19.82 26.63
CMD BCB VD . 30.35 18.91 28.92
CAD BCB VD . 31.24 20.98 26.20
OBD BCB VD . 30.03 21.36 26.30
CBD BCB VD . 32.25 21.56 25.26
CGD BCB VD . 31.83 21.59 23.86
O1D BCB VD . 31.19 20.69 23.39
O2D BCB VD . 32.11 22.74 23.08
CED BCB VD . 31.03 23.13 22.25
C1 BCB VD . 37.80 22.80 20.34
C2 BCB VD . 38.61 23.48 19.24
C3 BCB VD . 39.95 23.33 19.02
C4 BCB VD . 40.84 22.47 19.86
C5 BCB VD . 40.63 24.07 17.88
C6 BCB VD . 39.90 23.85 16.55
C7 BCB VD . 40.42 22.62 15.83
C8 BCB VD . 41.03 22.93 14.46
C9 BCB VD . 42.56 22.88 14.56
C10 BCB VD . 40.44 24.20 13.77
C11 BCB VD . 41.39 25.32 13.37
C12 BCB VD . 40.73 26.31 12.44
C13 BCB VD . 40.30 27.62 13.12
C14 BCB VD . 38.78 27.68 13.35
C15 BCB VD . 40.81 28.77 12.25
C16 BCB VD . 40.65 30.20 12.78
C17 BCB VD . 39.60 31.01 12.01
C18 BCB VD . 40.03 31.89 10.81
C19 BCB VD . 41.19 31.37 9.96
C20 BCB VD . 40.31 33.33 11.20
C39 NS0 WD . 33.91 12.49 21.81
C38 NS0 WD . 32.60 12.99 21.22
C40 NS0 WD . 31.29 12.30 21.57
C37 NS0 WD . 32.60 14.17 20.27
C36 NS0 WD . 33.96 14.78 19.97
C35 NS0 WD . 34.14 14.74 18.46
C33 NS0 WD . 34.96 15.93 17.99
C34 NS0 WD . 36.31 15.70 17.33
C32 NS0 WD . 34.46 17.34 18.15
C31 NS0 WD . 35.40 18.40 17.61
C30 NS0 WD . 34.87 19.81 17.78
C28 NS0 WD . 35.73 20.97 17.27
C29 NS0 WD . 37.08 20.74 16.61
C27 NS0 WD . 35.18 22.36 17.47
C26 NS0 WD . 35.96 23.57 17.00
C25 NS0 WD . 35.12 24.79 17.34
C23 NS0 WD . 35.60 26.19 17.01
C24 NS0 WD . 36.93 26.44 16.33
C22 NS0 WD . 34.67 27.32 17.40
C21 NS0 WD . 35.09 28.74 17.10
C20 NS0 WD . 34.03 29.73 17.57
C19 NS0 WD . 34.32 31.18 17.32
C17 NS0 WD . 33.23 32.13 17.81
C18 NS0 WD . 31.97 31.57 18.47
C16 NS0 WD . 33.39 33.62 17.62
C15 NS0 WD . 32.24 34.44 18.13
C14 NS0 WD . 32.43 35.93 17.93
C12 NS0 WD . 31.30 36.80 18.46
C13 NS0 WD . 30.07 36.16 19.09
C11 NS0 WD . 31.40 38.29 18.28
C10 NS0 WD . 31.83 38.51 16.83
C9 NS0 WD . 30.97 39.58 16.16
C7 NS0 WD . 31.68 40.90 15.93
C8 NS0 WD . 33.14 41.05 16.38
C NS0 WD . 30.97 42.06 15.24
CA NS0 WD . 31.88 42.59 14.13
CB NS0 WD . 31.14 43.64 13.30
CG NS0 WD . 31.28 43.32 11.82
CD2 NS0 WD . 30.01 42.64 11.32
CD1 NS0 WD . 31.50 44.61 11.03
MG BCB XD . 22.34 25.32 35.41
CHA BCB XD . 20.09 27.22 33.56
CHB BCB XD . 24.83 26.59 33.43
CHC BCB XD . 24.55 23.28 37.18
CHD BCB XD . 19.68 23.85 37.25
NA BCB XD . 22.46 26.71 33.96
C1A BCB XD . 21.51 27.45 33.46
C2A BCB XD . 21.95 28.42 32.41
C3A BCB XD . 23.32 27.85 32.07
C4A BCB XD . 23.57 26.99 33.24
CMA BCB XD . 23.27 26.93 30.86
CAA BCB XD . 21.83 29.87 32.85
CBA BCB XD . 22.60 30.79 31.92
CGA BCB XD . 22.23 30.54 30.48
O1A BCB XD . 21.09 30.22 30.18
O2A BCB XD . 23.25 30.69 29.44
NB BCB XD . 24.39 25.07 35.38
C1B BCB XD . 25.24 25.50 34.30
C2B BCB XD . 26.59 24.93 34.41
C3B BCB XD . 26.48 23.96 35.51
C4B BCB XD . 25.09 23.97 36.01
CMB BCB XD . 27.74 25.25 33.53
CAB BCB XD . 27.53 23.07 36.04
OBB BCB XD . 27.22 22.36 36.99
CBB BCB XD . 28.92 23.09 35.48
NC BCB XD . 22.18 23.89 36.89
C1C BCB XD . 23.12 23.17 37.56
C2C BCB XD . 22.84 22.20 38.64
C3C BCB XD . 21.43 22.47 38.58
C4C BCB XD . 21.06 23.45 37.55
CMC BCB XD . 23.12 20.82 38.07
CAC BCB XD . 20.46 21.82 39.49
CBC BCB XD . 20.92 20.84 40.55
ND BCB XD . 20.33 25.59 35.48
C1D BCB XD . 19.37 24.66 36.07
C2D BCB XD . 18.06 25.00 35.51
C3D BCB XD . 18.39 26.00 34.46
C4D BCB XD . 19.70 26.17 34.43
CMD BCB XD . 16.71 24.47 35.82
CAD BCB XD . 17.84 26.85 33.37
OBD BCB XD . 16.62 26.92 33.04
CBD BCB XD . 18.92 27.70 32.77
CGD BCB XD . 19.00 27.58 31.30
O1D BCB XD . 20.03 27.29 30.75
O2D BCB XD . 17.88 27.85 30.46
CED BCB XD . 17.91 29.04 29.68
C1 BCB XD . 23.83 29.59 28.73
C2 BCB XD . 24.76 29.99 27.58
C3 BCB XD . 25.90 30.72 27.61
C4 BCB XD . 26.49 31.33 28.86
C5 BCB XD . 26.59 30.94 26.27
C6 BCB XD . 27.91 30.17 26.17
C7 BCB XD . 29.05 31.11 26.50
C8 BCB XD . 29.86 31.47 25.27
C9 BCB XD . 31.32 31.24 25.65
C10 BCB XD . 29.53 32.90 24.81
C11 BCB XD . 30.29 33.44 23.59
C12 BCB XD . 29.46 34.23 22.56
C13 BCB XD . 28.64 35.40 23.09
C14 BCB XD . 27.14 35.06 23.06
C15 BCB XD . 29.03 36.62 22.25
C16 BCB XD . 28.55 38.00 22.76
C17 BCB XD . 27.31 38.54 22.02
C18 BCB XD . 27.45 39.52 20.83
C19 BCB XD . 28.10 38.93 19.59
C20 BCB XD . 28.08 40.88 21.18
C39 NS0 YD . 22.88 19.40 30.50
C38 NS0 YD . 21.94 19.23 29.32
C40 NS0 YD . 21.02 18.01 29.23
C37 NS0 YD . 21.92 20.29 28.21
C36 NS0 YD . 22.89 21.46 28.40
C35 NS0 YD . 23.81 21.49 27.18
C33 NS0 YD . 24.44 22.88 27.00
C34 NS0 YD . 25.94 23.01 26.82
C32 NS0 YD . 23.57 24.12 26.95
C31 NS0 YD . 24.34 25.43 26.74
C30 NS0 YD . 23.42 26.65 26.73
C28 NS0 YD . 24.07 28.02 26.54
C29 NS0 YD . 25.59 28.18 26.36
C27 NS0 YD . 23.16 29.24 26.51
C26 NS0 YD . 23.74 30.63 26.33
C25 NS0 YD . 22.63 31.67 26.33
C23 NS0 YD . 22.94 33.15 26.16
C24 NS0 YD . 24.36 33.66 25.96
C22 NS0 YD . 21.75 34.10 26.19
C21 NS0 YD . 21.98 35.60 26.03
C20 NS0 YD . 20.67 36.36 26.09
C19 NS0 YD . 20.73 37.87 25.93
C17 NS0 YD . 19.38 38.57 26.01
C18 NS0 YD . 18.11 37.74 26.23
C16 NS0 YD . 19.08 40.13 25.90
C15 NS0 YD . 17.64 40.61 25.97
C14 NS0 YD . 17.42 42.11 25.86
C12 NS0 YD . 15.96 42.55 25.94
C13 NS0 YD . 14.85 41.52 26.11
C11 NS0 YD . 15.59 44.04 25.83
C10 NS0 YD . 14.36 44.17 24.94
C9 NS0 YD . 14.36 45.52 24.21
C7 NS0 YD . 13.93 46.72 25.06
C8 NS0 YD . 13.54 46.54 26.53
C NS0 YD . 13.89 48.11 24.43
CA NS0 YD . 13.36 48.00 23.00
CB NS0 YD . 14.52 48.12 22.03
CG NS0 YD . 15.44 49.26 22.44
CD2 NS0 YD . 16.27 49.71 21.24
CD1 NS0 YD . 14.61 50.44 22.95
#